data_6TMF
#
_entry.id   6TMF
#
_cell.length_a   1.00
_cell.length_b   1.00
_cell.length_c   1.00
_cell.angle_alpha   90.00
_cell.angle_beta   90.00
_cell.angle_gamma   90.00
#
_symmetry.space_group_name_H-M   'P 1'
#
loop_
_entity.id
_entity.type
_entity.pdbx_description
1 polymer '16S ribosomal RNA'
2 polymer '30S ribosomal protein S2'
3 polymer '30S ribosomal protein S3'
4 polymer '30S ribosomal protein S3Ae'
5 polymer '30S ribosomal protein S4'
6 polymer '30S ribosomal protein S4e'
7 polymer '30S ribosomal protein S5'
8 polymer '30S ribosomal protein S6e'
9 polymer '30S ribosomal protein S7'
10 polymer '30S ribosomal protein S8'
11 polymer '30S ribosomal protein S8e'
12 polymer '30S ribosomal protein S9'
13 polymer '30S ribosomal protein S10'
14 polymer '30S ribosomal protein S11'
15 polymer '30S ribosomal protein S12'
16 polymer '30S ribosomal protein S13'
17 polymer '30S ribosomal protein S14 type Z'
18 polymer '30S ribosomal protein S15'
19 polymer '30S ribosomal protein S17'
20 polymer '30S ribosomal protein S17e'
21 polymer '30S ribosomal protein S19P'
22 polymer '30S ribosomal protein S19e'
23 polymer 'RNA-binding protein'
24 polymer '30S ribosomal protein S24e'
25 polymer '30S ribosomal protein S27e'
26 polymer '30S ribosomal protein S27ae'
27 polymer '30S ribosomal protein S28e'
28 polymer '50S ribosomal protein L7Ae'
29 polymer 'LSU ribosomal protein L41E'
30 polymer ATPase
31 non-polymer 'MAGNESIUM ION'
32 non-polymer 'ZINC ION'
33 non-polymer 'IRON/SULFUR CLUSTER'
34 non-polymer 'PHOSPHOAMINOPHOSPHONIC ACID-ADENYLATE ESTER'
#
loop_
_entity_poly.entity_id
_entity_poly.type
_entity_poly.pdbx_seq_one_letter_code
_entity_poly.pdbx_strand_id
1 'polyribonucleotide'
;AUUCCGGUUGAUCCUGCCGGAGGCCACUGCUAUGGGGGUCCGACUAAGCCAUGCGAGUCAUGGGGCGCCUUGCGCGCACC
GGCGGACGGCUCAGUAACACGUCGGUAACCUACCCUCGGGAGGGGGAUAACCCCGGGAAACUGGGGCUAAUCCCCCAUAG
GCCUGAGGUACUGGAAGGUCCUCAGGCCGAAAGGGGCUCUGCCCGCCCGAGGAUGGGCCGGCGGCCGAUUAGGUAGUUGG
UGGGGUAACGGCCCACCAAGCCGAAGAUCGGUACGGGCCAUGAGAGUGGGAGCCCGGAGAUGGACACUGAGACACGGGUC
CAGGCCCUACGGGGCGCAGCAGGCGCGAAACCUCCGCAAUGCGGGCAACCGCGACGGGGGGACCCCCAGUGCCGUGGCAA
CGCCACGGCUUUUCCGGAGUGUAAAAAGCUCCGGGAAUAAGGGCUGGGCAAGGCCGGUGGCAGCCGCCGCGGUAAUACCG
GCGGCCCGAGUGGUGGCCGCUAUUAUUGGGCCUAAAGCGUCCGUAGCCGGGCCCGUAAGUCCCUGGCGAAAUCCCACGGC
UCAACCGUGGGGCUUGCUGGGGAUACUGCGGGCCUUGGGACCGGGAGAGGCCGGGGGUACCCCUGGGGUAGGGGUGAAAU
CCUAUAAUCCCAGGGGGACCGCCAGUGGCGAAGGCGCCCGGCUGGAACGGGUCCGACGGUGAGGGACGAAGGCCAGGGGA
GCGAACCGGAUUAGAUACCCGGGUAGUCCUGGCUGUAAAGGAUGCGGGCUAGGUGUCGGGCGAGCUUCGAGCUCGCCCGG
UGCCGAAGGGAAGCCGUUAAGCCCGCCGCCUGGGGAGUACGGCCGCAAGGCUGAAACUUAAAGGAAUUGGCGGGGGAGCA
CUACAAGGGGUGGAGCGUGCGGUUUAAUUGGAUUCAACGCCGGGAACCUCACCGGGGGCGACGGCAGGAUGAAGGCCAGG
CUGAAGGUCUUGCCGGACACGCCGAGAGGAGGUGCAUGGCCGCCGUCAGCUCGUACCGUGAGGCGUCCACUUAAGUGUGG
UAACGAGCGAGACCCGCGCCCCCAGUUGCCAGUCCUUCCCGCUGGGGAGGAGGCACUCUGGGGGGACCGCCGGCGAUAAG
CCGGAGGAAGGAGCGGGCGACGGUAGGUCAGUAUGCCCCGAAACCCCCGGGCUACACGCGCGCUACAAUGGGCGGGACAA
UGGGAUCCGACCCCGAAAGGGGAAGGGAAUCCCCUAAACCCGCCCCCAGUUCGGAUCGCGGGCUGCAACUCGCCCGCGUG
AAGCUGGAAUCCCUAGUACCCGCGUGUCAUCAUCGCGCGGCGAAUACGUCCCUGCUCCUUGCACACACCGCCCGUCACUC
CACCCGAGCGGGGUCCGGAUGAGGCCUGAUCUCCCUUCGGGGAGGUCGGGUCGAGUCUGGGCUCCGUGAGGGGGGAGAAG
UCGUAACAAGGUAGCCGUAGGGGAACCUACGGCUCGAUCACCUCC
;
A
2 'polypeptide(L)'
;YLVPLDQYLAAGVHIGTQQKTQDMKKFIYRVRQDGLYVLDVRKTDERLRTAGKFLAKFDPTSILAVSVRLYGQKPVKKFG
EVTGARAIPGRFLPGTMTNPQVKNFIEPDVLIVTDPRADHQAMKEAIEIGIPIVALVDTENFLSYVDLAIPTNNKGRKAL
ALIYWILAREILYNRKEIESREDFKVPVEEFEMRI
;
B
3 'polypeptide(L)'
;MAIERYFIEEGVREMLIDEYLEKELRRAGYSGIDIKKTPLGTKVVIFAASPGYVIGRGGRRIRELTRILERQFGLENPQI
EVEEIKNPYLNAKVQAIRLARALERGIHFRRAAYSAIRAIMRNGARGVEIRLSGKLTGERAKSVRFYQGYLAKVGNPAET
LVSRGYAQAKLKLGVIGVKVSIMPPDAKLPDEI
;
C
4 'polypeptide(L)'
;DKWKMKEWYVVYAPDFFGSKEIGLTPADEPEKVIGRVIETTLRDLTGDFTKGQVKLYFQIYDVKGQNAYTKFKGHTLARS
YIRSLVRRRTTRIDGIFNVTTKDGYKLRVMGMVIAYRRIQTSQERAIREIIRDIIYKKAEELNYRDFVLEAVSGKMAAEI
AKEARRIYPIKRAEIRKIKVLAEP
;
D
5 'polypeptide(L)'
;DPKRQRKKYETPSHPWIKERLDRERVIMRKYALKNKKELWRHETQLKEFRRRARRLLAARGKQAEVERVQLLQRLNRLGL
LPADAVLDDVLSLTVEDVLDRRLQTIVYKKGLARTPRQARQLIVHGHIEVNGQIIRSPGYLVLKAEEDTITYSKTSPFAR
ESHPERMVIEQAKQGGEA
;
E
6 'polypeptide(L)'
;RKGAKRHLKRLAAPDQWYISRKRYKWAVRPRPGPHSMKTSIPLLYIVRDYLGYAKTAREARKILNEGRILVDGRVRRDYK
FPVGIMDVVSIPETGEHYRVLPNRIGKLVLHPISEKEANIKPLRISNKRMVKGAKVQLNLHDGSNHLVTVDDKDNYRTAY
TVLMKVPDREVIEILPFDVGAYVFVTRGKNVARKGKIVEVRRFPMGWPDVVTIEDENGELFDTLKEYAFVVGKEKPEISL
P
;
F
7 'polypeptide(L)'
;SQRVLEEWEPRTKLGQLVKAGQITDIHEIFRKGYQIKEPEIVDVLLPEVNMRENQEVLDIALTVRMTDSGRRIRFRVLAA
VGNRDGYVGLGIGHGREVGIAIRKAINYAKMNIIEIKRGCGSWECRCRRPHSIPFAVEGKEGSVRVKLMPGPRGLGLVIG
DVGKKILSLAGVQDVWSQSLGETRTTVNFAKAVFNALYNTNRVAIQPGMEEKYGIVVGRE
;
G
8 'polypeptide(L)'
;MATFKLVISNPRNGIARQVEISGESAEKLVGKRIGDEIPASELGLNLTEIFGEEIPGDVKLRITGGTDRDGFAMRPDVHG
PRRVKILVSRGPGFRPKERGERRKKTVRGNTISPEIVQVNMKLVF
;
H
9 'polypeptide(L)'
;AKALTERFYQPKELKVMGRWSVEDVTVNDPSLRPYINLEARLLPHSHGRHAKKAFGKANVHIVERLINKVMRSGASSHKA
GGHFMRREHRSLMSKKMKAYEVVKEAFMIIERRTKQNPIQVLVRAIENSAPREDTTTIAFGGIRYHMAVDVSPLRRLDIA
LKNIALGASAKCYRNKTSYAQALAEEIIAAANADPKSFAYSRKEEIERIAQSSR
;
I
10 'polypeptide(L)'
;TLLDPLANALSHITNSERVGKKEVYLKPASKLMGEVLRVMQENGYIGEFEFIDDGRAGIYRVQLIGKINKAGAIKPRFPV
KAREYEAWEKRFLPAFEFGILIVSTSQGVMTHKEAIEKGIGGRLIAYVY
;
J
11 'polypeptide(L)'
;AIWQGRSLKKPSGGRIILARKKRKRELGREPAFTRVGEEKEKKKIIRTYGGNRKVRLIEAIYANVFENGKGRKVKVLGVV
ENPANRQYVRRDIITKGAIIETEAGRAIVTSRPGQDGVVNAVLIKE
;
K
12 'polypeptide(L)'
;MKVIQTAGKRKTAIARATIREGKGRVRINHRPVEIIEPEIARFTIMEPLVLAGEEIVKGVDIDVKVEGGGFMGQAEAARV
AIARALVEWTNDMNLKEKFMKYDRTMLVGDSRRTEPHKPNRSTKGPRAKRQK
;
L
13 'polypeptide(L)'
;MQKARIKLASTDIKALNEVTDQIRQIAERTGVRMSGPIPLPTKRIRITTRKSPDGEGTATFDKFELRVHKRLVDIEADER
AMRQIMRIRVPEDVTIEIELIS
;
M
14 'polypeptide(L)'
;QVNLKKKEKWGVAHIYSSYNNTIIHITDLTGAETVSRWSGGMVVKADRDEPSPYAAMIAARRAAEEAMEKGFTGVHIKVR
APGGSKSKSPGPGAQAAIRALARAGLRIGRVEDVTPIPHDGTRPKGGRRGRRV
;
N
15 'polypeptide(L)'
;GKKAPYGEFAGRKLKLKRKKFRWSDIRYKRRVLRLKEKSDPLEGAPQAKGIVLEKIAVEAKQPNSAMRKAVRVQLIKNGK
VVTAFTPGDGAINHIDEHDEVIIEGIGGPKGGSMGDIPGIRYKVVKVNRVSLKELVKGRKEKPR
;
O
16 'polypeptide(L)'
;DEFRHIVRIAGVDLNGNKQLRWALTGIRGIGINFATMVLRVAGIDPYMKTGYLTNEQIKKIEEILEDPVAHGIPAWAVNR
PKDYETGKDMHLITAKLVMAWREDVNRLRRVRAYRGIRHELGLPLRGQRTRSNFRH
;
P
17 'polypeptide(L)' MAKADYNKRKPRKFGKGARRCVRCGQYGPVIRVHGLMLCRHCFREIAPKLGFKKYE Q
18 'polypeptide(L)'
;MARMHARKRGKSGSKRPPRTAPPTWVEYTAEEVEGLVVKLRKEGYSAAMIGTILRDQYGIPSVKLITGKKITKILEENGL
APQIPEDLMALIRKAVNLRKHLEMHPKDRHSMRGLQLTESKIRRLVKYYRRTGKLPAKWRYDPEQAKLLVR
;
R
19 'polypeptide(L)'
;MREIGLKVQPPAEKCDDPHCPWHGHLRIHGRYFEGIVVSDKGKKTVVVERRHYHYLKKYERYELRRSKVHAHNPECIDAK
VGDRVLVAETRPISKTKSWVVVAVTKRAGER
;
S
20 'polypeptide(L)' MGNIKQMFIKRTARELFDRYPNEFSRDFEHNKKKVEELTNVTSKTIRNRIAGYITKLVRMKEEG T
21 'polypeptide(L)'
;EFKYRGYTFEELLNMSLEDFAKLLPSRQRRSLKRGLSPEQKKLLRKIRLARKGKYKKPIRTHSRDMVILPEMVGITIHVY
NGKEFVPVEIKEEMIGHYLGEFALTRKVVQHGSPG
;
U
22 'polypeptide(L)'
;ATVYDVPGDLLVERTAKALKEVEAIKPPEWAPFVKTGRHKERIPEQEDWWYYRVASIFRKIYIDGPVGIERLRTWYGGRK
NRGHAPEHFYKAGGSIIRKALQQLEAAGFVQKVPGEGRIVTPQGQSFLDRIATELKKELEEQLPELKKY
;
V
23 'polypeptide(L)' KFEVPVCTSCGKEITPREHATHFVCPNCGEAIIWRCESCRVLSVPYKCPKCGWEGP W
24 'polypeptide(L)'
;MEIKVREMKENRLLGRKEIYFDVIHEGEATPSRADVKGKLVAMLDLNPETVVIQYIRSYFGSRVSRGYAKAYESKERMLY
IEPEYVLVRDGIIKKEE
;
X
25 'polypeptide(L)' LPKNLIPMPKSRFLRVKCIDCGNEQIVFSNPSTTVRCLVCGATLVEPTGGKGILKAKVLEVLE Y
26 'polypeptide(L)' MGQKWKLYEVKGGKVRRKNKFCPRCGPGVFMAEHKDRWSCGRCGYTEWKR Z
27 'polypeptide(L)' MSDEGYPAEVIEIVARTGVTGGVTQVKVRILEGRDKGRVIRRNVKGPVRVGDIVILRETEREAREI a
28 'polypeptide(L)'
;MAKPSYVKFEVPAELAEKALEAVELARDTGRIRKGTNETTKAVERGQAKLVVIAEDVDPEEIVAHLPPLCEEKEIPYIYV
PSKKELGAAAGIEVPAASVAILEPGKGRELVEDIAAKVRELMK
;
b
29 'polypeptide(L)' MKRRPRKWKKKGRMRWKWIKKRIRRLKKQRRKERGLI c
30 'polypeptide(L)'
;MRVAVINYDFCKPDKCNLECINFCPVDRSGGKAIELSEIVKGKPVIYEETCIGCGICVKKCPYEAISIVNLPDELEGEVI
HRYKVNGFKLFGLPTPKNNTILGVLGKNGVGKTTVLKILAGEIIPNFGDPNSKVGKDEVLKRFRGKEIYNYFKELYSNEL
KIVHKIQYVEYASKFLKGTVNEILTKIDERGKKDEVKELLNMTNLWNKDANILSGGGLQRLLVAASLLREADVYIFDAPS
SYLDVRERMNMAKAIRELLKNKYVIVVDHDLIVLDYLTDLIHIIYGESSVYGRVSKSYAARVGINNFLKGYLPAENMKIR
PDEIKFMLKEVSDLDLSKDLKTKMKWTKIIKKLGDFQLVVDNGEAKEGEIIGILGPNGIGKTTFARILVGEITADEGSVT
PEKQILSYKPQRIFPNYDGTVQQYLENASKDALSTSSWFFEEVTKRLNLHRLLESNVNDLSGGELQKLYIAATLAKEADL
YVLDAPSSYLDVEERYIVAKAIKRVTRERKAVTFIIDHDLSIHDYIADRIIVFKGEPEKAGLATSPVTLKTGMNEFLREL
EVTFRRDAETGRPRVNKIGSYLDRVQKERGDYYS
;
d
#
loop_
_chem_comp.id
_chem_comp.type
_chem_comp.name
_chem_comp.formula
A RNA linking ADENOSINE-5'-MONOPHOSPHATE 'C10 H14 N5 O7 P'
ANP non-polymer 'PHOSPHOAMINOPHOSPHONIC ACID-ADENYLATE ESTER' 'C10 H17 N6 O12 P3'
C RNA linking CYTIDINE-5'-MONOPHOSPHATE 'C9 H14 N3 O8 P'
G RNA linking GUANOSINE-5'-MONOPHOSPHATE 'C10 H14 N5 O8 P'
MG non-polymer 'MAGNESIUM ION' 'Mg 2'
SF4 non-polymer 'IRON/SULFUR CLUSTER' 'Fe4 S4'
U RNA linking URIDINE-5'-MONOPHOSPHATE 'C9 H13 N2 O9 P'
ZN non-polymer 'ZINC ION' 'Zn 2'
#
# COMPACT_ATOMS: atom_id res chain seq x y z
N TYR B 1 5.71 -73.64 -24.43
CA TYR B 1 6.90 -72.83 -24.67
C TYR B 1 6.93 -72.36 -26.12
N LEU B 2 6.35 -71.18 -26.35
CA LEU B 2 6.08 -70.73 -27.71
C LEU B 2 7.31 -70.08 -28.33
N VAL B 3 7.42 -70.25 -29.65
CA VAL B 3 8.48 -69.61 -30.43
C VAL B 3 9.82 -69.94 -29.82
N PRO B 4 10.40 -71.09 -30.14
CA PRO B 4 11.17 -71.86 -29.15
C PRO B 4 12.26 -71.10 -28.40
N LEU B 5 13.39 -70.80 -29.04
CA LEU B 5 14.33 -69.88 -28.40
C LEU B 5 15.17 -69.13 -29.41
N ASP B 6 15.46 -69.77 -30.54
CA ASP B 6 16.40 -69.18 -31.47
C ASP B 6 15.73 -68.10 -32.30
N GLN B 7 14.42 -68.22 -32.52
CA GLN B 7 13.69 -67.14 -33.16
C GLN B 7 13.71 -65.88 -32.30
N TYR B 8 13.46 -66.02 -31.00
CA TYR B 8 13.64 -64.93 -30.05
C TYR B 8 15.02 -64.32 -30.18
N LEU B 9 16.05 -65.15 -30.00
CA LEU B 9 17.41 -64.64 -29.94
C LEU B 9 17.88 -64.08 -31.26
N ALA B 10 17.29 -64.53 -32.36
CA ALA B 10 17.62 -63.97 -33.66
C ALA B 10 16.98 -62.62 -33.84
N ALA B 11 15.75 -62.48 -33.34
CA ALA B 11 15.12 -61.17 -33.29
C ALA B 11 15.88 -60.20 -32.41
N GLY B 12 16.56 -60.70 -31.40
CA GLY B 12 17.30 -59.84 -30.49
C GLY B 12 16.51 -59.40 -29.31
N VAL B 13 15.65 -60.26 -28.81
CA VAL B 13 14.75 -59.90 -27.73
C VAL B 13 15.48 -59.85 -26.40
N HIS B 14 16.31 -60.85 -26.16
CA HIS B 14 17.11 -60.90 -24.94
C HIS B 14 18.09 -59.74 -24.85
N ILE B 15 18.38 -59.08 -25.95
CA ILE B 15 19.34 -58.00 -25.97
C ILE B 15 18.75 -56.79 -25.29
N GLY B 16 19.39 -56.34 -24.23
CA GLY B 16 19.10 -55.08 -23.61
C GLY B 16 20.10 -54.01 -23.99
N THR B 17 20.53 -53.26 -23.00
CA THR B 17 21.22 -52.01 -23.20
C THR B 17 22.36 -51.90 -22.19
N GLN B 18 23.19 -50.89 -22.35
CA GLN B 18 24.28 -50.66 -21.43
C GLN B 18 23.79 -50.12 -20.08
N GLN B 19 22.64 -49.46 -20.09
CA GLN B 19 22.02 -48.98 -18.88
C GLN B 19 21.02 -49.99 -18.33
N LYS B 20 20.75 -49.86 -17.04
CA LYS B 20 19.92 -50.79 -16.29
C LYS B 20 18.92 -50.00 -15.47
N THR B 21 18.09 -50.74 -14.74
CA THR B 21 17.15 -50.17 -13.79
C THR B 21 16.77 -51.25 -12.80
N GLN B 22 16.71 -50.89 -11.52
CA GLN B 22 16.34 -51.85 -10.48
C GLN B 22 14.93 -52.35 -10.63
N ASP B 23 14.06 -51.57 -11.25
CA ASP B 23 12.74 -52.06 -11.57
C ASP B 23 12.81 -53.24 -12.52
N MET B 24 13.86 -53.31 -13.33
CA MET B 24 13.99 -54.29 -14.39
C MET B 24 15.04 -55.35 -14.12
N LYS B 25 15.82 -55.23 -13.05
CA LYS B 25 16.79 -56.26 -12.77
C LYS B 25 16.13 -57.57 -12.36
N LYS B 26 14.87 -57.53 -11.98
CA LYS B 26 14.09 -58.74 -11.85
C LYS B 26 14.13 -59.56 -13.13
N PHE B 27 14.07 -58.89 -14.27
CA PHE B 27 14.05 -59.54 -15.56
C PHE B 27 15.43 -59.72 -16.16
N ILE B 28 16.37 -58.85 -15.80
CA ILE B 28 17.73 -58.99 -16.30
C ILE B 28 18.28 -60.34 -15.88
N TYR B 29 18.78 -61.10 -16.85
CA TYR B 29 19.33 -62.41 -16.61
C TYR B 29 20.80 -62.33 -16.25
N ARG B 30 21.54 -61.50 -16.97
CA ARG B 30 22.96 -61.34 -16.70
C ARG B 30 23.45 -60.08 -17.41
N VAL B 31 24.72 -59.78 -17.20
CA VAL B 31 25.44 -58.76 -17.95
C VAL B 31 26.70 -59.39 -18.50
N ARG B 32 27.04 -59.05 -19.73
CA ARG B 32 28.21 -59.60 -20.40
C ARG B 32 29.31 -58.54 -20.46
N GLN B 33 30.53 -58.98 -20.75
CA GLN B 33 31.74 -58.22 -20.48
C GLN B 33 31.79 -56.89 -21.20
N ASP B 34 30.92 -56.64 -22.17
CA ASP B 34 30.90 -55.37 -22.88
C ASP B 34 30.13 -54.29 -22.14
N GLY B 35 29.41 -54.66 -21.09
CA GLY B 35 28.57 -53.74 -20.36
C GLY B 35 27.11 -53.80 -20.73
N LEU B 36 26.73 -54.72 -21.61
CA LEU B 36 25.37 -54.84 -22.10
C LEU B 36 24.61 -55.89 -21.31
N TYR B 37 23.43 -55.52 -20.86
CA TYR B 37 22.60 -56.41 -20.08
C TYR B 37 21.72 -57.26 -20.97
N VAL B 38 21.29 -58.38 -20.42
CA VAL B 38 20.57 -59.41 -21.15
C VAL B 38 19.34 -59.79 -20.37
N LEU B 39 18.22 -59.87 -21.05
CA LEU B 39 16.96 -60.18 -20.40
C LEU B 39 16.65 -61.66 -20.48
N ASP B 40 15.77 -62.11 -19.58
CA ASP B 40 15.38 -63.51 -19.52
C ASP B 40 14.18 -63.76 -20.43
N VAL B 41 14.42 -64.58 -21.45
CA VAL B 41 13.40 -64.92 -22.42
C VAL B 41 12.29 -65.73 -21.79
N ARG B 42 12.59 -66.49 -20.74
CA ARG B 42 11.56 -67.25 -20.06
C ARG B 42 10.52 -66.32 -19.46
N LYS B 43 10.97 -65.25 -18.83
CA LYS B 43 10.07 -64.24 -18.30
C LYS B 43 9.34 -63.52 -19.42
N THR B 44 10.03 -63.23 -20.50
CA THR B 44 9.37 -62.64 -21.67
C THR B 44 8.21 -63.50 -22.14
N ASP B 45 8.43 -64.80 -22.28
CA ASP B 45 7.40 -65.72 -22.74
C ASP B 45 6.23 -65.76 -21.79
N GLU B 46 6.52 -65.88 -20.49
CA GLU B 46 5.48 -65.89 -19.48
C GLU B 46 4.61 -64.65 -19.57
N ARG B 47 5.24 -63.49 -19.56
CA ARG B 47 4.49 -62.25 -19.55
C ARG B 47 3.70 -62.06 -20.83
N LEU B 48 4.19 -62.61 -21.93
CA LEU B 48 3.44 -62.55 -23.17
C LEU B 48 2.17 -63.38 -23.08
N ARG B 49 2.28 -64.58 -22.52
CA ARG B 49 1.09 -65.40 -22.29
C ARG B 49 0.05 -64.64 -21.48
N THR B 50 0.49 -64.03 -20.38
CA THR B 50 -0.45 -63.34 -19.50
C THR B 50 -1.07 -62.13 -20.18
N ALA B 51 -0.27 -61.35 -20.89
CA ALA B 51 -0.79 -60.24 -21.67
C ALA B 51 -1.81 -60.71 -22.68
N GLY B 52 -1.58 -61.86 -23.29
CA GLY B 52 -2.53 -62.40 -24.22
C GLY B 52 -3.87 -62.68 -23.57
N LYS B 53 -3.86 -63.38 -22.45
CA LYS B 53 -5.10 -63.63 -21.72
C LYS B 53 -5.81 -62.32 -21.38
N PHE B 54 -5.05 -61.36 -20.88
CA PHE B 54 -5.59 -60.10 -20.42
C PHE B 54 -6.29 -59.35 -21.55
N LEU B 55 -5.57 -59.10 -22.63
CA LEU B 55 -6.11 -58.35 -23.74
C LEU B 55 -7.19 -59.13 -24.47
N ALA B 56 -7.19 -60.45 -24.38
CA ALA B 56 -8.30 -61.23 -24.86
C ALA B 56 -9.56 -61.02 -24.05
N LYS B 57 -9.45 -60.95 -22.74
CA LYS B 57 -10.60 -60.65 -21.91
C LYS B 57 -11.11 -59.26 -22.16
N PHE B 58 -10.28 -58.37 -22.65
CA PHE B 58 -10.72 -57.04 -23.00
C PHE B 58 -11.47 -57.04 -24.34
N ASP B 59 -12.18 -55.95 -24.59
CA ASP B 59 -12.89 -55.81 -25.85
C ASP B 59 -11.93 -55.33 -26.93
N PRO B 60 -12.13 -55.75 -28.17
CA PRO B 60 -11.11 -55.45 -29.19
C PRO B 60 -10.93 -53.99 -29.47
N THR B 61 -12.01 -53.29 -29.84
CA THR B 61 -11.88 -51.91 -30.27
C THR B 61 -11.43 -51.00 -29.14
N SER B 62 -11.63 -51.40 -27.90
CA SER B 62 -11.18 -50.60 -26.78
C SER B 62 -9.67 -50.60 -26.63
N ILE B 63 -8.98 -51.46 -27.35
CA ILE B 63 -7.53 -51.55 -27.25
C ILE B 63 -6.90 -50.51 -28.15
N LEU B 64 -5.87 -49.87 -27.60
CA LEU B 64 -5.09 -48.86 -28.28
C LEU B 64 -3.63 -49.22 -28.12
N ALA B 65 -2.90 -49.19 -29.23
CA ALA B 65 -1.46 -49.44 -29.22
C ALA B 65 -0.77 -48.32 -29.94
N VAL B 66 0.21 -47.74 -29.28
CA VAL B 66 0.92 -46.57 -29.78
C VAL B 66 2.38 -46.92 -29.95
N SER B 67 3.01 -46.28 -30.92
CA SER B 67 4.45 -46.44 -31.11
C SER B 67 5.00 -45.24 -31.87
N VAL B 68 5.63 -44.33 -31.14
CA VAL B 68 6.35 -43.25 -31.77
C VAL B 68 7.49 -43.77 -32.61
N ARG B 69 8.27 -44.67 -32.04
CA ARG B 69 9.33 -45.35 -32.76
C ARG B 69 8.81 -46.03 -34.02
N LEU B 70 9.55 -45.85 -35.11
CA LEU B 70 9.13 -46.29 -36.44
C LEU B 70 9.12 -47.80 -36.59
N TYR B 71 10.18 -48.43 -36.08
CA TYR B 71 10.31 -49.88 -36.03
C TYR B 71 9.11 -50.53 -35.39
N GLY B 72 8.41 -49.81 -34.53
CA GLY B 72 7.16 -50.23 -33.97
C GLY B 72 5.94 -49.63 -34.63
N GLN B 73 6.13 -48.57 -35.40
CA GLN B 73 5.01 -47.97 -36.12
C GLN B 73 4.38 -48.99 -37.03
N LYS B 74 5.19 -49.73 -37.73
CA LYS B 74 4.52 -50.69 -38.61
C LYS B 74 3.84 -51.83 -37.87
N PRO B 75 4.54 -52.57 -37.00
CA PRO B 75 3.89 -53.73 -36.39
C PRO B 75 2.74 -53.39 -35.48
N VAL B 76 2.72 -52.21 -34.89
CA VAL B 76 1.52 -51.75 -34.21
C VAL B 76 0.36 -51.61 -35.18
N LYS B 77 0.64 -51.06 -36.35
CA LYS B 77 -0.40 -50.95 -37.37
C LYS B 77 -0.96 -52.31 -37.74
N LYS B 78 -0.08 -53.29 -37.93
CA LYS B 78 -0.56 -54.62 -38.28
C LYS B 78 -1.30 -55.28 -37.13
N PHE B 79 -0.81 -55.12 -35.92
CA PHE B 79 -1.53 -55.53 -34.72
C PHE B 79 -2.94 -55.00 -34.73
N GLY B 80 -3.11 -53.73 -35.09
CA GLY B 80 -4.42 -53.16 -35.19
C GLY B 80 -5.26 -53.76 -36.28
N GLU B 81 -4.69 -53.93 -37.47
CA GLU B 81 -5.46 -54.51 -38.56
C GLU B 81 -5.84 -55.96 -38.30
N VAL B 82 -5.14 -56.62 -37.39
CA VAL B 82 -5.43 -58.00 -37.06
C VAL B 82 -6.45 -58.12 -35.94
N THR B 83 -6.35 -57.27 -34.92
CA THR B 83 -7.15 -57.42 -33.70
C THR B 83 -8.29 -56.44 -33.58
N GLY B 84 -8.22 -55.31 -34.26
CA GLY B 84 -9.15 -54.22 -34.05
C GLY B 84 -8.75 -53.41 -32.85
N ALA B 85 -7.58 -52.78 -32.88
CA ALA B 85 -6.88 -52.42 -31.66
C ALA B 85 -6.24 -51.05 -31.76
N ARG B 86 -6.97 -50.10 -32.33
CA ARG B 86 -6.70 -48.65 -32.33
C ARG B 86 -5.20 -48.34 -32.35
N ALA B 87 -4.61 -48.55 -33.51
CA ALA B 87 -3.21 -48.21 -33.68
C ALA B 87 -3.01 -46.71 -33.79
N ILE B 88 -1.92 -46.24 -33.19
CA ILE B 88 -1.42 -44.87 -33.32
C ILE B 88 0.07 -44.93 -33.55
N PRO B 89 0.52 -45.01 -34.78
CA PRO B 89 1.96 -45.05 -35.05
C PRO B 89 2.65 -43.70 -34.98
N GLY B 90 2.01 -42.66 -35.44
CA GLY B 90 2.73 -41.41 -35.55
C GLY B 90 3.04 -40.76 -34.22
N ARG B 91 2.84 -39.45 -34.20
CA ARG B 91 2.81 -38.70 -32.96
C ARG B 91 1.45 -38.84 -32.32
N PHE B 92 1.44 -38.85 -31.00
CA PHE B 92 0.22 -39.17 -30.28
C PHE B 92 -0.84 -38.09 -30.37
N LEU B 93 -0.48 -36.88 -30.72
CA LEU B 93 -1.47 -35.82 -30.84
C LEU B 93 -2.05 -35.53 -29.47
N PRO B 94 -1.33 -34.78 -28.65
CA PRO B 94 -1.79 -34.47 -27.30
C PRO B 94 -3.21 -33.94 -27.21
N GLY B 95 -4.02 -34.65 -26.44
CA GLY B 95 -5.43 -34.42 -26.34
C GLY B 95 -6.29 -35.50 -26.91
N THR B 96 -5.68 -36.53 -27.51
CA THR B 96 -6.43 -37.65 -28.06
C THR B 96 -7.31 -38.31 -27.02
N MET B 97 -6.85 -38.34 -25.78
CA MET B 97 -7.55 -39.00 -24.69
C MET B 97 -8.26 -38.03 -23.77
N THR B 98 -7.80 -36.78 -23.72
CA THR B 98 -8.27 -35.81 -22.73
C THR B 98 -9.13 -34.71 -23.30
N ASN B 99 -8.91 -34.31 -24.53
CA ASN B 99 -9.68 -33.23 -25.12
C ASN B 99 -10.76 -33.80 -26.01
N PRO B 100 -12.02 -33.80 -25.61
CA PRO B 100 -13.07 -34.28 -26.50
C PRO B 100 -13.29 -33.42 -27.74
N GLN B 101 -12.58 -32.32 -27.88
CA GLN B 101 -12.70 -31.44 -29.02
C GLN B 101 -11.61 -31.66 -30.05
N VAL B 102 -10.94 -32.80 -30.03
CA VAL B 102 -10.06 -33.20 -31.12
C VAL B 102 -10.87 -34.04 -32.09
N LYS B 103 -10.38 -34.16 -33.31
CA LYS B 103 -11.10 -34.91 -34.33
C LYS B 103 -11.16 -36.38 -33.97
N ASN B 104 -10.02 -36.98 -33.72
CA ASN B 104 -9.91 -38.39 -33.35
C ASN B 104 -9.74 -38.46 -31.85
N PHE B 105 -10.86 -38.46 -31.13
CA PHE B 105 -10.88 -38.53 -29.68
C PHE B 105 -11.20 -39.95 -29.28
N ILE B 106 -10.32 -40.54 -28.51
CA ILE B 106 -10.35 -41.95 -28.19
C ILE B 106 -10.28 -42.11 -26.69
N GLU B 107 -11.24 -42.84 -26.13
CA GLU B 107 -11.29 -43.14 -24.71
C GLU B 107 -11.22 -44.65 -24.56
N PRO B 108 -10.03 -45.23 -24.61
CA PRO B 108 -9.90 -46.68 -24.61
C PRO B 108 -9.98 -47.24 -23.20
N ASP B 109 -9.82 -48.55 -23.11
CA ASP B 109 -9.87 -49.27 -21.85
C ASP B 109 -8.54 -49.95 -21.52
N VAL B 110 -7.55 -49.89 -22.41
CA VAL B 110 -6.23 -50.41 -22.11
C VAL B 110 -5.27 -49.85 -23.15
N LEU B 111 -3.98 -49.90 -22.84
CA LEU B 111 -2.95 -49.28 -23.64
C LEU B 111 -1.72 -50.18 -23.71
N ILE B 112 -1.10 -50.23 -24.89
CA ILE B 112 -0.04 -51.19 -25.19
C ILE B 112 1.24 -50.50 -25.63
N VAL B 113 1.62 -49.42 -24.96
CA VAL B 113 2.77 -48.64 -25.38
C VAL B 113 3.98 -49.53 -25.61
N THR B 114 4.79 -49.13 -26.58
CA THR B 114 5.95 -49.86 -27.05
C THR B 114 7.23 -49.44 -26.35
N ASP B 115 7.30 -48.22 -25.90
CA ASP B 115 8.38 -47.72 -25.05
C ASP B 115 7.82 -46.57 -24.21
N PRO B 116 7.89 -46.63 -22.89
CA PRO B 116 7.32 -45.52 -22.10
C PRO B 116 8.05 -44.21 -22.24
N ARG B 117 9.37 -44.21 -22.35
CA ARG B 117 10.11 -42.97 -22.47
C ARG B 117 9.81 -42.24 -23.77
N ALA B 118 9.49 -42.98 -24.83
CA ALA B 118 9.13 -42.35 -26.09
C ALA B 118 7.64 -42.02 -26.14
N ASP B 119 6.83 -42.83 -25.46
CA ASP B 119 5.39 -42.65 -25.39
C ASP B 119 4.94 -42.00 -24.09
N HIS B 120 5.78 -41.12 -23.53
CA HIS B 120 5.45 -40.45 -22.28
C HIS B 120 4.14 -39.70 -22.35
N GLN B 121 3.75 -39.25 -23.54
CA GLN B 121 2.52 -38.50 -23.72
C GLN B 121 1.30 -39.38 -23.50
N ALA B 122 1.20 -40.44 -24.28
CA ALA B 122 0.12 -41.40 -24.13
C ALA B 122 0.05 -41.95 -22.73
N MET B 123 1.21 -42.11 -22.10
CA MET B 123 1.26 -42.64 -20.75
C MET B 123 0.51 -41.75 -19.78
N LYS B 124 0.81 -40.45 -19.79
CA LYS B 124 0.18 -39.54 -18.86
C LYS B 124 -1.28 -39.29 -19.18
N GLU B 125 -1.67 -39.30 -20.44
CA GLU B 125 -3.09 -39.26 -20.71
C GLU B 125 -3.82 -40.51 -20.23
N ALA B 126 -3.24 -41.68 -20.39
CA ALA B 126 -3.84 -42.89 -19.85
C ALA B 126 -3.88 -42.88 -18.34
N ILE B 127 -2.84 -42.33 -17.73
CA ILE B 127 -2.82 -42.11 -16.29
C ILE B 127 -4.04 -41.31 -15.86
N GLU B 128 -4.28 -40.19 -16.53
CA GLU B 128 -5.43 -39.38 -16.22
C GLU B 128 -6.75 -40.12 -16.38
N ILE B 129 -6.87 -40.99 -17.39
CA ILE B 129 -8.10 -41.78 -17.49
C ILE B 129 -8.25 -42.84 -16.43
N GLY B 130 -7.17 -43.51 -16.05
CA GLY B 130 -7.28 -44.62 -15.14
C GLY B 130 -7.40 -45.96 -15.80
N ILE B 131 -6.77 -46.14 -16.96
CA ILE B 131 -6.81 -47.40 -17.67
C ILE B 131 -5.50 -48.14 -17.43
N PRO B 132 -5.48 -49.45 -17.56
CA PRO B 132 -4.24 -50.18 -17.45
C PRO B 132 -3.27 -49.82 -18.54
N ILE B 133 -2.00 -50.08 -18.25
CA ILE B 133 -0.93 -49.85 -19.18
C ILE B 133 -0.13 -51.15 -19.28
N VAL B 134 -0.17 -51.74 -20.45
CA VAL B 134 0.74 -52.80 -20.84
C VAL B 134 1.87 -52.15 -21.60
N ALA B 135 3.09 -52.50 -21.23
CA ALA B 135 4.25 -51.86 -21.79
C ALA B 135 5.35 -52.87 -22.08
N LEU B 136 5.97 -52.69 -23.23
CA LEU B 136 7.24 -53.33 -23.55
C LEU B 136 8.35 -52.50 -22.95
N VAL B 137 9.19 -53.14 -22.16
CA VAL B 137 10.21 -52.46 -21.38
C VAL B 137 11.54 -53.14 -21.62
N ASP B 138 12.56 -52.34 -21.84
CA ASP B 138 13.93 -52.80 -21.91
C ASP B 138 14.63 -52.45 -20.61
N THR B 139 15.89 -52.89 -20.48
CA THR B 139 16.62 -52.81 -19.23
C THR B 139 16.73 -51.40 -18.65
N GLU B 140 16.48 -50.38 -19.45
CA GLU B 140 16.61 -49.00 -19.03
C GLU B 140 15.27 -48.32 -18.80
N ASN B 141 14.19 -49.09 -18.77
CA ASN B 141 12.87 -48.52 -18.61
C ASN B 141 12.43 -48.62 -17.16
N PHE B 142 11.80 -47.56 -16.70
CA PHE B 142 11.17 -47.53 -15.40
C PHE B 142 9.75 -48.05 -15.50
N LEU B 143 9.29 -48.68 -14.43
CA LEU B 143 7.99 -49.32 -14.39
C LEU B 143 6.92 -48.44 -13.77
N SER B 144 7.11 -47.14 -13.77
CA SER B 144 6.15 -46.25 -13.18
C SER B 144 4.90 -46.19 -14.04
N TYR B 145 3.76 -46.43 -13.41
CA TYR B 145 2.47 -46.35 -14.05
C TYR B 145 2.35 -47.40 -15.15
N VAL B 146 2.92 -48.56 -14.87
CA VAL B 146 2.89 -49.72 -15.74
C VAL B 146 2.31 -50.85 -14.95
N ASP B 147 1.17 -51.34 -15.39
CA ASP B 147 0.44 -52.38 -14.69
C ASP B 147 0.70 -53.76 -15.24
N LEU B 148 1.19 -53.87 -16.46
CA LEU B 148 1.75 -55.12 -16.95
C LEU B 148 2.94 -54.81 -17.83
N ALA B 149 4.03 -55.53 -17.62
CA ALA B 149 5.27 -55.31 -18.33
C ALA B 149 5.72 -56.55 -19.06
N ILE B 150 6.29 -56.36 -20.24
CA ILE B 150 6.85 -57.42 -21.06
C ILE B 150 8.29 -57.02 -21.38
N PRO B 151 9.28 -57.81 -20.97
CA PRO B 151 10.67 -57.47 -21.30
C PRO B 151 10.99 -57.70 -22.76
N THR B 152 11.72 -56.75 -23.35
CA THR B 152 12.00 -56.75 -24.77
C THR B 152 13.09 -55.75 -25.07
N ASN B 153 13.77 -55.96 -26.20
CA ASN B 153 14.70 -54.96 -26.70
C ASN B 153 13.99 -53.63 -26.95
N ASN B 154 12.78 -53.68 -27.47
CA ASN B 154 11.87 -52.58 -27.77
C ASN B 154 12.50 -51.45 -28.58
N LYS B 155 13.59 -51.72 -29.26
CA LYS B 155 14.19 -50.79 -30.19
C LYS B 155 14.54 -51.43 -31.52
N GLY B 156 14.25 -52.72 -31.67
CA GLY B 156 14.58 -53.42 -32.87
C GLY B 156 13.37 -53.69 -33.74
N ARG B 157 13.59 -53.43 -35.03
CA ARG B 157 12.64 -53.78 -36.06
C ARG B 157 12.15 -55.21 -35.91
N LYS B 158 13.07 -56.15 -36.05
CA LYS B 158 12.89 -57.45 -35.48
C LYS B 158 12.89 -57.32 -33.97
N ALA B 159 12.17 -58.24 -33.35
CA ALA B 159 11.83 -58.26 -31.93
C ALA B 159 10.63 -57.39 -31.61
N LEU B 160 10.42 -56.31 -32.35
CA LEU B 160 9.16 -55.61 -32.22
C LEU B 160 8.09 -56.27 -33.06
N ALA B 161 8.44 -56.59 -34.30
CA ALA B 161 7.56 -57.38 -35.13
C ALA B 161 7.20 -58.69 -34.45
N LEU B 162 8.17 -59.34 -33.85
CA LEU B 162 7.95 -60.65 -33.29
C LEU B 162 7.09 -60.58 -32.04
N ILE B 163 7.33 -59.59 -31.18
CA ILE B 163 6.53 -59.47 -29.98
C ILE B 163 5.10 -59.16 -30.32
N TYR B 164 4.87 -58.29 -31.30
CA TYR B 164 3.50 -57.96 -31.64
C TYR B 164 2.82 -59.10 -32.38
N TRP B 165 3.57 -59.86 -33.17
CA TRP B 165 3.02 -61.04 -33.80
C TRP B 165 2.57 -62.06 -32.77
N ILE B 166 3.42 -62.34 -31.79
CA ILE B 166 3.07 -63.27 -30.72
C ILE B 166 1.85 -62.79 -29.98
N LEU B 167 1.80 -61.51 -29.63
CA LEU B 167 0.63 -60.99 -28.91
C LEU B 167 -0.64 -61.15 -29.71
N ALA B 168 -0.61 -60.81 -30.99
CA ALA B 168 -1.79 -60.96 -31.81
C ALA B 168 -2.24 -62.41 -31.85
N ARG B 169 -1.30 -63.32 -32.02
CA ARG B 169 -1.64 -64.74 -32.05
C ARG B 169 -2.26 -65.18 -30.75
N GLU B 170 -1.68 -64.78 -29.63
CA GLU B 170 -2.16 -65.24 -28.34
C GLU B 170 -3.50 -64.63 -28.01
N ILE B 171 -3.72 -63.39 -28.46
CA ILE B 171 -5.01 -62.74 -28.25
C ILE B 171 -6.09 -63.46 -29.02
N LEU B 172 -5.84 -63.77 -30.28
CA LEU B 172 -6.83 -64.49 -31.06
C LEU B 172 -7.06 -65.89 -30.50
N TYR B 173 -6.00 -66.55 -30.04
CA TYR B 173 -6.15 -67.86 -29.42
C TYR B 173 -7.03 -67.80 -28.19
N ASN B 174 -6.83 -66.78 -27.36
CA ASN B 174 -7.59 -66.66 -26.12
C ASN B 174 -9.00 -66.13 -26.36
N ARG B 175 -9.23 -65.50 -27.50
CA ARG B 175 -10.58 -65.14 -27.93
C ARG B 175 -11.28 -66.26 -28.67
N LYS B 176 -10.55 -67.29 -29.08
CA LYS B 176 -11.08 -68.37 -29.92
C LYS B 176 -11.47 -67.85 -31.30
N GLU B 177 -10.93 -66.70 -31.67
CA GLU B 177 -10.99 -66.26 -33.06
C GLU B 177 -10.09 -67.10 -33.95
N ILE B 178 -9.25 -67.94 -33.34
CA ILE B 178 -8.56 -69.03 -34.01
C ILE B 178 -8.56 -70.22 -33.07
N GLU B 179 -8.47 -71.39 -33.66
CA GLU B 179 -8.15 -72.61 -32.93
C GLU B 179 -6.63 -72.63 -32.75
N SER B 180 -6.06 -73.79 -32.46
CA SER B 180 -4.63 -73.98 -32.20
C SER B 180 -3.75 -73.04 -32.98
N ARG B 181 -2.73 -72.52 -32.30
CA ARG B 181 -1.97 -71.37 -32.76
C ARG B 181 -1.40 -71.52 -34.16
N GLU B 182 -1.03 -72.74 -34.57
CA GLU B 182 -0.48 -72.93 -35.90
C GLU B 182 -1.44 -72.53 -37.00
N ASP B 183 -2.73 -72.38 -36.69
CA ASP B 183 -3.71 -71.84 -37.61
C ASP B 183 -3.56 -70.34 -37.84
N PHE B 184 -2.54 -69.72 -37.28
CA PHE B 184 -2.22 -68.33 -37.62
C PHE B 184 -1.47 -68.30 -38.93
N LYS B 185 -1.80 -67.32 -39.77
CA LYS B 185 -1.26 -67.22 -41.12
C LYS B 185 -0.27 -66.10 -41.31
N VAL B 186 -0.40 -65.02 -40.55
CA VAL B 186 0.35 -63.80 -40.84
C VAL B 186 1.82 -64.06 -40.60
N PRO B 187 2.73 -63.52 -41.41
CA PRO B 187 4.15 -63.63 -41.11
C PRO B 187 4.74 -62.43 -40.40
N VAL B 188 5.77 -62.75 -39.63
CA VAL B 188 6.58 -61.71 -39.00
C VAL B 188 7.15 -60.77 -40.04
N GLU B 189 7.35 -61.26 -41.26
CA GLU B 189 7.84 -60.39 -42.32
C GLU B 189 6.78 -59.38 -42.71
N GLU B 190 5.51 -59.72 -42.54
CA GLU B 190 4.47 -58.74 -42.72
C GLU B 190 4.41 -57.76 -41.57
N PHE B 191 4.73 -58.21 -40.36
CA PHE B 191 4.78 -57.30 -39.24
C PHE B 191 6.02 -56.41 -39.26
N GLU B 192 7.02 -56.75 -40.05
CA GLU B 192 8.28 -56.04 -40.07
C GLU B 192 8.30 -54.92 -41.08
N MET B 193 9.21 -53.98 -40.86
CA MET B 193 9.33 -52.81 -41.72
C MET B 193 9.96 -53.14 -43.07
N ARG B 194 10.93 -54.06 -43.09
CA ARG B 194 11.73 -54.40 -44.28
C ARG B 194 12.28 -53.16 -44.97
N ILE B 195 12.48 -52.09 -44.22
CA ILE B 195 13.15 -50.89 -44.70
C ILE B 195 12.45 -50.32 -45.93
N MET C 1 -30.98 20.81 -68.16
CA MET C 1 -30.76 19.71 -67.19
C MET C 1 -30.08 18.52 -67.84
N ALA C 2 -28.83 18.27 -67.46
CA ALA C 2 -28.16 17.05 -67.88
C ALA C 2 -28.48 15.90 -66.93
N ILE C 3 -28.15 14.70 -67.38
CA ILE C 3 -28.69 13.50 -66.74
C ILE C 3 -27.98 13.24 -65.43
N GLU C 4 -26.67 13.44 -65.40
CA GLU C 4 -25.93 13.33 -64.17
C GLU C 4 -26.41 14.37 -63.17
N ARG C 5 -26.71 15.57 -63.66
CA ARG C 5 -27.35 16.58 -62.83
C ARG C 5 -28.60 16.03 -62.19
N TYR C 6 -29.42 15.33 -62.97
CA TYR C 6 -30.66 14.79 -62.43
C TYR C 6 -30.38 13.80 -61.31
N PHE C 7 -29.43 12.89 -61.53
CA PHE C 7 -29.13 11.89 -60.52
C PHE C 7 -28.62 12.54 -59.25
N ILE C 8 -27.73 13.50 -59.40
CA ILE C 8 -27.16 14.22 -58.28
C ILE C 8 -28.24 14.93 -57.49
N GLU C 9 -29.12 15.63 -58.20
CA GLU C 9 -30.21 16.34 -57.56
C GLU C 9 -31.09 15.41 -56.74
N GLU C 10 -31.50 14.30 -57.34
CA GLU C 10 -32.36 13.36 -56.63
C GLU C 10 -31.68 12.85 -55.38
N GLY C 11 -30.41 12.48 -55.50
CA GLY C 11 -29.70 11.98 -54.35
C GLY C 11 -29.60 13.01 -53.24
N VAL C 12 -29.31 14.26 -53.61
CA VAL C 12 -29.09 15.27 -52.60
C VAL C 12 -30.39 15.58 -51.89
N ARG C 13 -31.45 15.75 -52.66
CA ARG C 13 -32.77 15.98 -52.09
C ARG C 13 -33.14 14.88 -51.13
N GLU C 14 -33.08 13.63 -51.59
CA GLU C 14 -33.41 12.51 -50.74
C GLU C 14 -32.55 12.46 -49.50
N MET C 15 -31.29 12.84 -49.60
CA MET C 15 -30.40 12.81 -48.45
C MET C 15 -30.84 13.82 -47.41
N LEU C 16 -31.27 14.99 -47.86
CA LEU C 16 -31.72 16.01 -46.92
C LEU C 16 -33.03 15.63 -46.28
N ILE C 17 -33.93 15.03 -47.05
CA ILE C 17 -35.14 14.45 -46.48
C ILE C 17 -34.77 13.49 -45.37
N ASP C 18 -33.89 12.54 -45.70
CA ASP C 18 -33.47 11.53 -44.76
C ASP C 18 -32.92 12.15 -43.49
N GLU C 19 -32.11 13.19 -43.62
CA GLU C 19 -31.58 13.91 -42.48
C GLU C 19 -32.67 14.48 -41.59
N TYR C 20 -33.60 15.21 -42.18
CA TYR C 20 -34.70 15.79 -41.43
C TYR C 20 -35.47 14.73 -40.68
N LEU C 21 -35.87 13.67 -41.36
CA LEU C 21 -36.66 12.64 -40.72
C LEU C 21 -35.88 11.87 -39.69
N GLU C 22 -34.59 11.70 -39.89
CA GLU C 22 -33.76 11.10 -38.87
C GLU C 22 -33.82 11.92 -37.60
N LYS C 23 -33.82 13.23 -37.75
CA LYS C 23 -33.94 14.09 -36.58
C LYS C 23 -35.29 13.93 -35.91
N GLU C 24 -36.36 13.89 -36.69
CA GLU C 24 -37.69 14.07 -36.14
C GLU C 24 -38.41 12.78 -35.78
N LEU C 25 -37.95 11.65 -36.27
CA LEU C 25 -38.59 10.38 -36.04
C LEU C 25 -37.67 9.41 -35.37
N ARG C 26 -36.75 9.92 -34.55
CA ARG C 26 -35.78 9.03 -33.95
C ARG C 26 -36.40 8.16 -32.89
N ARG C 27 -37.55 8.56 -32.36
CA ARG C 27 -38.31 7.70 -31.47
C ARG C 27 -38.96 6.55 -32.22
N ALA C 28 -39.06 6.63 -33.53
CA ALA C 28 -39.84 5.68 -34.31
C ALA C 28 -39.02 4.62 -35.01
N GLY C 29 -37.72 4.59 -34.80
CA GLY C 29 -36.91 3.61 -35.47
C GLY C 29 -36.90 3.87 -36.95
N TYR C 30 -36.79 5.13 -37.31
CA TYR C 30 -36.78 5.50 -38.71
C TYR C 30 -35.56 4.89 -39.38
N SER C 31 -35.83 3.90 -40.23
CA SER C 31 -34.79 3.17 -40.94
C SER C 31 -34.47 3.85 -42.24
N GLY C 32 -35.46 4.52 -42.82
CA GLY C 32 -35.23 5.12 -44.11
C GLY C 32 -36.48 5.44 -44.85
N ILE C 33 -36.29 5.77 -46.13
CA ILE C 33 -37.42 6.08 -47.00
C ILE C 33 -37.20 5.52 -48.39
N ASP C 34 -38.20 5.74 -49.23
CA ASP C 34 -38.10 5.55 -50.67
C ASP C 34 -39.10 6.48 -51.31
N ILE C 35 -38.83 6.87 -52.55
CA ILE C 35 -39.54 7.96 -53.21
C ILE C 35 -39.78 7.58 -54.65
N LYS C 36 -41.02 7.71 -55.11
CA LYS C 36 -41.37 7.45 -56.50
C LYS C 36 -42.24 8.60 -56.99
N LYS C 37 -41.94 9.11 -58.18
CA LYS C 37 -42.68 10.24 -58.74
C LYS C 37 -43.73 9.73 -59.72
N THR C 38 -44.81 9.20 -59.17
CA THR C 38 -45.91 8.75 -59.99
C THR C 38 -46.56 9.96 -60.67
N PRO C 39 -47.30 9.74 -61.75
CA PRO C 39 -47.88 10.88 -62.47
C PRO C 39 -48.80 11.74 -61.62
N LEU C 40 -49.71 11.11 -60.87
CA LEU C 40 -50.59 11.85 -59.97
C LEU C 40 -49.85 12.58 -58.87
N GLY C 41 -48.57 12.28 -58.66
CA GLY C 41 -47.83 12.95 -57.61
C GLY C 41 -46.67 12.08 -57.16
N THR C 42 -45.88 12.65 -56.25
CA THR C 42 -44.76 11.92 -55.70
C THR C 42 -45.16 11.26 -54.41
N LYS C 43 -45.05 9.94 -54.40
CA LYS C 43 -45.45 9.14 -53.25
C LYS C 43 -44.20 8.61 -52.60
N VAL C 44 -44.12 8.81 -51.31
CA VAL C 44 -42.96 8.38 -50.56
C VAL C 44 -43.43 7.40 -49.51
N VAL C 45 -42.48 6.60 -49.06
CA VAL C 45 -42.75 5.48 -48.17
C VAL C 45 -41.68 5.53 -47.12
N ILE C 46 -42.10 5.69 -45.88
CA ILE C 46 -41.20 5.75 -44.75
C ILE C 46 -41.14 4.38 -44.11
N PHE C 47 -39.96 3.76 -44.15
CA PHE C 47 -39.72 2.55 -43.41
C PHE C 47 -39.24 2.92 -42.02
N ALA C 48 -40.03 2.54 -41.01
CA ALA C 48 -39.75 2.83 -39.62
C ALA C 48 -40.26 1.68 -38.78
N ALA C 49 -40.00 1.76 -37.49
CA ALA C 49 -40.38 0.67 -36.59
C ALA C 49 -41.59 1.00 -35.71
N SER C 50 -42.02 2.25 -35.65
CA SER C 50 -43.27 2.61 -34.96
C SER C 50 -44.06 3.58 -35.82
N PRO C 51 -44.76 3.08 -36.84
CA PRO C 51 -45.70 3.92 -37.56
C PRO C 51 -46.71 4.56 -36.65
N GLY C 52 -47.03 3.93 -35.53
CA GLY C 52 -47.85 4.59 -34.53
C GLY C 52 -47.27 5.94 -34.16
N TYR C 53 -45.97 6.00 -33.93
CA TYR C 53 -45.36 7.27 -33.59
C TYR C 53 -45.30 8.19 -34.79
N VAL C 54 -45.12 7.67 -36.00
CA VAL C 54 -44.99 8.61 -37.11
C VAL C 54 -46.32 9.18 -37.55
N ILE C 55 -47.44 8.49 -37.28
CA ILE C 55 -48.76 9.04 -37.53
C ILE C 55 -49.24 9.88 -36.36
N GLY C 56 -48.88 9.51 -35.13
CA GLY C 56 -49.25 10.33 -34.00
C GLY C 56 -50.73 10.22 -33.67
N ARG C 57 -51.40 11.36 -33.70
CA ARG C 57 -52.78 11.49 -33.26
C ARG C 57 -53.68 11.63 -34.48
N GLY C 58 -54.10 10.49 -35.01
CA GLY C 58 -54.96 10.47 -36.17
C GLY C 58 -54.40 11.21 -37.37
N GLY C 59 -53.18 10.87 -37.77
CA GLY C 59 -52.61 11.44 -38.99
C GLY C 59 -52.08 12.84 -38.84
N ARG C 60 -52.12 13.40 -37.63
CA ARG C 60 -51.59 14.73 -37.38
C ARG C 60 -50.16 14.83 -37.90
N ARG C 61 -49.33 13.87 -37.52
CA ARG C 61 -47.92 13.95 -37.82
C ARG C 61 -47.65 13.86 -39.30
N ILE C 62 -48.22 12.87 -39.99
CA ILE C 62 -48.00 12.78 -41.43
C ILE C 62 -48.52 14.03 -42.11
N ARG C 63 -49.53 14.68 -41.54
CA ARG C 63 -50.08 15.85 -42.20
C ARG C 63 -49.11 17.02 -42.13
N GLU C 64 -48.66 17.38 -40.93
CA GLU C 64 -47.69 18.47 -40.89
C GLU C 64 -46.41 18.11 -41.61
N LEU C 65 -46.10 16.84 -41.65
CA LEU C 65 -44.92 16.33 -42.31
C LEU C 65 -44.99 16.52 -43.81
N THR C 66 -46.07 16.10 -44.44
CA THR C 66 -46.22 16.32 -45.87
C THR C 66 -46.26 17.80 -46.21
N ARG C 67 -46.84 18.63 -45.34
CA ARG C 67 -46.72 20.07 -45.57
C ARG C 67 -45.27 20.50 -45.66
N ILE C 68 -44.48 20.12 -44.66
CA ILE C 68 -43.05 20.39 -44.67
C ILE C 68 -42.42 19.87 -45.95
N LEU C 69 -42.78 18.66 -46.33
CA LEU C 69 -42.19 18.03 -47.50
C LEU C 69 -42.39 18.89 -48.73
N GLU C 70 -43.63 19.16 -49.11
CA GLU C 70 -43.83 19.94 -50.33
C GLU C 70 -43.29 21.34 -50.22
N ARG C 71 -43.23 21.91 -49.01
CA ARG C 71 -42.78 23.29 -48.89
C ARG C 71 -41.27 23.42 -48.92
N GLN C 72 -40.60 22.84 -47.94
CA GLN C 72 -39.16 23.05 -47.78
C GLN C 72 -38.36 22.31 -48.83
N PHE C 73 -38.94 21.27 -49.41
CA PHE C 73 -38.27 20.47 -50.42
C PHE C 73 -39.14 20.38 -51.66
N GLY C 74 -38.52 20.56 -52.81
CA GLY C 74 -39.22 20.57 -54.06
C GLY C 74 -39.89 19.24 -54.33
N LEU C 75 -41.21 19.21 -54.18
CA LEU C 75 -41.97 17.98 -54.34
C LEU C 75 -43.32 18.30 -54.96
N GLU C 76 -43.71 17.50 -55.97
CA GLU C 76 -44.90 17.80 -56.74
C GLU C 76 -46.17 17.65 -55.91
N ASN C 77 -46.36 16.49 -55.31
CA ASN C 77 -47.54 16.21 -54.52
C ASN C 77 -47.19 15.07 -53.58
N PRO C 78 -46.79 15.37 -52.35
CA PRO C 78 -46.41 14.28 -51.45
C PRO C 78 -47.57 13.39 -51.09
N GLN C 79 -47.28 12.10 -51.13
CA GLN C 79 -48.20 11.02 -50.81
C GLN C 79 -47.47 10.06 -49.89
N ILE C 80 -47.15 10.56 -48.71
CA ILE C 80 -46.54 9.78 -47.66
C ILE C 80 -47.40 8.58 -47.30
N GLU C 81 -46.78 7.41 -47.26
CA GLU C 81 -47.29 6.26 -46.55
C GLU C 81 -46.16 5.64 -45.77
N VAL C 82 -46.49 4.61 -45.01
CA VAL C 82 -45.60 4.10 -43.97
C VAL C 82 -45.53 2.59 -44.04
N GLU C 83 -44.39 2.07 -43.64
CA GLU C 83 -44.17 0.64 -43.64
C GLU C 83 -43.15 0.31 -42.55
N GLU C 84 -42.99 -0.99 -42.33
CA GLU C 84 -42.17 -1.53 -41.28
C GLU C 84 -40.90 -2.12 -41.83
N ILE C 85 -39.97 -2.35 -40.92
CA ILE C 85 -38.79 -3.14 -41.23
C ILE C 85 -39.12 -4.59 -40.98
N LYS C 86 -38.80 -5.44 -41.95
CA LYS C 86 -39.16 -6.84 -41.83
C LYS C 86 -38.37 -7.52 -40.71
N ASN C 87 -37.12 -7.11 -40.51
CA ASN C 87 -36.33 -7.58 -39.38
C ASN C 87 -35.51 -6.41 -38.83
N PRO C 88 -36.09 -5.60 -37.96
CA PRO C 88 -35.35 -4.46 -37.43
C PRO C 88 -34.18 -4.86 -36.60
N TYR C 89 -34.26 -6.01 -35.95
CA TYR C 89 -33.15 -6.53 -35.17
C TYR C 89 -31.98 -6.92 -36.04
N LEU C 90 -32.18 -7.03 -37.33
CA LEU C 90 -31.08 -7.12 -38.27
C LEU C 90 -30.71 -5.78 -38.85
N ASN C 91 -31.62 -4.83 -38.84
CA ASN C 91 -31.23 -3.46 -39.10
C ASN C 91 -30.41 -2.96 -37.93
N ALA C 92 -29.50 -2.03 -38.20
CA ALA C 92 -28.46 -1.69 -37.26
C ALA C 92 -28.46 -0.23 -36.86
N LYS C 93 -29.01 0.62 -37.70
CA LYS C 93 -29.20 2.01 -37.30
C LYS C 93 -30.41 2.15 -36.38
N VAL C 94 -31.44 1.33 -36.59
CA VAL C 94 -32.56 1.36 -35.66
C VAL C 94 -32.08 0.91 -34.30
N GLN C 95 -31.19 -0.06 -34.27
CA GLN C 95 -30.72 -0.59 -33.01
C GLN C 95 -29.77 0.36 -32.34
N ALA C 96 -28.92 1.01 -33.12
CA ALA C 96 -28.07 2.03 -32.57
C ALA C 96 -28.89 3.13 -31.93
N ILE C 97 -29.97 3.52 -32.59
CA ILE C 97 -30.78 4.59 -32.02
C ILE C 97 -31.56 4.11 -30.82
N ARG C 98 -32.02 2.87 -30.82
CA ARG C 98 -32.67 2.34 -29.64
C ARG C 98 -31.73 2.30 -28.45
N LEU C 99 -30.50 1.92 -28.70
CA LEU C 99 -29.49 1.92 -27.67
C LEU C 99 -29.17 3.30 -27.16
N ALA C 100 -29.08 4.28 -28.05
CA ALA C 100 -28.84 5.64 -27.60
C ALA C 100 -30.00 6.16 -26.79
N ARG C 101 -31.22 5.82 -27.22
CA ARG C 101 -32.41 6.18 -26.49
C ARG C 101 -32.39 5.58 -25.10
N ALA C 102 -31.92 4.35 -24.98
CA ALA C 102 -31.80 3.70 -23.69
C ALA C 102 -30.79 4.41 -22.80
N LEU C 103 -29.61 4.68 -23.33
CA LEU C 103 -28.58 5.35 -22.55
C LEU C 103 -29.05 6.72 -22.10
N GLU C 104 -29.93 7.33 -22.88
CA GLU C 104 -30.50 8.61 -22.47
C GLU C 104 -31.56 8.44 -21.40
N ARG C 105 -32.36 7.37 -21.48
CA ARG C 105 -33.24 7.03 -20.38
C ARG C 105 -32.46 6.91 -19.09
N GLY C 106 -31.25 6.38 -19.17
CA GLY C 106 -30.36 6.27 -18.03
C GLY C 106 -29.86 4.88 -17.77
N ILE C 107 -30.20 3.90 -18.62
CA ILE C 107 -29.73 2.54 -18.42
C ILE C 107 -28.21 2.49 -18.53
N HIS C 108 -27.61 1.62 -17.74
CA HIS C 108 -26.17 1.44 -17.79
C HIS C 108 -25.76 0.77 -19.08
N PHE C 109 -24.58 1.15 -19.56
CA PHE C 109 -24.21 0.82 -20.92
C PHE C 109 -23.91 -0.65 -21.11
N ARG C 110 -23.27 -1.30 -20.14
CA ARG C 110 -23.05 -2.73 -20.26
C ARG C 110 -24.36 -3.48 -20.36
N ARG C 111 -25.32 -3.11 -19.53
CA ARG C 111 -26.60 -3.80 -19.53
C ARG C 111 -27.32 -3.59 -20.85
N ALA C 112 -27.37 -2.36 -21.31
CA ALA C 112 -28.08 -2.07 -22.55
C ALA C 112 -27.44 -2.78 -23.72
N ALA C 113 -26.11 -2.70 -23.82
CA ALA C 113 -25.40 -3.34 -24.90
C ALA C 113 -25.60 -4.84 -24.91
N TYR C 114 -25.50 -5.48 -23.76
CA TYR C 114 -25.65 -6.93 -23.74
C TYR C 114 -27.08 -7.34 -24.00
N SER C 115 -28.04 -6.54 -23.57
CA SER C 115 -29.43 -6.79 -23.90
C SER C 115 -29.64 -6.77 -25.40
N ALA C 116 -29.14 -5.73 -26.05
CA ALA C 116 -29.33 -5.60 -27.49
C ALA C 116 -28.62 -6.71 -28.24
N ILE C 117 -27.43 -7.08 -27.78
CA ILE C 117 -26.71 -8.16 -28.41
C ILE C 117 -27.49 -9.45 -28.29
N ARG C 118 -27.99 -9.76 -27.09
CA ARG C 118 -28.79 -10.95 -26.91
C ARG C 118 -29.98 -10.96 -27.85
N ALA C 119 -30.65 -9.83 -27.94
CA ALA C 119 -31.82 -9.73 -28.80
C ALA C 119 -31.47 -9.99 -30.24
N ILE C 120 -30.39 -9.40 -30.72
CA ILE C 120 -30.03 -9.55 -32.11
C ILE C 120 -29.64 -10.97 -32.42
N MET C 121 -28.83 -11.57 -31.56
CA MET C 121 -28.34 -12.90 -31.82
C MET C 121 -29.41 -13.95 -31.58
N ARG C 122 -30.49 -13.61 -30.90
CA ARG C 122 -31.64 -14.50 -30.86
C ARG C 122 -32.56 -14.30 -32.05
N ASN C 123 -32.66 -13.08 -32.55
CA ASN C 123 -33.40 -12.79 -33.76
C ASN C 123 -32.65 -13.20 -35.01
N GLY C 124 -31.45 -13.75 -34.85
CA GLY C 124 -30.89 -14.60 -35.87
C GLY C 124 -29.74 -14.07 -36.65
N ALA C 125 -28.91 -13.22 -36.06
CA ALA C 125 -27.77 -12.67 -36.76
C ALA C 125 -26.53 -13.52 -36.54
N ARG C 126 -25.72 -13.65 -37.59
CA ARG C 126 -24.49 -14.40 -37.48
C ARG C 126 -23.48 -13.69 -36.61
N GLY C 127 -23.52 -12.38 -36.59
CA GLY C 127 -22.59 -11.64 -35.77
C GLY C 127 -23.03 -10.24 -35.45
N VAL C 128 -22.47 -9.69 -34.40
CA VAL C 128 -22.81 -8.35 -33.97
C VAL C 128 -21.67 -7.75 -33.19
N GLU C 129 -21.42 -6.48 -33.43
CA GLU C 129 -20.41 -5.71 -32.73
C GLU C 129 -21.00 -4.36 -32.39
N ILE C 130 -20.64 -3.86 -31.21
CA ILE C 130 -21.17 -2.62 -30.67
C ILE C 130 -20.03 -1.88 -30.01
N ARG C 131 -19.71 -0.70 -30.53
CA ARG C 131 -18.77 0.20 -29.87
C ARG C 131 -19.52 1.32 -29.20
N LEU C 132 -19.18 1.56 -27.96
CA LEU C 132 -19.62 2.74 -27.22
C LEU C 132 -18.38 3.55 -26.88
N SER C 133 -18.36 4.78 -27.30
CA SER C 133 -17.20 5.63 -27.14
C SER C 133 -17.58 6.96 -26.52
N GLY C 134 -16.98 7.27 -25.39
CA GLY C 134 -17.14 8.57 -24.81
C GLY C 134 -16.88 8.60 -23.33
N LYS C 135 -17.50 9.56 -22.65
CA LYS C 135 -17.32 9.73 -21.22
C LYS C 135 -18.13 8.69 -20.46
N LEU C 136 -17.72 7.45 -20.62
CA LEU C 136 -18.22 6.36 -19.82
C LEU C 136 -17.29 6.16 -18.64
N THR C 137 -17.88 5.97 -17.47
CA THR C 137 -17.11 5.67 -16.27
C THR C 137 -16.19 6.84 -15.91
N GLY C 138 -16.76 8.01 -15.88
CA GLY C 138 -16.08 9.20 -15.42
C GLY C 138 -15.85 10.22 -16.51
N GLU C 139 -14.84 11.05 -16.28
CA GLU C 139 -14.59 12.23 -17.08
C GLU C 139 -13.64 11.98 -18.23
N ARG C 140 -12.66 11.10 -18.06
CA ARG C 140 -11.82 10.71 -19.17
C ARG C 140 -12.56 9.69 -20.02
N ALA C 141 -12.51 9.86 -21.33
CA ALA C 141 -13.32 9.07 -22.21
C ALA C 141 -12.60 7.80 -22.62
N LYS C 142 -13.39 6.78 -22.89
CA LYS C 142 -12.86 5.50 -23.29
C LYS C 142 -13.83 4.87 -24.29
N SER C 143 -13.42 3.75 -24.85
CA SER C 143 -14.21 3.02 -25.81
C SER C 143 -14.33 1.57 -25.37
N VAL C 144 -15.49 1.00 -25.58
CA VAL C 144 -15.81 -0.36 -25.18
C VAL C 144 -16.48 -1.03 -26.35
N ARG C 145 -15.98 -2.18 -26.76
CA ARG C 145 -16.60 -2.97 -27.80
C ARG C 145 -17.14 -4.26 -27.20
N PHE C 146 -18.44 -4.42 -27.36
CA PHE C 146 -19.17 -5.62 -27.02
C PHE C 146 -19.47 -6.38 -28.29
N TYR C 147 -19.07 -7.64 -28.33
CA TYR C 147 -19.16 -8.39 -29.57
C TYR C 147 -19.62 -9.80 -29.28
N GLN C 148 -20.29 -10.37 -30.27
CA GLN C 148 -20.67 -11.76 -30.24
C GLN C 148 -20.80 -12.24 -31.66
N GLY C 149 -20.60 -13.53 -31.84
CA GLY C 149 -20.74 -14.10 -33.14
C GLY C 149 -19.55 -13.79 -34.03
N TYR C 150 -19.83 -13.83 -35.32
CA TYR C 150 -18.81 -13.81 -36.36
C TYR C 150 -19.02 -12.58 -37.23
N LEU C 151 -18.00 -11.73 -37.30
CA LEU C 151 -18.15 -10.46 -37.99
C LEU C 151 -16.90 -10.13 -38.78
N ALA C 152 -17.11 -9.78 -40.04
CA ALA C 152 -16.05 -9.29 -40.90
C ALA C 152 -15.98 -7.77 -40.88
N LYS C 153 -14.82 -7.25 -41.23
CA LYS C 153 -14.49 -5.84 -41.10
C LYS C 153 -14.05 -5.21 -42.40
N VAL C 154 -13.31 -5.97 -43.20
CA VAL C 154 -12.54 -5.44 -44.30
C VAL C 154 -12.90 -6.19 -45.56
N GLY C 155 -13.07 -5.44 -46.65
CA GLY C 155 -13.38 -5.98 -47.94
C GLY C 155 -14.77 -5.56 -48.41
N ASN C 156 -15.01 -5.89 -49.65
CA ASN C 156 -16.28 -5.68 -50.30
C ASN C 156 -17.40 -6.44 -49.61
N PRO C 157 -17.20 -7.68 -49.19
CA PRO C 157 -18.25 -8.35 -48.44
C PRO C 157 -18.64 -7.62 -47.17
N ALA C 158 -17.70 -7.00 -46.50
CA ALA C 158 -18.08 -6.14 -45.39
C ALA C 158 -18.83 -4.93 -45.87
N GLU C 159 -18.31 -4.25 -46.88
CA GLU C 159 -18.96 -3.05 -47.38
C GLU C 159 -20.37 -3.30 -47.87
N THR C 160 -20.71 -4.55 -48.18
CA THR C 160 -22.01 -4.89 -48.74
C THR C 160 -22.92 -5.55 -47.73
N LEU C 161 -22.48 -6.63 -47.13
CA LEU C 161 -23.34 -7.51 -46.37
C LEU C 161 -23.65 -6.98 -44.98
N VAL C 162 -22.65 -6.62 -44.23
CA VAL C 162 -22.87 -6.19 -42.87
C VAL C 162 -23.55 -4.84 -42.89
N SER C 163 -24.46 -4.63 -41.96
CA SER C 163 -25.17 -3.38 -41.85
C SER C 163 -24.57 -2.58 -40.71
N ARG C 164 -24.18 -1.35 -41.02
CA ARG C 164 -23.55 -0.44 -40.10
C ARG C 164 -24.55 0.62 -39.69
N GLY C 165 -24.51 0.98 -38.42
CA GLY C 165 -25.33 2.04 -37.91
C GLY C 165 -24.62 2.88 -36.89
N TYR C 166 -24.94 4.16 -36.84
CA TYR C 166 -24.30 5.08 -35.94
C TYR C 166 -25.35 5.97 -35.29
N ALA C 167 -25.12 6.29 -34.02
CA ALA C 167 -25.98 7.22 -33.32
C ALA C 167 -25.20 7.94 -32.24
N GLN C 168 -25.69 9.12 -31.90
CA GLN C 168 -25.23 9.84 -30.73
C GLN C 168 -26.26 9.70 -29.63
N ALA C 169 -25.77 9.51 -28.42
CA ALA C 169 -26.58 9.62 -27.23
C ALA C 169 -26.16 10.89 -26.53
N LYS C 170 -27.05 11.86 -26.50
CA LYS C 170 -26.79 13.15 -25.91
C LYS C 170 -27.25 13.10 -24.47
N LEU C 171 -26.31 12.92 -23.57
CA LEU C 171 -26.60 12.81 -22.16
C LEU C 171 -26.29 14.12 -21.45
N LYS C 172 -26.34 14.08 -20.13
CA LYS C 172 -26.18 15.28 -19.33
C LYS C 172 -24.77 15.85 -19.46
N LEU C 173 -23.78 14.98 -19.54
CA LEU C 173 -22.38 15.40 -19.50
C LEU C 173 -21.72 15.39 -20.87
N GLY C 174 -22.33 14.76 -21.85
CA GLY C 174 -21.84 14.83 -23.20
C GLY C 174 -22.33 13.67 -24.03
N VAL C 175 -21.65 13.48 -25.14
CA VAL C 175 -22.09 12.55 -26.17
C VAL C 175 -21.46 11.20 -25.96
N ILE C 176 -22.24 10.16 -26.20
CA ILE C 176 -21.77 8.80 -26.33
C ILE C 176 -21.99 8.39 -27.77
N GLY C 177 -20.92 7.99 -28.45
CA GLY C 177 -21.04 7.48 -29.78
C GLY C 177 -21.36 6.01 -29.75
N VAL C 178 -22.35 5.61 -30.55
CA VAL C 178 -22.81 4.24 -30.64
C VAL C 178 -22.62 3.80 -32.07
N LYS C 179 -21.66 2.90 -32.28
CA LYS C 179 -21.49 2.21 -33.54
C LYS C 179 -22.02 0.79 -33.39
N VAL C 180 -22.80 0.35 -34.37
CA VAL C 180 -23.35 -0.99 -34.38
C VAL C 180 -23.08 -1.60 -35.73
N SER C 181 -22.71 -2.86 -35.75
CA SER C 181 -22.47 -3.59 -36.97
C SER C 181 -23.06 -4.98 -36.84
N ILE C 182 -23.89 -5.35 -37.79
CA ILE C 182 -24.61 -6.62 -37.74
C ILE C 182 -24.39 -7.40 -39.02
N MET C 183 -24.01 -8.66 -38.85
CA MET C 183 -23.81 -9.56 -39.94
C MET C 183 -24.94 -10.58 -39.95
N PRO C 184 -25.78 -10.59 -40.96
CA PRO C 184 -26.90 -11.47 -40.96
C PRO C 184 -26.50 -12.86 -41.41
N PRO C 185 -27.46 -13.76 -41.53
CA PRO C 185 -27.20 -15.10 -42.06
C PRO C 185 -27.12 -15.16 -43.58
N ASP C 186 -25.97 -14.74 -44.10
CA ASP C 186 -25.65 -14.86 -45.50
C ASP C 186 -24.15 -15.05 -45.62
N ALA C 187 -23.73 -15.63 -46.75
CA ALA C 187 -22.46 -16.33 -46.82
C ALA C 187 -21.41 -15.53 -47.57
N LYS C 188 -20.16 -15.94 -47.37
CA LYS C 188 -18.98 -15.31 -47.94
C LYS C 188 -18.30 -16.24 -48.94
N LEU C 189 -17.18 -15.75 -49.47
CA LEU C 189 -16.47 -16.46 -50.53
C LEU C 189 -15.82 -17.74 -50.06
N PRO C 190 -15.02 -17.75 -49.01
CA PRO C 190 -14.21 -18.95 -48.74
C PRO C 190 -14.97 -20.10 -48.10
N ASP C 191 -16.30 -20.03 -48.12
CA ASP C 191 -17.10 -21.15 -47.62
C ASP C 191 -16.75 -22.42 -48.36
N GLU C 192 -17.07 -22.50 -49.65
CA GLU C 192 -16.69 -23.62 -50.51
C GLU C 192 -17.22 -24.94 -49.95
N ILE C 193 -18.53 -25.11 -50.05
CA ILE C 193 -19.16 -26.38 -49.68
C ILE C 193 -19.12 -27.34 -50.86
N ASP D 1 80.98 1.09 -39.13
CA ASP D 1 81.84 0.17 -39.85
C ASP D 1 81.16 -0.36 -41.10
N LYS D 2 81.86 -0.26 -42.22
CA LYS D 2 81.28 -0.72 -43.47
C LYS D 2 81.20 -2.24 -43.51
N TRP D 3 80.38 -2.73 -44.42
CA TRP D 3 80.10 -4.15 -44.56
C TRP D 3 81.01 -4.83 -45.57
N LYS D 4 81.99 -4.12 -46.13
CA LYS D 4 82.86 -4.66 -47.15
C LYS D 4 84.19 -5.11 -46.60
N MET D 5 84.54 -4.67 -45.40
CA MET D 5 85.67 -5.22 -44.65
C MET D 5 85.32 -6.52 -43.94
N LYS D 6 84.16 -7.09 -44.22
CA LYS D 6 83.71 -8.31 -43.58
C LYS D 6 84.07 -9.51 -44.45
N GLU D 7 84.61 -10.55 -43.82
CA GLU D 7 84.91 -11.81 -44.47
C GLU D 7 84.04 -12.91 -43.87
N TRP D 8 83.70 -13.88 -44.70
CA TRP D 8 82.50 -14.70 -44.51
C TRP D 8 82.63 -15.82 -43.50
N TYR D 9 83.85 -16.16 -43.08
CA TYR D 9 84.19 -17.15 -42.04
C TYR D 9 83.25 -18.36 -42.05
N VAL D 10 83.44 -19.22 -43.06
CA VAL D 10 82.72 -20.49 -43.12
C VAL D 10 82.85 -21.26 -41.82
N VAL D 11 81.72 -21.82 -41.37
CA VAL D 11 81.59 -22.45 -40.07
C VAL D 11 81.30 -23.93 -40.24
N TYR D 12 82.14 -24.76 -39.60
CA TYR D 12 82.07 -26.21 -39.62
C TYR D 12 81.64 -26.76 -38.27
N ALA D 13 80.84 -27.82 -38.34
CA ALA D 13 80.41 -28.55 -37.18
C ALA D 13 81.57 -29.29 -36.53
N PRO D 14 81.36 -29.91 -35.39
CA PRO D 14 82.43 -30.68 -34.76
C PRO D 14 82.75 -31.97 -35.48
N ASP D 15 83.71 -32.71 -34.90
CA ASP D 15 84.16 -33.95 -35.51
C ASP D 15 83.10 -35.04 -35.41
N PHE D 16 82.58 -35.27 -34.20
CA PHE D 16 81.73 -36.42 -33.95
C PHE D 16 80.34 -36.27 -34.54
N PHE D 17 80.04 -35.10 -35.09
CA PHE D 17 78.88 -34.92 -35.93
C PHE D 17 79.22 -35.03 -37.41
N GLY D 18 80.50 -35.06 -37.74
CA GLY D 18 80.93 -35.00 -39.11
C GLY D 18 81.19 -33.55 -39.45
N SER D 19 82.46 -33.16 -39.57
CA SER D 19 82.80 -31.74 -39.63
C SER D 19 82.39 -31.15 -40.98
N LYS D 20 81.07 -31.09 -41.18
CA LYS D 20 80.49 -30.50 -42.35
C LYS D 20 80.41 -28.99 -42.18
N GLU D 21 80.28 -28.29 -43.30
CA GLU D 21 79.97 -26.88 -43.21
C GLU D 21 78.51 -26.71 -42.84
N ILE D 22 78.29 -26.03 -41.71
CA ILE D 22 76.94 -25.69 -41.27
C ILE D 22 76.58 -24.26 -41.56
N GLY D 23 77.53 -23.45 -42.00
CA GLY D 23 77.17 -22.15 -42.53
C GLY D 23 78.37 -21.28 -42.77
N LEU D 24 78.17 -19.98 -42.63
CA LEU D 24 79.26 -19.03 -42.74
C LEU D 24 78.83 -17.72 -42.10
N THR D 25 79.66 -17.20 -41.21
CA THR D 25 79.37 -15.94 -40.55
C THR D 25 80.31 -14.86 -41.08
N PRO D 26 79.82 -13.64 -41.29
CA PRO D 26 80.72 -12.54 -41.63
C PRO D 26 81.28 -11.91 -40.38
N ALA D 27 82.53 -11.50 -40.46
CA ALA D 27 83.12 -10.68 -39.41
C ALA D 27 84.47 -10.18 -39.86
N ASP D 28 85.03 -9.33 -39.04
CA ASP D 28 86.43 -8.95 -39.06
C ASP D 28 86.97 -9.10 -37.66
N GLU D 29 88.29 -9.09 -37.55
CA GLU D 29 88.93 -9.34 -36.27
C GLU D 29 88.43 -10.66 -35.70
N PRO D 30 88.88 -11.80 -36.24
CA PRO D 30 88.21 -13.09 -35.95
C PRO D 30 87.99 -13.44 -34.49
N GLU D 31 88.58 -12.67 -33.58
CA GLU D 31 88.18 -12.69 -32.18
C GLU D 31 86.69 -12.41 -31.99
N LYS D 32 86.04 -11.79 -32.96
CA LYS D 32 84.63 -11.42 -32.83
C LYS D 32 83.68 -12.58 -33.02
N VAL D 33 84.12 -13.66 -33.69
CA VAL D 33 83.24 -14.79 -33.95
C VAL D 33 83.49 -15.94 -32.99
N ILE D 34 84.28 -15.71 -31.94
CA ILE D 34 84.63 -16.78 -31.03
C ILE D 34 83.38 -17.33 -30.34
N GLY D 35 82.69 -16.51 -29.60
CA GLY D 35 81.58 -16.99 -28.82
C GLY D 35 80.32 -17.29 -29.59
N ARG D 36 80.34 -17.12 -30.90
CA ARG D 36 79.11 -17.13 -31.67
C ARG D 36 78.53 -18.53 -31.72
N VAL D 37 77.22 -18.58 -31.98
CA VAL D 37 76.43 -19.78 -31.83
C VAL D 37 75.57 -19.96 -33.08
N ILE D 38 75.46 -21.21 -33.53
CA ILE D 38 74.69 -21.57 -34.71
C ILE D 38 73.72 -22.66 -34.30
N GLU D 39 72.51 -22.61 -34.85
CA GLU D 39 71.50 -23.62 -34.60
C GLU D 39 71.08 -24.28 -35.91
N THR D 40 71.04 -25.61 -35.91
CA THR D 40 70.66 -26.36 -37.09
C THR D 40 69.85 -27.60 -36.72
N THR D 41 68.92 -27.97 -37.59
CA THR D 41 67.88 -28.95 -37.28
C THR D 41 68.29 -30.36 -37.70
N LEU D 42 69.45 -30.78 -37.21
CA LEU D 42 70.03 -32.06 -37.59
C LEU D 42 70.15 -32.20 -39.10
N ARG D 43 70.31 -31.06 -39.78
CA ARG D 43 70.65 -31.07 -41.19
C ARG D 43 72.12 -31.34 -41.41
N ASP D 44 72.87 -31.53 -40.33
CA ASP D 44 74.10 -32.28 -40.42
C ASP D 44 73.87 -33.59 -41.16
N LEU D 45 73.12 -34.49 -40.56
CA LEU D 45 72.74 -35.76 -41.18
C LEU D 45 71.28 -35.71 -41.63
N THR D 46 71.06 -35.03 -42.74
CA THR D 46 69.70 -34.85 -43.27
C THR D 46 69.30 -35.96 -44.21
N GLY D 47 69.87 -37.15 -44.07
CA GLY D 47 69.32 -38.31 -44.73
C GLY D 47 68.13 -38.89 -43.98
N ASP D 48 67.62 -38.16 -42.98
CA ASP D 48 66.37 -38.53 -42.32
C ASP D 48 65.57 -37.25 -42.09
N PHE D 49 64.31 -37.28 -42.48
CA PHE D 49 63.36 -36.25 -42.08
C PHE D 49 62.66 -36.60 -40.78
N THR D 50 63.04 -37.72 -40.15
CA THR D 50 62.49 -38.08 -38.86
C THR D 50 62.82 -37.05 -37.79
N LYS D 51 63.80 -36.19 -38.01
CA LYS D 51 64.36 -35.34 -36.98
C LYS D 51 64.52 -33.91 -37.46
N GLY D 52 63.50 -33.38 -38.12
CA GLY D 52 63.50 -31.98 -38.46
C GLY D 52 63.24 -31.06 -37.29
N GLN D 53 62.95 -31.62 -36.13
CA GLN D 53 62.53 -30.87 -34.95
C GLN D 53 63.62 -30.79 -33.89
N VAL D 54 64.83 -31.23 -34.19
CA VAL D 54 65.87 -31.41 -33.19
C VAL D 54 66.90 -30.31 -33.42
N LYS D 55 66.75 -29.21 -32.70
CA LYS D 55 67.66 -28.09 -32.89
C LYS D 55 68.92 -28.29 -32.09
N LEU D 56 70.05 -28.26 -32.77
CA LEU D 56 71.36 -28.42 -32.19
C LEU D 56 72.06 -27.08 -32.22
N TYR D 57 72.56 -26.66 -31.07
CA TYR D 57 73.27 -25.41 -30.91
C TYR D 57 74.75 -25.72 -30.73
N PHE D 58 75.54 -25.28 -31.70
CA PHE D 58 76.99 -25.33 -31.66
C PHE D 58 77.56 -23.93 -31.42
N GLN D 59 78.76 -23.89 -30.88
CA GLN D 59 79.44 -22.65 -30.53
C GLN D 59 80.85 -22.65 -31.08
N ILE D 60 81.19 -21.60 -31.83
CA ILE D 60 82.53 -21.47 -32.41
C ILE D 60 83.58 -21.52 -31.31
N TYR D 61 84.69 -22.19 -31.61
CA TYR D 61 85.72 -22.48 -30.61
C TYR D 61 87.07 -21.86 -30.96
N ASP D 62 87.65 -22.26 -32.09
CA ASP D 62 89.06 -21.98 -32.38
C ASP D 62 89.30 -21.72 -33.86
N VAL D 63 88.58 -20.74 -34.42
CA VAL D 63 88.79 -20.33 -35.82
C VAL D 63 90.26 -20.27 -36.21
N LYS D 64 90.60 -20.90 -37.34
CA LYS D 64 91.99 -21.02 -37.77
C LYS D 64 92.35 -19.94 -38.78
N GLY D 65 91.70 -19.99 -39.94
CA GLY D 65 91.69 -18.90 -40.89
C GLY D 65 90.69 -19.24 -41.96
N GLN D 66 89.73 -18.35 -42.14
CA GLN D 66 88.54 -18.60 -42.97
C GLN D 66 87.94 -19.99 -42.71
N ASN D 67 88.06 -20.47 -41.48
CA ASN D 67 87.50 -21.75 -41.11
C ASN D 67 87.26 -21.72 -39.61
N ALA D 68 86.00 -21.66 -39.21
CA ALA D 68 85.59 -21.59 -37.82
C ALA D 68 85.00 -22.92 -37.40
N TYR D 69 85.68 -23.60 -36.48
CA TYR D 69 85.29 -24.92 -36.01
C TYR D 69 84.50 -24.79 -34.71
N THR D 70 83.46 -25.61 -34.57
CA THR D 70 82.54 -25.45 -33.45
C THR D 70 82.60 -26.61 -32.48
N LYS D 71 82.02 -26.37 -31.31
CA LYS D 71 81.79 -27.35 -30.26
C LYS D 71 80.29 -27.52 -30.03
N PHE D 72 79.92 -28.66 -29.48
CA PHE D 72 78.55 -28.91 -29.11
C PHE D 72 78.22 -28.19 -27.82
N LYS D 73 77.20 -27.35 -27.86
CA LYS D 73 76.73 -26.60 -26.71
C LYS D 73 75.46 -27.20 -26.14
N GLY D 74 74.55 -27.61 -27.02
CA GLY D 74 73.40 -28.33 -26.55
C GLY D 74 72.43 -28.63 -27.65
N HIS D 75 71.28 -29.13 -27.25
CA HIS D 75 70.18 -29.26 -28.17
C HIS D 75 68.88 -29.15 -27.42
N THR D 76 67.84 -28.87 -28.18
CA THR D 76 66.49 -28.78 -27.70
C THR D 76 65.57 -29.38 -28.74
N LEU D 77 64.36 -29.67 -28.29
CA LEU D 77 63.30 -30.01 -29.22
C LEU D 77 62.46 -28.78 -29.53
N ALA D 78 61.82 -28.81 -30.68
CA ALA D 78 61.04 -27.67 -31.13
C ALA D 78 59.72 -27.57 -30.37
N ARG D 79 59.41 -26.32 -30.01
CA ARG D 79 58.18 -26.00 -29.30
C ARG D 79 56.95 -26.55 -30.01
N SER D 80 56.95 -26.53 -31.33
CA SER D 80 55.86 -27.14 -32.08
C SER D 80 55.68 -28.60 -31.70
N TYR D 81 56.77 -29.37 -31.69
CA TYR D 81 56.71 -30.77 -31.37
C TYR D 81 56.21 -30.98 -29.95
N ILE D 82 56.70 -30.17 -29.02
CA ILE D 82 56.33 -30.39 -27.63
C ILE D 82 54.87 -30.03 -27.39
N ARG D 83 54.40 -28.95 -27.99
CA ARG D 83 53.01 -28.56 -27.84
C ARG D 83 52.09 -29.49 -28.61
N SER D 84 52.61 -30.23 -29.57
CA SER D 84 51.83 -31.31 -30.15
C SER D 84 51.76 -32.48 -29.20
N LEU D 85 52.81 -32.70 -28.44
CA LEU D 85 52.86 -33.85 -27.56
C LEU D 85 51.92 -33.66 -26.38
N VAL D 86 52.02 -32.52 -25.72
CA VAL D 86 51.31 -32.31 -24.47
C VAL D 86 49.86 -31.94 -24.77
N ARG D 87 48.95 -32.87 -24.48
CA ARG D 87 47.53 -32.71 -24.67
C ARG D 87 46.83 -32.98 -23.35
N ARG D 88 45.52 -32.80 -23.37
CA ARG D 88 44.69 -33.12 -22.22
C ARG D 88 44.32 -34.60 -22.25
N ARG D 89 43.91 -35.10 -21.09
CA ARG D 89 43.70 -36.52 -20.87
C ARG D 89 44.96 -37.29 -21.21
N THR D 90 46.09 -36.67 -20.91
CA THR D 90 47.41 -37.16 -21.26
C THR D 90 48.34 -36.65 -20.17
N THR D 91 49.42 -37.38 -19.93
CA THR D 91 50.27 -37.10 -18.78
C THR D 91 51.69 -36.83 -19.21
N ARG D 92 52.31 -35.82 -18.59
CA ARG D 92 53.64 -35.36 -18.94
C ARG D 92 54.56 -35.56 -17.75
N ILE D 93 55.64 -36.30 -17.97
CA ILE D 93 56.58 -36.64 -16.92
C ILE D 93 57.95 -36.16 -17.36
N ASP D 94 58.42 -35.10 -16.75
CA ASP D 94 59.72 -34.54 -17.06
C ASP D 94 60.73 -34.91 -15.99
N GLY D 95 62.00 -34.94 -16.40
CA GLY D 95 63.08 -35.18 -15.49
C GLY D 95 64.32 -34.44 -15.89
N ILE D 96 64.83 -33.65 -14.97
CA ILE D 96 66.02 -32.85 -15.17
C ILE D 96 67.10 -33.41 -14.26
N PHE D 97 68.20 -33.82 -14.85
CA PHE D 97 69.26 -34.51 -14.15
C PHE D 97 70.62 -33.97 -14.55
N ASN D 98 71.47 -33.78 -13.56
CA ASN D 98 72.86 -33.42 -13.79
C ASN D 98 73.70 -34.68 -13.85
N VAL D 99 74.53 -34.80 -14.88
CA VAL D 99 75.32 -36.00 -15.09
C VAL D 99 76.71 -35.63 -15.56
N THR D 100 77.68 -36.36 -15.03
CA THR D 100 79.05 -36.34 -15.51
C THR D 100 79.28 -37.60 -16.33
N THR D 101 79.76 -37.40 -17.55
CA THR D 101 80.07 -38.53 -18.41
C THR D 101 81.31 -39.25 -17.90
N LYS D 102 81.69 -40.30 -18.61
CA LYS D 102 82.87 -41.07 -18.23
C LYS D 102 84.13 -40.22 -18.32
N ASP D 103 84.12 -39.17 -19.14
CA ASP D 103 85.29 -38.37 -19.42
C ASP D 103 85.23 -36.97 -18.83
N GLY D 104 84.24 -36.66 -18.00
CA GLY D 104 84.24 -35.45 -17.21
C GLY D 104 83.40 -34.32 -17.73
N TYR D 105 82.66 -34.52 -18.80
CA TYR D 105 81.75 -33.49 -19.29
C TYR D 105 80.50 -33.47 -18.42
N LYS D 106 80.19 -32.29 -17.89
CA LYS D 106 79.00 -32.09 -17.09
C LYS D 106 77.86 -31.63 -17.98
N LEU D 107 76.73 -32.31 -17.88
CA LEU D 107 75.56 -32.00 -18.68
C LEU D 107 74.34 -31.91 -17.78
N ARG D 108 73.41 -31.06 -18.20
CA ARG D 108 72.05 -31.06 -17.68
C ARG D 108 71.16 -31.63 -18.76
N VAL D 109 70.49 -32.73 -18.42
CA VAL D 109 69.66 -33.48 -19.34
C VAL D 109 68.23 -33.36 -18.87
N MET D 110 67.39 -32.73 -19.69
CA MET D 110 65.98 -32.54 -19.40
C MET D 110 65.23 -33.43 -20.36
N GLY D 111 65.01 -34.67 -19.92
CA GLY D 111 64.21 -35.61 -20.67
C GLY D 111 62.77 -35.60 -20.25
N MET D 112 61.95 -36.30 -21.03
CA MET D 112 60.51 -36.21 -20.87
C MET D 112 59.84 -37.41 -21.52
N VAL D 113 58.75 -37.86 -20.93
CA VAL D 113 57.92 -38.87 -21.54
C VAL D 113 56.47 -38.46 -21.37
N ILE D 114 55.63 -39.09 -22.18
CA ILE D 114 54.23 -38.74 -22.32
C ILE D 114 53.46 -40.03 -22.19
N ALA D 115 52.75 -40.18 -21.09
CA ALA D 115 51.89 -41.32 -20.90
C ALA D 115 50.51 -41.02 -21.45
N TYR D 116 49.88 -42.08 -21.97
CA TYR D 116 48.68 -41.95 -22.77
C TYR D 116 47.56 -41.25 -22.02
N ARG D 117 47.39 -41.59 -20.76
CA ARG D 117 46.24 -41.16 -19.99
C ARG D 117 46.68 -40.42 -18.73
N ARG D 118 45.69 -39.91 -18.02
CA ARG D 118 45.86 -39.30 -16.72
C ARG D 118 46.20 -40.40 -15.73
N ILE D 119 47.38 -40.31 -15.12
CA ILE D 119 47.87 -41.36 -14.25
C ILE D 119 48.24 -40.77 -12.91
N GLN D 120 48.70 -41.64 -12.02
CA GLN D 120 48.97 -41.29 -10.65
C GLN D 120 50.36 -40.71 -10.48
N THR D 121 50.48 -39.87 -9.48
CA THR D 121 51.73 -39.19 -9.16
C THR D 121 52.80 -40.18 -8.79
N SER D 122 52.41 -41.30 -8.18
CA SER D 122 53.35 -42.32 -7.80
C SER D 122 53.96 -43.01 -9.02
N GLN D 123 53.13 -43.37 -9.97
CA GLN D 123 53.54 -43.80 -11.28
C GLN D 123 54.44 -42.80 -12.00
N GLU D 124 54.07 -41.53 -11.99
CA GLU D 124 54.90 -40.48 -12.55
C GLU D 124 56.30 -40.47 -11.97
N ARG D 125 56.42 -40.56 -10.65
CA ARG D 125 57.73 -40.50 -10.04
C ARG D 125 58.49 -41.81 -10.17
N ALA D 126 57.78 -42.92 -10.31
CA ALA D 126 58.42 -44.18 -10.68
C ALA D 126 59.07 -44.08 -12.05
N ILE D 127 58.35 -43.53 -13.01
CA ILE D 127 58.93 -43.31 -14.33
C ILE D 127 60.08 -42.31 -14.27
N ARG D 128 59.94 -41.27 -13.46
CA ARG D 128 61.04 -40.34 -13.28
C ARG D 128 62.28 -41.05 -12.76
N GLU D 129 62.08 -42.03 -11.88
CA GLU D 129 63.19 -42.83 -11.38
C GLU D 129 63.79 -43.69 -12.48
N ILE D 130 62.94 -44.26 -13.32
CA ILE D 130 63.41 -45.05 -14.46
C ILE D 130 64.32 -44.21 -15.34
N ILE D 131 63.84 -43.03 -15.70
CA ILE D 131 64.62 -42.10 -16.51
C ILE D 131 65.94 -41.80 -15.85
N ARG D 132 65.91 -41.48 -14.56
CA ARG D 132 67.14 -41.16 -13.84
C ARG D 132 68.12 -42.30 -13.93
N ASP D 133 67.65 -43.53 -13.75
CA ASP D 133 68.54 -44.67 -13.70
C ASP D 133 69.18 -44.92 -15.05
N ILE D 134 68.37 -44.91 -16.11
CA ILE D 134 68.90 -45.08 -17.45
C ILE D 134 69.94 -44.02 -17.77
N ILE D 135 69.59 -42.76 -17.53
CA ILE D 135 70.49 -41.67 -17.89
C ILE D 135 71.79 -41.76 -17.10
N TYR D 136 71.70 -42.06 -15.81
CA TYR D 136 72.89 -42.13 -14.99
C TYR D 136 73.82 -43.24 -15.45
N LYS D 137 73.29 -44.43 -15.71
CA LYS D 137 74.16 -45.52 -16.13
C LYS D 137 74.71 -45.27 -17.53
N LYS D 138 73.91 -44.73 -18.44
CA LYS D 138 74.43 -44.41 -19.76
C LYS D 138 75.54 -43.38 -19.66
N ALA D 139 75.40 -42.41 -18.76
CA ALA D 139 76.42 -41.38 -18.65
C ALA D 139 77.71 -41.94 -18.10
N GLU D 140 77.63 -42.74 -17.06
CA GLU D 140 78.85 -43.27 -16.48
C GLU D 140 79.53 -44.31 -17.35
N GLU D 141 78.78 -45.00 -18.23
CA GLU D 141 79.39 -46.00 -19.09
C GLU D 141 79.79 -45.48 -20.46
N LEU D 142 79.18 -44.40 -20.93
CA LEU D 142 79.48 -43.83 -22.23
C LEU D 142 80.26 -42.53 -22.10
N ASN D 143 80.81 -42.09 -23.22
CA ASN D 143 81.48 -40.81 -23.29
C ASN D 143 80.53 -39.72 -23.81
N TYR D 144 81.00 -38.49 -23.71
CA TYR D 144 80.25 -37.33 -24.17
C TYR D 144 79.73 -37.49 -25.58
N ARG D 145 80.56 -37.99 -26.49
CA ARG D 145 80.22 -38.03 -27.90
C ARG D 145 79.08 -38.99 -28.17
N ASP D 146 79.26 -40.27 -27.85
CA ASP D 146 78.23 -41.24 -28.16
C ASP D 146 76.99 -41.03 -27.31
N PHE D 147 77.16 -40.47 -26.10
CA PHE D 147 75.99 -40.09 -25.31
C PHE D 147 75.14 -39.07 -26.08
N VAL D 148 75.75 -37.97 -26.48
CA VAL D 148 75.04 -36.94 -27.23
C VAL D 148 74.42 -37.53 -28.48
N LEU D 149 75.14 -38.42 -29.15
CA LEU D 149 74.60 -38.98 -30.38
C LEU D 149 73.38 -39.81 -30.13
N GLU D 150 73.43 -40.66 -29.11
CA GLU D 150 72.26 -41.41 -28.65
C GLU D 150 71.06 -40.49 -28.46
N ALA D 151 71.28 -39.39 -27.75
CA ALA D 151 70.21 -38.52 -27.29
C ALA D 151 69.62 -37.68 -28.42
N VAL D 152 70.45 -37.21 -29.34
CA VAL D 152 69.92 -36.49 -30.49
C VAL D 152 69.29 -37.46 -31.46
N SER D 153 69.77 -38.69 -31.48
CA SER D 153 69.01 -39.85 -31.90
C SER D 153 68.04 -40.23 -30.79
N GLY D 154 67.58 -41.44 -30.83
CA GLY D 154 66.49 -41.90 -30.00
C GLY D 154 66.67 -43.26 -29.40
N LYS D 155 67.90 -43.75 -29.38
CA LYS D 155 68.17 -45.03 -28.74
C LYS D 155 67.82 -44.96 -27.26
N MET D 156 68.17 -43.86 -26.61
CA MET D 156 67.86 -43.67 -25.20
C MET D 156 66.37 -43.54 -24.97
N ALA D 157 65.71 -42.68 -25.74
CA ALA D 157 64.27 -42.55 -25.63
C ALA D 157 63.56 -43.86 -25.89
N ALA D 158 64.12 -44.69 -26.74
CA ALA D 158 63.50 -45.98 -27.04
C ALA D 158 63.66 -46.94 -25.90
N GLU D 159 64.84 -46.95 -25.28
CA GLU D 159 65.07 -47.76 -24.09
C GLU D 159 64.12 -47.35 -22.96
N ILE D 160 63.83 -46.04 -22.90
CA ILE D 160 63.01 -45.44 -21.86
C ILE D 160 61.53 -45.70 -22.08
N ALA D 161 61.06 -45.60 -23.31
CA ALA D 161 59.72 -46.08 -23.61
C ALA D 161 59.58 -47.54 -23.26
N LYS D 162 60.45 -48.37 -23.81
CA LYS D 162 60.73 -49.63 -23.15
C LYS D 162 61.40 -49.32 -21.82
N GLU D 163 61.45 -50.28 -20.94
CA GLU D 163 61.80 -50.14 -19.54
C GLU D 163 60.97 -49.12 -18.74
N ALA D 164 59.99 -48.43 -19.35
CA ALA D 164 58.94 -47.79 -18.58
C ALA D 164 57.54 -48.15 -19.02
N ARG D 165 57.39 -48.93 -20.08
CA ARG D 165 56.09 -49.49 -20.40
C ARG D 165 55.56 -50.35 -19.26
N ARG D 166 56.43 -50.81 -18.37
CA ARG D 166 56.05 -51.64 -17.24
C ARG D 166 55.39 -50.87 -16.11
N ILE D 167 55.48 -49.55 -16.08
CA ILE D 167 54.74 -48.73 -15.16
C ILE D 167 53.43 -48.26 -15.77
N TYR D 168 53.49 -47.76 -17.00
CA TYR D 168 52.29 -47.41 -17.72
C TYR D 168 52.63 -47.33 -19.20
N PRO D 169 51.71 -47.66 -20.10
CA PRO D 169 51.94 -47.44 -21.52
C PRO D 169 52.30 -46.00 -21.84
N ILE D 170 53.17 -45.85 -22.82
CA ILE D 170 53.84 -44.60 -23.10
C ILE D 170 53.62 -44.22 -24.55
N LYS D 171 53.51 -42.93 -24.80
CA LYS D 171 53.30 -42.37 -26.12
C LYS D 171 54.44 -41.41 -26.43
N ARG D 172 55.47 -41.91 -27.12
CA ARG D 172 56.47 -41.05 -27.73
C ARG D 172 57.26 -40.28 -26.68
N ALA D 173 58.03 -41.04 -25.90
CA ALA D 173 59.08 -40.46 -25.07
C ALA D 173 60.12 -39.74 -25.90
N GLU D 174 60.94 -38.95 -25.22
CA GLU D 174 61.93 -38.10 -25.85
C GLU D 174 63.04 -37.80 -24.85
N ILE D 175 63.97 -36.96 -25.28
CA ILE D 175 65.03 -36.45 -24.41
C ILE D 175 64.96 -34.95 -24.25
N ARG D 176 64.42 -34.23 -25.22
CA ARG D 176 63.88 -32.88 -25.15
C ARG D 176 64.89 -31.79 -24.90
N LYS D 177 65.98 -32.08 -24.19
CA LYS D 177 66.99 -31.07 -24.01
C LYS D 177 68.27 -31.61 -23.39
N ILE D 178 69.40 -31.12 -23.89
CA ILE D 178 70.67 -31.26 -23.22
C ILE D 178 71.37 -29.92 -23.30
N LYS D 179 72.01 -29.52 -22.21
CA LYS D 179 72.85 -28.33 -22.20
C LYS D 179 74.15 -28.66 -21.50
N VAL D 180 75.26 -28.22 -22.08
CA VAL D 180 76.56 -28.51 -21.52
C VAL D 180 76.92 -27.44 -20.50
N LEU D 181 77.60 -27.85 -19.43
CA LEU D 181 78.03 -26.96 -18.38
C LEU D 181 79.54 -26.84 -18.29
N ALA D 182 80.25 -27.91 -18.64
CA ALA D 182 81.69 -27.97 -18.45
C ALA D 182 82.27 -29.02 -19.36
N GLU D 183 83.57 -28.90 -19.65
CA GLU D 183 84.25 -29.81 -20.58
C GLU D 183 85.68 -30.07 -20.13
N PRO D 184 85.88 -30.57 -18.89
CA PRO D 184 87.18 -31.21 -18.70
C PRO D 184 87.28 -32.53 -19.45
N ASP E 1 -8.01 -7.50 45.26
CA ASP E 1 -8.17 -8.37 44.13
C ASP E 1 -9.53 -9.07 44.18
N PRO E 2 -10.62 -8.32 44.39
CA PRO E 2 -11.88 -8.97 44.76
C PRO E 2 -12.87 -9.31 43.63
N LYS E 3 -14.07 -9.73 44.06
CA LYS E 3 -15.04 -10.45 43.23
C LYS E 3 -15.33 -9.77 41.90
N ARG E 4 -15.91 -8.57 41.94
CA ARG E 4 -16.28 -7.85 40.73
C ARG E 4 -17.36 -8.55 39.88
N GLN E 5 -18.61 -8.42 40.33
CA GLN E 5 -19.79 -8.88 39.59
C GLN E 5 -19.68 -8.66 38.09
N ARG E 6 -19.92 -9.74 37.36
CA ARG E 6 -19.74 -9.80 35.92
C ARG E 6 -21.08 -9.97 35.22
N LYS E 7 -21.12 -9.50 33.98
CA LYS E 7 -22.29 -9.67 33.15
C LYS E 7 -22.64 -11.13 32.96
N LYS E 8 -23.93 -11.39 32.79
CA LYS E 8 -24.45 -12.70 32.50
C LYS E 8 -24.95 -12.81 31.07
N TYR E 9 -24.46 -11.95 30.20
CA TYR E 9 -24.69 -12.04 28.77
C TYR E 9 -23.38 -11.81 28.06
N GLU E 10 -23.23 -12.47 26.92
CA GLU E 10 -22.07 -12.35 26.06
C GLU E 10 -22.46 -11.64 24.78
N THR E 11 -21.65 -10.70 24.39
CA THR E 11 -21.82 -10.00 23.12
C THR E 11 -21.07 -10.70 22.02
N PRO E 12 -21.46 -10.50 20.76
CA PRO E 12 -20.82 -11.18 19.66
C PRO E 12 -19.44 -10.65 19.34
N SER E 13 -18.66 -11.54 18.75
CA SER E 13 -17.27 -11.29 18.46
C SER E 13 -17.11 -10.21 17.41
N HIS E 14 -18.02 -10.16 16.45
CA HIS E 14 -18.09 -9.11 15.49
C HIS E 14 -19.48 -8.51 15.52
N PRO E 15 -19.60 -7.18 15.48
CA PRO E 15 -20.92 -6.56 15.63
C PRO E 15 -21.73 -6.45 14.36
N TRP E 16 -21.13 -6.69 13.20
CA TRP E 16 -21.73 -6.34 11.92
C TRP E 16 -21.60 -7.48 10.93
N ILE E 17 -21.99 -8.67 11.36
CA ILE E 17 -22.15 -9.81 10.46
C ILE E 17 -23.58 -9.82 9.95
N LYS E 18 -23.73 -9.85 8.63
CA LYS E 18 -25.05 -9.76 8.02
C LYS E 18 -25.93 -10.94 8.36
N GLU E 19 -25.36 -12.14 8.37
CA GLU E 19 -26.09 -13.35 8.72
C GLU E 19 -26.66 -13.28 10.12
N ARG E 20 -25.81 -13.00 11.11
CA ARG E 20 -26.23 -12.92 12.49
C ARG E 20 -27.25 -11.81 12.67
N LEU E 21 -27.03 -10.68 12.03
CA LEU E 21 -27.95 -9.56 12.14
C LEU E 21 -29.32 -9.93 11.63
N ASP E 22 -29.41 -10.51 10.44
CA ASP E 22 -30.68 -10.93 9.89
C ASP E 22 -31.41 -11.91 10.81
N ARG E 23 -30.72 -12.98 11.18
CA ARG E 23 -31.26 -13.97 12.09
C ARG E 23 -31.80 -13.35 13.38
N GLU E 24 -31.03 -12.45 13.99
CA GLU E 24 -31.44 -11.87 15.25
C GLU E 24 -32.57 -10.88 15.08
N ARG E 25 -32.58 -10.15 13.96
CA ARG E 25 -33.69 -9.26 13.66
C ARG E 25 -34.99 -10.04 13.58
N VAL E 26 -34.95 -11.19 12.92
CA VAL E 26 -36.14 -12.01 12.81
C VAL E 26 -36.59 -12.49 14.17
N ILE E 27 -35.65 -13.00 14.97
CA ILE E 27 -36.01 -13.51 16.29
C ILE E 27 -36.60 -12.40 17.15
N MET E 28 -36.01 -11.21 17.08
CA MET E 28 -36.45 -10.11 17.92
C MET E 28 -37.83 -9.63 17.54
N ARG E 29 -38.17 -9.65 16.25
CA ARG E 29 -39.53 -9.31 15.88
C ARG E 29 -40.51 -10.40 16.26
N LYS E 30 -40.13 -11.66 16.08
CA LYS E 30 -41.04 -12.76 16.40
C LYS E 30 -41.37 -12.79 17.87
N TYR E 31 -40.38 -12.61 18.73
CA TYR E 31 -40.56 -12.74 20.16
C TYR E 31 -40.72 -11.41 20.87
N ALA E 32 -40.69 -10.31 20.15
CA ALA E 32 -40.99 -8.99 20.69
C ALA E 32 -40.03 -8.63 21.82
N LEU E 33 -38.77 -8.51 21.45
CA LEU E 33 -37.72 -8.25 22.40
C LEU E 33 -37.27 -6.80 22.30
N LYS E 34 -37.02 -6.22 23.46
CA LYS E 34 -36.54 -4.85 23.53
C LYS E 34 -35.07 -4.76 23.18
N ASN E 35 -34.32 -5.79 23.51
CA ASN E 35 -32.89 -5.71 23.55
C ASN E 35 -32.24 -6.95 22.97
N LYS E 36 -31.26 -6.68 22.12
CA LYS E 36 -30.24 -7.65 21.82
C LYS E 36 -29.61 -8.20 23.08
N LYS E 37 -29.44 -7.34 24.08
CA LYS E 37 -28.98 -7.75 25.41
C LYS E 37 -29.82 -8.90 25.96
N GLU E 38 -31.14 -8.77 25.88
CA GLU E 38 -32.07 -9.81 26.30
C GLU E 38 -31.90 -11.10 25.50
N LEU E 39 -31.86 -10.97 24.19
CA LEU E 39 -31.59 -12.13 23.35
C LEU E 39 -30.29 -12.81 23.71
N TRP E 40 -29.21 -12.05 23.79
CA TRP E 40 -27.90 -12.61 24.09
C TRP E 40 -27.86 -13.23 25.47
N ARG E 41 -28.66 -12.71 26.39
CA ARG E 41 -28.81 -13.30 27.69
C ARG E 41 -29.33 -14.73 27.58
N HIS E 42 -30.37 -14.93 26.80
CA HIS E 42 -30.88 -16.28 26.64
C HIS E 42 -29.93 -17.16 25.84
N GLU E 43 -29.26 -16.60 24.85
CA GLU E 43 -28.22 -17.33 24.14
C GLU E 43 -27.14 -17.83 25.07
N THR E 44 -26.74 -16.98 26.02
CA THR E 44 -25.71 -17.33 26.98
C THR E 44 -26.19 -18.42 27.93
N GLN E 45 -27.45 -18.34 28.36
CA GLN E 45 -28.04 -19.45 29.11
C GLN E 45 -27.84 -20.77 28.39
N LEU E 46 -28.25 -20.79 27.13
CA LEU E 46 -28.08 -21.98 26.31
C LEU E 46 -26.62 -22.42 26.23
N LYS E 47 -25.74 -21.48 25.95
CA LYS E 47 -24.32 -21.80 25.82
C LYS E 47 -23.78 -22.46 27.06
N GLU E 48 -24.18 -21.99 28.23
CA GLU E 48 -23.68 -22.58 29.45
C GLU E 48 -24.20 -23.99 29.63
N PHE E 49 -25.48 -24.22 29.30
CA PHE E 49 -25.99 -25.58 29.29
C PHE E 49 -25.14 -26.47 28.40
N ARG E 50 -24.83 -25.98 27.20
CA ARG E 50 -24.10 -26.76 26.23
C ARG E 50 -22.71 -27.08 26.69
N ARG E 51 -22.04 -26.10 27.29
CA ARG E 51 -20.69 -26.31 27.78
C ARG E 51 -20.64 -27.31 28.91
N ARG E 52 -21.60 -27.24 29.82
CA ARG E 52 -21.69 -28.26 30.85
C ARG E 52 -21.90 -29.63 30.24
N ALA E 53 -22.79 -29.74 29.28
CA ALA E 53 -23.04 -31.02 28.64
C ALA E 53 -21.78 -31.55 27.98
N ARG E 54 -21.03 -30.68 27.33
CA ARG E 54 -19.79 -31.07 26.69
C ARG E 54 -18.80 -31.64 27.68
N ARG E 55 -18.48 -30.84 28.70
CA ARG E 55 -17.62 -31.29 29.79
C ARG E 55 -18.05 -32.64 30.35
N LEU E 56 -19.35 -32.85 30.55
CA LEU E 56 -19.81 -34.07 31.17
C LEU E 56 -19.80 -35.25 30.22
N LEU E 57 -19.95 -35.03 28.92
CA LEU E 57 -19.56 -36.06 27.96
C LEU E 57 -18.13 -36.47 28.19
N ALA E 58 -17.21 -35.49 28.19
CA ALA E 58 -15.80 -35.74 28.36
C ALA E 58 -15.42 -35.60 29.84
N ALA E 59 -16.10 -36.39 30.67
CA ALA E 59 -15.84 -36.40 32.11
C ALA E 59 -15.94 -37.82 32.64
N ARG E 60 -15.54 -38.00 33.90
CA ARG E 60 -15.58 -39.30 34.56
C ARG E 60 -16.37 -39.18 35.85
N GLY E 61 -16.92 -40.31 36.29
CA GLY E 61 -17.79 -40.44 37.46
C GLY E 61 -17.61 -39.92 38.88
N LYS E 62 -18.60 -40.33 39.69
CA LYS E 62 -18.81 -40.04 41.10
C LYS E 62 -19.05 -38.55 41.36
N GLN E 63 -18.77 -37.75 40.34
CA GLN E 63 -19.02 -36.34 40.23
C GLN E 63 -18.75 -36.05 38.78
N ALA E 64 -19.65 -35.29 38.16
CA ALA E 64 -19.87 -35.31 36.70
C ALA E 64 -20.86 -36.37 36.30
N GLU E 65 -21.24 -37.22 37.21
CA GLU E 65 -22.48 -37.98 37.12
C GLU E 65 -23.59 -37.31 37.88
N VAL E 66 -23.29 -36.83 39.08
CA VAL E 66 -24.19 -35.96 39.82
C VAL E 66 -24.61 -34.78 38.95
N GLU E 67 -23.63 -34.13 38.33
CA GLU E 67 -23.91 -32.94 37.55
C GLU E 67 -24.64 -33.26 36.25
N ARG E 68 -24.40 -34.43 35.67
CA ARG E 68 -25.23 -34.91 34.58
C ARG E 68 -26.69 -34.96 34.99
N VAL E 69 -26.94 -35.65 36.10
CA VAL E 69 -28.31 -35.80 36.60
C VAL E 69 -28.92 -34.45 36.90
N GLN E 70 -28.13 -33.56 37.47
CA GLN E 70 -28.62 -32.24 37.84
C GLN E 70 -28.98 -31.42 36.62
N LEU E 71 -28.14 -31.46 35.60
CA LEU E 71 -28.42 -30.76 34.36
C LEU E 71 -29.71 -31.26 33.74
N LEU E 72 -29.86 -32.57 33.67
CA LEU E 72 -31.03 -33.11 33.00
C LEU E 72 -32.30 -32.81 33.77
N GLN E 73 -32.26 -32.89 35.10
CA GLN E 73 -33.46 -32.64 35.85
C GLN E 73 -33.79 -31.16 35.91
N ARG E 74 -32.78 -30.30 35.86
CA ARG E 74 -33.03 -28.87 35.70
C ARG E 74 -33.72 -28.57 34.38
N LEU E 75 -33.26 -29.16 33.29
CA LEU E 75 -33.84 -28.87 32.00
C LEU E 75 -35.24 -29.44 31.88
N ASN E 76 -35.46 -30.64 32.40
CA ASN E 76 -36.81 -31.15 32.55
C ASN E 76 -37.69 -30.18 33.30
N ARG E 77 -37.23 -29.71 34.46
CA ARG E 77 -38.01 -28.80 35.28
C ARG E 77 -38.34 -27.52 34.53
N LEU E 78 -37.42 -27.03 33.73
CA LEU E 78 -37.65 -25.85 32.92
C LEU E 78 -38.51 -26.11 31.70
N GLY E 79 -38.66 -27.35 31.29
CA GLY E 79 -39.49 -27.66 30.16
C GLY E 79 -38.79 -27.61 28.83
N LEU E 80 -37.47 -27.73 28.83
CA LEU E 80 -36.70 -27.72 27.61
C LEU E 80 -36.47 -29.13 27.07
N LEU E 81 -36.54 -30.13 27.91
CA LEU E 81 -36.31 -31.50 27.54
C LEU E 81 -37.36 -32.39 28.20
N PRO E 82 -37.63 -33.56 27.63
CA PRO E 82 -38.43 -34.54 28.34
C PRO E 82 -37.60 -35.27 29.38
N ALA E 83 -38.29 -36.06 30.20
CA ALA E 83 -37.64 -36.74 31.31
C ALA E 83 -36.72 -37.86 30.83
N ASP E 84 -36.97 -38.37 29.62
CA ASP E 84 -36.18 -39.46 29.06
C ASP E 84 -35.00 -38.95 28.23
N ALA E 85 -34.44 -37.81 28.61
CA ALA E 85 -33.56 -37.07 27.72
C ALA E 85 -32.11 -37.35 28.01
N VAL E 86 -31.24 -36.75 27.19
CA VAL E 86 -29.81 -36.97 27.30
C VAL E 86 -29.01 -35.75 26.90
N LEU E 87 -27.70 -35.83 27.09
CA LEU E 87 -26.82 -34.72 26.78
C LEU E 87 -26.78 -34.45 25.28
N ASP E 88 -26.89 -35.48 24.48
CA ASP E 88 -27.14 -35.33 23.06
C ASP E 88 -28.30 -34.38 22.77
N ASP E 89 -29.36 -34.47 23.56
CA ASP E 89 -30.50 -33.61 23.38
C ASP E 89 -30.22 -32.20 23.84
N VAL E 90 -29.42 -32.06 24.89
CA VAL E 90 -28.94 -30.73 25.26
C VAL E 90 -28.29 -30.07 24.08
N LEU E 91 -27.37 -30.76 23.44
CA LEU E 91 -26.68 -30.20 22.30
C LEU E 91 -27.59 -29.95 21.12
N SER E 92 -28.72 -30.63 21.05
CA SER E 92 -29.73 -30.34 20.04
C SER E 92 -30.55 -29.09 20.34
N LEU E 93 -30.58 -28.62 21.58
CA LEU E 93 -31.49 -27.54 21.96
C LEU E 93 -31.16 -26.23 21.26
N THR E 94 -32.05 -25.25 21.42
CA THR E 94 -31.95 -23.95 20.77
C THR E 94 -32.47 -22.80 21.62
N VAL E 95 -31.94 -21.64 21.26
CA VAL E 95 -32.33 -20.37 21.86
C VAL E 95 -33.81 -20.13 21.67
N GLU E 96 -34.38 -20.65 20.60
CA GLU E 96 -35.80 -20.51 20.37
C GLU E 96 -36.58 -21.27 21.42
N ASP E 97 -36.09 -22.42 21.82
CA ASP E 97 -36.70 -23.17 22.90
C ASP E 97 -36.67 -22.37 24.19
N VAL E 98 -35.53 -21.73 24.46
CA VAL E 98 -35.45 -20.89 25.65
C VAL E 98 -36.47 -19.75 25.61
N LEU E 99 -36.46 -18.98 24.53
CA LEU E 99 -37.38 -17.89 24.34
C LEU E 99 -38.83 -18.32 24.35
N ASP E 100 -39.11 -19.54 23.95
CA ASP E 100 -40.43 -20.11 24.06
C ASP E 100 -40.79 -20.40 25.50
N ARG E 101 -39.80 -20.60 26.35
CA ARG E 101 -40.03 -20.76 27.78
C ARG E 101 -40.06 -19.45 28.53
N ARG E 102 -39.86 -18.33 27.87
CA ARG E 102 -40.16 -17.05 28.50
C ARG E 102 -41.64 -16.90 28.81
N LEU E 103 -41.94 -15.99 29.73
CA LEU E 103 -43.30 -15.72 30.18
C LEU E 103 -44.08 -14.92 29.17
N GLN E 104 -43.46 -13.90 28.62
CA GLN E 104 -44.01 -13.13 27.52
C GLN E 104 -44.58 -14.03 26.44
N THR E 105 -43.84 -15.07 26.10
CA THR E 105 -44.22 -15.95 25.01
C THR E 105 -45.33 -16.89 25.40
N ILE E 106 -45.29 -17.41 26.62
CA ILE E 106 -46.34 -18.29 27.10
C ILE E 106 -47.67 -17.56 27.28
N VAL E 107 -47.59 -16.26 27.52
CA VAL E 107 -48.77 -15.41 27.65
C VAL E 107 -49.29 -14.99 26.28
N TYR E 108 -48.41 -14.83 25.30
CA TYR E 108 -48.88 -14.72 23.92
C TYR E 108 -49.59 -15.99 23.50
N LYS E 109 -49.04 -17.12 23.89
CA LYS E 109 -49.78 -18.35 23.99
C LYS E 109 -50.68 -18.26 25.21
N LYS E 110 -51.13 -19.41 25.68
CA LYS E 110 -52.23 -19.51 26.64
C LYS E 110 -53.39 -18.56 26.32
N GLY E 111 -53.51 -18.13 25.07
CA GLY E 111 -54.47 -17.14 24.62
C GLY E 111 -54.72 -15.98 25.55
N LEU E 112 -53.70 -15.45 26.21
CA LEU E 112 -53.91 -14.45 27.23
C LEU E 112 -53.66 -13.03 26.75
N ALA E 113 -53.01 -12.85 25.59
CA ALA E 113 -52.48 -11.53 25.25
C ALA E 113 -52.71 -11.07 23.82
N ARG E 114 -52.92 -11.96 22.87
CA ARG E 114 -53.26 -11.59 21.49
C ARG E 114 -52.05 -11.10 20.70
N THR E 115 -50.96 -10.81 21.37
CA THR E 115 -49.78 -10.25 20.74
C THR E 115 -48.67 -10.35 21.78
N PRO E 116 -47.43 -10.68 21.39
CA PRO E 116 -46.36 -10.69 22.38
C PRO E 116 -46.10 -9.33 23.02
N ARG E 117 -46.29 -8.26 22.27
CA ARG E 117 -46.14 -6.92 22.81
C ARG E 117 -47.19 -6.58 23.86
N GLN E 118 -48.44 -6.98 23.63
CA GLN E 118 -49.45 -6.82 24.65
C GLN E 118 -49.21 -7.74 25.83
N ALA E 119 -48.66 -8.92 25.59
CA ALA E 119 -48.26 -9.79 26.68
C ALA E 119 -47.25 -9.10 27.57
N ARG E 120 -46.27 -8.45 26.96
CA ARG E 120 -45.29 -7.68 27.69
C ARG E 120 -45.96 -6.63 28.56
N GLN E 121 -46.87 -5.89 27.99
CA GLN E 121 -47.53 -4.85 28.78
C GLN E 121 -48.35 -5.42 29.91
N LEU E 122 -49.03 -6.53 29.69
CA LEU E 122 -49.79 -7.15 30.74
C LEU E 122 -48.90 -7.56 31.90
N ILE E 123 -47.81 -8.23 31.59
CA ILE E 123 -46.84 -8.62 32.61
C ILE E 123 -46.36 -7.41 33.38
N VAL E 124 -45.94 -6.37 32.67
CA VAL E 124 -45.28 -5.25 33.31
C VAL E 124 -46.25 -4.40 34.10
N HIS E 125 -47.49 -4.28 33.65
CA HIS E 125 -48.50 -3.53 34.37
C HIS E 125 -49.17 -4.35 35.46
N GLY E 126 -48.86 -5.63 35.55
CA GLY E 126 -49.20 -6.41 36.71
C GLY E 126 -50.47 -7.19 36.61
N HIS E 127 -50.74 -7.80 35.48
CA HIS E 127 -51.98 -8.49 35.22
C HIS E 127 -51.79 -9.98 35.04
N ILE E 128 -50.59 -10.50 35.25
CA ILE E 128 -50.29 -11.92 35.12
C ILE E 128 -49.86 -12.47 36.46
N GLU E 129 -50.40 -13.63 36.79
CA GLU E 129 -50.02 -14.40 37.97
C GLU E 129 -49.37 -15.68 37.53
N VAL E 130 -48.35 -16.11 38.26
CA VAL E 130 -47.76 -17.43 38.10
C VAL E 130 -47.76 -18.10 39.45
N ASN E 131 -48.63 -19.09 39.62
CA ASN E 131 -48.80 -19.80 40.88
C ASN E 131 -49.28 -18.88 41.98
N GLY E 132 -50.13 -17.93 41.64
CA GLY E 132 -50.65 -16.96 42.58
C GLY E 132 -49.79 -15.74 42.74
N GLN E 133 -48.54 -15.79 42.29
CA GLN E 133 -47.59 -14.71 42.45
C GLN E 133 -47.61 -13.83 41.21
N ILE E 134 -47.77 -12.54 41.42
CA ILE E 134 -47.55 -11.56 40.36
C ILE E 134 -46.09 -11.60 39.96
N ILE E 135 -45.85 -11.76 38.68
CA ILE E 135 -44.53 -11.56 38.09
C ILE E 135 -44.64 -10.43 37.08
N ARG E 136 -43.66 -9.54 37.12
CA ARG E 136 -43.58 -8.41 36.22
C ARG E 136 -42.37 -8.46 35.30
N SER E 137 -41.60 -9.53 35.35
CA SER E 137 -40.42 -9.71 34.53
C SER E 137 -40.77 -10.58 33.33
N PRO E 138 -40.87 -10.03 32.13
CA PRO E 138 -41.26 -10.85 30.99
C PRO E 138 -40.24 -11.86 30.57
N GLY E 139 -38.99 -11.68 30.96
CA GLY E 139 -37.95 -12.63 30.72
C GLY E 139 -37.92 -13.78 31.69
N TYR E 140 -38.87 -13.85 32.60
CA TYR E 140 -38.89 -14.92 33.57
C TYR E 140 -39.15 -16.22 32.84
N LEU E 141 -38.27 -17.18 33.05
CA LEU E 141 -38.40 -18.48 32.43
C LEU E 141 -39.34 -19.31 33.28
N VAL E 142 -40.43 -19.74 32.66
CA VAL E 142 -41.46 -20.47 33.39
C VAL E 142 -41.06 -21.93 33.49
N LEU E 143 -41.32 -22.50 34.65
CA LEU E 143 -41.16 -23.92 34.83
C LEU E 143 -42.37 -24.66 34.31
N LYS E 144 -42.10 -25.86 33.79
CA LYS E 144 -43.09 -26.68 33.12
C LYS E 144 -44.24 -27.04 34.04
N ALA E 145 -44.05 -26.95 35.34
CA ALA E 145 -45.08 -27.18 36.33
C ALA E 145 -45.85 -25.91 36.69
N GLU E 146 -45.22 -24.75 36.59
CA GLU E 146 -45.89 -23.48 36.77
C GLU E 146 -46.67 -23.04 35.56
N GLU E 147 -46.48 -23.70 34.41
CA GLU E 147 -47.06 -23.21 33.17
C GLU E 147 -48.58 -23.27 33.19
N ASP E 148 -49.14 -24.30 33.78
CA ASP E 148 -50.58 -24.49 33.80
C ASP E 148 -51.27 -23.66 34.87
N THR E 149 -50.52 -22.94 35.69
CA THR E 149 -51.06 -22.10 36.74
C THR E 149 -50.99 -20.63 36.38
N ILE E 150 -50.80 -20.31 35.11
CA ILE E 150 -50.70 -18.93 34.68
C ILE E 150 -52.10 -18.44 34.37
N THR E 151 -52.36 -17.20 34.74
CA THR E 151 -53.71 -16.69 34.87
C THR E 151 -53.61 -15.19 35.02
N TYR E 152 -54.71 -14.51 34.75
CA TYR E 152 -54.79 -13.12 35.10
C TYR E 152 -54.78 -12.96 36.61
N SER E 153 -54.28 -11.82 37.05
CA SER E 153 -54.34 -11.51 38.46
C SER E 153 -55.78 -11.33 38.91
N LYS E 154 -56.01 -11.61 40.18
CA LYS E 154 -57.34 -11.41 40.74
C LYS E 154 -57.68 -9.94 40.84
N THR E 155 -56.68 -9.11 41.08
CA THR E 155 -56.81 -7.66 41.12
C THR E 155 -56.44 -7.05 39.78
N SER E 156 -57.03 -7.59 38.73
CA SER E 156 -56.82 -7.15 37.37
C SER E 156 -58.17 -6.96 36.68
N PRO E 157 -58.38 -5.83 35.99
CA PRO E 157 -59.62 -5.69 35.24
C PRO E 157 -59.79 -6.74 34.17
N PHE E 158 -58.70 -7.21 33.59
CA PHE E 158 -58.76 -8.28 32.61
C PHE E 158 -59.31 -9.57 33.19
N ALA E 159 -59.33 -9.70 34.52
CA ALA E 159 -59.93 -10.88 35.13
C ALA E 159 -61.44 -10.78 35.13
N ARG E 160 -61.98 -9.59 35.00
CA ARG E 160 -63.39 -9.41 34.73
C ARG E 160 -63.65 -9.70 33.25
N GLU E 161 -64.40 -10.77 32.99
CA GLU E 161 -64.71 -11.18 31.63
C GLU E 161 -65.47 -10.13 30.84
N SER E 162 -66.13 -9.19 31.51
CA SER E 162 -66.79 -8.08 30.84
C SER E 162 -65.82 -7.06 30.30
N HIS E 163 -64.52 -7.23 30.52
CA HIS E 163 -63.59 -6.19 30.15
C HIS E 163 -63.44 -6.15 28.62
N PRO E 164 -63.35 -4.96 28.02
CA PRO E 164 -63.26 -4.90 26.55
C PRO E 164 -62.06 -5.63 25.97
N GLU E 165 -60.88 -5.42 26.54
CA GLU E 165 -59.69 -6.04 25.98
C GLU E 165 -59.68 -7.54 26.22
N ARG E 166 -60.18 -7.98 27.37
CA ARG E 166 -60.39 -9.41 27.58
C ARG E 166 -61.32 -9.98 26.53
N MET E 167 -62.38 -9.23 26.20
CA MET E 167 -63.33 -9.68 25.19
C MET E 167 -62.65 -9.81 23.82
N VAL E 168 -61.77 -8.87 23.47
CA VAL E 168 -61.06 -8.97 22.21
C VAL E 168 -60.11 -10.17 22.21
N ILE E 169 -59.35 -10.31 23.29
CA ILE E 169 -58.37 -11.37 23.36
C ILE E 169 -59.04 -12.72 23.22
N GLU E 170 -60.21 -12.88 23.82
CA GLU E 170 -60.94 -14.12 23.68
C GLU E 170 -61.77 -14.18 22.42
N GLN E 171 -61.99 -13.05 21.73
CA GLN E 171 -62.48 -13.10 20.37
C GLN E 171 -61.49 -13.80 19.46
N ALA E 172 -60.21 -13.62 19.74
CA ALA E 172 -59.15 -14.36 19.05
C ALA E 172 -58.49 -15.35 20.00
N LYS E 173 -59.09 -16.52 20.18
CA LYS E 173 -58.45 -17.60 20.94
C LYS E 173 -57.51 -18.35 20.01
N GLN E 174 -56.21 -18.17 20.25
CA GLN E 174 -55.15 -18.71 19.41
C GLN E 174 -53.94 -19.06 20.28
N GLY E 175 -53.05 -19.91 19.75
CA GLY E 175 -51.82 -20.25 20.45
C GLY E 175 -50.78 -20.88 19.55
N GLY E 176 -50.15 -21.96 20.01
CA GLY E 176 -49.24 -22.70 19.15
C GLY E 176 -47.85 -22.12 19.18
N GLU E 177 -47.25 -21.96 17.99
CA GLU E 177 -45.92 -21.34 17.93
C GLU E 177 -46.05 -19.87 18.27
N ALA E 178 -45.11 -19.37 19.06
CA ALA E 178 -45.18 -18.02 19.57
C ALA E 178 -43.83 -17.32 19.50
N ARG F 1 -0.34 -6.16 65.24
CA ARG F 1 0.92 -5.48 65.45
C ARG F 1 1.38 -5.46 66.89
N LYS F 2 0.83 -4.54 67.68
CA LYS F 2 1.36 -4.24 68.99
C LYS F 2 0.81 -5.13 70.08
N GLY F 3 -0.04 -6.08 69.75
CA GLY F 3 -0.61 -6.91 70.79
C GLY F 3 -1.70 -7.80 70.25
N ALA F 4 -2.53 -8.24 71.16
CA ALA F 4 -3.42 -9.35 70.91
C ALA F 4 -4.69 -8.93 70.19
N LYS F 5 -5.46 -9.92 69.80
CA LYS F 5 -6.67 -9.75 69.04
C LYS F 5 -7.88 -9.81 69.96
N ARG F 6 -8.72 -8.80 69.87
CA ARG F 6 -9.95 -8.73 70.62
C ARG F 6 -11.18 -8.85 69.75
N HIS F 7 -11.02 -9.03 68.45
CA HIS F 7 -12.08 -9.06 67.48
C HIS F 7 -11.96 -10.28 66.59
N LEU F 8 -13.02 -10.52 65.84
CA LEU F 8 -13.05 -11.56 64.83
C LEU F 8 -14.03 -11.17 63.75
N LYS F 9 -13.59 -11.22 62.51
CA LYS F 9 -14.45 -10.94 61.40
C LYS F 9 -15.11 -12.23 60.95
N ARG F 10 -16.40 -12.09 60.65
CA ARG F 10 -17.27 -13.23 60.48
C ARG F 10 -16.85 -14.09 59.30
N LEU F 11 -16.11 -13.54 58.36
CA LEU F 11 -15.52 -14.32 57.30
C LEU F 11 -14.27 -15.05 57.76
N ALA F 12 -13.49 -14.45 58.64
CA ALA F 12 -12.33 -15.06 59.22
C ALA F 12 -12.64 -15.98 60.37
N ALA F 13 -13.90 -16.38 60.51
CA ALA F 13 -14.30 -17.21 61.63
C ALA F 13 -13.99 -18.67 61.37
N PRO F 14 -14.07 -19.49 62.40
CA PRO F 14 -13.96 -20.94 62.22
C PRO F 14 -14.94 -21.51 61.23
N ASP F 15 -14.52 -22.59 60.59
CA ASP F 15 -15.27 -23.28 59.56
C ASP F 15 -16.29 -24.25 60.11
N GLN F 16 -16.52 -24.23 61.41
CA GLN F 16 -17.28 -25.25 62.12
C GLN F 16 -18.31 -24.66 63.07
N TRP F 17 -18.95 -23.58 62.66
CA TRP F 17 -19.78 -22.78 63.55
C TRP F 17 -21.22 -22.61 63.09
N TYR F 18 -21.52 -22.73 61.79
CA TYR F 18 -22.85 -22.44 61.27
C TYR F 18 -23.26 -20.99 61.57
N ILE F 19 -22.64 -20.06 60.84
CA ILE F 19 -22.53 -18.69 61.30
C ILE F 19 -23.16 -17.66 60.37
N SER F 20 -23.38 -17.95 59.09
CA SER F 20 -23.88 -16.97 58.13
C SER F 20 -22.90 -15.80 57.96
N ARG F 21 -21.85 -16.12 57.21
CA ARG F 21 -20.61 -15.39 57.22
C ARG F 21 -20.66 -14.01 56.57
N LYS F 22 -21.63 -13.74 55.69
CA LYS F 22 -21.68 -12.51 54.94
C LYS F 22 -22.78 -11.56 55.39
N ARG F 23 -23.52 -11.92 56.41
CA ARG F 23 -24.67 -11.14 56.79
C ARG F 23 -24.25 -9.91 57.58
N TYR F 24 -23.24 -10.05 58.42
CA TYR F 24 -22.66 -8.96 59.16
C TYR F 24 -21.15 -9.03 59.04
N LYS F 25 -20.49 -8.08 59.68
CA LYS F 25 -19.06 -7.90 59.59
C LYS F 25 -18.35 -8.65 60.70
N TRP F 26 -18.95 -8.66 61.87
CA TRP F 26 -18.31 -9.16 63.07
C TRP F 26 -18.95 -10.42 63.58
N ALA F 27 -18.15 -11.15 64.34
CA ALA F 27 -18.54 -12.35 65.03
C ALA F 27 -18.05 -12.26 66.46
N VAL F 28 -18.61 -13.09 67.31
CA VAL F 28 -18.13 -13.18 68.67
C VAL F 28 -16.78 -13.85 68.67
N ARG F 29 -15.79 -13.18 69.21
CA ARG F 29 -14.52 -13.78 69.45
C ARG F 29 -14.59 -14.60 70.72
N PRO F 30 -14.35 -15.90 70.68
CA PRO F 30 -14.50 -16.69 71.88
C PRO F 30 -13.43 -16.36 72.89
N ARG F 31 -13.82 -16.47 74.15
CA ARG F 31 -12.86 -16.34 75.19
C ARG F 31 -11.97 -17.57 75.20
N PRO F 32 -10.77 -17.46 75.75
CA PRO F 32 -10.06 -18.65 76.15
C PRO F 32 -10.89 -19.41 77.17
N GLY F 33 -10.78 -20.73 77.11
CA GLY F 33 -11.63 -21.54 77.91
C GLY F 33 -11.35 -23.02 77.78
N PRO F 34 -12.38 -23.83 78.01
CA PRO F 34 -12.18 -25.27 78.08
C PRO F 34 -11.54 -25.88 76.86
N HIS F 35 -12.12 -25.63 75.70
CA HIS F 35 -11.70 -26.25 74.48
C HIS F 35 -10.94 -25.23 73.64
N SER F 36 -10.65 -25.62 72.41
CA SER F 36 -9.96 -24.77 71.47
C SER F 36 -10.98 -24.06 70.57
N MET F 37 -10.46 -23.11 69.80
CA MET F 37 -11.28 -22.46 68.79
C MET F 37 -11.69 -23.41 67.68
N LYS F 38 -10.88 -24.41 67.39
CA LYS F 38 -11.18 -25.38 66.35
C LYS F 38 -12.22 -26.40 66.76
N THR F 39 -12.51 -26.51 68.05
CA THR F 39 -13.46 -27.49 68.55
C THR F 39 -14.52 -26.85 69.43
N SER F 40 -14.87 -25.60 69.17
CA SER F 40 -15.79 -24.86 70.00
C SER F 40 -16.61 -23.89 69.18
N ILE F 41 -17.63 -23.36 69.86
CA ILE F 41 -18.46 -22.28 69.38
C ILE F 41 -18.97 -21.52 70.58
N PRO F 42 -19.19 -20.23 70.49
CA PRO F 42 -19.71 -19.49 71.63
C PRO F 42 -21.19 -19.69 71.93
N LEU F 43 -21.45 -19.59 73.21
CA LEU F 43 -22.75 -19.78 73.80
C LEU F 43 -23.79 -18.83 73.26
N LEU F 44 -23.38 -17.63 72.88
CA LEU F 44 -24.28 -16.72 72.19
C LEU F 44 -24.83 -17.34 70.93
N TYR F 45 -23.98 -17.90 70.10
CA TYR F 45 -24.44 -18.53 68.88
C TYR F 45 -25.31 -19.72 69.17
N ILE F 46 -25.03 -20.43 70.25
CA ILE F 46 -25.88 -21.54 70.61
C ILE F 46 -27.27 -21.08 71.04
N VAL F 47 -27.35 -20.00 71.80
CA VAL F 47 -28.61 -19.56 72.36
C VAL F 47 -29.44 -18.83 71.31
N ARG F 48 -28.79 -18.10 70.43
CA ARG F 48 -29.46 -17.25 69.47
C ARG F 48 -29.73 -17.93 68.15
N ASP F 49 -28.73 -18.59 67.59
CA ASP F 49 -28.81 -19.13 66.25
C ASP F 49 -29.25 -20.59 66.21
N TYR F 50 -28.67 -21.43 67.04
CA TYR F 50 -28.95 -22.85 66.98
C TYR F 50 -30.36 -23.16 67.50
N LEU F 51 -30.62 -22.81 68.75
CA LEU F 51 -31.89 -23.11 69.39
C LEU F 51 -32.96 -22.08 69.08
N GLY F 52 -32.57 -20.84 68.80
CA GLY F 52 -33.51 -19.85 68.38
C GLY F 52 -34.33 -19.27 69.50
N TYR F 53 -33.85 -19.38 70.73
CA TYR F 53 -34.54 -18.77 71.85
C TYR F 53 -34.35 -17.27 71.91
N ALA F 54 -33.54 -16.71 71.02
CA ALA F 54 -33.41 -15.28 70.90
C ALA F 54 -33.04 -14.92 69.48
N LYS F 55 -33.63 -13.84 68.99
CA LYS F 55 -33.21 -13.25 67.73
C LYS F 55 -32.12 -12.22 67.93
N THR F 56 -31.83 -11.85 69.17
CA THR F 56 -30.93 -10.77 69.47
C THR F 56 -30.04 -11.11 70.66
N ALA F 57 -28.83 -10.59 70.58
CA ALA F 57 -27.81 -10.78 71.58
C ALA F 57 -28.15 -10.15 72.91
N ARG F 58 -28.92 -9.08 72.93
CA ARG F 58 -29.34 -8.52 74.20
C ARG F 58 -30.26 -9.47 74.95
N GLU F 59 -31.24 -10.04 74.24
CA GLU F 59 -32.07 -11.08 74.82
C GLU F 59 -31.23 -12.26 75.27
N ALA F 60 -30.27 -12.67 74.46
CA ALA F 60 -29.46 -13.82 74.82
C ALA F 60 -28.64 -13.55 76.07
N ARG F 61 -28.09 -12.35 76.19
CA ARG F 61 -27.31 -12.00 77.36
C ARG F 61 -28.17 -11.90 78.59
N LYS F 62 -29.39 -11.40 78.45
CA LYS F 62 -30.33 -11.41 79.55
C LYS F 62 -30.59 -12.83 80.03
N ILE F 63 -30.86 -13.74 79.10
CA ILE F 63 -31.06 -15.13 79.45
C ILE F 63 -29.86 -15.68 80.21
N LEU F 64 -28.67 -15.53 79.63
CA LEU F 64 -27.48 -16.11 80.22
C LEU F 64 -27.20 -15.54 81.60
N ASN F 65 -27.52 -14.28 81.82
CA ASN F 65 -27.31 -13.69 83.12
C ASN F 65 -28.39 -14.04 84.11
N GLU F 66 -29.59 -14.35 83.64
CA GLU F 66 -30.59 -14.96 84.48
C GLU F 66 -30.18 -16.34 84.95
N GLY F 67 -29.43 -17.05 84.13
CA GLY F 67 -28.89 -18.34 84.52
C GLY F 67 -29.65 -19.54 84.03
N ARG F 68 -30.25 -19.47 82.84
CA ARG F 68 -31.12 -20.52 82.37
C ARG F 68 -30.41 -21.59 81.56
N ILE F 69 -29.13 -21.41 81.26
CA ILE F 69 -28.37 -22.35 80.44
C ILE F 69 -27.20 -22.84 81.25
N LEU F 70 -27.13 -24.15 81.41
CA LEU F 70 -26.00 -24.81 82.03
C LEU F 70 -25.11 -25.42 80.97
N VAL F 71 -23.82 -25.53 81.27
CA VAL F 71 -22.89 -26.24 80.43
C VAL F 71 -22.11 -27.18 81.34
N ASP F 72 -22.46 -28.46 81.30
CA ASP F 72 -21.93 -29.47 82.20
C ASP F 72 -22.31 -29.14 83.64
N GLY F 73 -23.60 -28.93 83.84
CA GLY F 73 -24.14 -28.73 85.15
C GLY F 73 -23.82 -27.42 85.80
N ARG F 74 -23.05 -26.56 85.15
CA ARG F 74 -22.67 -25.28 85.69
C ARG F 74 -23.31 -24.17 84.90
N VAL F 75 -23.84 -23.18 85.62
CA VAL F 75 -24.34 -21.98 84.99
C VAL F 75 -23.20 -21.23 84.35
N ARG F 76 -23.40 -20.79 83.11
CA ARG F 76 -22.44 -20.00 82.37
C ARG F 76 -23.12 -18.73 81.92
N ARG F 77 -22.65 -17.60 82.45
CA ARG F 77 -23.25 -16.30 82.21
C ARG F 77 -22.56 -15.51 81.12
N ASP F 78 -21.39 -15.95 80.68
CA ASP F 78 -20.64 -15.26 79.65
C ASP F 78 -21.08 -15.74 78.29
N TYR F 79 -21.30 -14.80 77.39
CA TYR F 79 -21.74 -15.11 76.05
C TYR F 79 -20.60 -15.53 75.15
N LYS F 80 -19.37 -15.33 75.57
CA LYS F 80 -18.19 -15.70 74.84
C LYS F 80 -17.63 -17.03 75.29
N PHE F 81 -18.30 -17.69 76.21
CA PHE F 81 -17.82 -18.93 76.74
C PHE F 81 -17.75 -20.00 75.66
N PRO F 82 -16.65 -20.75 75.55
CA PRO F 82 -16.58 -21.81 74.55
C PRO F 82 -17.35 -23.05 74.96
N VAL F 83 -18.15 -23.57 74.03
CA VAL F 83 -18.88 -24.81 74.19
C VAL F 83 -18.34 -25.80 73.17
N GLY F 84 -17.80 -26.91 73.66
CA GLY F 84 -17.08 -27.82 72.81
C GLY F 84 -17.61 -29.21 72.65
N ILE F 85 -16.80 -30.00 71.97
CA ILE F 85 -17.19 -31.33 71.55
C ILE F 85 -17.50 -32.19 72.76
N MET F 86 -18.60 -32.93 72.68
CA MET F 86 -19.12 -33.76 73.75
C MET F 86 -19.49 -32.94 74.96
N ASP F 87 -19.92 -31.69 74.76
CA ASP F 87 -20.38 -30.92 75.91
C ASP F 87 -21.89 -31.00 76.03
N VAL F 88 -22.38 -30.92 77.26
CA VAL F 88 -23.79 -31.02 77.55
C VAL F 88 -24.33 -29.63 77.85
N VAL F 89 -25.21 -29.17 76.98
CA VAL F 89 -25.91 -27.91 77.16
C VAL F 89 -27.32 -28.22 77.60
N SER F 90 -27.66 -27.79 78.80
CA SER F 90 -28.91 -28.11 79.43
C SER F 90 -29.76 -26.87 79.58
N ILE F 91 -31.05 -27.02 79.33
CA ILE F 91 -32.04 -26.01 79.68
C ILE F 91 -33.09 -26.68 80.53
N PRO F 92 -33.07 -26.46 81.86
CA PRO F 92 -34.03 -27.15 82.72
C PRO F 92 -35.44 -26.64 82.58
N GLU F 93 -35.62 -25.33 82.51
CA GLU F 93 -36.93 -24.73 82.32
C GLU F 93 -37.69 -25.37 81.16
N THR F 94 -36.96 -25.88 80.17
CA THR F 94 -37.55 -26.56 79.03
C THR F 94 -37.32 -28.06 79.04
N GLY F 95 -36.54 -28.57 79.99
CA GLY F 95 -36.31 -29.99 80.08
C GLY F 95 -35.53 -30.58 78.93
N GLU F 96 -34.62 -29.81 78.35
CA GLU F 96 -33.90 -30.23 77.15
C GLU F 96 -32.42 -30.41 77.46
N HIS F 97 -31.79 -31.38 76.81
CA HIS F 97 -30.35 -31.46 76.90
C HIS F 97 -29.82 -31.71 75.52
N TYR F 98 -28.66 -31.17 75.24
CA TYR F 98 -28.04 -31.32 73.95
C TYR F 98 -26.58 -31.67 74.16
N ARG F 99 -26.08 -32.55 73.32
CA ARG F 99 -24.67 -32.82 73.24
C ARG F 99 -24.10 -32.10 72.03
N VAL F 100 -23.19 -31.17 72.30
CA VAL F 100 -22.36 -30.61 71.25
C VAL F 100 -21.44 -31.71 70.79
N LEU F 101 -21.63 -32.10 69.52
CA LEU F 101 -20.83 -33.03 68.75
C LEU F 101 -20.63 -32.51 67.34
N PRO F 102 -19.65 -33.00 66.62
CA PRO F 102 -19.47 -32.58 65.23
C PRO F 102 -20.31 -33.35 64.24
N ASN F 103 -20.47 -32.73 63.08
CA ASN F 103 -21.22 -33.32 61.98
C ASN F 103 -20.26 -34.05 61.06
N ARG F 104 -20.83 -34.67 60.04
CA ARG F 104 -20.00 -35.29 59.02
C ARG F 104 -19.41 -34.26 58.09
N ILE F 105 -20.11 -33.15 57.89
CA ILE F 105 -19.59 -32.00 57.17
C ILE F 105 -18.44 -31.37 57.93
N GLY F 106 -18.37 -31.61 59.23
CA GLY F 106 -17.30 -31.14 60.07
C GLY F 106 -17.71 -30.05 61.01
N LYS F 107 -18.96 -29.65 61.00
CA LYS F 107 -19.46 -28.55 61.79
C LYS F 107 -20.12 -29.05 63.07
N LEU F 108 -20.28 -28.13 64.00
CA LEU F 108 -20.77 -28.48 65.32
C LEU F 108 -22.27 -28.40 65.37
N VAL F 109 -22.87 -29.42 65.96
CA VAL F 109 -24.31 -29.55 66.07
C VAL F 109 -24.68 -29.96 67.47
N LEU F 110 -25.95 -29.80 67.75
CA LEU F 110 -26.57 -30.15 69.02
C LEU F 110 -27.43 -31.39 68.81
N HIS F 111 -27.04 -32.47 69.44
CA HIS F 111 -27.78 -33.71 69.39
C HIS F 111 -28.67 -33.80 70.61
N PRO F 112 -29.99 -33.88 70.49
CA PRO F 112 -30.83 -33.87 71.68
C PRO F 112 -30.71 -35.15 72.50
N ILE F 113 -30.74 -34.97 73.81
CA ILE F 113 -30.65 -36.05 74.79
C ILE F 113 -31.43 -35.69 76.04
N SER F 114 -31.53 -36.70 76.89
CA SER F 114 -32.26 -36.69 78.15
C SER F 114 -31.31 -36.61 79.34
N GLU F 115 -31.93 -36.49 80.52
CA GLU F 115 -31.25 -36.17 81.77
C GLU F 115 -30.18 -37.17 82.14
N LYS F 116 -30.49 -38.46 82.02
CA LYS F 116 -29.58 -39.51 82.44
C LYS F 116 -28.22 -39.36 81.77
N GLU F 117 -28.21 -39.37 80.44
CA GLU F 117 -27.00 -39.13 79.69
C GLU F 117 -26.48 -37.73 79.90
N ALA F 118 -27.35 -36.79 80.23
CA ALA F 118 -26.93 -35.41 80.40
C ALA F 118 -26.10 -35.20 81.63
N ASN F 119 -26.13 -36.14 82.57
CA ASN F 119 -25.25 -36.07 83.72
C ASN F 119 -23.93 -36.79 83.47
N ILE F 120 -23.59 -37.03 82.22
CA ILE F 120 -22.37 -37.74 81.84
C ILE F 120 -21.60 -36.88 80.88
N LYS F 121 -20.28 -36.96 80.96
CA LYS F 121 -19.38 -36.30 80.01
C LYS F 121 -18.16 -37.18 79.80
N PRO F 122 -17.90 -37.65 78.59
CA PRO F 122 -16.68 -38.40 78.36
C PRO F 122 -15.52 -37.48 78.07
N LEU F 123 -14.37 -37.78 78.67
CA LEU F 123 -13.20 -36.94 78.59
C LEU F 123 -12.01 -37.78 78.16
N ARG F 124 -11.45 -37.45 77.01
CA ARG F 124 -10.19 -38.02 76.57
C ARG F 124 -9.08 -37.48 77.44
N ILE F 125 -8.21 -38.38 77.89
CA ILE F 125 -7.30 -38.00 78.96
C ILE F 125 -6.25 -37.01 78.47
N SER F 126 -5.56 -37.34 77.40
CA SER F 126 -4.71 -36.41 76.65
C SER F 126 -3.41 -35.95 77.30
N ASN F 127 -3.22 -36.15 78.59
CA ASN F 127 -1.87 -36.08 79.17
C ASN F 127 -1.93 -36.40 80.65
N LYS F 128 -0.74 -36.48 81.25
CA LYS F 128 -0.57 -37.04 82.58
C LYS F 128 0.73 -36.49 83.18
N ARG F 129 0.59 -35.52 84.07
CA ARG F 129 1.73 -34.95 84.78
C ARG F 129 1.87 -35.61 86.13
N MET F 130 3.09 -35.54 86.65
CA MET F 130 3.37 -35.80 88.04
C MET F 130 3.51 -34.45 88.75
N VAL F 131 2.62 -34.19 89.70
CA VAL F 131 2.58 -32.93 90.41
C VAL F 131 3.01 -33.13 91.84
N LYS F 132 3.36 -32.01 92.46
CA LYS F 132 3.80 -31.97 93.84
C LYS F 132 2.82 -32.66 94.75
N GLY F 133 3.33 -33.20 95.85
CA GLY F 133 2.64 -34.22 96.61
C GLY F 133 2.77 -35.60 96.04
N ALA F 134 3.55 -35.76 94.96
CA ALA F 134 3.66 -37.01 94.25
C ALA F 134 2.29 -37.53 93.85
N LYS F 135 1.49 -36.63 93.27
CA LYS F 135 0.15 -36.92 92.80
C LYS F 135 0.13 -36.89 91.28
N VAL F 136 -0.92 -37.42 90.67
CA VAL F 136 -1.01 -37.53 89.23
C VAL F 136 -2.10 -36.61 88.73
N GLN F 137 -1.74 -35.68 87.85
CA GLN F 137 -2.67 -34.76 87.24
C GLN F 137 -2.96 -35.22 85.82
N LEU F 138 -4.16 -35.70 85.60
CA LEU F 138 -4.66 -35.97 84.28
C LEU F 138 -5.12 -34.69 83.62
N ASN F 139 -4.60 -34.43 82.43
CA ASN F 139 -4.81 -33.18 81.72
C ASN F 139 -5.65 -33.46 80.49
N LEU F 140 -6.94 -33.13 80.58
CA LEU F 140 -8.00 -33.59 79.70
C LEU F 140 -8.39 -32.56 78.64
N HIS F 141 -8.95 -33.10 77.55
CA HIS F 141 -9.08 -32.42 76.26
C HIS F 141 -9.98 -31.21 76.32
N ASP F 142 -10.84 -31.13 77.30
CA ASP F 142 -11.58 -29.92 77.61
C ASP F 142 -10.78 -28.95 78.44
N GLY F 143 -9.46 -29.09 78.44
CA GLY F 143 -8.60 -28.32 79.29
C GLY F 143 -8.82 -28.55 80.75
N SER F 144 -9.47 -29.65 81.11
CA SER F 144 -9.78 -29.88 82.50
C SER F 144 -8.65 -30.68 83.13
N ASN F 145 -8.70 -30.78 84.45
CA ASN F 145 -7.66 -31.44 85.20
C ASN F 145 -8.28 -32.22 86.34
N HIS F 146 -7.83 -33.46 86.46
CA HIS F 146 -8.32 -34.36 87.49
C HIS F 146 -7.13 -34.92 88.24
N LEU F 147 -7.21 -34.95 89.55
CA LEU F 147 -6.14 -35.48 90.38
C LEU F 147 -6.46 -36.90 90.79
N VAL F 148 -5.52 -37.81 90.57
CA VAL F 148 -5.58 -39.17 91.06
C VAL F 148 -4.27 -39.49 91.76
N THR F 149 -4.18 -40.72 92.22
CA THR F 149 -3.08 -41.18 93.06
C THR F 149 -2.23 -42.21 92.35
N VAL F 150 -1.04 -42.41 92.94
CA VAL F 150 -0.06 -43.36 92.42
C VAL F 150 -0.47 -44.81 92.53
N ASP F 151 -1.66 -45.08 93.07
CA ASP F 151 -2.21 -46.43 93.07
C ASP F 151 -2.84 -46.81 91.74
N ASP F 152 -3.69 -45.95 91.19
CA ASP F 152 -4.35 -46.21 89.91
C ASP F 152 -3.79 -45.38 88.77
N LYS F 153 -2.65 -44.71 89.00
CA LYS F 153 -1.91 -44.07 87.92
C LYS F 153 -1.73 -44.96 86.70
N ASP F 154 -1.71 -46.28 86.87
CA ASP F 154 -1.53 -47.20 85.76
C ASP F 154 -2.85 -47.60 85.12
N ASN F 155 -3.94 -47.60 85.88
CA ASN F 155 -5.27 -47.68 85.31
C ASN F 155 -5.60 -46.47 84.48
N TYR F 156 -4.91 -45.36 84.70
CA TYR F 156 -5.11 -44.14 83.92
C TYR F 156 -3.96 -43.94 82.93
N ARG F 157 -4.29 -43.90 81.64
CA ARG F 157 -3.33 -43.69 80.56
C ARG F 157 -3.84 -42.62 79.61
N THR F 158 -2.96 -42.17 78.71
CA THR F 158 -3.15 -40.87 78.06
C THR F 158 -4.32 -40.83 77.11
N ALA F 159 -4.41 -41.78 76.21
CA ALA F 159 -5.44 -41.73 75.18
C ALA F 159 -6.74 -42.35 75.65
N TYR F 160 -6.80 -42.77 76.89
CA TYR F 160 -8.01 -43.38 77.42
C TYR F 160 -9.09 -42.33 77.54
N THR F 161 -10.28 -42.80 77.87
CA THR F 161 -11.42 -41.93 78.11
C THR F 161 -11.93 -42.19 79.51
N VAL F 162 -12.48 -41.16 80.12
CA VAL F 162 -13.05 -41.23 81.45
C VAL F 162 -14.46 -40.69 81.37
N LEU F 163 -15.44 -41.49 81.75
CA LEU F 163 -16.76 -40.94 81.96
C LEU F 163 -16.78 -40.20 83.28
N MET F 164 -17.38 -39.02 83.27
CA MET F 164 -17.34 -38.10 84.38
C MET F 164 -18.74 -37.61 84.68
N LYS F 165 -19.09 -37.60 85.95
CA LYS F 165 -20.34 -37.02 86.42
C LYS F 165 -20.06 -35.57 86.77
N VAL F 166 -20.59 -34.67 85.96
CA VAL F 166 -19.97 -33.36 85.75
C VAL F 166 -20.34 -32.30 86.79
N PRO F 167 -21.56 -32.21 87.31
CA PRO F 167 -21.81 -31.22 88.36
C PRO F 167 -21.13 -31.58 89.65
N ASP F 168 -20.51 -32.75 89.73
CA ASP F 168 -19.78 -33.20 90.89
C ASP F 168 -18.35 -33.59 90.57
N ARG F 169 -18.09 -34.05 89.35
CA ARG F 169 -16.77 -34.47 88.88
C ARG F 169 -16.28 -35.70 89.63
N GLU F 170 -17.02 -36.78 89.47
CA GLU F 170 -16.65 -38.08 89.96
C GLU F 170 -16.48 -39.04 88.81
N VAL F 171 -15.30 -39.60 88.72
CA VAL F 171 -14.97 -40.55 87.67
C VAL F 171 -15.81 -41.79 87.83
N ILE F 172 -16.40 -42.20 86.72
CA ILE F 172 -17.00 -43.52 86.54
C ILE F 172 -16.48 -44.03 85.21
N GLU F 173 -16.40 -45.35 85.07
CA GLU F 173 -16.21 -45.99 83.77
C GLU F 173 -15.05 -45.36 82.99
N ILE F 174 -13.85 -45.73 83.42
CA ILE F 174 -12.70 -45.62 82.55
C ILE F 174 -12.90 -46.52 81.35
N LEU F 175 -12.67 -45.98 80.16
CA LEU F 175 -12.73 -46.71 78.90
C LEU F 175 -11.35 -46.69 78.25
N PRO F 176 -10.66 -47.81 78.13
CA PRO F 176 -9.31 -47.77 77.58
C PRO F 176 -9.27 -47.78 76.06
N PHE F 177 -8.16 -47.26 75.56
CA PHE F 177 -7.84 -47.26 74.14
C PHE F 177 -7.18 -48.58 73.83
N ASP F 178 -7.92 -49.49 73.21
CA ASP F 178 -7.43 -50.81 72.88
C ASP F 178 -8.07 -51.24 71.58
N VAL F 179 -7.77 -52.45 71.16
CA VAL F 179 -8.46 -53.05 70.03
C VAL F 179 -9.85 -53.46 70.47
N GLY F 180 -10.81 -53.28 69.57
CA GLY F 180 -12.20 -53.57 69.83
C GLY F 180 -12.95 -52.44 70.47
N ALA F 181 -12.23 -51.46 71.00
CA ALA F 181 -12.85 -50.31 71.62
C ALA F 181 -13.68 -49.52 70.62
N TYR F 182 -14.89 -49.19 71.02
CA TYR F 182 -15.73 -48.34 70.18
C TYR F 182 -15.24 -46.91 70.25
N VAL F 183 -15.20 -46.27 69.10
CA VAL F 183 -14.51 -45.01 68.94
C VAL F 183 -15.38 -44.07 68.13
N PHE F 184 -15.22 -42.77 68.39
CA PHE F 184 -15.88 -41.72 67.65
C PHE F 184 -14.85 -40.72 67.20
N VAL F 185 -14.76 -40.51 65.94
CA VAL F 185 -13.82 -39.54 65.41
C VAL F 185 -14.37 -38.13 65.58
N THR F 186 -13.47 -37.18 65.72
CA THR F 186 -13.82 -35.82 66.09
C THR F 186 -13.33 -34.78 65.10
N ARG F 187 -12.34 -35.11 64.30
CA ARG F 187 -11.73 -34.19 63.37
C ARG F 187 -11.24 -35.00 62.19
N GLY F 188 -10.89 -34.31 61.13
CA GLY F 188 -10.35 -34.93 59.95
C GLY F 188 -11.33 -35.05 58.82
N LYS F 189 -11.11 -36.07 58.02
CA LYS F 189 -11.94 -36.40 56.87
C LYS F 189 -13.06 -37.34 57.26
N ASN F 190 -12.75 -38.24 58.17
CA ASN F 190 -13.68 -39.25 58.65
C ASN F 190 -14.25 -38.80 59.98
N VAL F 191 -15.05 -37.73 59.95
CA VAL F 191 -15.27 -36.95 61.14
C VAL F 191 -16.25 -37.62 62.06
N ALA F 192 -17.51 -37.71 61.67
CA ALA F 192 -18.53 -38.22 62.57
C ALA F 192 -18.78 -39.69 62.33
N ARG F 193 -17.67 -40.40 62.27
CA ARG F 193 -17.64 -41.81 61.94
C ARG F 193 -17.21 -42.57 63.17
N LYS F 194 -17.71 -43.78 63.29
CA LYS F 194 -17.57 -44.56 64.50
C LYS F 194 -17.42 -46.03 64.17
N GLY F 195 -16.77 -46.72 65.08
CA GLY F 195 -16.53 -48.13 64.89
C GLY F 195 -15.58 -48.65 65.94
N LYS F 196 -15.09 -49.84 65.68
CA LYS F 196 -14.18 -50.51 66.58
C LYS F 196 -12.76 -50.37 66.07
N ILE F 197 -11.84 -50.22 67.01
CA ILE F 197 -10.44 -50.12 66.68
C ILE F 197 -9.92 -51.46 66.18
N VAL F 198 -8.97 -51.39 65.27
CA VAL F 198 -8.37 -52.57 64.66
C VAL F 198 -6.86 -52.56 64.82
N GLU F 199 -6.23 -51.43 64.56
CA GLU F 199 -4.77 -51.40 64.52
C GLU F 199 -4.26 -50.04 64.95
N VAL F 200 -3.03 -50.01 65.42
CA VAL F 200 -2.34 -48.76 65.74
C VAL F 200 -0.92 -48.83 65.18
N ARG F 201 -0.52 -47.77 64.48
CA ARG F 201 0.84 -47.58 63.98
C ARG F 201 1.47 -46.36 64.62
N ARG F 202 2.80 -46.41 64.73
CA ARG F 202 3.56 -45.62 65.68
C ARG F 202 4.40 -44.51 65.04
N PHE F 203 5.06 -44.78 63.92
CA PHE F 203 5.72 -43.70 63.18
C PHE F 203 6.79 -42.95 63.95
N PRO F 204 8.06 -43.34 63.81
CA PRO F 204 9.10 -43.08 64.83
C PRO F 204 9.07 -41.74 65.55
N MET F 205 9.40 -40.66 64.85
CA MET F 205 9.63 -39.38 65.49
C MET F 205 8.29 -38.75 65.82
N GLY F 206 8.23 -37.43 65.89
CA GLY F 206 7.03 -36.73 66.26
C GLY F 206 5.84 -36.89 65.34
N TRP F 207 5.96 -37.73 64.33
CA TRP F 207 4.83 -38.05 63.50
C TRP F 207 3.74 -38.70 64.34
N PRO F 208 2.51 -38.19 64.30
CA PRO F 208 1.46 -38.76 65.14
C PRO F 208 1.15 -40.20 64.80
N ASP F 209 0.75 -40.93 65.84
CA ASP F 209 0.28 -42.29 65.65
C ASP F 209 -1.05 -42.31 64.93
N VAL F 210 -1.34 -43.44 64.31
CA VAL F 210 -2.51 -43.59 63.45
C VAL F 210 -3.24 -44.84 63.87
N VAL F 211 -4.55 -44.81 63.76
CA VAL F 211 -5.39 -45.92 64.13
C VAL F 211 -6.26 -46.31 62.96
N THR F 212 -6.41 -47.62 62.81
CA THR F 212 -7.28 -48.23 61.83
C THR F 212 -8.51 -48.74 62.56
N ILE F 213 -9.67 -48.37 62.02
CA ILE F 213 -10.97 -48.44 62.66
C ILE F 213 -11.92 -49.15 61.72
N GLU F 214 -12.79 -49.99 62.26
CA GLU F 214 -13.77 -50.73 61.50
C GLU F 214 -15.16 -50.26 61.86
N ASP F 215 -15.91 -49.84 60.86
CA ASP F 215 -17.24 -49.32 61.06
C ASP F 215 -18.25 -50.46 61.22
N GLU F 216 -19.53 -50.08 61.33
CA GLU F 216 -20.58 -51.05 61.48
C GLU F 216 -20.80 -51.86 60.22
N ASN F 217 -20.71 -51.22 59.05
CA ASN F 217 -20.92 -51.89 57.79
C ASN F 217 -19.68 -52.63 57.31
N GLY F 218 -18.70 -52.83 58.18
CA GLY F 218 -17.54 -53.60 57.87
C GLY F 218 -16.43 -52.86 57.18
N GLU F 219 -16.68 -51.63 56.74
CA GLU F 219 -15.62 -50.83 56.14
C GLU F 219 -14.53 -50.54 57.15
N LEU F 220 -13.42 -50.02 56.66
CA LEU F 220 -12.15 -50.04 57.37
C LEU F 220 -11.36 -48.81 56.95
N PHE F 221 -11.20 -47.88 57.89
CA PHE F 221 -10.63 -46.58 57.58
C PHE F 221 -9.69 -46.14 58.68
N ASP F 222 -8.76 -45.27 58.31
CA ASP F 222 -7.74 -44.79 59.23
C ASP F 222 -7.98 -43.34 59.60
N THR F 223 -7.45 -42.97 60.76
CA THR F 223 -7.35 -41.59 61.15
C THR F 223 -6.32 -41.47 62.25
N LEU F 224 -6.23 -40.29 62.84
CA LEU F 224 -5.26 -40.07 63.89
C LEU F 224 -5.80 -40.52 65.24
N LYS F 225 -4.87 -41.02 66.05
CA LYS F 225 -5.21 -41.45 67.40
C LYS F 225 -5.74 -40.31 68.22
N GLU F 226 -5.18 -39.12 68.05
CA GLU F 226 -5.67 -37.95 68.77
C GLU F 226 -7.07 -37.56 68.35
N TYR F 227 -7.47 -37.89 67.13
CA TYR F 227 -8.82 -37.65 66.67
C TYR F 227 -9.75 -38.80 66.94
N ALA F 228 -9.23 -39.91 67.44
CA ALA F 228 -10.03 -41.05 67.82
C ALA F 228 -10.43 -40.93 69.28
N PHE F 229 -11.72 -40.70 69.50
CA PHE F 229 -12.27 -40.52 70.83
C PHE F 229 -12.98 -41.79 71.22
N VAL F 230 -12.63 -42.34 72.38
CA VAL F 230 -13.25 -43.57 72.83
C VAL F 230 -14.54 -43.25 73.55
N VAL F 231 -15.60 -43.96 73.19
CA VAL F 231 -16.90 -43.78 73.80
C VAL F 231 -17.39 -45.06 74.46
N GLY F 232 -16.78 -46.21 74.17
CA GLY F 232 -17.26 -47.44 74.73
C GLY F 232 -16.26 -48.55 74.55
N LYS F 233 -16.58 -49.69 75.17
CA LYS F 233 -15.75 -50.87 75.06
C LYS F 233 -16.13 -51.68 73.83
N GLU F 234 -17.43 -51.86 73.61
CA GLU F 234 -17.97 -52.53 72.44
C GLU F 234 -19.17 -51.81 71.85
N LYS F 235 -19.76 -50.86 72.55
CA LYS F 235 -20.89 -50.07 72.10
C LYS F 235 -20.70 -48.64 72.57
N PRO F 236 -21.10 -47.65 71.77
CA PRO F 236 -20.74 -46.27 72.08
C PRO F 236 -21.22 -45.78 73.42
N GLU F 237 -22.36 -46.28 73.87
CA GLU F 237 -22.94 -46.02 75.18
C GLU F 237 -23.10 -44.54 75.51
N ILE F 238 -23.04 -43.64 74.53
CA ILE F 238 -23.27 -42.24 74.80
C ILE F 238 -24.14 -41.57 73.74
N SER F 239 -24.77 -42.36 72.88
CA SER F 239 -25.83 -41.87 71.99
C SER F 239 -25.33 -40.73 71.11
N LEU F 240 -24.51 -41.12 70.14
CA LEU F 240 -23.66 -40.14 69.46
C LEU F 240 -24.40 -39.32 68.42
N PRO F 241 -24.89 -39.90 67.33
CA PRO F 241 -25.34 -39.10 66.19
C PRO F 241 -26.68 -38.43 66.42
N SER G 1 -30.92 -35.42 -14.16
CA SER G 1 -32.13 -34.65 -14.34
C SER G 1 -32.54 -34.66 -15.80
N GLN G 2 -33.81 -35.02 -16.00
CA GLN G 2 -34.43 -35.09 -17.31
C GLN G 2 -34.23 -33.82 -18.13
N ARG G 3 -34.29 -32.65 -17.49
CA ARG G 3 -34.26 -31.39 -18.21
C ARG G 3 -32.97 -31.23 -19.00
N VAL G 4 -31.82 -31.27 -18.32
CA VAL G 4 -30.54 -31.21 -19.01
C VAL G 4 -30.30 -32.45 -19.85
N LEU G 5 -30.76 -33.61 -19.38
CA LEU G 5 -30.56 -34.85 -20.11
C LEU G 5 -31.09 -34.77 -21.53
N GLU G 6 -32.26 -34.17 -21.75
CA GLU G 6 -32.75 -34.06 -23.12
C GLU G 6 -31.76 -33.32 -24.01
N GLU G 7 -31.45 -32.07 -23.65
CA GLU G 7 -30.55 -31.25 -24.43
C GLU G 7 -29.16 -31.85 -24.60
N TRP G 8 -28.76 -32.74 -23.72
CA TRP G 8 -27.36 -33.16 -23.62
C TRP G 8 -27.08 -34.35 -24.55
N GLU G 9 -26.04 -34.20 -25.36
CA GLU G 9 -25.41 -35.34 -26.02
C GLU G 9 -24.04 -35.58 -25.40
N PRO G 10 -23.65 -36.81 -25.11
CA PRO G 10 -22.62 -37.05 -24.10
C PRO G 10 -21.19 -36.69 -24.46
N ARG G 11 -20.67 -37.06 -25.63
CA ARG G 11 -19.29 -36.76 -26.02
C ARG G 11 -18.20 -37.52 -25.25
N THR G 12 -18.56 -38.22 -24.19
CA THR G 12 -17.61 -38.97 -23.40
C THR G 12 -18.18 -40.34 -23.12
N LYS G 13 -17.31 -41.27 -22.76
CA LYS G 13 -17.75 -42.60 -22.40
C LYS G 13 -18.61 -42.58 -21.16
N LEU G 14 -18.16 -41.84 -20.16
CA LEU G 14 -18.91 -41.69 -18.93
C LEU G 14 -20.26 -41.04 -19.18
N GLY G 15 -20.30 -40.02 -20.02
CA GLY G 15 -21.55 -39.38 -20.36
C GLY G 15 -22.47 -40.31 -21.11
N GLN G 16 -21.91 -41.16 -21.96
CA GLN G 16 -22.72 -42.14 -22.66
C GLN G 16 -23.39 -43.07 -21.67
N LEU G 17 -22.64 -43.55 -20.70
CA LEU G 17 -23.20 -44.43 -19.67
C LEU G 17 -24.30 -43.73 -18.88
N VAL G 18 -24.04 -42.51 -18.44
CA VAL G 18 -25.01 -41.75 -17.68
C VAL G 18 -26.28 -41.55 -18.47
N LYS G 19 -26.16 -41.09 -19.72
CA LYS G 19 -27.32 -40.95 -20.59
C LYS G 19 -28.06 -42.27 -20.75
N ALA G 20 -27.28 -43.33 -20.93
CA ALA G 20 -27.82 -44.68 -21.13
C ALA G 20 -28.49 -45.26 -19.90
N GLY G 21 -28.46 -44.52 -18.80
CA GLY G 21 -29.06 -44.96 -17.56
C GLY G 21 -28.12 -45.76 -16.68
N GLN G 22 -26.92 -46.03 -17.18
CA GLN G 22 -25.89 -46.74 -16.41
C GLN G 22 -25.19 -45.73 -15.49
N ILE G 23 -24.47 -46.22 -14.48
CA ILE G 23 -23.78 -45.34 -13.53
C ILE G 23 -24.75 -44.33 -12.93
N THR G 24 -25.88 -44.82 -12.46
CA THR G 24 -26.93 -43.99 -11.88
C THR G 24 -26.62 -43.31 -10.55
N ASP G 25 -25.44 -43.53 -9.98
CA ASP G 25 -25.12 -42.89 -8.73
C ASP G 25 -23.68 -42.39 -8.74
N ILE G 26 -23.55 -41.16 -8.27
CA ILE G 26 -22.29 -40.47 -8.23
C ILE G 26 -21.22 -41.25 -7.46
N HIS G 27 -21.63 -42.08 -6.50
CA HIS G 27 -20.67 -42.97 -5.89
C HIS G 27 -20.10 -43.94 -6.91
N GLU G 28 -20.90 -44.39 -7.87
CA GLU G 28 -20.39 -45.23 -8.92
C GLU G 28 -19.51 -44.44 -9.86
N ILE G 29 -19.70 -43.13 -9.90
CA ILE G 29 -18.81 -42.31 -10.70
C ILE G 29 -17.39 -42.32 -10.14
N PHE G 30 -17.23 -42.16 -8.83
CA PHE G 30 -15.93 -41.67 -8.39
C PHE G 30 -14.77 -42.64 -8.46
N ARG G 31 -14.69 -43.59 -7.54
CA ARG G 31 -13.40 -44.15 -7.13
C ARG G 31 -12.88 -45.18 -8.11
N LYS G 32 -12.65 -44.74 -9.34
CA LYS G 32 -12.34 -45.63 -10.44
C LYS G 32 -11.30 -45.08 -11.39
N GLY G 33 -10.66 -43.97 -11.05
CA GLY G 33 -9.77 -43.31 -11.96
C GLY G 33 -10.43 -42.52 -13.05
N TYR G 34 -11.75 -42.55 -13.13
CA TYR G 34 -12.46 -42.03 -14.28
C TYR G 34 -12.16 -40.56 -14.49
N GLN G 35 -12.48 -40.11 -15.69
CA GLN G 35 -12.23 -38.75 -16.14
C GLN G 35 -13.57 -38.07 -16.33
N ILE G 36 -13.80 -37.03 -15.54
CA ILE G 36 -15.01 -36.23 -15.64
C ILE G 36 -14.64 -34.97 -16.39
N LYS G 37 -15.15 -34.87 -17.61
CA LYS G 37 -15.03 -33.66 -18.40
C LYS G 37 -16.39 -33.06 -18.71
N GLU G 38 -17.39 -33.30 -17.87
CA GLU G 38 -18.74 -32.90 -18.16
C GLU G 38 -19.58 -32.48 -16.96
N PRO G 39 -19.74 -31.18 -16.75
CA PRO G 39 -20.71 -30.72 -15.77
C PRO G 39 -22.10 -31.25 -16.01
N GLU G 40 -22.41 -31.69 -17.23
CA GLU G 40 -23.71 -32.31 -17.48
C GLU G 40 -23.83 -33.63 -16.76
N ILE G 41 -22.76 -34.41 -16.74
CA ILE G 41 -22.72 -35.62 -15.92
C ILE G 41 -23.03 -35.26 -14.48
N VAL G 42 -22.33 -34.25 -13.97
CA VAL G 42 -22.50 -33.97 -12.55
C VAL G 42 -23.90 -33.47 -12.27
N ASP G 43 -24.46 -32.65 -13.15
CA ASP G 43 -25.80 -32.14 -12.95
C ASP G 43 -26.85 -33.22 -13.03
N VAL G 44 -26.64 -34.19 -13.91
CA VAL G 44 -27.57 -35.29 -14.01
C VAL G 44 -27.57 -36.10 -12.72
N LEU G 45 -26.38 -36.45 -12.23
CA LEU G 45 -26.32 -37.35 -11.08
C LEU G 45 -26.42 -36.61 -9.76
N LEU G 46 -26.44 -35.29 -9.79
CA LEU G 46 -26.39 -34.47 -8.59
C LEU G 46 -27.10 -33.17 -8.91
N PRO G 47 -28.40 -33.23 -9.19
CA PRO G 47 -29.09 -32.07 -9.75
C PRO G 47 -29.14 -30.86 -8.84
N GLU G 48 -29.04 -31.04 -7.53
CA GLU G 48 -29.05 -29.91 -6.62
C GLU G 48 -27.84 -29.01 -6.81
N VAL G 49 -26.86 -29.43 -7.58
CA VAL G 49 -25.71 -28.61 -7.88
C VAL G 49 -26.04 -27.54 -8.91
N ASN G 50 -27.08 -27.74 -9.69
CA ASN G 50 -27.51 -26.75 -10.68
C ASN G 50 -28.10 -25.50 -10.05
N MET G 51 -28.27 -25.48 -8.74
CA MET G 51 -29.04 -24.44 -8.08
C MET G 51 -28.16 -23.27 -7.63
N ARG G 52 -28.69 -22.06 -7.87
CA ARG G 52 -27.98 -20.84 -7.52
C ARG G 52 -27.60 -20.83 -6.06
N GLU G 53 -28.52 -21.21 -5.18
CA GLU G 53 -28.15 -21.69 -3.87
C GLU G 53 -27.72 -23.14 -4.01
N ASN G 54 -26.73 -23.52 -3.22
CA ASN G 54 -25.81 -24.63 -3.47
C ASN G 54 -24.75 -24.27 -4.49
N GLN G 55 -24.80 -23.10 -5.10
CA GLN G 55 -23.63 -22.53 -5.75
C GLN G 55 -23.17 -21.34 -4.94
N GLU G 56 -21.86 -21.16 -4.86
CA GLU G 56 -21.26 -20.08 -4.10
C GLU G 56 -20.05 -19.54 -4.84
N VAL G 57 -20.08 -18.24 -5.10
CA VAL G 57 -18.94 -17.50 -5.62
C VAL G 57 -18.15 -16.99 -4.44
N LEU G 58 -16.87 -17.34 -4.41
CA LEU G 58 -16.05 -17.11 -3.23
C LEU G 58 -15.04 -15.99 -3.43
N ASP G 59 -14.67 -15.69 -4.66
CA ASP G 59 -13.74 -14.61 -4.88
C ASP G 59 -13.81 -14.16 -6.33
N ILE G 60 -13.67 -12.86 -6.54
CA ILE G 60 -13.53 -12.28 -7.84
C ILE G 60 -12.33 -11.35 -7.78
N ALA G 61 -11.37 -11.58 -8.66
CA ALA G 61 -10.18 -10.78 -8.76
C ALA G 61 -10.01 -10.29 -10.18
N LEU G 62 -9.65 -9.03 -10.30
CA LEU G 62 -9.29 -8.43 -11.56
C LEU G 62 -7.78 -8.50 -11.65
N THR G 63 -7.30 -9.37 -12.51
CA THR G 63 -5.88 -9.57 -12.75
C THR G 63 -5.49 -8.87 -14.04
N VAL G 64 -4.24 -8.42 -14.10
CA VAL G 64 -3.74 -7.56 -15.16
C VAL G 64 -2.64 -8.26 -15.93
N ARG G 65 -2.63 -8.03 -17.23
CA ARG G 65 -1.52 -8.32 -18.11
C ARG G 65 -1.10 -7.00 -18.73
N MET G 66 0.18 -6.73 -18.73
CA MET G 66 0.68 -5.57 -19.43
C MET G 66 0.99 -5.89 -20.88
N THR G 67 0.86 -4.87 -21.71
CA THR G 67 1.19 -4.92 -23.12
C THR G 67 1.68 -3.53 -23.49
N ASP G 68 2.40 -3.46 -24.59
CA ASP G 68 2.36 -2.23 -25.34
C ASP G 68 0.90 -1.94 -25.65
N SER G 69 0.52 -0.68 -25.52
CA SER G 69 -0.88 -0.25 -25.59
C SER G 69 -1.62 -0.50 -24.28
N GLY G 70 -0.88 -0.76 -23.22
CA GLY G 70 -1.42 -0.70 -21.88
C GLY G 70 -1.92 -2.02 -21.34
N ARG G 71 -2.89 -1.89 -20.45
CA ARG G 71 -3.32 -2.99 -19.59
C ARG G 71 -4.50 -3.75 -20.20
N ARG G 72 -4.40 -5.08 -20.13
CA ARG G 72 -5.45 -5.98 -20.55
C ARG G 72 -5.87 -6.76 -19.32
N ILE G 73 -7.10 -6.61 -18.93
CA ILE G 73 -7.57 -7.16 -17.68
C ILE G 73 -8.34 -8.44 -17.91
N ARG G 74 -8.11 -9.40 -17.03
CA ARG G 74 -8.84 -10.65 -16.97
C ARG G 74 -9.48 -10.74 -15.60
N PHE G 75 -10.49 -11.58 -15.50
CA PHE G 75 -11.23 -11.80 -14.27
C PHE G 75 -11.06 -13.25 -13.89
N ARG G 76 -10.46 -13.47 -12.72
CA ARG G 76 -10.40 -14.76 -12.08
C ARG G 76 -11.54 -14.86 -11.08
N VAL G 77 -12.25 -15.96 -11.13
CA VAL G 77 -13.41 -16.19 -10.29
C VAL G 77 -13.25 -17.54 -9.64
N LEU G 78 -13.23 -17.53 -8.32
CA LEU G 78 -13.22 -18.74 -7.54
C LEU G 78 -14.63 -19.00 -7.05
N ALA G 79 -15.15 -20.15 -7.46
CA ALA G 79 -16.49 -20.58 -7.18
C ALA G 79 -16.45 -21.97 -6.58
N ALA G 80 -17.48 -22.28 -5.80
CA ALA G 80 -17.70 -23.60 -5.28
C ALA G 80 -19.13 -23.98 -5.51
N VAL G 81 -19.36 -25.27 -5.68
CA VAL G 81 -20.68 -25.84 -5.75
C VAL G 81 -20.71 -27.05 -4.85
N GLY G 82 -21.90 -27.52 -4.57
CA GLY G 82 -22.02 -28.68 -3.74
C GLY G 82 -23.42 -29.08 -3.39
N ASN G 83 -23.58 -30.38 -3.21
CA ASN G 83 -24.71 -30.87 -2.46
C ASN G 83 -24.33 -30.93 -1.00
N ARG G 84 -25.20 -30.25 -0.24
CA ARG G 84 -25.08 -30.05 1.20
C ARG G 84 -25.17 -31.32 2.01
N ASP G 85 -24.78 -32.42 1.38
CA ASP G 85 -24.70 -33.70 2.04
C ASP G 85 -23.21 -33.82 1.99
N GLY G 86 -22.70 -34.86 1.34
CA GLY G 86 -21.27 -34.86 1.18
C GLY G 86 -20.71 -34.77 -0.21
N TYR G 87 -21.05 -33.74 -1.00
CA TYR G 87 -20.30 -33.57 -2.24
C TYR G 87 -20.08 -32.09 -2.46
N VAL G 88 -18.85 -31.75 -2.83
CA VAL G 88 -18.47 -30.38 -3.02
C VAL G 88 -17.39 -30.32 -4.08
N GLY G 89 -17.38 -29.25 -4.84
CA GLY G 89 -16.34 -29.00 -5.80
C GLY G 89 -15.98 -27.54 -5.83
N LEU G 90 -14.76 -27.28 -6.29
CA LEU G 90 -14.16 -25.97 -6.29
C LEU G 90 -13.50 -25.74 -7.62
N GLY G 91 -13.72 -24.57 -8.18
CA GLY G 91 -13.22 -24.25 -9.50
C GLY G 91 -12.79 -22.81 -9.61
N ILE G 92 -11.79 -22.59 -10.45
CA ILE G 92 -11.39 -21.27 -10.87
C ILE G 92 -11.77 -21.13 -12.33
N GLY G 93 -12.18 -19.93 -12.71
CA GLY G 93 -12.52 -19.63 -14.07
C GLY G 93 -12.03 -18.26 -14.43
N HIS G 94 -11.61 -18.13 -15.67
CA HIS G 94 -11.07 -16.88 -16.18
C HIS G 94 -11.92 -16.39 -17.33
N GLY G 95 -12.03 -15.08 -17.41
CA GLY G 95 -12.77 -14.48 -18.51
C GLY G 95 -12.39 -13.05 -18.70
N ARG G 96 -12.85 -12.49 -19.82
CA ARG G 96 -12.78 -11.06 -19.99
C ARG G 96 -13.93 -10.37 -19.29
N GLU G 97 -15.00 -11.09 -19.02
CA GLU G 97 -16.10 -10.61 -18.24
C GLU G 97 -16.45 -11.60 -17.13
N VAL G 98 -16.93 -11.01 -16.06
CA VAL G 98 -17.20 -11.71 -14.81
C VAL G 98 -18.21 -12.83 -15.01
N GLY G 99 -19.19 -12.66 -15.89
CA GLY G 99 -20.18 -13.69 -16.06
C GLY G 99 -19.64 -14.92 -16.76
N ILE G 100 -18.85 -14.70 -17.80
CA ILE G 100 -18.14 -15.80 -18.46
C ILE G 100 -17.29 -16.53 -17.44
N ALA G 101 -16.50 -15.78 -16.69
CA ALA G 101 -15.65 -16.36 -15.69
C ALA G 101 -16.45 -17.18 -14.69
N ILE G 102 -17.62 -16.70 -14.30
CA ILE G 102 -18.43 -17.40 -13.31
C ILE G 102 -18.93 -18.73 -13.86
N ARG G 103 -19.48 -18.71 -15.07
CA ARG G 103 -20.04 -19.96 -15.59
C ARG G 103 -18.93 -20.96 -15.84
N LYS G 104 -17.75 -20.48 -16.24
CA LYS G 104 -16.61 -21.36 -16.44
C LYS G 104 -16.12 -21.95 -15.12
N ALA G 105 -16.02 -21.11 -14.11
CA ALA G 105 -15.61 -21.56 -12.78
C ALA G 105 -16.55 -22.61 -12.24
N ILE G 106 -17.85 -22.45 -12.49
CA ILE G 106 -18.80 -23.41 -11.98
C ILE G 106 -18.70 -24.72 -12.75
N ASN G 107 -18.46 -24.66 -14.05
CA ASN G 107 -18.24 -25.88 -14.79
C ASN G 107 -17.03 -26.64 -14.27
N TYR G 108 -15.93 -25.94 -14.08
CA TYR G 108 -14.73 -26.59 -13.58
C TYR G 108 -14.93 -27.14 -12.18
N ALA G 109 -15.72 -26.45 -11.38
CA ALA G 109 -16.09 -26.97 -10.07
C ALA G 109 -16.84 -28.29 -10.16
N LYS G 110 -17.85 -28.37 -11.03
CA LYS G 110 -18.57 -29.62 -11.17
C LYS G 110 -17.65 -30.73 -11.65
N MET G 111 -16.67 -30.38 -12.47
CA MET G 111 -15.68 -31.38 -12.87
C MET G 111 -14.77 -31.79 -11.73
N ASN G 112 -14.47 -30.88 -10.80
CA ASN G 112 -13.58 -31.13 -9.67
C ASN G 112 -14.33 -31.57 -8.43
N ILE G 113 -15.59 -31.95 -8.59
CA ILE G 113 -16.38 -32.56 -7.54
C ILE G 113 -15.59 -33.67 -6.86
N ILE G 114 -15.76 -33.78 -5.53
CA ILE G 114 -15.19 -34.85 -4.74
C ILE G 114 -16.22 -35.37 -3.75
N GLU G 115 -15.88 -36.48 -3.12
CA GLU G 115 -16.71 -37.17 -2.14
C GLU G 115 -15.94 -37.25 -0.84
N ILE G 116 -16.61 -36.92 0.26
CA ILE G 116 -15.95 -36.74 1.54
C ILE G 116 -16.54 -37.66 2.59
N LYS G 117 -15.79 -37.86 3.66
CA LYS G 117 -16.28 -38.57 4.82
C LYS G 117 -16.77 -37.60 5.87
N ARG G 118 -17.93 -37.88 6.43
CA ARG G 118 -18.54 -37.10 7.47
C ARG G 118 -18.81 -37.97 8.68
N GLY G 119 -18.83 -37.34 9.85
CA GLY G 119 -19.09 -38.09 11.05
C GLY G 119 -19.00 -37.23 12.28
N CYS G 120 -18.68 -37.90 13.38
CA CYS G 120 -18.51 -37.26 14.67
C CYS G 120 -17.31 -37.90 15.35
N GLY G 121 -16.30 -37.10 15.65
CA GLY G 121 -15.10 -37.59 16.26
C GLY G 121 -14.62 -36.76 17.41
N SER G 122 -15.44 -35.82 17.86
CA SER G 122 -15.05 -35.00 18.98
C SER G 122 -15.25 -35.70 20.30
N TRP G 123 -14.40 -35.36 21.25
CA TRP G 123 -14.42 -35.93 22.57
C TRP G 123 -15.68 -35.58 23.34
N GLU G 124 -16.43 -34.59 22.88
CA GLU G 124 -17.53 -34.03 23.64
C GLU G 124 -18.83 -33.93 22.85
N CYS G 125 -19.01 -34.75 21.81
CA CYS G 125 -20.34 -35.05 21.30
C CYS G 125 -20.63 -36.54 21.27
N ARG G 126 -19.79 -37.33 20.60
CA ARG G 126 -19.97 -38.77 20.42
C ARG G 126 -21.40 -39.14 20.06
N CYS G 127 -22.00 -38.38 19.17
CA CYS G 127 -23.39 -38.59 18.81
C CYS G 127 -23.59 -39.62 17.71
N ARG G 128 -22.51 -40.06 17.06
CA ARG G 128 -22.59 -41.05 15.99
C ARG G 128 -23.50 -40.62 14.86
N ARG G 129 -23.42 -39.35 14.47
CA ARG G 129 -24.22 -38.85 13.39
C ARG G 129 -23.46 -37.75 12.68
N PRO G 130 -23.64 -37.62 11.36
CA PRO G 130 -22.66 -36.90 10.52
C PRO G 130 -22.90 -35.41 10.38
N HIS G 131 -22.57 -34.70 11.46
CA HIS G 131 -22.65 -33.26 11.49
C HIS G 131 -21.30 -32.59 11.33
N SER G 132 -20.22 -33.35 11.47
CA SER G 132 -18.89 -32.82 11.44
C SER G 132 -18.07 -33.72 10.55
N ILE G 133 -16.75 -33.69 10.76
CA ILE G 133 -15.86 -34.69 10.20
C ILE G 133 -15.55 -35.70 11.30
N PRO G 134 -15.09 -36.90 10.97
CA PRO G 134 -14.90 -37.92 12.00
C PRO G 134 -13.54 -37.91 12.66
N PHE G 135 -12.58 -37.18 12.13
CA PHE G 135 -11.24 -37.15 12.69
C PHE G 135 -10.57 -35.90 12.16
N ALA G 136 -9.67 -35.36 12.96
CA ALA G 136 -8.95 -34.18 12.53
C ALA G 136 -8.18 -34.47 11.27
N VAL G 137 -8.03 -33.45 10.44
CA VAL G 137 -7.49 -33.62 9.11
C VAL G 137 -6.81 -32.32 8.70
N GLU G 138 -5.87 -32.42 7.78
CA GLU G 138 -5.03 -31.30 7.40
C GLU G 138 -4.96 -31.16 5.89
N GLY G 139 -4.78 -29.93 5.45
CA GLY G 139 -4.71 -29.62 4.05
C GLY G 139 -3.86 -28.39 3.82
N LYS G 140 -3.40 -28.25 2.60
CA LYS G 140 -2.51 -27.15 2.29
C LYS G 140 -2.60 -26.75 0.84
N GLU G 141 -2.27 -25.50 0.60
CA GLU G 141 -2.09 -24.95 -0.72
C GLU G 141 -1.38 -23.62 -0.52
N GLY G 142 -0.28 -23.44 -1.23
CA GLY G 142 0.57 -22.31 -0.98
C GLY G 142 1.12 -22.33 0.43
N SER G 143 1.12 -21.17 1.03
CA SER G 143 1.56 -21.02 2.40
C SER G 143 0.50 -21.40 3.40
N VAL G 144 -0.70 -21.71 2.95
CA VAL G 144 -1.83 -21.92 3.82
C VAL G 144 -1.83 -23.35 4.31
N ARG G 145 -2.02 -23.52 5.60
CA ARG G 145 -1.97 -24.79 6.30
C ARG G 145 -3.20 -24.88 7.17
N VAL G 146 -4.22 -25.54 6.67
CA VAL G 146 -5.51 -25.62 7.33
C VAL G 146 -5.60 -26.94 8.06
N LYS G 147 -5.91 -26.87 9.34
CA LYS G 147 -6.10 -28.04 10.18
C LYS G 147 -7.51 -28.01 10.73
N LEU G 148 -8.36 -28.88 10.23
CA LEU G 148 -9.75 -28.99 10.65
C LEU G 148 -9.90 -30.02 11.74
N MET G 149 -10.66 -29.68 12.76
CA MET G 149 -10.92 -30.53 13.88
C MET G 149 -12.42 -30.75 14.02
N PRO G 150 -12.84 -31.94 14.40
CA PRO G 150 -14.26 -32.15 14.67
C PRO G 150 -14.73 -31.36 15.86
N GLY G 151 -15.96 -30.87 15.76
CA GLY G 151 -16.58 -30.14 16.80
C GLY G 151 -17.87 -30.74 17.24
N PRO G 152 -18.38 -30.28 18.38
CA PRO G 152 -19.68 -30.73 18.83
C PRO G 152 -20.82 -30.09 18.06
N ARG G 153 -21.98 -30.72 18.21
CA ARG G 153 -23.17 -30.35 17.50
C ARG G 153 -23.73 -29.05 18.02
N GLY G 154 -24.01 -28.12 17.12
CA GLY G 154 -24.44 -26.80 17.49
C GLY G 154 -23.33 -25.80 17.66
N LEU G 155 -22.09 -26.23 17.52
CA LEU G 155 -20.95 -25.34 17.59
C LEU G 155 -20.97 -24.33 16.47
N GLY G 156 -21.22 -24.79 15.27
CA GLY G 156 -20.99 -24.00 14.09
C GLY G 156 -19.63 -24.22 13.52
N LEU G 157 -19.38 -23.48 12.45
CA LEU G 157 -18.13 -23.59 11.71
C LEU G 157 -17.20 -22.50 12.21
N VAL G 158 -16.24 -22.90 13.03
CA VAL G 158 -15.27 -21.99 13.58
C VAL G 158 -14.15 -21.92 12.55
N ILE G 159 -14.38 -21.11 11.53
CA ILE G 159 -13.45 -20.96 10.43
C ILE G 159 -13.84 -19.70 9.67
N GLY G 160 -12.92 -19.17 8.90
CA GLY G 160 -13.21 -18.04 8.04
C GLY G 160 -14.37 -18.31 7.10
N ASP G 161 -14.79 -17.23 6.45
CA ASP G 161 -15.99 -17.25 5.61
C ASP G 161 -15.87 -18.24 4.46
N VAL G 162 -14.68 -18.35 3.88
CA VAL G 162 -14.46 -19.28 2.79
C VAL G 162 -14.73 -20.70 3.24
N GLY G 163 -14.12 -21.10 4.35
CA GLY G 163 -14.37 -22.42 4.88
C GLY G 163 -15.80 -22.62 5.25
N LYS G 164 -16.43 -21.61 5.81
CA LYS G 164 -17.84 -21.71 6.12
C LYS G 164 -18.63 -22.09 4.89
N LYS G 165 -18.40 -21.39 3.79
CA LYS G 165 -19.13 -21.65 2.56
C LYS G 165 -18.87 -23.07 2.04
N ILE G 166 -17.60 -23.45 1.93
CA ILE G 166 -17.25 -24.74 1.36
C ILE G 166 -17.79 -25.87 2.23
N LEU G 167 -17.59 -25.78 3.53
CA LEU G 167 -18.05 -26.80 4.45
C LEU G 167 -19.56 -26.87 4.52
N SER G 168 -20.25 -25.75 4.33
CA SER G 168 -21.69 -25.80 4.26
C SER G 168 -22.15 -26.54 3.02
N LEU G 169 -21.49 -26.29 1.89
CA LEU G 169 -21.81 -27.00 0.68
C LEU G 169 -21.47 -28.48 0.75
N ALA G 170 -20.52 -28.84 1.60
CA ALA G 170 -20.14 -30.22 1.80
C ALA G 170 -20.92 -30.91 2.90
N GLY G 171 -21.74 -30.18 3.64
CA GLY G 171 -22.58 -30.79 4.63
C GLY G 171 -22.01 -30.86 6.01
N VAL G 172 -20.90 -30.19 6.25
CA VAL G 172 -20.29 -30.16 7.56
C VAL G 172 -20.88 -28.97 8.29
N GLN G 173 -21.52 -29.23 9.42
CA GLN G 173 -22.22 -28.20 10.14
C GLN G 173 -21.39 -27.63 11.27
N ASP G 174 -20.46 -28.40 11.81
CA ASP G 174 -19.73 -28.08 13.02
C ASP G 174 -18.28 -28.45 12.83
N VAL G 175 -17.37 -27.52 13.13
CA VAL G 175 -15.94 -27.78 12.93
C VAL G 175 -15.14 -26.73 13.68
N TRP G 176 -13.98 -27.13 14.14
CA TRP G 176 -12.94 -26.25 14.63
C TRP G 176 -11.78 -26.22 13.65
N SER G 177 -11.13 -25.07 13.55
CA SER G 177 -9.99 -24.91 12.69
C SER G 177 -8.83 -24.28 13.43
N GLN G 178 -7.63 -24.62 12.99
CA GLN G 178 -6.43 -23.86 13.25
C GLN G 178 -5.74 -23.68 11.92
N SER G 179 -5.32 -22.45 11.64
CA SER G 179 -4.77 -22.10 10.34
C SER G 179 -3.41 -21.45 10.50
N LEU G 180 -2.59 -21.66 9.51
CA LEU G 180 -1.34 -20.93 9.36
C LEU G 180 -1.25 -20.36 7.96
N GLY G 181 -0.39 -19.38 7.83
CA GLY G 181 -0.14 -18.78 6.56
C GLY G 181 -1.07 -17.63 6.26
N GLU G 182 -1.14 -17.32 4.98
CA GLU G 182 -1.89 -16.18 4.49
C GLU G 182 -3.26 -16.65 4.03
N THR G 183 -4.22 -16.56 4.94
CA THR G 183 -5.60 -16.85 4.66
C THR G 183 -6.30 -15.74 3.90
N ARG G 184 -5.70 -14.56 3.83
CA ARG G 184 -6.16 -13.51 2.94
C ARG G 184 -5.88 -13.81 1.49
N THR G 185 -5.32 -14.96 1.20
CA THR G 185 -5.23 -15.50 -0.13
C THR G 185 -6.35 -16.51 -0.28
N THR G 186 -7.45 -16.07 -0.87
CA THR G 186 -8.69 -16.83 -0.86
C THR G 186 -8.55 -18.12 -1.63
N VAL G 187 -7.84 -18.08 -2.75
CA VAL G 187 -7.68 -19.26 -3.58
C VAL G 187 -7.03 -20.37 -2.79
N ASN G 188 -5.92 -20.06 -2.14
CA ASN G 188 -5.13 -21.07 -1.48
C ASN G 188 -5.76 -21.51 -0.16
N PHE G 189 -6.46 -20.59 0.50
CA PHE G 189 -7.27 -20.94 1.65
C PHE G 189 -8.36 -21.95 1.28
N ALA G 190 -9.11 -21.65 0.23
CA ALA G 190 -10.16 -22.53 -0.22
C ALA G 190 -9.62 -23.88 -0.63
N LYS G 191 -8.54 -23.91 -1.40
CA LYS G 191 -7.97 -25.16 -1.81
C LYS G 191 -7.45 -25.96 -0.63
N ALA G 192 -6.92 -25.30 0.38
CA ALA G 192 -6.48 -25.98 1.58
C ALA G 192 -7.63 -26.66 2.30
N VAL G 193 -8.74 -25.95 2.48
CA VAL G 193 -9.94 -26.54 3.06
C VAL G 193 -10.42 -27.73 2.25
N PHE G 194 -10.52 -27.54 0.95
CA PHE G 194 -10.92 -28.59 0.01
C PHE G 194 -10.04 -29.83 0.12
N ASN G 195 -8.73 -29.62 0.17
CA ASN G 195 -7.78 -30.70 0.27
C ASN G 195 -7.84 -31.41 1.61
N ALA G 196 -8.16 -30.69 2.68
CA ALA G 196 -8.43 -31.31 3.96
C ALA G 196 -9.63 -32.23 3.89
N LEU G 197 -10.70 -31.76 3.26
CA LEU G 197 -11.89 -32.56 3.11
C LEU G 197 -11.65 -33.81 2.28
N TYR G 198 -10.71 -33.76 1.35
CA TYR G 198 -10.29 -34.96 0.64
C TYR G 198 -9.37 -35.85 1.47
N ASN G 199 -8.60 -35.26 2.34
CA ASN G 199 -7.76 -36.07 3.18
C ASN G 199 -8.56 -36.86 4.20
N THR G 200 -9.80 -36.45 4.43
CA THR G 200 -10.74 -37.32 5.14
C THR G 200 -10.80 -38.71 4.53
N ASN G 201 -10.70 -38.81 3.22
CA ASN G 201 -10.65 -40.09 2.57
C ASN G 201 -9.27 -40.68 2.62
N ARG G 202 -8.25 -39.86 2.56
CA ARG G 202 -6.90 -40.40 2.62
C ARG G 202 -6.58 -41.08 3.94
N VAL G 203 -7.27 -40.75 5.01
CA VAL G 203 -6.98 -41.31 6.32
C VAL G 203 -7.55 -42.72 6.43
N ALA G 204 -6.83 -43.59 7.13
CA ALA G 204 -7.20 -44.98 7.32
C ALA G 204 -7.94 -45.20 8.63
N ILE G 205 -8.65 -46.32 8.70
CA ILE G 205 -9.46 -46.64 9.87
C ILE G 205 -9.46 -48.14 10.11
N GLN G 206 -9.96 -48.49 11.24
CA GLN G 206 -10.23 -49.83 11.72
C GLN G 206 -11.71 -50.15 11.58
N PRO G 207 -12.09 -51.43 11.66
CA PRO G 207 -13.48 -51.82 11.40
C PRO G 207 -14.54 -51.09 12.23
N GLY G 208 -14.48 -51.12 13.56
CA GLY G 208 -15.57 -50.57 14.32
C GLY G 208 -15.67 -49.08 14.37
N MET G 209 -14.61 -48.39 13.93
CA MET G 209 -14.59 -46.95 13.99
C MET G 209 -15.65 -46.33 13.11
N GLU G 210 -16.02 -47.01 12.04
CA GLU G 210 -17.13 -46.55 11.22
C GLU G 210 -18.38 -46.36 12.04
N GLU G 211 -18.80 -47.39 12.76
CA GLU G 211 -19.98 -47.31 13.59
C GLU G 211 -19.82 -46.29 14.70
N LYS G 212 -18.67 -46.27 15.39
CA LYS G 212 -18.59 -45.41 16.56
C LYS G 212 -18.47 -43.94 16.21
N TYR G 213 -17.89 -43.60 15.07
CA TYR G 213 -17.77 -42.22 14.64
C TYR G 213 -18.86 -41.81 13.68
N GLY G 214 -19.72 -42.74 13.28
CA GLY G 214 -20.85 -42.40 12.46
C GLY G 214 -20.48 -42.08 11.04
N ILE G 215 -19.49 -42.76 10.51
CA ILE G 215 -18.86 -42.31 9.27
C ILE G 215 -19.79 -42.55 8.10
N VAL G 216 -19.85 -41.55 7.23
CA VAL G 216 -20.74 -41.49 6.10
C VAL G 216 -19.95 -40.91 4.94
N VAL G 217 -19.97 -41.59 3.80
CA VAL G 217 -19.10 -41.26 2.69
C VAL G 217 -19.79 -40.36 1.67
N GLY G 218 -21.09 -40.47 1.53
CA GLY G 218 -21.81 -39.46 0.81
C GLY G 218 -23.09 -39.04 1.47
N ARG G 219 -24.20 -39.25 0.78
CA ARG G 219 -25.51 -39.03 1.36
C ARG G 219 -25.69 -39.94 2.57
N GLU G 220 -26.52 -39.48 3.48
CA GLU G 220 -26.90 -40.22 4.66
C GLU G 220 -28.33 -40.75 4.56
N MET H 1 11.97 46.21 90.75
CA MET H 1 11.62 46.00 92.18
C MET H 1 11.96 44.58 92.63
N ALA H 2 11.63 44.26 93.88
CA ALA H 2 11.84 42.94 94.44
C ALA H 2 10.61 42.49 95.22
N THR H 3 9.45 43.05 94.88
CA THR H 3 8.23 42.76 95.63
C THR H 3 7.84 41.29 95.52
N PHE H 4 7.08 40.84 96.52
CA PHE H 4 6.73 39.44 96.68
C PHE H 4 5.38 39.31 97.36
N LYS H 5 4.55 38.42 96.84
CA LYS H 5 3.28 38.06 97.48
C LYS H 5 3.51 36.79 98.27
N LEU H 6 3.55 36.93 99.59
CA LEU H 6 3.75 35.80 100.48
C LEU H 6 2.40 35.25 100.87
N VAL H 7 2.24 33.95 100.71
CA VAL H 7 1.11 33.24 101.27
C VAL H 7 1.61 32.56 102.53
N ILE H 8 1.21 33.09 103.65
CA ILE H 8 1.58 32.58 104.96
C ILE H 8 0.52 31.57 105.35
N SER H 9 0.98 30.45 105.90
CA SER H 9 0.11 29.34 106.23
C SER H 9 0.34 28.96 107.69
N ASN H 10 -0.75 28.97 108.45
CA ASN H 10 -0.80 28.46 109.81
C ASN H 10 -1.31 27.03 109.76
N PRO H 11 -0.47 26.03 110.06
CA PRO H 11 -0.97 24.66 110.16
C PRO H 11 -1.81 24.40 111.40
N ARG H 12 -1.63 25.19 112.47
CA ARG H 12 -2.47 25.02 113.64
C ARG H 12 -3.93 25.22 113.31
N ASN H 13 -4.21 26.18 112.42
CA ASN H 13 -5.56 26.47 111.97
C ASN H 13 -5.90 25.81 110.65
N GLY H 14 -4.90 25.35 109.90
CA GLY H 14 -5.15 24.97 108.53
C GLY H 14 -5.60 26.11 107.67
N ILE H 15 -5.01 27.29 107.84
CA ILE H 15 -5.51 28.52 107.23
C ILE H 15 -4.35 29.26 106.61
N ALA H 16 -4.67 30.19 105.72
CA ALA H 16 -3.65 30.91 104.98
C ALA H 16 -4.10 32.34 104.71
N ARG H 17 -3.11 33.21 104.50
CA ARG H 17 -3.34 34.62 104.21
C ARG H 17 -2.28 35.12 103.24
N GLN H 18 -2.70 35.99 102.33
CA GLN H 18 -1.80 36.57 101.34
C GLN H 18 -1.45 37.99 101.75
N VAL H 19 -0.17 38.29 101.76
CA VAL H 19 0.35 39.59 102.18
C VAL H 19 1.49 39.96 101.24
N GLU H 20 1.45 41.16 100.72
CA GLU H 20 2.39 41.61 99.70
C GLU H 20 3.41 42.52 100.34
N ILE H 21 4.66 42.14 100.23
CA ILE H 21 5.79 42.95 100.68
C ILE H 21 6.46 43.52 99.44
N SER H 22 7.15 44.65 99.61
CA SER H 22 7.52 45.47 98.46
C SER H 22 8.90 46.08 98.54
N GLY H 23 9.64 45.92 99.63
CA GLY H 23 10.87 46.67 99.83
C GLY H 23 12.02 45.85 100.35
N GLU H 24 12.74 46.43 101.31
CA GLU H 24 13.93 45.82 101.84
C GLU H 24 13.65 44.51 102.56
N SER H 25 12.45 44.33 103.08
CA SER H 25 12.08 43.02 103.61
C SER H 25 12.11 41.97 102.50
N ALA H 26 11.47 42.28 101.39
CA ALA H 26 11.56 41.44 100.20
C ALA H 26 13.01 41.21 99.79
N GLU H 27 13.82 42.26 99.81
CA GLU H 27 15.21 42.12 99.41
C GLU H 27 16.00 41.25 100.38
N LYS H 28 15.57 41.20 101.63
CA LYS H 28 16.15 40.27 102.59
C LYS H 28 15.76 38.84 102.29
N LEU H 29 14.50 38.62 101.91
CA LEU H 29 14.11 37.30 101.42
C LEU H 29 14.93 36.86 100.23
N VAL H 30 15.30 37.79 99.35
CA VAL H 30 16.08 37.44 98.18
C VAL H 30 17.35 36.72 98.60
N GLY H 31 17.68 35.65 97.90
CA GLY H 31 18.85 34.85 98.17
C GLY H 31 18.59 33.62 99.00
N LYS H 32 17.40 33.48 99.57
CA LYS H 32 17.09 32.38 100.45
C LYS H 32 16.54 31.20 99.66
N ARG H 33 16.77 30.00 100.17
CA ARG H 33 16.30 28.78 99.55
C ARG H 33 15.11 28.20 100.28
N ILE H 34 14.42 27.29 99.59
CA ILE H 34 13.48 26.41 100.26
C ILE H 34 14.21 25.66 101.35
N GLY H 35 13.66 25.71 102.56
CA GLY H 35 14.28 25.13 103.73
C GLY H 35 14.88 26.13 104.68
N ASP H 36 14.63 27.41 104.47
CA ASP H 36 15.34 28.48 105.17
C ASP H 36 14.34 29.27 105.99
N GLU H 37 14.51 29.22 107.31
CA GLU H 37 13.61 29.92 108.21
C GLU H 37 13.95 31.40 108.28
N ILE H 38 12.93 32.20 108.53
CA ILE H 38 13.08 33.66 108.63
C ILE H 38 12.05 34.15 109.65
N PRO H 39 12.36 35.11 110.51
CA PRO H 39 11.34 35.64 111.42
C PRO H 39 10.54 36.79 110.84
N ALA H 40 9.23 36.72 111.06
CA ALA H 40 8.33 37.80 110.69
C ALA H 40 8.69 39.09 111.43
N SER H 41 9.35 38.97 112.58
CA SER H 41 9.76 40.14 113.34
C SER H 41 10.54 41.09 112.45
N GLU H 42 11.68 40.65 111.93
CA GLU H 42 12.45 41.49 111.03
C GLU H 42 11.78 41.62 109.68
N LEU H 43 11.04 40.61 109.25
CA LEU H 43 10.43 40.72 107.93
C LEU H 43 9.44 41.87 107.83
N GLY H 44 8.79 42.23 108.92
CA GLY H 44 7.99 43.44 108.97
C GLY H 44 6.55 43.24 109.35
N LEU H 45 5.95 42.17 108.84
CA LEU H 45 4.57 41.86 109.12
C LEU H 45 4.37 41.57 110.61
N ASN H 46 3.29 42.11 111.17
CA ASN H 46 3.08 42.10 112.60
C ASN H 46 2.85 40.68 113.12
N LEU H 47 2.66 40.59 114.44
CA LEU H 47 2.41 39.34 115.13
C LEU H 47 0.95 39.17 115.56
N THR H 48 0.16 40.23 115.55
CA THR H 48 -1.30 40.13 115.65
C THR H 48 -1.91 40.18 114.28
N GLU H 49 -1.18 39.56 113.37
CA GLU H 49 -1.33 39.69 111.94
C GLU H 49 -2.66 39.10 111.50
N ILE H 50 -2.81 38.94 110.19
CA ILE H 50 -4.10 38.93 109.50
C ILE H 50 -4.91 37.74 109.94
N PHE H 51 -4.26 36.76 110.56
CA PHE H 51 -4.99 35.68 111.23
C PHE H 51 -5.84 36.23 112.37
N GLY H 52 -5.50 37.41 112.87
CA GLY H 52 -6.32 38.09 113.86
C GLY H 52 -6.03 37.61 115.25
N GLU H 53 -6.51 36.42 115.57
CA GLU H 53 -6.34 35.82 116.87
C GLU H 53 -5.32 34.69 116.78
N GLU H 54 -5.14 33.97 117.88
CA GLU H 54 -4.15 32.91 117.97
C GLU H 54 -2.77 33.48 117.66
N ILE H 55 -2.48 34.59 118.31
CA ILE H 55 -1.21 35.28 118.03
C ILE H 55 -0.05 34.36 118.39
N PRO H 56 0.97 34.24 117.56
CA PRO H 56 2.11 33.39 117.90
C PRO H 56 3.01 34.03 118.94
N GLY H 57 4.02 33.28 119.37
CA GLY H 57 4.97 33.82 120.31
C GLY H 57 5.90 34.84 119.66
N ASP H 58 6.86 34.36 118.89
CA ASP H 58 7.44 35.13 117.79
C ASP H 58 7.75 34.15 116.66
N VAL H 59 6.77 33.30 116.35
CA VAL H 59 6.97 32.11 115.52
C VAL H 59 7.64 32.48 114.20
N LYS H 60 8.48 31.58 113.70
CA LYS H 60 9.38 31.88 112.58
C LYS H 60 8.83 31.32 111.28
N LEU H 61 8.95 32.09 110.21
CA LEU H 61 8.52 31.60 108.92
C LEU H 61 9.51 30.59 108.36
N ARG H 62 9.03 29.79 107.41
CA ARG H 62 9.88 28.88 106.66
C ARG H 62 9.38 28.78 105.22
N ILE H 63 10.30 28.94 104.28
CA ILE H 63 9.96 28.89 102.88
C ILE H 63 9.62 27.46 102.48
N THR H 64 8.61 27.31 101.63
CA THR H 64 8.17 26.03 101.12
C THR H 64 8.10 25.99 99.61
N GLY H 65 8.13 27.12 98.95
CA GLY H 65 8.21 27.17 97.51
C GLY H 65 7.50 28.39 96.98
N GLY H 66 7.35 28.41 95.68
CA GLY H 66 6.57 29.43 95.02
C GLY H 66 6.89 29.53 93.55
N THR H 67 6.08 30.30 92.86
CA THR H 67 6.09 30.42 91.42
C THR H 67 6.62 31.79 91.01
N ASP H 68 7.02 31.87 89.76
CA ASP H 68 7.61 33.06 89.21
C ASP H 68 6.57 33.85 88.41
N ARG H 69 7.04 34.92 87.78
CA ARG H 69 6.16 35.81 87.04
C ARG H 69 5.60 35.16 85.80
N ASP H 70 6.24 34.11 85.31
CA ASP H 70 5.82 33.40 84.11
C ASP H 70 5.09 32.12 84.43
N GLY H 71 4.94 31.79 85.70
CA GLY H 71 4.05 30.74 86.12
C GLY H 71 4.70 29.46 86.55
N PHE H 72 6.01 29.43 86.65
CA PHE H 72 6.75 28.22 86.89
C PHE H 72 7.15 28.12 88.34
N ALA H 73 6.93 26.95 88.90
CA ALA H 73 7.12 26.73 90.32
C ALA H 73 8.56 26.35 90.63
N MET H 74 9.03 26.83 91.78
CA MET H 74 10.33 26.45 92.28
C MET H 74 10.32 25.00 92.74
N ARG H 75 11.38 24.29 92.38
CA ARG H 75 11.58 22.91 92.76
C ARG H 75 12.78 22.82 93.69
N PRO H 76 12.63 22.31 94.92
CA PRO H 76 13.76 22.28 95.85
C PRO H 76 14.90 21.41 95.39
N ASP H 77 14.61 20.41 94.56
CA ASP H 77 15.63 19.51 94.05
C ASP H 77 16.64 20.21 93.18
N VAL H 78 16.28 21.36 92.65
CA VAL H 78 17.08 22.07 91.67
C VAL H 78 17.80 23.19 92.38
N HIS H 79 19.09 23.29 92.15
CA HIS H 79 19.91 24.28 92.80
C HIS H 79 20.11 25.49 91.89
N GLY H 80 19.82 26.66 92.43
CA GLY H 80 20.07 27.89 91.76
C GLY H 80 18.83 28.73 91.64
N PRO H 81 18.98 29.95 91.14
CA PRO H 81 17.83 30.84 90.90
C PRO H 81 17.26 30.76 89.49
N ARG H 82 17.85 29.94 88.63
CA ARG H 82 17.51 29.92 87.22
C ARG H 82 16.58 28.78 86.89
N ARG H 83 16.02 28.85 85.70
CA ARG H 83 15.07 27.88 85.21
C ARG H 83 15.75 26.74 84.48
N VAL H 84 15.13 25.56 84.57
CA VAL H 84 15.53 24.40 83.82
C VAL H 84 14.29 23.72 83.24
N LYS H 85 14.53 22.87 82.26
CA LYS H 85 13.48 22.11 81.58
C LYS H 85 13.86 20.64 81.68
N ILE H 86 13.14 19.90 82.52
CA ILE H 86 13.57 18.59 82.97
C ILE H 86 12.43 17.57 82.94
N LEU H 87 12.81 16.31 82.78
CA LEU H 87 11.90 15.20 83.07
C LEU H 87 11.84 14.97 84.57
N VAL H 88 10.62 14.72 85.06
CA VAL H 88 10.29 14.90 86.46
C VAL H 88 9.58 13.68 87.04
N SER H 89 8.59 13.16 86.33
CA SER H 89 7.83 11.96 86.63
C SER H 89 6.90 12.00 87.83
N ARG H 90 7.09 12.91 88.80
CA ARG H 90 6.03 13.11 89.77
C ARG H 90 6.04 14.46 90.46
N GLY H 91 6.98 15.33 90.18
CA GLY H 91 7.39 16.28 91.18
C GLY H 91 6.50 17.48 91.27
N PRO H 92 6.88 18.38 92.16
CA PRO H 92 6.31 19.73 92.12
C PRO H 92 6.67 20.40 90.81
N GLY H 93 5.66 20.91 90.14
CA GLY H 93 5.79 21.33 88.77
C GLY H 93 5.19 20.37 87.79
N PHE H 94 4.57 19.30 88.25
CA PHE H 94 3.98 18.31 87.38
C PHE H 94 2.90 17.56 88.13
N ARG H 95 1.76 17.39 87.48
CA ARG H 95 0.62 16.64 88.00
C ARG H 95 0.38 15.52 87.00
N PRO H 96 0.98 14.36 87.21
CA PRO H 96 0.87 13.30 86.22
C PRO H 96 -0.51 12.65 86.24
N LYS H 97 -1.04 12.40 85.06
CA LYS H 97 -2.32 11.75 84.88
C LYS H 97 -2.18 10.26 84.65
N GLU H 98 -1.43 9.85 83.64
CA GLU H 98 -1.13 8.45 83.43
C GLU H 98 -0.11 7.98 84.45
N ARG H 99 0.18 6.67 84.41
CA ARG H 99 0.97 6.06 85.47
C ARG H 99 2.47 6.32 85.32
N GLY H 100 2.96 6.37 84.08
CA GLY H 100 4.36 6.60 83.81
C GLY H 100 4.60 7.73 82.83
N GLU H 101 3.85 8.82 83.00
CA GLU H 101 3.78 9.87 81.98
C GLU H 101 5.16 10.41 81.62
N ARG H 102 5.84 11.01 82.58
CA ARG H 102 7.18 11.57 82.40
C ARG H 102 7.19 12.62 81.29
N ARG H 103 6.65 13.77 81.62
CA ARG H 103 6.70 14.95 80.79
C ARG H 103 7.88 15.82 81.19
N LYS H 104 8.39 16.57 80.22
CA LYS H 104 9.44 17.54 80.47
C LYS H 104 8.80 18.89 80.76
N LYS H 105 9.07 19.41 81.94
CA LYS H 105 8.47 20.63 82.43
C LYS H 105 9.53 21.66 82.78
N THR H 106 9.21 22.91 82.51
CA THR H 106 10.03 24.02 82.92
C THR H 106 9.73 24.37 84.37
N VAL H 107 10.77 24.52 85.16
CA VAL H 107 10.64 24.91 86.55
C VAL H 107 11.70 25.95 86.87
N ARG H 108 11.60 26.46 88.08
CA ARG H 108 12.53 27.42 88.62
C ARG H 108 13.29 26.73 89.75
N GLY H 109 14.50 27.20 90.00
CA GLY H 109 15.30 26.64 91.05
C GLY H 109 14.91 27.17 92.40
N ASN H 110 15.47 26.54 93.42
CA ASN H 110 15.08 26.81 94.79
C ASN H 110 15.32 28.24 95.25
N THR H 111 16.52 28.77 95.11
CA THR H 111 16.84 30.05 95.73
C THR H 111 16.06 31.17 95.06
N ILE H 112 15.54 32.05 95.90
CA ILE H 112 14.70 33.14 95.46
C ILE H 112 15.52 34.17 94.69
N SER H 113 14.84 34.86 93.80
CA SER H 113 15.40 35.88 92.94
C SER H 113 14.32 36.93 92.70
N PRO H 114 14.62 38.04 92.03
CA PRO H 114 13.59 39.05 91.79
C PRO H 114 12.45 38.56 90.91
N GLU H 115 12.64 37.48 90.17
CA GLU H 115 11.63 37.01 89.24
C GLU H 115 10.51 36.24 89.92
N ILE H 116 10.60 36.06 91.23
CA ILE H 116 9.58 35.31 91.94
C ILE H 116 8.44 36.24 92.32
N VAL H 117 7.23 35.69 92.39
CA VAL H 117 6.05 36.43 92.81
C VAL H 117 5.41 35.75 94.00
N GLN H 118 4.89 34.55 93.81
CA GLN H 118 4.29 33.78 94.89
C GLN H 118 5.40 33.20 95.74
N VAL H 119 5.26 33.32 97.05
CA VAL H 119 6.22 32.76 97.98
C VAL H 119 5.45 32.09 99.09
N ASN H 120 5.57 30.78 99.17
CA ASN H 120 4.83 30.01 100.13
C ASN H 120 5.62 29.90 101.42
N MET H 121 4.97 30.19 102.54
CA MET H 121 5.65 30.27 103.82
C MET H 121 4.79 29.61 104.88
N LYS H 122 5.29 28.54 105.46
CA LYS H 122 4.65 27.95 106.62
C LYS H 122 5.25 28.58 107.87
N LEU H 123 4.39 28.98 108.81
CA LEU H 123 4.90 29.49 110.07
C LEU H 123 5.17 28.34 111.02
N VAL H 124 6.38 28.30 111.56
CA VAL H 124 6.94 27.19 112.32
C VAL H 124 7.05 27.65 113.76
N PHE H 125 6.47 26.86 114.66
CA PHE H 125 6.37 27.20 116.06
C PHE H 125 7.63 26.81 116.83
N ALA I 1 20.44 15.95 -91.84
CA ALA I 1 21.68 16.55 -92.33
C ALA I 1 21.42 17.37 -93.58
N LYS I 2 22.45 18.09 -94.02
CA LYS I 2 22.32 19.04 -95.12
C LYS I 2 22.76 18.44 -96.46
N ALA I 3 22.52 17.14 -96.65
CA ALA I 3 22.81 16.48 -97.91
C ALA I 3 21.58 15.88 -98.55
N LEU I 4 20.53 15.67 -97.77
CA LEU I 4 19.23 15.18 -98.19
C LEU I 4 19.21 13.68 -98.40
N THR I 5 20.37 13.08 -98.59
CA THR I 5 20.49 11.64 -98.59
C THR I 5 20.80 11.12 -97.22
N GLU I 6 21.53 11.90 -96.42
CA GLU I 6 21.63 11.61 -95.01
C GLU I 6 20.35 12.00 -94.29
N ARG I 7 19.58 12.89 -94.88
CA ARG I 7 18.31 13.27 -94.28
C ARG I 7 17.23 12.22 -94.53
N PHE I 8 17.17 11.69 -95.74
CA PHE I 8 16.23 10.63 -96.08
C PHE I 8 16.97 9.37 -96.46
N TYR I 9 17.95 9.03 -95.64
CA TYR I 9 18.66 7.77 -95.79
C TYR I 9 17.70 6.61 -95.74
N GLN I 10 17.81 5.75 -96.73
CA GLN I 10 16.97 4.59 -96.84
C GLN I 10 17.79 3.34 -96.61
N PRO I 11 17.39 2.45 -95.72
CA PRO I 11 18.15 1.24 -95.51
C PRO I 11 17.72 0.09 -96.40
N LYS I 12 18.66 -0.80 -96.67
CA LYS I 12 18.44 -1.91 -97.57
C LYS I 12 19.01 -3.23 -97.09
N GLU I 13 19.97 -3.24 -96.19
CA GLU I 13 20.82 -4.39 -95.96
C GLU I 13 20.71 -4.94 -94.55
N LEU I 14 20.08 -4.22 -93.64
CA LEU I 14 20.03 -4.59 -92.24
C LEU I 14 21.38 -4.41 -91.56
N LYS I 15 22.18 -3.49 -92.08
CA LYS I 15 23.32 -3.01 -91.34
C LYS I 15 22.83 -2.17 -90.17
N VAL I 16 23.73 -1.90 -89.25
CA VAL I 16 23.42 -1.11 -88.08
C VAL I 16 23.28 0.34 -88.48
N MET I 17 22.10 0.90 -88.26
CA MET I 17 21.69 2.19 -88.79
C MET I 17 21.68 2.19 -90.31
N GLY I 18 21.66 1.00 -90.90
CA GLY I 18 21.77 0.89 -92.32
C GLY I 18 23.06 1.41 -92.88
N ARG I 19 24.10 1.48 -92.08
CA ARG I 19 25.35 2.07 -92.50
C ARG I 19 26.56 1.20 -92.22
N TRP I 20 26.58 0.52 -91.09
CA TRP I 20 27.75 -0.21 -90.63
C TRP I 20 27.38 -1.63 -90.28
N SER I 21 28.20 -2.56 -90.73
CA SER I 21 27.95 -3.96 -90.49
C SER I 21 28.74 -4.45 -89.30
N VAL I 22 28.36 -5.62 -88.81
CA VAL I 22 28.90 -6.18 -87.58
C VAL I 22 29.43 -7.59 -87.80
N GLU I 23 29.21 -8.15 -88.98
CA GLU I 23 29.77 -9.45 -89.31
C GLU I 23 31.28 -9.45 -89.19
N ASP I 24 31.93 -8.41 -89.68
CA ASP I 24 33.37 -8.27 -89.63
C ASP I 24 33.87 -7.84 -88.26
N VAL I 25 32.99 -7.68 -87.31
CA VAL I 25 33.36 -7.15 -86.00
C VAL I 25 33.62 -8.29 -85.06
N THR I 26 34.69 -8.18 -84.30
CA THR I 26 35.14 -9.25 -83.43
C THR I 26 35.64 -8.65 -82.13
N VAL I 27 35.42 -9.38 -81.06
CA VAL I 27 35.84 -9.00 -79.73
C VAL I 27 36.78 -10.08 -79.22
N ASN I 28 37.99 -9.65 -78.87
CA ASN I 28 39.03 -10.58 -78.46
C ASN I 28 39.04 -10.85 -76.96
N ASP I 29 38.24 -10.13 -76.19
CA ASP I 29 38.09 -10.43 -74.79
C ASP I 29 37.03 -11.50 -74.60
N PRO I 30 37.40 -12.71 -74.20
CA PRO I 30 36.39 -13.78 -74.10
C PRO I 30 35.40 -13.57 -72.99
N SER I 31 35.73 -12.76 -71.98
CA SER I 31 34.78 -12.53 -70.90
C SER I 31 33.68 -11.60 -71.34
N LEU I 32 33.95 -10.75 -72.31
CA LEU I 32 32.98 -9.82 -72.84
C LEU I 32 32.26 -10.34 -74.06
N ARG I 33 32.89 -11.26 -74.80
CA ARG I 33 32.30 -11.74 -76.04
C ARG I 33 30.84 -12.17 -75.92
N PRO I 34 30.44 -12.96 -74.93
CA PRO I 34 29.02 -13.29 -74.83
C PRO I 34 28.16 -12.12 -74.48
N TYR I 35 28.68 -11.17 -73.72
CA TYR I 35 27.90 -10.06 -73.21
C TYR I 35 27.93 -8.86 -74.13
N ILE I 36 28.47 -9.00 -75.32
CA ILE I 36 28.47 -7.95 -76.32
C ILE I 36 27.64 -8.45 -77.49
N ASN I 37 26.47 -7.88 -77.64
CA ASN I 37 25.57 -8.26 -78.71
C ASN I 37 25.94 -7.49 -79.97
N LEU I 38 26.09 -8.24 -81.06
CA LEU I 38 26.51 -7.68 -82.34
C LEU I 38 25.68 -8.26 -83.45
N GLU I 39 24.40 -8.38 -83.20
CA GLU I 39 23.47 -8.90 -84.19
C GLU I 39 23.23 -7.89 -85.30
N ALA I 40 22.81 -8.41 -86.44
CA ALA I 40 22.37 -7.57 -87.56
C ALA I 40 21.04 -6.98 -87.16
N ARG I 41 21.14 -5.87 -86.44
CA ARG I 41 20.02 -5.15 -85.90
C ARG I 41 20.03 -3.76 -86.49
N LEU I 42 19.08 -3.50 -87.38
CA LEU I 42 19.03 -2.22 -88.06
C LEU I 42 18.94 -1.07 -87.08
N LEU I 43 17.87 -1.03 -86.31
CA LEU I 43 17.63 0.00 -85.35
C LEU I 43 18.05 -0.48 -83.98
N PRO I 44 19.00 0.17 -83.29
CA PRO I 44 19.41 -0.34 -82.00
C PRO I 44 18.31 -0.32 -80.97
N HIS I 45 17.46 0.71 -81.02
CA HIS I 45 16.35 0.94 -80.10
C HIS I 45 15.63 -0.32 -79.68
N SER I 46 15.70 -0.60 -78.39
CA SER I 46 14.75 -1.43 -77.70
C SER I 46 13.98 -0.52 -76.78
N HIS I 47 12.85 -0.99 -76.32
CA HIS I 47 11.90 -0.09 -75.69
C HIS I 47 11.77 -0.43 -74.22
N GLY I 48 12.91 -0.66 -73.59
CA GLY I 48 12.98 -1.03 -72.21
C GLY I 48 12.82 -2.49 -71.91
N ARG I 49 12.49 -3.28 -72.91
CA ARG I 49 11.93 -4.60 -72.72
C ARG I 49 12.86 -5.55 -71.99
N HIS I 50 14.13 -5.19 -71.89
CA HIS I 50 15.14 -6.01 -71.26
C HIS I 50 15.27 -5.79 -69.76
N ALA I 51 15.09 -4.56 -69.31
CA ALA I 51 15.39 -4.22 -67.92
C ALA I 51 14.64 -5.05 -66.91
N LYS I 52 13.46 -5.54 -67.26
CA LYS I 52 12.66 -6.27 -66.30
C LYS I 52 13.34 -7.57 -65.89
N LYS I 53 14.29 -8.04 -66.70
CA LYS I 53 15.05 -9.25 -66.42
C LYS I 53 16.46 -8.90 -66.02
N ALA I 54 17.25 -9.94 -65.73
CA ALA I 54 18.51 -9.77 -65.04
C ALA I 54 19.71 -9.76 -65.98
N PHE I 55 19.57 -10.31 -67.17
CA PHE I 55 20.64 -10.31 -68.17
C PHE I 55 20.11 -9.95 -69.56
N GLY I 56 18.94 -9.32 -69.60
CA GLY I 56 18.49 -8.76 -70.83
C GLY I 56 19.48 -7.77 -71.42
N LYS I 57 20.23 -7.11 -70.56
CA LYS I 57 21.36 -6.32 -71.00
C LYS I 57 22.30 -7.12 -71.86
N ALA I 58 22.52 -8.38 -71.52
CA ALA I 58 23.32 -9.25 -72.35
C ALA I 58 22.66 -9.47 -73.68
N ASN I 59 21.35 -9.58 -73.68
CA ASN I 59 20.61 -9.76 -74.93
C ASN I 59 20.47 -8.48 -75.74
N VAL I 60 20.90 -7.35 -75.19
CA VAL I 60 20.69 -6.05 -75.80
C VAL I 60 21.89 -5.64 -76.63
N HIS I 61 21.61 -4.99 -77.76
CA HIS I 61 22.65 -4.50 -78.64
C HIS I 61 23.54 -3.48 -77.93
N ILE I 62 24.76 -3.37 -78.44
CA ILE I 62 25.79 -2.63 -77.73
C ILE I 62 25.70 -1.15 -78.02
N VAL I 63 25.37 -0.77 -79.24
CA VAL I 63 25.29 0.66 -79.53
C VAL I 63 24.05 1.24 -78.88
N GLU I 64 23.06 0.41 -78.65
CA GLU I 64 21.92 0.83 -77.87
C GLU I 64 22.32 1.14 -76.45
N ARG I 65 23.09 0.27 -75.83
CA ARG I 65 23.61 0.54 -74.50
C ARG I 65 24.42 1.82 -74.48
N LEU I 66 25.16 2.07 -75.54
CA LEU I 66 25.87 3.34 -75.64
C LEU I 66 24.93 4.52 -75.66
N ILE I 67 23.95 4.52 -76.55
CA ILE I 67 23.08 5.68 -76.65
C ILE I 67 22.28 5.88 -75.38
N ASN I 68 21.95 4.79 -74.71
CA ASN I 68 21.25 4.88 -73.46
C ASN I 68 22.11 5.46 -72.36
N LYS I 69 23.41 5.20 -72.41
CA LYS I 69 24.31 5.85 -71.49
C LYS I 69 24.57 7.29 -71.87
N VAL I 70 24.42 7.62 -73.15
CA VAL I 70 24.60 8.97 -73.64
C VAL I 70 23.41 9.84 -73.28
N MET I 71 22.23 9.25 -73.19
CA MET I 71 21.07 9.87 -72.57
C MET I 71 21.39 10.00 -71.09
N ARG I 72 22.07 11.10 -70.75
CA ARG I 72 22.92 11.19 -69.57
C ARG I 72 22.47 12.26 -68.60
N SER I 73 22.38 13.51 -69.05
CA SER I 73 22.22 14.69 -68.19
C SER I 73 23.43 14.96 -67.31
N GLY I 74 24.62 14.59 -67.75
CA GLY I 74 25.80 14.81 -66.96
C GLY I 74 25.96 13.93 -65.75
N ALA I 75 26.44 14.54 -64.67
CA ALA I 75 26.64 13.88 -63.39
C ALA I 75 25.94 14.72 -62.33
N SER I 76 25.01 14.10 -61.61
CA SER I 76 24.16 14.84 -60.69
C SER I 76 24.58 14.63 -59.24
N SER I 77 24.92 13.38 -58.89
CA SER I 77 25.30 13.01 -57.54
C SER I 77 26.79 12.70 -57.41
N HIS I 78 27.57 12.83 -58.49
CA HIS I 78 29.02 12.70 -58.44
C HIS I 78 29.66 13.80 -59.27
N LYS I 79 30.98 13.90 -59.15
CA LYS I 79 31.75 15.00 -59.72
C LYS I 79 32.72 14.46 -60.76
N ALA I 80 32.30 14.51 -62.02
CA ALA I 80 33.20 14.23 -63.14
C ALA I 80 33.91 15.50 -63.54
N GLY I 81 35.20 15.39 -63.82
CA GLY I 81 36.02 16.57 -63.98
C GLY I 81 36.00 17.47 -62.78
N GLY I 82 35.78 16.91 -61.59
CA GLY I 82 35.65 17.70 -60.39
C GLY I 82 34.38 18.51 -60.30
N HIS I 83 33.51 18.44 -61.30
CA HIS I 83 32.37 19.31 -61.42
C HIS I 83 31.07 18.52 -61.45
N PHE I 84 30.10 18.96 -60.68
CA PHE I 84 28.73 18.66 -61.00
C PHE I 84 28.37 19.36 -62.29
N MET I 85 27.58 18.69 -63.11
CA MET I 85 27.21 19.18 -64.43
C MET I 85 25.76 19.68 -64.41
N ARG I 86 24.85 18.82 -63.98
CA ARG I 86 23.49 19.18 -63.64
C ARG I 86 22.84 20.04 -64.72
N ARG I 87 22.83 19.50 -65.93
CA ARG I 87 21.91 19.97 -66.94
C ARG I 87 20.55 19.40 -66.62
N GLU I 88 19.56 20.27 -66.50
CA GLU I 88 18.25 19.85 -66.00
C GLU I 88 17.24 19.73 -67.13
N HIS I 89 17.03 20.82 -67.85
CA HIS I 89 16.04 20.87 -68.91
C HIS I 89 16.67 20.80 -70.28
N ARG I 90 17.91 21.28 -70.40
CA ARG I 90 18.68 21.22 -71.62
C ARG I 90 19.51 19.96 -71.71
N SER I 91 19.12 18.93 -71.00
CA SER I 91 19.74 17.62 -71.12
C SER I 91 19.17 16.84 -72.29
N LEU I 92 19.53 15.56 -72.34
CA LEU I 92 19.04 14.59 -73.30
C LEU I 92 18.27 13.49 -72.64
N MET I 93 18.02 13.59 -71.36
CA MET I 93 17.29 12.56 -70.68
C MET I 93 15.92 12.38 -71.32
N SER I 94 15.65 11.14 -71.68
CA SER I 94 14.45 10.71 -72.38
C SER I 94 14.41 11.19 -73.82
N LYS I 95 15.55 11.55 -74.39
CA LYS I 95 15.63 12.01 -75.77
C LYS I 95 16.57 11.11 -76.54
N LYS I 96 16.04 9.98 -76.93
CA LYS I 96 16.83 8.97 -77.59
C LYS I 96 17.04 9.28 -79.05
N MET I 97 16.22 10.13 -79.63
CA MET I 97 16.41 10.55 -80.99
C MET I 97 17.63 11.46 -81.12
N LYS I 98 17.78 12.40 -80.21
CA LYS I 98 18.97 13.20 -80.11
C LYS I 98 20.19 12.37 -79.78
N ALA I 99 20.07 11.45 -78.84
CA ALA I 99 21.19 10.58 -78.53
C ALA I 99 21.62 9.75 -79.72
N TYR I 100 20.66 9.21 -80.46
CA TYR I 100 20.92 8.45 -81.66
C TYR I 100 21.68 9.28 -82.68
N GLU I 101 21.26 10.52 -82.87
CA GLU I 101 21.97 11.36 -83.82
C GLU I 101 23.36 11.72 -83.33
N VAL I 102 23.52 11.86 -82.02
CA VAL I 102 24.83 12.17 -81.46
C VAL I 102 25.80 11.04 -81.75
N VAL I 103 25.37 9.83 -81.44
CA VAL I 103 26.19 8.66 -81.69
C VAL I 103 26.47 8.47 -83.15
N LYS I 104 25.48 8.73 -84.00
CA LYS I 104 25.67 8.56 -85.42
C LYS I 104 26.67 9.54 -85.98
N GLU I 105 26.59 10.80 -85.56
CA GLU I 105 27.56 11.78 -85.98
C GLU I 105 28.94 11.43 -85.49
N ALA I 106 29.04 10.87 -84.30
CA ALA I 106 30.32 10.45 -83.76
C ALA I 106 30.94 9.36 -84.62
N PHE I 107 30.15 8.37 -84.97
CA PHE I 107 30.62 7.30 -85.80
C PHE I 107 31.06 7.81 -87.17
N MET I 108 30.24 8.63 -87.80
CA MET I 108 30.63 9.24 -89.05
C MET I 108 31.95 9.96 -88.92
N ILE I 109 32.14 10.63 -87.78
CA ILE I 109 33.36 11.38 -87.56
C ILE I 109 34.54 10.44 -87.59
N ILE I 110 34.50 9.42 -86.75
CA ILE I 110 35.67 8.59 -86.60
C ILE I 110 35.97 7.84 -87.88
N GLU I 111 34.94 7.42 -88.59
CA GLU I 111 35.11 6.75 -89.85
C GLU I 111 35.61 7.67 -90.95
N ARG I 112 35.32 8.96 -90.88
CA ARG I 112 36.06 9.90 -91.71
C ARG I 112 37.52 9.92 -91.31
N ARG I 113 37.75 9.93 -90.01
CA ARG I 113 39.02 9.48 -89.49
C ARG I 113 39.02 7.97 -89.41
N THR I 114 40.09 7.45 -88.87
CA THR I 114 40.21 6.09 -88.37
C THR I 114 40.02 4.99 -89.39
N LYS I 115 39.48 5.30 -90.58
CA LYS I 115 39.34 4.39 -91.71
C LYS I 115 39.00 2.97 -91.26
N GLN I 116 38.02 2.86 -90.39
CA GLN I 116 37.72 1.62 -89.71
C GLN I 116 36.23 1.56 -89.43
N ASN I 117 35.76 0.36 -89.14
CA ASN I 117 34.42 0.23 -88.66
C ASN I 117 34.32 0.83 -87.26
N PRO I 118 33.45 1.81 -87.06
CA PRO I 118 33.41 2.46 -85.77
C PRO I 118 32.95 1.56 -84.66
N ILE I 119 32.26 0.48 -84.99
CA ILE I 119 31.83 -0.45 -83.96
C ILE I 119 33.01 -1.28 -83.50
N GLN I 120 33.88 -1.65 -84.42
CA GLN I 120 35.15 -2.25 -84.04
C GLN I 120 35.93 -1.34 -83.12
N VAL I 121 36.02 -0.07 -83.48
CA VAL I 121 36.70 0.90 -82.63
C VAL I 121 36.07 0.93 -81.26
N LEU I 122 34.75 0.88 -81.20
CA LEU I 122 34.07 1.00 -79.93
C LEU I 122 34.33 -0.21 -79.06
N VAL I 123 34.31 -1.40 -79.65
CA VAL I 123 34.59 -2.59 -78.83
C VAL I 123 36.01 -2.57 -78.34
N ARG I 124 36.95 -2.13 -79.16
CA ARG I 124 38.31 -1.97 -78.67
C ARG I 124 38.34 -1.04 -77.50
N ALA I 125 37.58 0.04 -77.58
CA ALA I 125 37.62 1.06 -76.56
C ALA I 125 37.04 0.57 -75.26
N ILE I 126 35.94 -0.17 -75.31
CA ILE I 126 35.41 -0.70 -74.06
C ILE I 126 36.30 -1.80 -73.54
N GLU I 127 36.96 -2.53 -74.43
CA GLU I 127 37.89 -3.57 -73.98
C GLU I 127 39.03 -2.98 -73.18
N ASN I 128 39.66 -1.93 -73.69
CA ASN I 128 40.78 -1.31 -73.00
C ASN I 128 40.34 -0.13 -72.15
N SER I 129 39.06 -0.02 -71.89
CA SER I 129 38.54 0.84 -70.86
C SER I 129 37.86 0.07 -69.74
N ALA I 130 37.74 -1.23 -69.89
CA ALA I 130 37.00 -2.06 -68.97
C ALA I 130 37.93 -2.67 -67.93
N PRO I 131 37.76 -2.39 -66.65
CA PRO I 131 38.67 -2.93 -65.66
C PRO I 131 38.42 -4.40 -65.40
N ARG I 132 39.31 -4.98 -64.62
CA ARG I 132 39.26 -6.39 -64.29
C ARG I 132 39.21 -6.62 -62.80
N GLU I 133 39.88 -5.77 -62.04
CA GLU I 133 39.84 -5.82 -60.60
C GLU I 133 39.36 -4.47 -60.09
N ASP I 134 38.61 -4.52 -59.00
CA ASP I 134 38.22 -3.35 -58.26
C ASP I 134 38.44 -3.67 -56.79
N THR I 135 38.11 -2.73 -55.93
CA THR I 135 38.27 -2.92 -54.51
C THR I 135 36.97 -2.62 -53.79
N THR I 136 36.74 -3.34 -52.71
CA THR I 136 35.57 -3.16 -51.89
C THR I 136 35.87 -3.69 -50.49
N THR I 137 35.17 -3.14 -49.52
CA THR I 137 35.44 -3.45 -48.13
C THR I 137 34.54 -4.59 -47.66
N ILE I 138 35.17 -5.60 -47.07
CA ILE I 138 34.49 -6.80 -46.63
C ILE I 138 34.79 -7.01 -45.17
N ALA I 139 33.85 -7.60 -44.44
CA ALA I 139 34.03 -7.89 -43.04
C ALA I 139 34.46 -9.34 -42.86
N PHE I 140 35.48 -9.54 -42.04
CA PHE I 140 35.96 -10.87 -41.68
C PHE I 140 35.96 -10.96 -40.18
N GLY I 141 35.03 -11.74 -39.62
CA GLY I 141 34.90 -11.85 -38.19
C GLY I 141 34.51 -10.56 -37.49
N GLY I 142 34.03 -9.57 -38.24
CA GLY I 142 33.56 -8.33 -37.67
C GLY I 142 34.45 -7.13 -37.92
N ILE I 143 35.52 -7.28 -38.70
CA ILE I 143 36.48 -6.23 -38.96
C ILE I 143 36.55 -6.01 -40.46
N ARG I 144 36.55 -4.74 -40.87
CA ARG I 144 36.50 -4.38 -42.27
C ARG I 144 37.89 -4.28 -42.86
N TYR I 145 38.06 -4.89 -44.04
CA TYR I 145 39.27 -4.76 -44.83
C TYR I 145 38.89 -4.39 -46.25
N HIS I 146 39.54 -3.36 -46.78
CA HIS I 146 39.35 -2.94 -48.16
C HIS I 146 40.09 -3.93 -49.05
N MET I 147 39.41 -5.02 -49.36
CA MET I 147 39.99 -6.07 -50.17
C MET I 147 39.86 -5.75 -51.63
N ALA I 148 40.56 -6.54 -52.44
CA ALA I 148 40.45 -6.47 -53.88
C ALA I 148 39.57 -7.62 -54.36
N VAL I 149 38.93 -7.39 -55.49
CA VAL I 149 37.96 -8.32 -56.05
C VAL I 149 38.08 -8.27 -57.55
N ASP I 150 37.63 -9.34 -58.18
CA ASP I 150 37.47 -9.36 -59.61
C ASP I 150 36.09 -8.90 -60.01
N VAL I 151 35.99 -8.40 -61.23
CA VAL I 151 34.79 -7.75 -61.73
C VAL I 151 34.17 -8.64 -62.78
N SER I 152 32.86 -8.75 -62.72
CA SER I 152 32.13 -9.54 -63.67
C SER I 152 31.97 -8.79 -64.98
N PRO I 153 31.95 -9.51 -66.11
CA PRO I 153 32.05 -8.85 -67.40
C PRO I 153 30.93 -7.89 -67.69
N LEU I 154 29.75 -8.19 -67.19
CA LEU I 154 28.64 -7.29 -67.36
C LEU I 154 28.90 -5.95 -66.67
N ARG I 155 29.39 -6.01 -65.45
CA ARG I 155 29.76 -4.81 -64.72
C ARG I 155 30.92 -4.08 -65.40
N ARG I 156 31.83 -4.83 -66.00
CA ARG I 156 32.90 -4.21 -66.76
C ARG I 156 32.35 -3.40 -67.91
N LEU I 157 31.44 -3.97 -68.68
CA LEU I 157 30.75 -3.24 -69.73
C LEU I 157 30.10 -1.98 -69.20
N ASP I 158 29.31 -2.14 -68.15
CA ASP I 158 28.59 -1.02 -67.58
C ASP I 158 29.52 0.13 -67.30
N ILE I 159 30.62 -0.14 -66.60
CA ILE I 159 31.57 0.89 -66.26
C ILE I 159 32.17 1.50 -67.51
N ALA I 160 32.55 0.67 -68.46
CA ALA I 160 33.21 1.17 -69.65
C ALA I 160 32.34 2.16 -70.40
N LEU I 161 31.10 1.75 -70.68
CA LEU I 161 30.18 2.62 -71.38
C LEU I 161 29.93 3.88 -70.60
N LYS I 162 29.68 3.74 -69.31
CA LYS I 162 29.40 4.88 -68.46
C LYS I 162 30.50 5.91 -68.56
N ASN I 163 31.73 5.51 -68.37
CA ASN I 163 32.79 6.48 -68.24
C ASN I 163 33.27 6.99 -69.59
N ILE I 164 33.09 6.22 -70.66
CA ILE I 164 33.19 6.78 -71.99
C ILE I 164 32.26 7.97 -72.13
N ALA I 165 30.99 7.76 -71.85
CA ALA I 165 30.00 8.80 -72.00
C ALA I 165 30.28 9.99 -71.10
N LEU I 166 30.69 9.71 -69.88
CA LEU I 166 31.00 10.75 -68.92
C LEU I 166 32.19 11.58 -69.33
N GLY I 167 33.19 10.98 -69.97
CA GLY I 167 34.27 11.75 -70.48
C GLY I 167 33.83 12.65 -71.61
N ALA I 168 33.02 12.11 -72.51
CA ALA I 168 32.45 12.93 -73.55
C ALA I 168 31.71 14.12 -72.96
N SER I 169 30.92 13.88 -71.92
CA SER I 169 30.13 14.92 -71.30
C SER I 169 31.01 16.01 -70.71
N ALA I 170 32.00 15.61 -69.92
CA ALA I 170 32.91 16.58 -69.32
C ALA I 170 33.65 17.37 -70.37
N LYS I 171 33.96 16.78 -71.50
CA LYS I 171 34.71 17.51 -72.50
C LYS I 171 33.83 18.45 -73.30
N CYS I 172 32.56 18.12 -73.47
CA CYS I 172 31.63 18.99 -74.15
C CYS I 172 31.03 20.06 -73.26
N TYR I 173 31.19 19.96 -71.95
CA TYR I 173 30.58 20.88 -71.01
C TYR I 173 31.24 22.25 -71.09
N ARG I 174 30.44 23.25 -71.43
CA ARG I 174 30.81 24.65 -71.32
C ARG I 174 32.07 24.96 -72.10
N ASN I 175 32.12 24.43 -73.32
CA ASN I 175 33.23 24.69 -74.22
C ASN I 175 32.72 24.48 -75.63
N LYS I 176 33.58 24.79 -76.58
CA LYS I 176 33.16 24.90 -77.97
C LYS I 176 33.00 23.57 -78.66
N THR I 177 33.46 22.48 -78.06
CA THR I 177 33.37 21.19 -78.72
C THR I 177 32.00 20.58 -78.51
N SER I 178 31.59 19.81 -79.50
CA SER I 178 30.32 19.14 -79.50
C SER I 178 30.38 17.82 -78.76
N TYR I 179 29.21 17.36 -78.36
CA TYR I 179 29.09 16.09 -77.63
C TYR I 179 29.52 14.93 -78.50
N ALA I 180 29.15 14.97 -79.77
CA ALA I 180 29.55 13.95 -80.71
C ALA I 180 31.05 13.91 -80.87
N GLN I 181 31.68 15.06 -80.95
CA GLN I 181 33.11 15.11 -81.14
C GLN I 181 33.84 14.60 -79.92
N ALA I 182 33.41 15.05 -78.74
CA ALA I 182 33.94 14.52 -77.51
C ALA I 182 33.81 13.01 -77.45
N LEU I 183 32.71 12.49 -77.98
CA LEU I 183 32.48 11.06 -77.93
C LEU I 183 33.43 10.32 -78.84
N ALA I 184 33.56 10.81 -80.07
CA ALA I 184 34.52 10.27 -81.00
C ALA I 184 35.92 10.26 -80.42
N GLU I 185 36.35 11.40 -79.91
CA GLU I 185 37.66 11.52 -79.33
C GLU I 185 37.86 10.53 -78.22
N GLU I 186 36.88 10.39 -77.34
CA GLU I 186 36.99 9.47 -76.23
C GLU I 186 37.10 8.04 -76.72
N ILE I 187 36.31 7.65 -77.71
CA ILE I 187 36.37 6.26 -78.14
C ILE I 187 37.70 5.96 -78.80
N ILE I 188 38.20 6.84 -79.66
CA ILE I 188 39.43 6.47 -80.34
C ILE I 188 40.60 6.56 -79.40
N ALA I 189 40.57 7.51 -78.49
CA ALA I 189 41.63 7.63 -77.50
C ALA I 189 41.69 6.38 -76.66
N ALA I 190 40.56 5.93 -76.16
CA ALA I 190 40.55 4.74 -75.35
C ALA I 190 40.98 3.53 -76.15
N ALA I 191 40.62 3.47 -77.41
CA ALA I 191 41.01 2.36 -78.23
C ALA I 191 42.50 2.32 -78.49
N ASN I 192 43.12 3.48 -78.64
CA ASN I 192 44.55 3.61 -78.69
C ASN I 192 45.20 3.49 -77.32
N ALA I 193 44.40 3.49 -76.27
CA ALA I 193 44.86 3.29 -74.90
C ALA I 193 45.85 4.34 -74.48
N ASP I 194 45.53 5.59 -74.78
CA ASP I 194 46.30 6.70 -74.30
C ASP I 194 45.60 7.30 -73.10
N PRO I 195 46.34 7.95 -72.20
CA PRO I 195 45.74 8.40 -70.94
C PRO I 195 44.90 9.64 -71.07
N LYS I 196 44.96 10.28 -72.24
CA LYS I 196 44.08 11.42 -72.52
C LYS I 196 42.62 11.04 -72.32
N SER I 197 42.29 9.77 -72.51
CA SER I 197 40.93 9.33 -72.31
C SER I 197 40.61 9.18 -70.84
N PHE I 198 39.53 9.84 -70.45
CA PHE I 198 38.99 9.73 -69.11
C PHE I 198 38.77 8.27 -68.73
N ALA I 199 38.35 7.48 -69.69
CA ALA I 199 37.94 6.11 -69.42
C ALA I 199 39.13 5.20 -69.18
N TYR I 200 40.10 5.23 -70.07
CA TYR I 200 41.36 4.53 -69.83
C TYR I 200 41.99 4.94 -68.52
N SER I 201 42.05 6.24 -68.27
CA SER I 201 42.61 6.74 -67.02
C SER I 201 41.91 6.16 -65.82
N ARG I 202 40.59 6.16 -65.85
CA ARG I 202 39.80 5.69 -64.73
C ARG I 202 40.00 4.20 -64.51
N LYS I 203 40.08 3.46 -65.60
CA LYS I 203 40.36 2.03 -65.51
C LYS I 203 41.69 1.80 -64.83
N GLU I 204 42.70 2.52 -65.30
CA GLU I 204 44.03 2.36 -64.76
C GLU I 204 44.06 2.69 -63.29
N GLU I 205 43.31 3.69 -62.87
CA GLU I 205 43.40 4.11 -61.48
C GLU I 205 42.69 3.15 -60.57
N ILE I 206 41.53 2.65 -60.96
CA ILE I 206 40.89 1.67 -60.10
C ILE I 206 41.70 0.40 -60.07
N GLU I 207 42.39 0.09 -61.17
CA GLU I 207 43.20 -1.11 -61.20
C GLU I 207 44.46 -0.97 -60.37
N ARG I 208 45.12 0.18 -60.41
CA ARG I 208 46.31 0.35 -59.60
C ARG I 208 45.95 0.48 -58.13
N ILE I 209 44.78 1.01 -57.83
CA ILE I 209 44.32 1.01 -56.46
C ILE I 209 44.06 -0.41 -55.98
N ALA I 210 43.54 -1.26 -56.86
CA ALA I 210 43.35 -2.64 -56.49
C ALA I 210 44.69 -3.34 -56.26
N GLN I 211 45.61 -3.23 -57.21
CA GLN I 211 46.90 -3.89 -57.06
C GLN I 211 47.69 -3.31 -55.90
N SER I 212 47.34 -2.11 -55.44
CA SER I 212 47.81 -1.63 -54.15
C SER I 212 47.12 -2.34 -53.00
N SER I 213 45.83 -2.60 -53.14
CA SER I 213 45.06 -3.22 -52.07
C SER I 213 45.36 -4.71 -51.91
N ARG I 214 46.08 -5.32 -52.85
CA ARG I 214 46.56 -6.67 -52.63
C ARG I 214 47.97 -6.87 -53.21
N THR J 1 24.46 -38.67 18.26
CA THR J 1 24.58 -40.01 17.70
C THR J 1 23.28 -40.80 17.84
N LEU J 2 23.38 -42.11 17.90
CA LEU J 2 22.20 -42.93 18.14
C LEU J 2 21.63 -42.64 19.51
N LEU J 3 20.32 -42.43 19.53
CA LEU J 3 19.57 -42.06 20.71
C LEU J 3 18.14 -42.49 20.39
N ASP J 4 17.56 -43.31 21.21
CA ASP J 4 16.19 -43.75 21.02
C ASP J 4 15.98 -44.58 19.75
N PRO J 5 16.42 -45.84 19.79
CA PRO J 5 15.99 -46.80 18.78
C PRO J 5 14.50 -46.86 18.58
N LEU J 6 13.72 -46.56 19.61
CA LEU J 6 12.28 -46.62 19.49
C LEU J 6 11.75 -45.56 18.55
N ALA J 7 12.22 -44.34 18.71
CA ALA J 7 11.81 -43.28 17.81
C ALA J 7 12.25 -43.58 16.40
N ASN J 8 13.46 -44.12 16.25
CA ASN J 8 13.92 -44.43 14.92
C ASN J 8 13.06 -45.50 14.27
N ALA J 9 12.68 -46.51 15.05
CA ALA J 9 11.82 -47.57 14.57
C ALA J 9 10.47 -47.05 14.12
N LEU J 10 9.88 -46.18 14.92
CA LEU J 10 8.57 -45.65 14.61
C LEU J 10 8.60 -44.76 13.39
N SER J 11 9.63 -43.94 13.26
CA SER J 11 9.76 -43.10 12.09
C SER J 11 9.97 -43.93 10.84
N HIS J 12 10.70 -45.02 10.97
CA HIS J 12 10.90 -45.93 9.86
C HIS J 12 9.59 -46.54 9.41
N ILE J 13 8.80 -47.04 10.35
CA ILE J 13 7.47 -47.55 10.06
C ILE J 13 6.62 -46.50 9.37
N THR J 14 6.60 -45.30 9.89
CA THR J 14 5.84 -44.20 9.31
C THR J 14 6.23 -43.93 7.86
N ASN J 15 7.52 -43.82 7.59
CA ASN J 15 7.98 -43.52 6.25
C ASN J 15 7.72 -44.66 5.27
N SER J 16 7.96 -45.89 5.71
CA SER J 16 7.66 -47.07 4.93
C SER J 16 6.18 -47.24 4.63
N GLU J 17 5.31 -46.92 5.59
CA GLU J 17 3.89 -46.90 5.33
C GLU J 17 3.51 -45.84 4.32
N ARG J 18 4.14 -44.68 4.38
CA ARG J 18 3.86 -43.68 3.37
C ARG J 18 4.18 -44.19 1.97
N VAL J 19 5.26 -44.95 1.82
CA VAL J 19 5.67 -45.41 0.50
C VAL J 19 5.14 -46.80 0.18
N GLY J 20 4.31 -47.38 1.04
CA GLY J 20 3.67 -48.62 0.71
C GLY J 20 4.55 -49.85 0.78
N LYS J 21 5.50 -49.89 1.70
CA LYS J 21 6.31 -51.08 1.89
C LYS J 21 5.55 -52.08 2.75
N LYS J 22 5.83 -53.36 2.52
CA LYS J 22 5.14 -54.43 3.20
C LYS J 22 5.88 -54.94 4.41
N GLU J 23 7.19 -54.72 4.49
CA GLU J 23 7.98 -55.22 5.59
C GLU J 23 9.09 -54.24 5.87
N VAL J 24 9.34 -54.01 7.15
CA VAL J 24 10.44 -53.19 7.60
C VAL J 24 11.31 -54.00 8.53
N TYR J 25 12.54 -53.52 8.69
CA TYR J 25 13.52 -54.13 9.56
C TYR J 25 14.00 -53.08 10.54
N LEU J 26 13.94 -53.42 11.81
CA LEU J 26 14.34 -52.52 12.89
C LEU J 26 15.55 -53.12 13.60
N LYS J 27 16.69 -52.46 13.48
CA LYS J 27 17.98 -53.10 13.64
C LYS J 27 18.50 -53.12 15.07
N PRO J 28 18.39 -52.04 15.83
CA PRO J 28 18.80 -52.08 17.24
C PRO J 28 17.60 -52.43 18.10
N ALA J 29 17.20 -53.68 18.01
CA ALA J 29 16.02 -54.14 18.68
C ALA J 29 16.12 -53.95 20.19
N SER J 30 14.98 -54.00 20.84
CA SER J 30 14.88 -53.88 22.27
C SER J 30 13.61 -54.56 22.74
N LYS J 31 13.63 -54.92 24.01
CA LYS J 31 12.44 -55.41 24.68
C LYS J 31 11.32 -54.40 24.62
N LEU J 32 11.65 -53.12 24.60
CA LEU J 32 10.64 -52.08 24.50
C LEU J 32 10.07 -51.97 23.11
N MET J 33 10.92 -51.98 22.08
CA MET J 33 10.42 -52.07 20.72
C MET J 33 9.50 -53.27 20.56
N GLY J 34 9.86 -54.39 21.18
CA GLY J 34 9.03 -55.57 21.09
C GLY J 34 7.69 -55.42 21.79
N GLU J 35 7.68 -54.81 22.96
CA GLU J 35 6.41 -54.59 23.64
C GLU J 35 5.52 -53.64 22.88
N VAL J 36 6.09 -52.58 22.33
CA VAL J 36 5.34 -51.64 21.52
C VAL J 36 4.76 -52.32 20.30
N LEU J 37 5.51 -53.23 19.68
CA LEU J 37 4.98 -53.96 18.54
C LEU J 37 3.93 -54.97 18.93
N ARG J 38 4.09 -55.60 20.09
CA ARG J 38 3.06 -56.45 20.65
C ARG J 38 1.75 -55.69 20.77
N VAL J 39 1.81 -54.48 21.29
CA VAL J 39 0.63 -53.65 21.44
C VAL J 39 0.06 -53.24 20.08
N MET J 40 0.92 -52.87 19.15
CA MET J 40 0.48 -52.43 17.83
C MET J 40 -0.18 -53.57 17.06
N GLN J 41 0.35 -54.78 17.20
CA GLN J 41 -0.31 -55.96 16.68
C GLN J 41 -1.66 -56.17 17.31
N GLU J 42 -1.73 -56.14 18.63
CA GLU J 42 -2.98 -56.39 19.33
C GLU J 42 -4.07 -55.39 18.98
N ASN J 43 -3.71 -54.13 18.78
CA ASN J 43 -4.65 -53.12 18.34
C ASN J 43 -4.74 -53.02 16.83
N GLY J 44 -4.04 -53.89 16.11
CA GLY J 44 -4.31 -54.07 14.70
C GLY J 44 -3.74 -53.01 13.78
N TYR J 45 -2.53 -52.54 14.04
CA TYR J 45 -1.89 -51.56 13.21
C TYR J 45 -0.81 -52.17 12.35
N ILE J 46 -0.19 -53.23 12.84
CA ILE J 46 0.76 -54.00 12.05
C ILE J 46 0.29 -55.44 12.03
N GLY J 47 1.00 -56.22 11.25
CA GLY J 47 0.70 -57.62 11.10
C GLY J 47 1.56 -58.47 11.99
N GLU J 48 2.68 -58.92 11.47
CA GLU J 48 3.43 -59.95 12.16
C GLU J 48 4.89 -59.54 12.31
N PHE J 49 5.39 -59.69 13.53
CA PHE J 49 6.75 -59.32 13.83
C PHE J 49 7.47 -60.50 14.42
N GLU J 50 8.73 -60.64 14.02
CA GLU J 50 9.57 -61.72 14.48
C GLU J 50 10.96 -61.19 14.77
N PHE J 51 11.54 -61.70 15.84
CA PHE J 51 12.88 -61.32 16.27
C PHE J 51 13.89 -62.19 15.55
N ILE J 52 14.65 -61.56 14.69
CA ILE J 52 15.84 -62.16 14.13
C ILE J 52 17.00 -61.87 15.05
N ASP J 53 17.91 -62.83 15.17
CA ASP J 53 19.02 -62.72 16.09
C ASP J 53 20.32 -62.79 15.32
N ASP J 54 21.07 -61.70 15.38
CA ASP J 54 22.46 -61.64 15.04
C ASP J 54 23.27 -61.74 16.32
N GLY J 55 24.58 -61.52 16.23
CA GLY J 55 25.37 -61.41 17.42
C GLY J 55 25.21 -60.10 18.15
N ARG J 56 24.59 -59.15 17.49
CA ARG J 56 24.39 -57.80 17.99
C ARG J 56 23.06 -57.75 18.74
N ALA J 57 22.52 -56.55 18.91
CA ALA J 57 21.30 -56.31 19.65
C ALA J 57 20.07 -56.95 19.02
N GLY J 58 20.17 -57.51 17.83
CA GLY J 58 19.05 -58.21 17.23
C GLY J 58 18.20 -57.31 16.38
N ILE J 59 17.52 -57.93 15.43
CA ILE J 59 16.69 -57.24 14.47
C ILE J 59 15.24 -57.70 14.64
N TYR J 60 14.32 -56.83 14.26
CA TYR J 60 12.90 -57.16 14.16
C TYR J 60 12.46 -57.05 12.72
N ARG J 61 11.89 -58.12 12.19
CA ARG J 61 11.22 -58.10 10.89
C ARG J 61 9.75 -57.86 11.17
N VAL J 62 9.17 -56.88 10.50
CA VAL J 62 7.84 -56.37 10.83
C VAL J 62 7.03 -56.27 9.56
N GLN J 63 6.02 -57.12 9.44
CA GLN J 63 5.12 -57.13 8.31
C GLN J 63 3.93 -56.24 8.61
N LEU J 64 3.77 -55.23 7.77
CA LEU J 64 2.74 -54.21 7.87
C LEU J 64 1.51 -54.58 7.05
N ILE J 65 0.41 -53.86 7.30
CA ILE J 65 -0.88 -54.15 6.70
C ILE J 65 -1.62 -52.90 6.26
N GLY J 66 -0.94 -51.76 6.19
CA GLY J 66 -1.54 -50.57 5.66
C GLY J 66 -2.53 -49.85 6.55
N LYS J 67 -2.29 -49.83 7.86
CA LYS J 67 -3.23 -49.30 8.82
C LYS J 67 -2.58 -48.29 9.75
N ILE J 68 -1.56 -47.61 9.28
CA ILE J 68 -0.85 -46.59 10.03
C ILE J 68 -0.84 -45.32 9.21
N ASN J 69 -1.22 -44.23 9.85
CA ASN J 69 -1.09 -42.91 9.29
C ASN J 69 0.07 -42.17 9.89
N LYS J 70 0.19 -42.21 11.20
CA LYS J 70 1.31 -41.59 11.88
C LYS J 70 1.60 -42.41 13.12
N ALA J 71 2.85 -42.83 13.25
CA ALA J 71 3.34 -43.54 14.42
C ALA J 71 4.57 -42.82 14.91
N GLY J 72 4.60 -42.50 16.18
CA GLY J 72 5.71 -41.74 16.71
C GLY J 72 5.90 -41.89 18.20
N ALA J 73 7.09 -41.50 18.61
CA ALA J 73 7.49 -41.51 19.99
C ALA J 73 7.19 -40.19 20.66
N ILE J 74 6.63 -40.28 21.86
CA ILE J 74 6.48 -39.16 22.78
C ILE J 74 7.77 -39.13 23.59
N LYS J 75 8.70 -38.32 23.20
CA LYS J 75 10.05 -38.62 23.64
C LYS J 75 10.36 -38.05 25.01
N PRO J 76 9.90 -36.86 25.37
CA PRO J 76 9.93 -36.55 26.79
C PRO J 76 8.91 -37.47 27.37
N ARG J 77 9.40 -38.55 27.94
CA ARG J 77 8.52 -39.63 28.30
C ARG J 77 7.66 -39.15 29.44
N PHE J 78 6.47 -38.75 29.09
CA PHE J 78 5.74 -37.83 29.95
C PHE J 78 5.03 -38.60 31.04
N PRO J 79 5.23 -38.27 32.31
CA PRO J 79 4.40 -38.85 33.34
C PRO J 79 2.98 -38.39 33.22
N VAL J 80 2.07 -39.34 33.40
CA VAL J 80 0.67 -39.14 33.16
C VAL J 80 -0.11 -39.92 34.21
N LYS J 81 -0.84 -39.21 35.02
CA LYS J 81 -1.78 -39.81 35.94
C LYS J 81 -2.97 -40.38 35.19
N ALA J 82 -3.78 -41.14 35.91
CA ALA J 82 -4.86 -41.90 35.32
C ALA J 82 -6.01 -41.03 34.85
N ARG J 83 -5.90 -39.72 34.99
CA ARG J 83 -6.98 -38.82 34.64
C ARG J 83 -6.48 -37.60 33.88
N GLU J 84 -5.55 -37.83 32.95
CA GLU J 84 -4.99 -36.81 32.07
C GLU J 84 -4.87 -37.31 30.63
N TYR J 85 -5.22 -38.58 30.44
CA TYR J 85 -5.17 -39.18 29.12
C TYR J 85 -6.05 -38.45 28.14
N GLU J 86 -7.13 -37.83 28.61
CA GLU J 86 -7.96 -37.00 27.74
C GLU J 86 -7.12 -35.93 27.05
N ALA J 87 -6.33 -35.20 27.83
CA ALA J 87 -5.52 -34.13 27.30
C ALA J 87 -4.44 -34.65 26.39
N TRP J 88 -3.77 -35.72 26.78
CA TRP J 88 -2.70 -36.23 25.92
C TRP J 88 -3.24 -36.83 24.63
N GLU J 89 -4.44 -37.41 24.69
CA GLU J 89 -5.16 -37.80 23.49
C GLU J 89 -5.41 -36.61 22.59
N LYS J 90 -5.98 -35.55 23.13
CA LYS J 90 -6.25 -34.38 22.33
C LYS J 90 -4.99 -33.81 21.70
N ARG J 91 -3.86 -33.94 22.36
CA ARG J 91 -2.62 -33.50 21.76
C ARG J 91 -2.13 -34.41 20.65
N PHE J 92 -2.27 -35.72 20.78
CA PHE J 92 -1.57 -36.63 19.90
C PHE J 92 -2.45 -37.38 18.91
N LEU J 93 -3.75 -37.41 19.08
CA LEU J 93 -4.65 -38.20 18.26
C LEU J 93 -5.76 -37.33 17.67
N PRO J 94 -6.40 -37.79 16.61
CA PRO J 94 -7.37 -36.96 15.91
C PRO J 94 -8.82 -37.07 16.35
N ALA J 95 -9.21 -38.16 16.99
CA ALA J 95 -10.57 -38.31 17.45
C ALA J 95 -10.54 -39.12 18.73
N PHE J 96 -11.73 -39.33 19.32
CA PHE J 96 -11.75 -39.55 20.75
C PHE J 96 -11.25 -40.92 21.17
N GLU J 97 -11.34 -41.92 20.33
CA GLU J 97 -10.74 -43.22 20.64
C GLU J 97 -10.10 -43.79 19.39
N PHE J 98 -9.38 -42.94 18.67
CA PHE J 98 -9.04 -43.25 17.30
C PHE J 98 -7.83 -44.15 17.25
N GLY J 99 -6.73 -43.65 17.75
CA GLY J 99 -5.50 -44.35 17.77
C GLY J 99 -5.16 -44.93 19.11
N ILE J 100 -3.89 -44.92 19.44
CA ILE J 100 -3.41 -45.54 20.66
C ILE J 100 -2.17 -44.80 21.13
N LEU J 101 -2.24 -44.34 22.37
CA LEU J 101 -1.07 -43.92 23.12
C LEU J 101 -0.54 -45.10 23.89
N ILE J 102 0.74 -45.37 23.74
CA ILE J 102 1.37 -46.47 24.46
C ILE J 102 1.96 -45.91 25.73
N VAL J 103 1.65 -46.57 26.84
CA VAL J 103 2.05 -46.14 28.16
C VAL J 103 2.84 -47.25 28.81
N SER J 104 4.02 -46.91 29.31
CA SER J 104 4.76 -47.76 30.22
C SER J 104 4.25 -47.54 31.63
N THR J 105 3.87 -48.63 32.26
CA THR J 105 3.42 -48.64 33.63
C THR J 105 4.26 -49.62 34.42
N SER J 106 4.08 -49.56 35.72
CA SER J 106 4.58 -50.58 36.62
C SER J 106 4.02 -51.95 36.32
N GLN J 107 2.82 -52.02 35.75
CA GLN J 107 2.20 -53.27 35.35
C GLN J 107 2.39 -53.55 33.87
N GLY J 108 3.50 -53.11 33.31
CA GLY J 108 3.83 -53.37 31.93
C GLY J 108 3.60 -52.21 30.99
N VAL J 109 3.82 -52.51 29.73
CA VAL J 109 3.58 -51.57 28.64
C VAL J 109 2.21 -51.84 28.05
N MET J 110 1.37 -50.82 28.03
CA MET J 110 -0.05 -50.96 27.80
C MET J 110 -0.49 -49.84 26.90
N THR J 111 -1.75 -49.88 26.52
CA THR J 111 -2.41 -48.73 25.93
C THR J 111 -3.07 -47.90 27.00
N HIS J 112 -3.35 -46.64 26.66
CA HIS J 112 -3.98 -45.76 27.61
C HIS J 112 -5.37 -46.24 27.94
N LYS J 113 -6.00 -46.99 27.04
CA LYS J 113 -7.30 -47.59 27.33
C LYS J 113 -7.20 -48.62 28.44
N GLU J 114 -6.29 -49.57 28.30
CA GLU J 114 -6.08 -50.57 29.33
C GLU J 114 -5.63 -49.94 30.62
N ALA J 115 -4.77 -48.94 30.55
CA ALA J 115 -4.38 -48.19 31.72
C ALA J 115 -5.58 -47.55 32.41
N ILE J 116 -6.50 -47.01 31.65
CA ILE J 116 -7.69 -46.41 32.22
C ILE J 116 -8.56 -47.45 32.90
N GLU J 117 -8.78 -48.58 32.23
CA GLU J 117 -9.60 -49.63 32.83
C GLU J 117 -8.89 -50.34 33.96
N LYS J 118 -7.60 -50.15 34.13
CA LYS J 118 -6.87 -50.61 35.30
C LYS J 118 -6.69 -49.54 36.35
N GLY J 119 -7.04 -48.29 36.04
CA GLY J 119 -6.88 -47.20 36.95
C GLY J 119 -5.45 -46.90 37.31
N ILE J 120 -4.55 -47.03 36.36
CA ILE J 120 -3.13 -46.84 36.61
C ILE J 120 -2.57 -45.94 35.54
N GLY J 121 -1.73 -45.01 35.96
CA GLY J 121 -0.98 -44.17 35.05
C GLY J 121 0.43 -44.68 34.82
N GLY J 122 1.25 -43.79 34.29
CA GLY J 122 2.60 -44.16 33.99
C GLY J 122 3.34 -43.12 33.20
N ARG J 123 4.09 -43.57 32.19
CA ARG J 123 4.83 -42.70 31.32
C ARG J 123 4.49 -42.98 29.87
N LEU J 124 4.13 -41.93 29.15
CA LEU J 124 3.89 -42.02 27.73
C LEU J 124 5.19 -42.05 26.97
N ILE J 125 5.23 -42.96 26.00
CA ILE J 125 6.43 -43.25 25.23
C ILE J 125 6.18 -43.26 23.73
N ALA J 126 4.96 -43.46 23.28
CA ALA J 126 4.66 -43.50 21.86
C ALA J 126 3.17 -43.29 21.62
N TYR J 127 2.88 -42.86 20.41
CA TYR J 127 1.52 -42.81 19.89
C TYR J 127 1.48 -43.47 18.53
N VAL J 128 0.33 -44.02 18.20
CA VAL J 128 0.09 -44.64 16.91
C VAL J 128 -1.35 -44.40 16.52
N TYR J 129 -1.55 -43.86 15.34
CA TYR J 129 -2.87 -43.79 14.76
C TYR J 129 -2.81 -44.00 13.27
N ALA K 1 25.40 -3.68 75.15
CA ALA K 1 24.75 -3.85 73.86
C ALA K 1 23.23 -4.03 74.06
N ILE K 2 22.45 -3.40 73.18
CA ILE K 2 21.02 -3.25 73.40
C ILE K 2 20.29 -4.28 72.53
N TRP K 3 20.44 -4.16 71.23
CA TRP K 3 19.56 -4.85 70.29
C TRP K 3 20.13 -6.23 69.96
N GLN K 4 19.34 -7.25 70.26
CA GLN K 4 19.73 -8.64 70.08
C GLN K 4 18.91 -9.33 69.01
N GLY K 5 18.60 -8.61 67.95
CA GLY K 5 17.81 -9.14 66.89
C GLY K 5 18.59 -9.95 65.91
N ARG K 6 18.33 -9.71 64.64
CA ARG K 6 19.05 -10.31 63.55
C ARG K 6 20.26 -9.48 63.19
N SER K 7 21.22 -10.13 62.55
CA SER K 7 22.37 -9.43 62.04
C SER K 7 22.05 -8.80 60.70
N LEU K 8 22.80 -7.76 60.37
CA LEU K 8 22.59 -7.01 59.17
C LEU K 8 23.38 -7.55 57.99
N LYS K 9 23.74 -8.82 58.02
CA LYS K 9 24.51 -9.42 56.96
C LYS K 9 24.06 -10.85 56.73
N LYS K 10 23.91 -11.18 55.46
CA LYS K 10 23.65 -12.54 55.09
C LYS K 10 24.94 -13.35 55.15
N PRO K 11 24.84 -14.67 55.28
CA PRO K 11 26.05 -15.50 55.26
C PRO K 11 26.84 -15.38 53.99
N SER K 12 26.17 -15.19 52.86
CA SER K 12 26.80 -14.77 51.63
C SER K 12 27.69 -13.57 51.79
N GLY K 13 27.41 -12.71 52.74
CA GLY K 13 28.10 -11.46 52.92
C GLY K 13 27.29 -10.26 52.57
N GLY K 14 26.15 -10.46 51.96
CA GLY K 14 25.35 -9.35 51.54
C GLY K 14 24.73 -8.58 52.66
N ARG K 15 24.27 -7.40 52.32
CA ARG K 15 23.70 -6.49 53.28
C ARG K 15 22.22 -6.77 53.45
N ILE K 16 21.75 -6.56 54.67
CA ILE K 16 20.34 -6.59 55.02
C ILE K 16 19.91 -5.16 55.24
N ILE K 17 18.71 -4.82 54.79
CA ILE K 17 18.10 -3.53 55.05
C ILE K 17 16.86 -3.77 55.88
N LEU K 18 16.89 -3.29 57.12
CA LEU K 18 15.82 -3.58 58.06
C LEU K 18 14.50 -3.03 57.56
N ALA K 19 13.56 -3.94 57.41
CA ALA K 19 12.22 -3.64 56.96
C ALA K 19 11.34 -3.11 58.06
N ARG K 20 11.84 -3.07 59.29
CA ARG K 20 11.05 -2.69 60.43
C ARG K 20 11.95 -2.04 61.44
N LYS K 21 11.35 -1.26 62.32
CA LYS K 21 12.06 -0.71 63.44
C LYS K 21 12.23 -1.76 64.52
N LYS K 22 13.08 -1.44 65.48
CA LYS K 22 13.45 -2.40 66.49
C LYS K 22 12.40 -2.47 67.57
N ARG K 23 12.03 -3.70 67.92
CA ARG K 23 11.01 -3.95 68.91
C ARG K 23 11.62 -4.05 70.30
N LYS K 24 10.80 -3.70 71.28
CA LYS K 24 11.20 -3.74 72.68
C LYS K 24 11.56 -5.15 73.13
N ARG K 25 10.97 -6.15 72.51
CA ARG K 25 11.12 -7.53 72.92
C ARG K 25 12.38 -8.19 72.39
N GLU K 26 13.09 -7.55 71.48
CA GLU K 26 14.34 -8.05 70.93
C GLU K 26 15.53 -7.20 71.38
N LEU K 27 15.41 -6.57 72.52
CA LEU K 27 16.53 -5.83 73.10
C LEU K 27 17.23 -6.68 74.15
N GLY K 28 18.31 -6.10 74.67
CA GLY K 28 19.04 -6.65 75.78
C GLY K 28 19.24 -5.63 76.86
N ARG K 29 20.18 -5.92 77.75
CA ARG K 29 20.46 -5.06 78.87
C ARG K 29 21.95 -5.01 79.12
N GLU K 30 22.36 -3.94 79.79
CA GLU K 30 23.75 -3.81 80.17
C GLU K 30 24.16 -4.97 81.06
N PRO K 31 25.33 -5.56 80.86
CA PRO K 31 25.65 -6.77 81.58
C PRO K 31 26.01 -6.54 83.04
N ALA K 32 25.72 -7.55 83.84
CA ALA K 32 26.23 -7.60 85.20
C ALA K 32 27.71 -7.93 85.16
N PHE K 33 28.47 -7.15 85.88
CA PHE K 33 29.87 -7.46 86.12
C PHE K 33 29.97 -7.81 87.60
N THR K 34 29.66 -9.06 87.90
CA THR K 34 29.66 -9.58 89.26
C THR K 34 31.10 -9.61 89.75
N ARG K 35 31.48 -8.50 90.38
CA ARG K 35 32.78 -8.38 90.97
C ARG K 35 32.73 -8.79 92.43
N VAL K 36 33.91 -8.94 93.00
CA VAL K 36 34.04 -9.17 94.43
C VAL K 36 33.94 -7.83 95.15
N GLY K 37 33.06 -7.77 96.15
CA GLY K 37 32.93 -6.62 96.99
C GLY K 37 33.64 -6.82 98.31
N GLU K 38 33.79 -5.71 99.03
CA GLU K 38 34.33 -5.81 100.38
C GLU K 38 33.28 -6.37 101.34
N GLU K 39 32.07 -5.81 101.32
CA GLU K 39 30.92 -6.36 102.02
C GLU K 39 29.69 -5.60 101.54
N LYS K 40 28.53 -5.93 102.12
CA LYS K 40 27.25 -5.46 101.61
C LYS K 40 27.05 -5.93 100.17
N GLU K 41 26.81 -7.23 100.05
CA GLU K 41 26.40 -7.85 98.81
C GLU K 41 25.34 -7.03 98.09
N LYS K 42 25.60 -6.73 96.83
CA LYS K 42 24.82 -5.78 96.06
C LYS K 42 24.13 -6.47 94.91
N LYS K 43 22.86 -6.14 94.73
CA LYS K 43 22.04 -6.77 93.72
C LYS K 43 20.95 -5.80 93.30
N LYS K 44 20.48 -5.98 92.09
CA LYS K 44 19.31 -5.27 91.61
C LYS K 44 18.30 -6.24 91.05
N ILE K 45 17.11 -5.73 90.86
CA ILE K 45 15.97 -6.51 90.43
C ILE K 45 15.52 -5.98 89.08
N ILE K 46 15.36 -6.89 88.13
CA ILE K 46 14.95 -6.55 86.78
C ILE K 46 13.54 -7.06 86.57
N ARG K 47 12.67 -6.15 86.14
CA ARG K 47 11.37 -6.48 85.61
C ARG K 47 11.51 -6.84 84.14
N THR K 48 11.04 -8.01 83.76
CA THR K 48 11.29 -8.56 82.46
C THR K 48 9.98 -8.92 81.77
N TYR K 49 10.10 -9.24 80.49
CA TYR K 49 9.00 -9.66 79.64
C TYR K 49 8.07 -10.63 80.35
N GLY K 50 6.81 -10.24 80.43
CA GLY K 50 5.81 -10.96 81.18
C GLY K 50 5.60 -10.46 82.58
N GLY K 51 6.31 -9.41 82.97
CA GLY K 51 6.36 -9.05 84.36
C GLY K 51 7.16 -9.99 85.19
N ASN K 52 8.06 -10.74 84.57
CA ASN K 52 8.83 -11.73 85.29
C ASN K 52 10.01 -11.03 85.94
N ARG K 53 10.80 -11.79 86.69
CA ARG K 53 11.80 -11.21 87.57
C ARG K 53 13.16 -11.87 87.34
N LYS K 54 14.19 -11.03 87.24
CA LYS K 54 15.58 -11.48 87.30
C LYS K 54 16.31 -10.76 88.41
N VAL K 55 17.24 -11.47 89.05
CA VAL K 55 18.06 -10.90 90.11
C VAL K 55 19.48 -10.80 89.59
N ARG K 56 19.97 -9.58 89.46
CA ARG K 56 21.24 -9.29 88.84
C ARG K 56 22.23 -8.89 89.93
N LEU K 57 23.21 -9.75 90.17
CA LEU K 57 24.21 -9.52 91.19
C LEU K 57 25.34 -8.66 90.67
N ILE K 58 25.77 -7.71 91.48
CA ILE K 58 26.77 -6.74 91.08
C ILE K 58 28.02 -6.82 91.95
N GLU K 59 27.87 -7.25 93.20
CA GLU K 59 28.99 -7.43 94.11
C GLU K 59 28.69 -8.64 94.99
N ALA K 60 29.45 -9.70 94.81
CA ALA K 60 29.25 -10.93 95.55
C ALA K 60 30.27 -11.08 96.66
N ILE K 61 29.87 -11.79 97.71
CA ILE K 61 30.67 -11.95 98.91
C ILE K 61 30.95 -13.41 99.21
N TYR K 62 29.96 -14.29 99.03
CA TYR K 62 29.89 -15.52 99.80
C TYR K 62 30.09 -16.79 99.00
N ALA K 63 29.48 -16.92 97.82
CA ALA K 63 29.75 -18.07 96.96
C ALA K 63 29.50 -19.42 97.60
N ASN K 64 28.25 -19.82 97.73
CA ASN K 64 27.92 -21.17 98.15
C ASN K 64 28.71 -22.20 97.37
N VAL K 65 29.56 -22.94 98.07
CA VAL K 65 30.47 -23.88 97.45
C VAL K 65 30.04 -25.29 97.81
N PHE K 66 30.21 -26.20 96.87
CA PHE K 66 29.63 -27.53 96.93
C PHE K 66 30.69 -28.60 96.73
N GLU K 67 30.55 -29.67 97.49
CA GLU K 67 31.33 -30.88 97.28
C GLU K 67 30.43 -32.09 97.52
N ASN K 68 30.08 -32.77 96.44
CA ASN K 68 29.44 -34.08 96.50
C ASN K 68 28.11 -34.04 97.23
N GLY K 69 27.40 -32.92 97.13
CA GLY K 69 26.10 -32.78 97.74
C GLY K 69 26.06 -32.01 99.04
N LYS K 70 27.19 -31.50 99.49
CA LYS K 70 27.26 -30.73 100.73
C LYS K 70 27.74 -29.34 100.40
N GLY K 71 27.02 -28.34 100.91
CA GLY K 71 27.30 -26.95 100.61
C GLY K 71 27.63 -26.14 101.84
N ARG K 72 28.21 -24.97 101.60
CA ARG K 72 28.52 -24.03 102.66
C ARG K 72 28.80 -22.67 102.06
N LYS K 73 28.54 -21.65 102.85
CA LYS K 73 28.70 -20.25 102.49
C LYS K 73 30.07 -19.77 102.96
N VAL K 74 30.96 -19.49 102.02
CA VAL K 74 32.39 -19.51 102.28
C VAL K 74 33.16 -18.29 101.77
N LYS K 75 32.51 -17.14 101.68
CA LYS K 75 33.26 -15.88 101.68
C LYS K 75 34.31 -15.74 100.58
N VAL K 76 33.89 -15.46 99.36
CA VAL K 76 34.78 -15.22 98.23
C VAL K 76 35.94 -14.31 98.60
N LEU K 77 37.14 -14.68 98.15
CA LEU K 77 38.32 -13.84 98.25
C LEU K 77 38.67 -13.14 96.96
N GLY K 78 38.71 -13.87 95.85
CA GLY K 78 39.07 -13.27 94.59
C GLY K 78 38.87 -14.24 93.46
N VAL K 79 39.22 -13.76 92.27
CA VAL K 79 38.96 -14.46 91.03
C VAL K 79 40.29 -14.88 90.41
N VAL K 80 40.32 -16.08 89.85
CA VAL K 80 41.44 -16.58 89.09
C VAL K 80 40.89 -17.35 87.89
N GLU K 81 41.64 -17.32 86.80
CA GLU K 81 41.40 -18.19 85.65
C GLU K 81 39.96 -18.07 85.14
N ASN K 82 39.69 -16.95 84.45
CA ASN K 82 38.47 -16.86 83.68
C ASN K 82 38.75 -17.16 82.22
N PRO K 83 38.32 -18.31 81.68
CA PRO K 83 38.52 -18.57 80.26
C PRO K 83 37.79 -17.61 79.36
N ALA K 84 36.81 -16.89 79.88
CA ALA K 84 36.06 -15.96 79.06
C ALA K 84 36.87 -14.72 78.71
N ASN K 85 37.75 -14.28 79.60
CA ASN K 85 38.49 -13.05 79.38
C ASN K 85 39.54 -12.91 80.46
N ARG K 86 40.72 -12.40 80.08
CA ARG K 86 41.79 -12.14 81.03
C ARG K 86 41.62 -10.82 81.76
N GLN K 87 41.03 -9.84 81.07
CA GLN K 87 40.62 -8.61 81.72
C GLN K 87 39.70 -8.88 82.90
N TYR K 88 39.04 -10.03 82.92
CA TYR K 88 38.14 -10.37 84.01
C TYR K 88 38.90 -10.78 85.26
N VAL K 89 39.97 -11.57 85.12
CA VAL K 89 40.77 -11.85 86.30
C VAL K 89 41.45 -10.59 86.79
N ARG K 90 41.83 -9.70 85.89
CA ARG K 90 42.40 -8.43 86.34
C ARG K 90 41.37 -7.63 87.15
N ARG K 91 40.20 -7.34 86.57
CA ARG K 91 39.13 -6.60 87.22
C ARG K 91 38.45 -7.38 88.35
N ASP K 92 38.78 -8.66 88.53
CA ASP K 92 38.16 -9.51 89.54
C ASP K 92 36.65 -9.58 89.35
N ILE K 93 36.28 -10.18 88.21
CA ILE K 93 34.89 -10.32 87.79
C ILE K 93 34.52 -11.79 87.72
N ILE K 94 33.34 -12.11 88.21
CA ILE K 94 32.88 -13.48 88.31
C ILE K 94 31.96 -13.77 87.14
N THR K 95 31.99 -15.00 86.68
CA THR K 95 31.12 -15.50 85.62
C THR K 95 30.85 -16.96 85.92
N LYS K 96 30.35 -17.71 84.95
CA LYS K 96 29.93 -19.07 85.22
C LYS K 96 31.10 -20.03 85.19
N GLY K 97 32.04 -19.82 84.30
CA GLY K 97 33.14 -20.74 84.20
C GLY K 97 34.35 -20.37 85.00
N ALA K 98 34.20 -19.36 85.85
CA ALA K 98 35.36 -18.78 86.51
C ALA K 98 35.85 -19.68 87.62
N ILE K 99 37.07 -19.40 88.06
CA ILE K 99 37.65 -20.01 89.25
C ILE K 99 37.82 -18.93 90.28
N ILE K 100 37.48 -19.25 91.52
CA ILE K 100 37.49 -18.30 92.61
C ILE K 100 38.31 -18.87 93.74
N GLU K 101 39.20 -18.04 94.26
CA GLU K 101 39.93 -18.32 95.49
C GLU K 101 39.00 -17.98 96.64
N THR K 102 38.87 -18.89 97.59
CA THR K 102 37.90 -18.78 98.67
C THR K 102 38.47 -19.41 99.92
N GLU K 103 37.79 -19.17 101.03
CA GLU K 103 37.89 -20.08 102.14
C GLU K 103 37.49 -21.47 101.65
N ALA K 104 38.23 -22.47 102.10
CA ALA K 104 38.08 -23.84 101.63
C ALA K 104 38.65 -24.04 100.24
N GLY K 105 39.30 -23.02 99.68
CA GLY K 105 40.16 -23.20 98.53
C GLY K 105 39.63 -22.71 97.21
N ARG K 106 39.95 -23.42 96.13
CA ARG K 106 39.57 -23.01 94.80
C ARG K 106 38.26 -23.65 94.41
N ALA K 107 37.43 -22.88 93.72
CA ALA K 107 36.14 -23.40 93.29
C ALA K 107 35.77 -22.87 91.92
N ILE K 108 35.21 -23.74 91.11
CA ILE K 108 34.75 -23.38 89.78
C ILE K 108 33.27 -23.06 89.84
N VAL K 109 32.91 -21.91 89.28
CA VAL K 109 31.53 -21.44 89.35
C VAL K 109 30.66 -22.31 88.46
N THR K 110 29.39 -22.38 88.81
CA THR K 110 28.40 -23.15 88.07
C THR K 110 27.13 -22.38 87.83
N SER K 111 27.01 -21.18 88.39
CA SER K 111 25.85 -20.35 88.28
C SER K 111 26.12 -19.20 87.34
N ARG K 112 25.06 -18.45 87.05
CA ARG K 112 25.14 -17.25 86.24
C ARG K 112 24.72 -16.06 87.09
N PRO K 113 25.64 -15.47 87.85
CA PRO K 113 25.25 -14.45 88.83
C PRO K 113 24.55 -13.24 88.25
N GLY K 114 24.69 -12.99 86.96
CA GLY K 114 23.91 -11.93 86.34
C GLY K 114 22.46 -12.29 86.17
N GLN K 115 22.12 -13.56 86.21
CA GLN K 115 20.76 -14.03 86.04
C GLN K 115 20.09 -14.40 87.35
N ASP K 116 20.72 -15.28 88.11
CA ASP K 116 20.12 -15.86 89.30
C ASP K 116 20.45 -15.12 90.57
N GLY K 117 21.39 -14.19 90.53
CA GLY K 117 21.70 -13.39 91.69
C GLY K 117 22.41 -14.10 92.80
N VAL K 118 22.99 -15.27 92.54
CA VAL K 118 23.73 -16.02 93.54
C VAL K 118 24.94 -16.64 92.88
N VAL K 119 25.96 -16.87 93.68
CA VAL K 119 27.17 -17.50 93.23
C VAL K 119 27.21 -18.89 93.84
N ASN K 120 27.19 -19.88 92.97
CA ASN K 120 27.27 -21.28 93.35
C ASN K 120 28.48 -21.86 92.65
N ALA K 121 29.24 -22.63 93.39
CA ALA K 121 30.54 -23.06 92.92
C ALA K 121 30.81 -24.46 93.42
N VAL K 122 31.86 -25.06 92.88
CA VAL K 122 32.16 -26.47 93.09
C VAL K 122 33.63 -26.59 93.42
N LEU K 123 33.92 -27.30 94.50
CA LEU K 123 35.30 -27.48 94.93
C LEU K 123 36.08 -28.29 93.92
N ILE K 124 37.29 -27.82 93.64
CA ILE K 124 38.20 -28.54 92.75
C ILE K 124 39.08 -29.43 93.63
N LYS K 125 39.11 -30.72 93.32
CA LYS K 125 39.93 -31.66 94.07
C LYS K 125 41.37 -31.60 93.57
N GLU K 126 42.30 -31.47 94.51
CA GLU K 126 43.72 -31.38 94.17
C GLU K 126 44.56 -32.20 95.16
N MET L 1 -9.71 -8.67 -105.90
CA MET L 1 -9.50 -7.53 -104.98
C MET L 1 -9.21 -8.07 -103.59
N LYS L 2 -8.23 -8.96 -103.53
CA LYS L 2 -7.83 -9.58 -102.28
C LYS L 2 -7.12 -8.52 -101.45
N VAL L 3 -7.76 -8.11 -100.38
CA VAL L 3 -7.19 -7.14 -99.45
C VAL L 3 -7.30 -7.71 -98.06
N ILE L 4 -6.37 -7.31 -97.22
CA ILE L 4 -6.29 -7.83 -95.87
C ILE L 4 -6.09 -6.67 -94.91
N GLN L 5 -6.90 -6.66 -93.86
CA GLN L 5 -6.86 -5.65 -92.82
C GLN L 5 -6.13 -6.21 -91.62
N THR L 6 -5.24 -5.41 -91.06
CA THR L 6 -4.59 -5.71 -89.80
C THR L 6 -4.58 -4.47 -88.94
N ALA L 7 -4.26 -4.67 -87.68
CA ALA L 7 -4.30 -3.61 -86.70
C ALA L 7 -3.13 -3.74 -85.75
N GLY L 8 -2.70 -2.60 -85.23
CA GLY L 8 -1.63 -2.55 -84.27
C GLY L 8 -1.85 -1.52 -83.19
N LYS L 9 -1.44 -1.85 -81.97
CA LYS L 9 -1.65 -0.99 -80.82
C LYS L 9 -0.35 -0.80 -80.06
N ARG L 10 -0.08 0.44 -79.68
CA ARG L 10 1.10 0.77 -78.89
C ARG L 10 0.80 2.01 -78.06
N LYS L 11 0.37 1.79 -76.82
CA LYS L 11 0.12 2.82 -75.83
C LYS L 11 -0.62 4.02 -76.38
N THR L 12 -1.91 3.85 -76.65
CA THR L 12 -2.75 4.94 -77.12
C THR L 12 -2.40 5.32 -78.54
N ALA L 13 -2.08 4.32 -79.33
CA ALA L 13 -1.90 4.50 -80.74
C ALA L 13 -2.42 3.27 -81.45
N ILE L 14 -3.28 3.50 -82.41
CA ILE L 14 -3.94 2.45 -83.16
C ILE L 14 -3.65 2.71 -84.62
N ALA L 15 -3.05 1.71 -85.26
CA ALA L 15 -2.85 1.71 -86.69
C ALA L 15 -3.73 0.66 -87.31
N ARG L 16 -4.30 1.01 -88.45
CA ARG L 16 -5.11 0.13 -89.26
C ARG L 16 -4.47 0.07 -90.63
N ALA L 17 -3.92 -1.09 -90.96
CA ALA L 17 -3.27 -1.30 -92.23
C ALA L 17 -4.15 -2.13 -93.14
N THR L 18 -4.12 -1.79 -94.41
CA THR L 18 -4.69 -2.61 -95.45
C THR L 18 -3.62 -2.90 -96.48
N ILE L 19 -3.51 -4.17 -96.82
CA ILE L 19 -2.50 -4.68 -97.73
C ILE L 19 -3.19 -5.32 -98.92
N ARG L 20 -2.58 -5.18 -100.08
CA ARG L 20 -3.11 -5.69 -101.32
C ARG L 20 -1.99 -5.80 -102.33
N GLU L 21 -2.31 -6.38 -103.47
CA GLU L 21 -1.35 -6.51 -104.56
C GLU L 21 -1.03 -5.14 -105.12
N GLY L 22 0.23 -4.96 -105.45
CA GLY L 22 0.66 -3.72 -106.03
C GLY L 22 2.11 -3.74 -106.41
N LYS L 23 2.78 -2.63 -106.12
CA LYS L 23 4.10 -2.36 -106.61
C LYS L 23 5.17 -2.29 -105.54
N GLY L 24 4.79 -2.04 -104.29
CA GLY L 24 5.76 -1.73 -103.26
C GLY L 24 5.52 -0.43 -102.54
N ARG L 25 4.48 0.30 -102.88
CA ARG L 25 4.16 1.53 -102.21
C ARG L 25 3.58 1.23 -100.84
N VAL L 26 4.08 1.92 -99.83
CA VAL L 26 3.61 1.80 -98.47
C VAL L 26 3.50 3.19 -97.89
N ARG L 27 2.32 3.52 -97.41
CA ARG L 27 1.97 4.88 -97.04
C ARG L 27 1.40 4.92 -95.64
N ILE L 28 1.94 5.83 -94.85
CA ILE L 28 1.49 6.12 -93.51
C ILE L 28 0.80 7.46 -93.54
N ASN L 29 -0.52 7.43 -93.42
CA ASN L 29 -1.33 8.62 -93.40
C ASN L 29 -1.04 9.49 -94.62
N HIS L 30 -1.14 8.86 -95.77
CA HIS L 30 -0.97 9.44 -97.09
C HIS L 30 0.48 9.74 -97.41
N ARG L 31 1.38 9.53 -96.50
CA ARG L 31 2.76 9.92 -96.65
C ARG L 31 3.65 8.71 -96.86
N PRO L 32 4.58 8.77 -97.80
CA PRO L 32 5.56 7.71 -97.94
C PRO L 32 6.44 7.54 -96.72
N VAL L 33 6.73 6.30 -96.39
CA VAL L 33 7.69 5.97 -95.35
C VAL L 33 9.04 6.54 -95.66
N GLU L 34 9.34 6.70 -96.92
CA GLU L 34 10.64 7.16 -97.35
C GLU L 34 10.98 8.51 -96.77
N ILE L 35 9.98 9.35 -96.54
CA ILE L 35 10.17 10.75 -96.20
C ILE L 35 9.76 11.05 -94.77
N ILE L 36 9.48 10.05 -93.99
CA ILE L 36 9.18 10.25 -92.59
C ILE L 36 10.43 10.75 -91.89
N GLU L 37 10.29 11.86 -91.21
CA GLU L 37 11.35 12.81 -90.99
C GLU L 37 12.27 12.42 -89.85
N PRO L 38 11.76 11.78 -88.79
CA PRO L 38 12.67 11.20 -87.81
C PRO L 38 13.15 9.84 -88.29
N GLU L 39 14.46 9.73 -88.48
CA GLU L 39 15.07 8.52 -88.97
C GLU L 39 14.65 7.32 -88.17
N ILE L 40 14.53 7.49 -86.86
CA ILE L 40 14.17 6.39 -85.99
C ILE L 40 12.78 5.87 -86.31
N ALA L 41 11.84 6.78 -86.49
CA ALA L 41 10.49 6.36 -86.81
C ALA L 41 10.44 5.65 -88.15
N ARG L 42 11.13 6.22 -89.13
CA ARG L 42 11.23 5.57 -90.43
C ARG L 42 11.77 4.16 -90.29
N PHE L 43 12.77 3.97 -89.45
CA PHE L 43 13.42 2.68 -89.34
C PHE L 43 12.59 1.67 -88.58
N THR L 44 11.92 2.09 -87.51
CA THR L 44 10.93 1.24 -86.88
C THR L 44 9.95 0.72 -87.88
N ILE L 45 9.45 1.59 -88.74
CA ILE L 45 8.41 1.18 -89.66
C ILE L 45 8.98 0.28 -90.75
N MET L 46 10.24 0.50 -91.10
CA MET L 46 10.83 -0.21 -92.22
C MET L 46 11.39 -1.57 -91.86
N GLU L 47 11.69 -1.81 -90.59
CA GLU L 47 12.32 -3.07 -90.22
C GLU L 47 11.62 -4.30 -90.79
N PRO L 48 10.32 -4.50 -90.58
CA PRO L 48 9.67 -5.66 -91.19
C PRO L 48 9.82 -5.72 -92.69
N LEU L 49 9.88 -4.58 -93.36
CA LEU L 49 9.98 -4.59 -94.81
C LEU L 49 11.34 -5.03 -95.26
N VAL L 50 12.39 -4.42 -94.71
CA VAL L 50 13.75 -4.83 -94.99
C VAL L 50 13.91 -6.30 -94.71
N LEU L 51 13.33 -6.77 -93.62
CA LEU L 51 13.53 -8.12 -93.18
C LEU L 51 12.82 -9.12 -94.06
N ALA L 52 11.62 -8.80 -94.50
CA ALA L 52 10.87 -9.64 -95.40
C ALA L 52 11.45 -9.67 -96.79
N GLY L 53 11.89 -8.53 -97.28
CA GLY L 53 12.58 -8.45 -98.54
C GLY L 53 11.80 -7.82 -99.66
N GLU L 54 12.54 -7.23 -100.58
CA GLU L 54 11.96 -6.56 -101.73
C GLU L 54 11.21 -7.50 -102.63
N GLU L 55 11.61 -8.77 -102.69
CA GLU L 55 11.02 -9.75 -103.58
C GLU L 55 9.51 -9.82 -103.49
N ILE L 56 8.95 -9.55 -102.32
CA ILE L 56 7.51 -9.60 -102.10
C ILE L 56 6.92 -8.22 -101.90
N VAL L 57 7.64 -7.35 -101.24
CA VAL L 57 7.21 -5.98 -101.06
C VAL L 57 6.93 -5.34 -102.39
N LYS L 58 7.81 -5.52 -103.36
CA LYS L 58 7.65 -4.96 -104.69
C LYS L 58 6.38 -5.43 -105.40
N GLY L 59 5.72 -6.45 -104.88
CA GLY L 59 4.45 -6.88 -105.41
C GLY L 59 3.31 -6.44 -104.53
N VAL L 60 3.65 -6.06 -103.31
CA VAL L 60 2.68 -5.62 -102.33
C VAL L 60 2.55 -4.10 -102.37
N ASP L 61 1.34 -3.61 -102.14
CA ASP L 61 1.10 -2.23 -101.71
C ASP L 61 0.37 -2.20 -100.38
N ILE L 62 0.74 -1.26 -99.53
CA ILE L 62 0.23 -1.14 -98.18
C ILE L 62 -0.21 0.29 -97.95
N ASP L 63 -1.23 0.45 -97.10
CA ASP L 63 -1.62 1.77 -96.62
C ASP L 63 -2.03 1.65 -95.17
N VAL L 64 -1.48 2.53 -94.34
CA VAL L 64 -1.69 2.51 -92.90
C VAL L 64 -2.29 3.84 -92.48
N LYS L 65 -3.36 3.77 -91.71
CA LYS L 65 -3.95 4.91 -91.04
C LYS L 65 -3.72 4.74 -89.56
N VAL L 66 -2.96 5.63 -88.98
CA VAL L 66 -2.60 5.55 -87.57
C VAL L 66 -3.03 6.84 -86.89
N GLU L 67 -3.72 6.69 -85.77
CA GLU L 67 -4.50 7.77 -85.17
C GLU L 67 -4.29 7.85 -83.66
N GLY L 68 -3.06 8.02 -83.23
CA GLY L 68 -2.75 7.96 -81.82
C GLY L 68 -1.71 8.91 -81.28
N GLY L 69 -1.03 8.43 -80.25
CA GLY L 69 -0.31 9.23 -79.31
C GLY L 69 0.88 9.99 -79.81
N GLY L 70 1.96 9.29 -80.10
CA GLY L 70 3.21 9.91 -80.48
C GLY L 70 3.76 9.33 -81.75
N PHE L 71 4.83 9.94 -82.23
CA PHE L 71 5.42 9.51 -83.48
C PHE L 71 6.06 8.14 -83.34
N MET L 72 6.58 7.84 -82.17
CA MET L 72 7.20 6.54 -81.95
C MET L 72 6.16 5.46 -81.76
N GLY L 73 5.14 5.75 -80.96
CA GLY L 73 4.03 4.83 -80.82
C GLY L 73 3.35 4.53 -82.13
N GLN L 74 3.12 5.56 -82.92
CA GLN L 74 2.56 5.39 -84.25
C GLN L 74 3.45 4.52 -85.11
N ALA L 75 4.75 4.73 -85.03
CA ALA L 75 5.68 3.97 -85.84
C ALA L 75 5.67 2.50 -85.45
N GLU L 76 5.60 2.23 -84.15
CA GLU L 76 5.57 0.85 -83.70
C GLU L 76 4.26 0.17 -84.03
N ALA L 77 3.15 0.87 -83.87
CA ALA L 77 1.85 0.32 -84.21
C ALA L 77 1.78 0.01 -85.69
N ALA L 78 2.36 0.87 -86.50
CA ALA L 78 2.42 0.63 -87.94
C ALA L 78 3.29 -0.57 -88.26
N ARG L 79 4.46 -0.66 -87.63
CA ARG L 79 5.33 -1.81 -87.78
C ARG L 79 4.60 -3.10 -87.50
N VAL L 80 3.88 -3.13 -86.39
CA VAL L 80 3.09 -4.29 -86.02
C VAL L 80 2.07 -4.60 -87.09
N ALA L 81 1.31 -3.60 -87.49
CA ALA L 81 0.22 -3.81 -88.43
C ALA L 81 0.73 -4.36 -89.74
N ILE L 82 1.83 -3.83 -90.26
CA ILE L 82 2.29 -4.30 -91.55
C ILE L 82 2.99 -5.63 -91.44
N ALA L 83 3.62 -5.91 -90.31
CA ALA L 83 4.18 -7.24 -90.11
C ALA L 83 3.10 -8.29 -90.18
N ARG L 84 2.04 -8.09 -89.40
CA ARG L 84 0.91 -8.98 -89.47
C ARG L 84 0.33 -9.04 -90.86
N ALA L 85 0.27 -7.92 -91.54
CA ALA L 85 -0.25 -7.90 -92.89
C ALA L 85 0.56 -8.79 -93.81
N LEU L 86 1.87 -8.68 -93.76
CA LEU L 86 2.73 -9.50 -94.60
C LEU L 86 2.55 -10.96 -94.30
N VAL L 87 2.54 -11.31 -93.03
CA VAL L 87 2.41 -12.69 -92.64
C VAL L 87 1.08 -13.26 -93.12
N GLU L 88 -0.01 -12.53 -92.91
CA GLU L 88 -1.31 -13.01 -93.34
C GLU L 88 -1.51 -12.89 -94.85
N TRP L 89 -0.64 -12.19 -95.54
CA TRP L 89 -0.74 -12.09 -96.98
C TRP L 89 0.02 -13.22 -97.65
N THR L 90 1.07 -13.69 -97.00
CA THR L 90 1.98 -14.65 -97.59
C THR L 90 1.75 -16.06 -97.11
N ASN L 91 1.31 -16.24 -95.88
CA ASN L 91 1.23 -17.55 -95.25
C ASN L 91 2.62 -18.18 -95.16
N ASP L 92 3.64 -17.38 -94.87
CA ASP L 92 5.00 -17.89 -94.76
C ASP L 92 5.46 -17.88 -93.31
N MET L 93 5.52 -19.08 -92.75
CA MET L 93 5.90 -19.26 -91.37
C MET L 93 7.38 -19.16 -91.15
N ASN L 94 8.19 -19.39 -92.17
CA ASN L 94 9.60 -19.07 -92.05
C ASN L 94 9.79 -17.58 -91.82
N LEU L 95 8.94 -16.78 -92.47
CA LEU L 95 8.97 -15.35 -92.24
C LEU L 95 8.44 -15.00 -90.86
N LYS L 96 7.33 -15.62 -90.47
CA LYS L 96 6.81 -15.42 -89.13
C LYS L 96 7.88 -15.68 -88.09
N GLU L 97 8.68 -16.72 -88.27
CA GLU L 97 9.68 -17.07 -87.28
C GLU L 97 10.86 -16.13 -87.35
N LYS L 98 11.19 -15.66 -88.54
CA LYS L 98 12.22 -14.64 -88.66
C LYS L 98 11.84 -13.41 -87.85
N PHE L 99 10.61 -12.95 -88.02
CA PHE L 99 10.14 -11.82 -87.23
C PHE L 99 10.12 -12.16 -85.76
N MET L 100 9.65 -13.33 -85.39
CA MET L 100 9.49 -13.64 -83.99
C MET L 100 10.81 -13.79 -83.26
N LYS L 101 11.89 -14.04 -83.99
CA LYS L 101 13.20 -14.07 -83.36
C LYS L 101 13.95 -12.76 -83.46
N TYR L 102 13.66 -11.94 -84.47
CA TYR L 102 14.17 -10.57 -84.49
C TYR L 102 13.53 -9.74 -83.39
N ASP L 103 12.21 -9.64 -83.40
CA ASP L 103 11.46 -8.91 -82.39
C ASP L 103 10.09 -9.53 -82.31
N ARG L 104 9.84 -10.25 -81.22
CA ARG L 104 8.56 -10.91 -81.02
C ARG L 104 7.42 -9.90 -80.98
N THR L 105 7.66 -8.75 -80.37
CA THR L 105 6.70 -7.67 -80.32
C THR L 105 6.34 -7.10 -81.67
N MET L 106 7.02 -7.52 -82.72
CA MET L 106 6.62 -7.17 -84.06
C MET L 106 5.27 -7.79 -84.42
N LEU L 107 4.99 -8.97 -83.87
CA LEU L 107 3.77 -9.69 -84.18
C LEU L 107 2.83 -9.73 -83.00
N VAL L 108 3.34 -10.05 -81.84
CA VAL L 108 2.57 -9.81 -80.63
C VAL L 108 2.75 -8.36 -80.23
N GLY L 109 1.79 -7.84 -79.55
CA GLY L 109 1.85 -6.45 -79.19
C GLY L 109 2.62 -6.23 -77.90
N ASP L 110 3.12 -5.01 -77.76
CA ASP L 110 3.56 -4.55 -76.46
C ASP L 110 2.35 -4.19 -75.63
N SER L 111 2.21 -4.87 -74.50
CA SER L 111 1.05 -4.71 -73.64
C SER L 111 1.19 -3.56 -72.66
N ARG L 112 2.34 -2.92 -72.61
CA ARG L 112 2.59 -1.94 -71.56
C ARG L 112 1.75 -0.70 -71.76
N ARG L 113 1.26 -0.16 -70.66
CA ARG L 113 0.60 1.11 -70.62
C ARG L 113 1.16 1.89 -69.45
N THR L 114 0.70 3.10 -69.32
CA THR L 114 1.20 4.00 -68.30
C THR L 114 0.50 3.75 -66.98
N GLU L 115 1.26 3.78 -65.91
CA GLU L 115 0.73 3.51 -64.59
C GLU L 115 0.02 4.75 -64.06
N PRO L 116 -1.18 4.60 -63.49
CA PRO L 116 -1.88 5.77 -63.00
C PRO L 116 -1.14 6.50 -61.90
N HIS L 117 -1.16 7.81 -62.02
CA HIS L 117 -0.47 8.71 -61.12
C HIS L 117 -1.19 8.77 -59.78
N LYS L 118 -0.39 8.84 -58.73
CA LYS L 118 -0.85 8.69 -57.36
C LYS L 118 -0.44 9.91 -56.55
N PRO L 119 -1.14 10.16 -55.45
CA PRO L 119 -1.22 11.52 -54.91
C PRO L 119 0.06 12.32 -54.78
N ASN L 120 1.03 11.88 -53.99
CA ASN L 120 2.13 12.77 -53.66
C ASN L 120 2.88 13.24 -54.90
N ARG L 121 2.71 14.51 -55.22
CA ARG L 121 3.18 15.11 -56.46
C ARG L 121 2.75 14.27 -57.65
N SER L 122 1.43 14.12 -57.73
CA SER L 122 0.81 13.21 -58.68
C SER L 122 1.09 13.60 -60.13
N THR L 123 1.20 14.89 -60.42
CA THR L 123 1.50 15.32 -61.76
C THR L 123 2.77 14.68 -62.30
N LYS L 124 3.77 14.46 -61.45
CA LYS L 124 5.02 13.89 -61.91
C LYS L 124 4.91 12.39 -62.13
N GLY L 125 4.33 11.68 -61.17
CA GLY L 125 4.23 10.26 -61.32
C GLY L 125 3.60 9.51 -60.18
N PRO L 126 3.43 8.20 -60.39
CA PRO L 126 2.90 7.34 -59.32
C PRO L 126 3.89 7.06 -58.21
N ARG L 127 5.18 7.16 -58.49
CA ARG L 127 6.20 6.94 -57.50
C ARG L 127 7.06 8.16 -57.26
N ALA L 128 7.10 9.08 -58.21
CA ALA L 128 7.71 10.37 -57.99
C ALA L 128 7.05 11.05 -56.80
N LYS L 129 7.85 11.44 -55.83
CA LYS L 129 7.36 11.98 -54.58
C LYS L 129 8.01 13.32 -54.27
N ARG L 130 7.29 14.09 -53.46
CA ARG L 130 7.79 15.33 -52.92
C ARG L 130 9.06 15.10 -52.11
N GLN L 131 9.83 16.16 -51.97
CA GLN L 131 11.06 16.11 -51.21
C GLN L 131 10.80 16.28 -49.72
N LYS L 132 11.55 15.55 -48.92
CA LYS L 132 11.54 15.73 -47.48
C LYS L 132 12.67 16.64 -47.01
N MET M 1 -42.17 4.81 -92.77
CA MET M 1 -42.20 4.67 -91.30
C MET M 1 -41.09 5.47 -90.65
N GLN M 2 -41.44 6.21 -89.61
CA GLN M 2 -40.46 7.02 -88.89
C GLN M 2 -40.09 6.35 -87.58
N LYS M 3 -38.84 6.57 -87.18
CA LYS M 3 -38.17 5.81 -86.13
C LYS M 3 -38.28 6.52 -84.78
N ALA M 4 -37.99 5.78 -83.72
CA ALA M 4 -38.07 6.28 -82.37
C ALA M 4 -36.82 5.91 -81.60
N ARG M 5 -36.06 6.92 -81.19
CA ARG M 5 -34.91 6.75 -80.31
C ARG M 5 -35.38 6.71 -78.87
N ILE M 6 -34.81 5.79 -78.12
CA ILE M 6 -35.05 5.65 -76.70
C ILE M 6 -33.70 5.68 -76.03
N LYS M 7 -33.35 6.82 -75.46
CA LYS M 7 -32.13 6.97 -74.69
C LYS M 7 -32.45 6.71 -73.24
N LEU M 8 -31.82 5.71 -72.65
CA LEU M 8 -32.07 5.36 -71.27
C LEU M 8 -30.78 5.18 -70.51
N ALA M 9 -30.80 5.65 -69.28
CA ALA M 9 -29.61 5.82 -68.48
C ALA M 9 -29.87 5.43 -67.04
N SER M 10 -28.89 4.80 -66.42
CA SER M 10 -29.08 4.36 -65.06
C SER M 10 -27.76 4.25 -64.35
N THR M 11 -27.87 3.84 -63.11
CA THR M 11 -26.77 3.46 -62.27
C THR M 11 -26.71 1.96 -62.04
N ASP M 12 -27.66 1.21 -62.60
CA ASP M 12 -27.75 -0.23 -62.39
C ASP M 12 -27.88 -0.93 -63.73
N ILE M 13 -26.85 -1.70 -64.06
CA ILE M 13 -26.84 -2.43 -65.31
C ILE M 13 -28.02 -3.39 -65.36
N LYS M 14 -28.50 -3.86 -64.22
CA LYS M 14 -29.51 -4.89 -64.23
C LYS M 14 -30.89 -4.31 -64.48
N ALA M 15 -31.19 -3.16 -63.87
CA ALA M 15 -32.41 -2.46 -64.23
C ALA M 15 -32.39 -2.06 -65.69
N LEU M 16 -31.23 -1.63 -66.16
CA LEU M 16 -31.06 -1.23 -67.54
C LEU M 16 -31.36 -2.40 -68.46
N ASN M 17 -30.77 -3.55 -68.16
CA ASN M 17 -31.00 -4.77 -68.90
C ASN M 17 -32.44 -5.21 -68.84
N GLU M 18 -33.08 -5.06 -67.68
CA GLU M 18 -34.48 -5.39 -67.54
C GLU M 18 -35.31 -4.60 -68.54
N VAL M 19 -35.08 -3.30 -68.60
CA VAL M 19 -35.81 -2.47 -69.54
C VAL M 19 -35.54 -2.88 -70.98
N THR M 20 -34.27 -3.13 -71.30
CA THR M 20 -33.97 -3.49 -72.69
C THR M 20 -34.59 -4.82 -73.05
N ASP M 21 -34.72 -5.72 -72.10
CA ASP M 21 -35.33 -7.01 -72.37
C ASP M 21 -36.83 -6.89 -72.52
N GLN M 22 -37.44 -6.05 -71.68
CA GLN M 22 -38.82 -5.64 -71.91
C GLN M 22 -39.03 -5.18 -73.35
N ILE M 23 -38.15 -4.32 -73.84
CA ILE M 23 -38.32 -3.78 -75.18
C ILE M 23 -38.09 -4.85 -76.24
N ARG M 24 -37.07 -5.66 -76.06
CA ARG M 24 -36.80 -6.72 -77.02
C ARG M 24 -37.97 -7.67 -77.12
N GLN M 25 -38.46 -8.13 -75.96
CA GLN M 25 -39.50 -9.13 -75.95
C GLN M 25 -40.81 -8.54 -76.45
N ILE M 26 -41.02 -7.23 -76.27
CA ILE M 26 -42.27 -6.66 -76.76
C ILE M 26 -42.22 -6.42 -78.25
N ALA M 27 -41.07 -6.05 -78.79
CA ALA M 27 -40.96 -5.89 -80.23
C ALA M 27 -41.11 -7.21 -80.96
N GLU M 28 -40.55 -8.28 -80.39
CA GLU M 28 -40.68 -9.61 -80.98
C GLU M 28 -42.02 -10.26 -80.67
N ARG M 29 -42.68 -9.83 -79.60
CA ARG M 29 -44.10 -10.14 -79.44
C ARG M 29 -44.86 -9.61 -80.63
N THR M 30 -44.66 -8.34 -80.94
CA THR M 30 -44.98 -7.80 -82.24
C THR M 30 -43.84 -8.18 -83.18
N GLY M 31 -43.71 -7.45 -84.28
CA GLY M 31 -42.72 -7.76 -85.31
C GLY M 31 -41.94 -6.55 -85.77
N VAL M 32 -41.97 -5.47 -85.03
CA VAL M 32 -41.26 -4.26 -85.38
C VAL M 32 -39.78 -4.46 -85.17
N ARG M 33 -38.97 -3.76 -85.97
CA ARG M 33 -37.54 -4.02 -86.08
C ARG M 33 -36.74 -3.20 -85.08
N MET M 34 -36.09 -3.90 -84.16
CA MET M 34 -35.25 -3.26 -83.16
C MET M 34 -33.89 -2.93 -83.74
N SER M 35 -33.19 -2.02 -83.07
CA SER M 35 -31.86 -1.59 -83.47
C SER M 35 -30.83 -1.87 -82.39
N GLY M 36 -31.09 -2.86 -81.55
CA GLY M 36 -30.14 -3.23 -80.55
C GLY M 36 -30.01 -2.22 -79.44
N PRO M 37 -29.60 -2.65 -78.25
CA PRO M 37 -29.22 -1.69 -77.22
C PRO M 37 -27.78 -1.23 -77.38
N ILE M 38 -27.60 -0.19 -78.17
CA ILE M 38 -26.27 0.36 -78.39
C ILE M 38 -25.75 0.89 -77.06
N PRO M 39 -24.63 0.39 -76.55
CA PRO M 39 -24.09 0.90 -75.29
C PRO M 39 -23.20 2.11 -75.54
N LEU M 40 -23.54 3.20 -74.91
CA LEU M 40 -22.78 4.41 -75.07
C LEU M 40 -21.75 4.51 -73.97
N PRO M 41 -20.77 5.39 -74.13
CA PRO M 41 -19.75 5.54 -73.10
C PRO M 41 -20.35 5.94 -71.76
N THR M 42 -19.94 5.24 -70.72
CA THR M 42 -20.51 5.43 -69.41
C THR M 42 -19.76 6.52 -68.68
N LYS M 43 -20.50 7.39 -68.03
CA LYS M 43 -19.95 8.57 -67.41
C LYS M 43 -19.46 8.26 -66.01
N ARG M 44 -18.23 8.66 -65.74
CA ARG M 44 -17.58 8.45 -64.47
C ARG M 44 -17.41 9.81 -63.81
N ILE M 45 -18.37 10.18 -62.98
CA ILE M 45 -18.26 11.39 -62.18
C ILE M 45 -17.32 11.11 -61.04
N ARG M 46 -16.17 11.75 -61.04
CA ARG M 46 -15.11 11.49 -60.06
C ARG M 46 -14.95 12.72 -59.20
N ILE M 47 -14.84 12.52 -57.90
CA ILE M 47 -14.70 13.59 -56.95
C ILE M 47 -13.63 13.18 -55.96
N THR M 48 -12.54 13.93 -55.94
CA THR M 48 -11.35 13.57 -55.22
C THR M 48 -11.21 14.52 -54.04
N THR M 49 -11.85 14.17 -52.95
CA THR M 49 -11.76 14.97 -51.74
C THR M 49 -10.54 14.57 -50.94
N ARG M 50 -10.12 15.47 -50.08
CA ARG M 50 -9.23 15.12 -49.00
C ARG M 50 -10.02 14.63 -47.82
N LYS M 51 -9.61 13.50 -47.26
CA LYS M 51 -10.43 12.82 -46.29
C LYS M 51 -10.19 13.31 -44.88
N SER M 52 -9.47 14.38 -44.71
CA SER M 52 -9.12 14.96 -43.44
C SER M 52 -9.80 16.30 -43.23
N PRO M 53 -10.39 16.56 -42.07
CA PRO M 53 -10.83 17.91 -41.75
C PRO M 53 -9.73 18.79 -41.18
N ASP M 54 -8.86 18.17 -40.39
CA ASP M 54 -7.89 18.90 -39.60
C ASP M 54 -6.95 19.73 -40.45
N GLY M 55 -6.61 19.27 -41.64
CA GLY M 55 -5.52 19.85 -42.37
C GLY M 55 -4.16 19.43 -41.91
N GLU M 56 -4.08 18.75 -40.78
CA GLU M 56 -2.85 18.23 -40.22
C GLU M 56 -2.65 16.80 -40.70
N GLY M 57 -1.42 16.34 -40.58
CA GLY M 57 -1.11 14.98 -40.96
C GLY M 57 -0.86 14.84 -42.43
N THR M 58 -0.53 13.61 -42.80
CA THR M 58 -0.33 13.30 -44.20
C THR M 58 -1.60 13.54 -44.97
N ALA M 59 -1.45 13.96 -46.20
CA ALA M 59 -2.59 14.23 -47.06
C ALA M 59 -3.02 12.94 -47.73
N THR M 60 -4.28 12.59 -47.53
CA THR M 60 -4.88 11.39 -48.05
C THR M 60 -6.19 11.77 -48.69
N PHE M 61 -6.51 11.07 -49.76
CA PHE M 61 -7.62 11.45 -50.62
C PHE M 61 -8.58 10.30 -50.81
N ASP M 62 -9.86 10.66 -50.85
CA ASP M 62 -10.93 9.77 -51.23
C ASP M 62 -11.36 10.10 -52.64
N LYS M 63 -11.22 9.13 -53.53
CA LYS M 63 -11.65 9.24 -54.91
C LYS M 63 -13.00 8.55 -54.99
N PHE M 64 -14.06 9.33 -54.81
CA PHE M 64 -15.41 8.84 -54.94
C PHE M 64 -15.85 8.90 -56.38
N GLU M 65 -16.71 7.97 -56.75
CA GLU M 65 -17.06 7.78 -58.14
C GLU M 65 -18.53 7.42 -58.26
N LEU M 66 -19.17 8.02 -59.24
CA LEU M 66 -20.52 7.68 -59.63
C LEU M 66 -20.49 7.31 -61.09
N ARG M 67 -21.17 6.22 -61.42
CA ARG M 67 -21.14 5.66 -62.76
C ARG M 67 -22.52 5.68 -63.35
N VAL M 68 -22.62 6.20 -64.56
CA VAL M 68 -23.88 6.30 -65.28
C VAL M 68 -23.72 5.52 -66.56
N HIS M 69 -24.45 4.43 -66.66
CA HIS M 69 -24.48 3.59 -67.83
C HIS M 69 -25.60 4.07 -68.74
N LYS M 70 -25.34 4.03 -70.03
CA LYS M 70 -26.23 4.62 -71.01
C LYS M 70 -26.40 3.68 -72.19
N ARG M 71 -27.64 3.53 -72.62
CA ARG M 71 -27.99 2.74 -73.77
C ARG M 71 -28.92 3.55 -74.65
N LEU M 72 -28.91 3.24 -75.93
CA LEU M 72 -29.93 3.76 -76.82
C LEU M 72 -30.49 2.66 -77.69
N VAL M 73 -31.79 2.77 -77.96
CA VAL M 73 -32.53 1.76 -78.70
C VAL M 73 -33.38 2.47 -79.73
N ASP M 74 -33.26 2.07 -80.99
CA ASP M 74 -34.11 2.62 -82.04
C ASP M 74 -35.11 1.58 -82.49
N ILE M 75 -36.38 1.97 -82.46
CA ILE M 75 -37.47 1.08 -82.84
C ILE M 75 -38.44 1.89 -83.68
N GLU M 76 -38.99 1.26 -84.71
CA GLU M 76 -39.90 1.97 -85.58
C GLU M 76 -41.14 2.38 -84.82
N ALA M 77 -41.58 3.61 -85.07
CA ALA M 77 -42.62 4.25 -84.29
C ALA M 77 -43.97 3.79 -84.82
N ASP M 78 -44.62 2.97 -84.03
CA ASP M 78 -46.00 2.58 -84.23
C ASP M 78 -46.81 3.00 -83.02
N GLU M 79 -48.09 3.28 -83.24
CA GLU M 79 -48.95 3.61 -82.12
C GLU M 79 -49.03 2.49 -81.10
N ARG M 80 -49.08 1.24 -81.55
CA ARG M 80 -49.10 0.12 -80.62
C ARG M 80 -47.86 0.09 -79.77
N ALA M 81 -46.72 -0.02 -80.42
CA ALA M 81 -45.44 -0.09 -79.74
C ALA M 81 -45.28 1.08 -78.80
N MET M 82 -45.64 2.28 -79.25
CA MET M 82 -45.47 3.46 -78.43
C MET M 82 -46.36 3.42 -77.20
N ARG M 83 -47.62 3.05 -77.36
CA ARG M 83 -48.51 2.88 -76.22
C ARG M 83 -47.93 1.94 -75.19
N GLN M 84 -47.43 0.78 -75.63
CA GLN M 84 -46.99 -0.19 -74.65
C GLN M 84 -45.62 0.15 -74.04
N ILE M 85 -44.72 0.75 -74.81
CA ILE M 85 -43.48 1.20 -74.20
C ILE M 85 -43.69 2.36 -73.26
N MET M 86 -44.72 3.16 -73.48
CA MET M 86 -45.20 4.06 -72.46
C MET M 86 -45.71 3.32 -71.24
N ARG M 87 -46.40 2.22 -71.44
CA ARG M 87 -46.91 1.44 -70.31
C ARG M 87 -45.79 0.80 -69.50
N ILE M 88 -44.59 0.72 -70.06
CA ILE M 88 -43.45 0.10 -69.37
C ILE M 88 -43.32 0.63 -67.95
N ARG M 89 -42.80 -0.23 -67.06
CA ARG M 89 -42.68 0.09 -65.64
C ARG M 89 -41.67 1.20 -65.36
N VAL M 90 -40.56 1.22 -66.09
CA VAL M 90 -39.48 2.20 -65.94
C VAL M 90 -39.11 2.39 -64.48
N PRO M 91 -38.36 1.47 -63.88
CA PRO M 91 -38.07 1.56 -62.45
C PRO M 91 -37.43 2.88 -62.05
N GLU M 92 -37.30 3.05 -60.75
CA GLU M 92 -37.10 4.35 -60.14
C GLU M 92 -35.71 4.94 -60.42
N ASP M 93 -34.68 4.12 -60.48
CA ASP M 93 -33.32 4.59 -60.62
C ASP M 93 -32.88 4.72 -62.08
N VAL M 94 -33.82 4.94 -62.98
CA VAL M 94 -33.56 4.99 -64.41
C VAL M 94 -34.24 6.21 -64.98
N THR M 95 -33.61 6.80 -65.98
CA THR M 95 -34.24 7.81 -66.81
C THR M 95 -34.34 7.28 -68.21
N ILE M 96 -35.38 7.72 -68.91
CA ILE M 96 -35.53 7.42 -70.32
C ILE M 96 -35.94 8.68 -71.05
N GLU M 97 -35.91 8.58 -72.36
CA GLU M 97 -36.26 9.69 -73.21
C GLU M 97 -36.57 9.15 -74.59
N ILE M 98 -37.82 9.29 -75.01
CA ILE M 98 -38.26 8.82 -76.31
C ILE M 98 -38.32 10.00 -77.27
N GLU M 99 -37.21 10.21 -77.97
CA GLU M 99 -37.23 11.08 -79.13
C GLU M 99 -37.72 10.29 -80.32
N LEU M 100 -38.17 11.01 -81.34
CA LEU M 100 -38.62 10.40 -82.59
C LEU M 100 -37.89 11.04 -83.76
N ILE M 101 -37.29 10.20 -84.58
CA ILE M 101 -36.69 10.62 -85.83
C ILE M 101 -37.73 10.49 -86.94
N SER M 102 -38.02 11.60 -87.60
CA SER M 102 -39.04 11.62 -88.65
C SER M 102 -38.57 12.36 -89.89
N GLN N 1 87.56 -14.23 -49.13
CA GLN N 1 86.79 -14.57 -50.32
C GLN N 1 86.87 -16.09 -50.56
N VAL N 2 86.19 -16.86 -49.72
CA VAL N 2 86.17 -18.31 -49.90
C VAL N 2 85.53 -18.66 -51.23
N ASN N 3 85.99 -19.76 -51.82
CA ASN N 3 85.45 -20.20 -53.09
C ASN N 3 84.06 -20.78 -52.83
N LEU N 4 83.04 -19.98 -53.06
CA LEU N 4 81.65 -20.35 -52.81
C LEU N 4 81.10 -20.96 -54.10
N LYS N 5 80.78 -22.25 -54.04
CA LYS N 5 80.17 -22.96 -55.15
C LYS N 5 78.65 -22.86 -55.15
N LYS N 6 78.04 -22.71 -53.98
CA LYS N 6 76.61 -22.91 -53.82
C LYS N 6 75.82 -21.63 -54.08
N LYS N 7 76.37 -20.48 -53.69
CA LYS N 7 75.63 -19.21 -53.60
C LYS N 7 74.22 -19.45 -53.07
N GLU N 8 74.18 -20.16 -51.94
CA GLU N 8 72.96 -20.47 -51.20
C GLU N 8 73.06 -19.85 -49.82
N LYS N 9 73.48 -18.59 -49.79
CA LYS N 9 73.73 -17.93 -48.53
C LYS N 9 72.43 -17.76 -47.76
N TRP N 10 72.45 -18.20 -46.51
CA TRP N 10 71.29 -18.25 -45.65
C TRP N 10 71.49 -17.31 -44.48
N GLY N 11 70.54 -16.41 -44.27
CA GLY N 11 70.49 -15.57 -43.10
C GLY N 11 69.26 -15.87 -42.26
N VAL N 12 68.98 -14.95 -41.34
CA VAL N 12 67.87 -15.10 -40.41
C VAL N 12 67.14 -13.78 -40.29
N ALA N 13 65.84 -13.81 -40.56
CA ALA N 13 64.96 -12.68 -40.33
C ALA N 13 64.25 -12.87 -39.00
N HIS N 14 64.63 -12.03 -38.04
CA HIS N 14 63.91 -11.88 -36.78
C HIS N 14 62.82 -10.86 -36.97
N ILE N 15 61.59 -11.24 -36.69
CA ILE N 15 60.43 -10.42 -36.93
C ILE N 15 59.72 -10.20 -35.60
N TYR N 16 59.93 -9.03 -35.01
CA TYR N 16 59.22 -8.63 -33.80
C TYR N 16 57.90 -8.03 -34.22
N SER N 17 56.79 -8.70 -33.89
CA SER N 17 55.47 -8.23 -34.27
C SER N 17 54.63 -7.99 -33.04
N SER N 18 54.02 -6.82 -32.96
CA SER N 18 53.16 -6.47 -31.86
C SER N 18 51.91 -5.75 -32.35
N TYR N 19 51.13 -5.21 -31.43
CA TYR N 19 49.93 -4.48 -31.76
C TYR N 19 50.18 -2.99 -31.97
N ASN N 20 51.44 -2.57 -31.92
CA ASN N 20 51.81 -1.18 -32.06
C ASN N 20 52.88 -0.94 -33.10
N ASN N 21 53.61 -1.97 -33.50
CA ASN N 21 54.65 -1.82 -34.49
C ASN N 21 55.11 -3.20 -34.90
N THR N 22 55.99 -3.22 -35.90
CA THR N 22 56.64 -4.44 -36.34
C THR N 22 58.03 -4.09 -36.85
N ILE N 23 58.99 -4.95 -36.51
CA ILE N 23 60.38 -4.75 -36.80
C ILE N 23 60.89 -5.97 -37.52
N ILE N 24 61.31 -5.78 -38.74
CA ILE N 24 62.08 -6.78 -39.47
C ILE N 24 63.54 -6.52 -39.19
N HIS N 25 64.31 -7.58 -39.01
CA HIS N 25 65.71 -7.44 -38.63
C HIS N 25 66.42 -8.68 -39.15
N ILE N 26 67.25 -8.51 -40.17
CA ILE N 26 67.91 -9.63 -40.81
C ILE N 26 69.36 -9.65 -40.38
N THR N 27 69.86 -10.84 -40.09
CA THR N 27 71.21 -11.07 -39.61
C THR N 27 71.79 -12.27 -40.31
N ASP N 28 73.06 -12.51 -40.02
CA ASP N 28 73.70 -13.76 -40.40
C ASP N 28 73.06 -14.91 -39.65
N LEU N 29 73.51 -16.13 -39.98
CA LEU N 29 72.94 -17.30 -39.36
C LEU N 29 73.15 -17.31 -37.86
N THR N 30 74.23 -16.70 -37.39
CA THR N 30 74.45 -16.56 -35.97
C THR N 30 73.43 -15.62 -35.35
N GLY N 31 73.39 -14.39 -35.82
CA GLY N 31 72.60 -13.32 -35.23
C GLY N 31 73.42 -12.25 -34.57
N ALA N 32 74.73 -12.27 -34.75
CA ALA N 32 75.64 -11.34 -34.11
C ALA N 32 76.16 -10.28 -35.05
N GLU N 33 75.80 -10.35 -36.33
CA GLU N 33 76.08 -9.28 -37.28
C GLU N 33 74.79 -8.94 -38.00
N THR N 34 74.42 -7.67 -37.96
CA THR N 34 73.19 -7.21 -38.58
C THR N 34 73.44 -6.77 -40.01
N VAL N 35 72.45 -7.00 -40.86
CA VAL N 35 72.53 -6.62 -42.27
C VAL N 35 71.36 -5.77 -42.71
N SER N 36 70.21 -5.85 -42.05
CA SER N 36 69.12 -4.95 -42.34
C SER N 36 68.16 -4.95 -41.18
N ARG N 37 67.70 -3.75 -40.84
CA ARG N 37 66.76 -3.55 -39.76
C ARG N 37 65.83 -2.41 -40.13
N TRP N 38 64.57 -2.73 -40.38
CA TRP N 38 63.59 -1.77 -40.87
C TRP N 38 62.32 -1.87 -40.04
N SER N 39 61.69 -0.73 -39.77
CA SER N 39 60.51 -0.67 -38.92
C SER N 39 59.36 0.05 -39.62
N GLY N 40 58.14 -0.32 -39.21
CA GLY N 40 56.96 0.43 -39.55
C GLY N 40 57.12 1.92 -39.38
N GLY N 41 57.80 2.35 -38.34
CA GLY N 41 57.97 3.75 -38.06
C GLY N 41 58.98 4.43 -38.94
N MET N 42 59.86 3.67 -39.56
CA MET N 42 60.63 4.18 -40.67
C MET N 42 59.80 4.35 -41.92
N VAL N 43 59.05 3.31 -42.29
CA VAL N 43 58.39 3.27 -43.59
C VAL N 43 57.14 4.14 -43.65
N VAL N 44 56.58 4.55 -42.51
CA VAL N 44 55.44 5.46 -42.50
C VAL N 44 55.68 6.58 -41.51
N LYS N 45 54.68 7.45 -41.38
CA LYS N 45 54.72 8.55 -40.43
C LYS N 45 53.56 8.54 -39.44
N ALA N 46 52.57 7.68 -39.62
CA ALA N 46 51.48 7.54 -38.67
C ALA N 46 51.71 6.36 -37.73
N ASP N 47 51.81 6.69 -36.43
CA ASP N 47 51.94 5.70 -35.37
C ASP N 47 50.88 4.61 -35.47
N ARG N 48 49.61 4.99 -35.56
CA ARG N 48 48.52 4.05 -35.72
C ARG N 48 48.68 3.15 -36.95
N ASP N 49 49.45 3.59 -37.95
CA ASP N 49 49.69 2.81 -39.15
C ASP N 49 50.94 1.95 -39.07
N GLU N 50 51.83 2.21 -38.11
CA GLU N 50 53.00 1.37 -37.92
C GLU N 50 52.72 -0.13 -37.88
N PRO N 51 51.71 -0.64 -37.16
CA PRO N 51 51.55 -2.09 -37.04
C PRO N 51 51.08 -2.77 -38.30
N SER N 52 50.63 -2.02 -39.29
CA SER N 52 49.78 -2.58 -40.32
C SER N 52 50.54 -3.57 -41.20
N PRO N 53 49.84 -4.58 -41.70
CA PRO N 53 50.48 -5.45 -42.70
C PRO N 53 50.88 -4.66 -43.92
N TYR N 54 50.11 -3.63 -44.24
CA TYR N 54 50.62 -2.53 -45.03
C TYR N 54 51.63 -1.78 -44.18
N ALA N 55 52.77 -1.50 -44.81
CA ALA N 55 54.00 -0.99 -44.19
C ALA N 55 54.80 -2.06 -43.49
N ALA N 56 54.17 -3.17 -43.13
CA ALA N 56 54.95 -4.36 -42.80
C ALA N 56 55.57 -4.97 -44.04
N MET N 57 54.76 -5.11 -45.09
CA MET N 57 55.28 -5.59 -46.37
C MET N 57 56.34 -4.66 -46.91
N ILE N 58 56.20 -3.35 -46.68
CA ILE N 58 57.19 -2.42 -47.20
C ILE N 58 58.50 -2.52 -46.43
N ALA N 59 58.44 -2.58 -45.11
CA ALA N 59 59.65 -2.79 -44.33
C ALA N 59 60.31 -4.10 -44.70
N ALA N 60 59.50 -5.14 -44.89
CA ALA N 60 60.03 -6.43 -45.30
C ALA N 60 60.68 -6.35 -46.66
N ARG N 61 60.07 -5.66 -47.62
CA ARG N 61 60.65 -5.57 -48.95
C ARG N 61 61.97 -4.83 -48.92
N ARG N 62 62.03 -3.71 -48.22
CA ARG N 62 63.29 -2.98 -48.14
C ARG N 62 64.37 -3.80 -47.49
N ALA N 63 64.06 -4.48 -46.39
CA ALA N 63 65.07 -5.30 -45.74
C ALA N 63 65.49 -6.46 -46.64
N ALA N 64 64.53 -7.04 -47.34
CA ALA N 64 64.81 -8.16 -48.23
C ALA N 64 65.73 -7.75 -49.36
N GLU N 65 65.35 -6.71 -50.09
CA GLU N 65 66.15 -6.27 -51.22
C GLU N 65 67.53 -5.81 -50.78
N GLU N 66 67.65 -5.18 -49.61
CA GLU N 66 68.96 -4.90 -49.07
C GLU N 66 69.77 -6.17 -48.83
N ALA N 67 69.17 -7.18 -48.22
CA ALA N 67 69.87 -8.41 -47.91
C ALA N 67 70.27 -9.19 -49.16
N MET N 68 69.39 -9.25 -50.15
CA MET N 68 69.69 -10.00 -51.36
C MET N 68 70.57 -9.21 -52.29
N GLU N 69 70.67 -7.90 -52.09
CA GLU N 69 71.81 -7.16 -52.61
C GLU N 69 73.09 -7.64 -51.97
N LYS N 70 73.10 -7.77 -50.65
CA LYS N 70 74.31 -8.14 -49.93
C LYS N 70 74.64 -9.62 -50.02
N GLY N 71 73.82 -10.40 -50.69
CA GLY N 71 74.03 -11.84 -50.80
C GLY N 71 72.77 -12.59 -50.43
N PHE N 72 72.87 -13.43 -49.39
CA PHE N 72 71.75 -13.88 -48.56
C PHE N 72 70.54 -14.26 -49.40
N THR N 73 70.71 -15.35 -50.13
CA THR N 73 69.68 -15.82 -51.03
C THR N 73 68.46 -16.31 -50.30
N GLY N 74 68.61 -16.76 -49.06
CA GLY N 74 67.50 -17.28 -48.31
C GLY N 74 67.56 -16.79 -46.87
N VAL N 75 66.44 -16.94 -46.19
CA VAL N 75 66.30 -16.55 -44.80
C VAL N 75 65.47 -17.57 -44.06
N HIS N 76 65.91 -17.93 -42.88
CA HIS N 76 65.05 -18.56 -41.90
C HIS N 76 64.25 -17.48 -41.19
N ILE N 77 63.13 -17.87 -40.61
CA ILE N 77 62.21 -16.94 -39.99
C ILE N 77 62.09 -17.24 -38.51
N LYS N 78 62.23 -16.19 -37.70
CA LYS N 78 61.98 -16.28 -36.26
C LYS N 78 61.05 -15.14 -35.91
N VAL N 79 59.76 -15.42 -35.83
CA VAL N 79 58.78 -14.41 -35.48
C VAL N 79 58.54 -14.42 -33.98
N ARG N 80 58.41 -13.23 -33.42
CA ARG N 80 58.50 -13.03 -31.99
C ARG N 80 57.42 -12.03 -31.61
N ALA N 81 56.38 -12.51 -30.96
CA ALA N 81 55.45 -11.64 -30.29
C ALA N 81 56.12 -11.11 -29.04
N PRO N 82 55.60 -10.04 -28.45
CA PRO N 82 56.24 -9.47 -27.28
C PRO N 82 56.30 -10.45 -26.12
N GLY N 83 56.91 -9.99 -25.05
CA GLY N 83 57.44 -10.86 -24.02
C GLY N 83 56.44 -11.66 -23.22
N GLY N 84 56.87 -12.06 -22.03
CA GLY N 84 56.15 -13.01 -21.23
C GLY N 84 54.97 -12.44 -20.50
N SER N 85 55.18 -11.31 -19.83
CA SER N 85 54.07 -10.64 -19.16
C SER N 85 53.21 -9.85 -20.11
N LYS N 86 53.68 -9.63 -21.33
CA LYS N 86 52.92 -8.97 -22.37
C LYS N 86 52.25 -9.99 -23.26
N SER N 87 51.71 -9.51 -24.38
CA SER N 87 50.96 -10.35 -25.28
C SER N 87 51.80 -11.47 -25.86
N LYS N 88 51.13 -12.55 -26.22
CA LYS N 88 51.76 -13.73 -26.77
C LYS N 88 51.28 -14.04 -28.18
N SER N 89 50.53 -13.14 -28.80
CA SER N 89 50.07 -13.21 -30.17
C SER N 89 50.82 -12.18 -31.03
N PRO N 90 51.43 -12.54 -32.16
CA PRO N 90 52.28 -11.57 -32.86
C PRO N 90 51.54 -10.38 -33.46
N GLY N 91 50.54 -10.66 -34.29
CA GLY N 91 49.89 -9.64 -35.07
C GLY N 91 49.78 -10.04 -36.52
N PRO N 92 49.30 -9.13 -37.37
CA PRO N 92 49.18 -9.47 -38.80
C PRO N 92 50.47 -9.25 -39.56
N GLY N 93 51.23 -8.23 -39.16
CA GLY N 93 52.50 -7.89 -39.73
C GLY N 93 53.42 -9.06 -39.93
N ALA N 94 53.30 -10.08 -39.09
CA ALA N 94 54.13 -11.27 -39.21
C ALA N 94 53.92 -12.01 -40.53
N GLN N 95 52.72 -12.55 -40.72
CA GLN N 95 52.40 -13.22 -41.97
C GLN N 95 52.56 -12.28 -43.16
N ALA N 96 52.20 -11.01 -42.98
CA ALA N 96 52.37 -10.05 -44.07
C ALA N 96 53.83 -9.94 -44.47
N ALA N 97 54.72 -9.90 -43.50
CA ALA N 97 56.13 -9.71 -43.78
C ALA N 97 56.74 -10.94 -44.41
N ILE N 98 56.33 -12.14 -43.97
CA ILE N 98 56.91 -13.31 -44.61
C ILE N 98 56.41 -13.44 -46.04
N ARG N 99 55.14 -13.09 -46.29
CA ARG N 99 54.66 -13.07 -47.67
C ARG N 99 55.44 -12.06 -48.49
N ALA N 100 55.74 -10.90 -47.92
CA ALA N 100 56.51 -9.90 -48.64
C ALA N 100 57.91 -10.39 -48.96
N LEU N 101 58.52 -11.13 -48.03
CA LEU N 101 59.85 -11.66 -48.27
C LEU N 101 59.84 -12.67 -49.41
N ALA N 102 58.86 -13.56 -49.38
CA ALA N 102 58.72 -14.52 -50.47
C ALA N 102 58.53 -13.80 -51.80
N ARG N 103 57.71 -12.75 -51.83
CA ARG N 103 57.56 -11.95 -53.04
C ARG N 103 58.89 -11.38 -53.49
N ALA N 104 59.65 -10.81 -52.57
CA ALA N 104 60.97 -10.29 -52.90
C ALA N 104 61.89 -11.36 -53.44
N GLY N 105 61.66 -12.62 -53.11
CA GLY N 105 62.31 -13.73 -53.76
C GLY N 105 63.30 -14.47 -52.92
N LEU N 106 63.56 -14.00 -51.70
CA LEU N 106 64.40 -14.76 -50.78
C LEU N 106 63.77 -16.11 -50.53
N ARG N 107 64.59 -17.16 -50.63
CA ARG N 107 64.13 -18.50 -50.33
C ARG N 107 63.85 -18.56 -48.83
N ILE N 108 62.58 -18.68 -48.49
CA ILE N 108 62.19 -18.81 -47.10
C ILE N 108 62.40 -20.24 -46.66
N GLY N 109 63.17 -20.41 -45.60
CA GLY N 109 63.47 -21.73 -45.10
C GLY N 109 62.49 -22.19 -44.06
N ARG N 110 62.96 -22.34 -42.84
CA ARG N 110 62.17 -22.84 -41.73
C ARG N 110 61.70 -21.66 -40.90
N VAL N 111 60.46 -21.75 -40.43
CA VAL N 111 59.84 -20.68 -39.67
C VAL N 111 59.63 -21.15 -38.24
N GLU N 112 59.67 -20.22 -37.31
CA GLU N 112 59.49 -20.58 -35.92
C GLU N 112 58.91 -19.42 -35.14
N ASP N 113 57.89 -19.71 -34.34
CA ASP N 113 57.32 -18.75 -33.39
C ASP N 113 58.21 -18.76 -32.16
N VAL N 114 59.26 -17.95 -32.23
CA VAL N 114 60.19 -17.80 -31.12
C VAL N 114 59.65 -16.66 -30.27
N THR N 115 58.72 -16.98 -29.48
CA THR N 115 58.09 -16.06 -28.56
C THR N 115 58.44 -16.46 -27.15
N PRO N 116 59.02 -15.60 -26.35
CA PRO N 116 59.38 -16.00 -24.99
C PRO N 116 58.18 -16.18 -24.11
N ILE N 117 57.92 -17.42 -23.73
CA ILE N 117 56.79 -17.79 -22.89
C ILE N 117 57.33 -18.08 -21.49
N PRO N 118 56.72 -17.55 -20.44
CA PRO N 118 57.24 -17.83 -19.11
C PRO N 118 56.63 -19.07 -18.52
N HIS N 119 57.45 -19.78 -17.78
CA HIS N 119 57.04 -20.92 -17.01
C HIS N 119 56.60 -20.53 -15.61
N ASP N 120 56.77 -19.26 -15.25
CA ASP N 120 56.26 -18.73 -14.01
C ASP N 120 55.34 -17.54 -14.19
N GLY N 121 55.83 -16.48 -14.81
CA GLY N 121 55.12 -15.22 -14.87
C GLY N 121 55.55 -14.23 -13.80
N THR N 122 56.22 -13.16 -14.23
CA THR N 122 56.16 -11.94 -13.47
C THR N 122 54.75 -11.37 -13.52
N ARG N 123 54.49 -10.39 -12.66
CA ARG N 123 53.17 -9.78 -12.64
C ARG N 123 53.00 -8.90 -13.86
N PRO N 124 51.92 -9.03 -14.61
CA PRO N 124 51.66 -8.09 -15.70
C PRO N 124 51.01 -6.81 -15.22
N LYS N 125 50.97 -5.85 -16.14
CA LYS N 125 50.42 -4.54 -15.88
C LYS N 125 48.91 -4.58 -15.85
N GLY N 126 48.34 -3.45 -15.48
CA GLY N 126 46.92 -3.25 -15.46
C GLY N 126 46.32 -3.37 -14.09
N GLY N 127 47.01 -4.02 -13.18
CA GLY N 127 46.48 -4.27 -11.88
C GLY N 127 45.59 -5.49 -11.86
N ARG N 128 44.86 -5.59 -10.77
CA ARG N 128 44.01 -6.75 -10.52
C ARG N 128 42.85 -6.83 -11.50
N ARG N 129 42.32 -5.68 -11.89
CA ARG N 129 41.15 -5.62 -12.73
C ARG N 129 41.47 -5.36 -14.19
N GLY N 130 42.72 -5.12 -14.51
CA GLY N 130 43.13 -4.94 -15.86
C GLY N 130 42.88 -3.54 -16.38
N ARG N 131 42.78 -3.48 -17.70
CA ARG N 131 42.48 -2.24 -18.39
C ARG N 131 40.97 -2.10 -18.48
N ARG N 132 40.42 -1.19 -17.70
CA ARG N 132 39.00 -0.90 -17.73
C ARG N 132 38.78 0.26 -18.68
N VAL N 133 38.79 -0.06 -19.96
CA VAL N 133 38.70 0.93 -21.00
C VAL N 133 37.32 0.88 -21.64
N GLY O 1 18.37 -27.86 12.66
CA GLY O 1 18.18 -28.94 13.60
C GLY O 1 16.97 -28.83 14.49
N LYS O 2 16.70 -29.89 15.23
CA LYS O 2 15.67 -29.87 16.26
C LYS O 2 16.05 -28.91 17.36
N LYS O 3 15.07 -28.10 17.74
CA LYS O 3 15.24 -26.99 18.68
C LYS O 3 15.82 -27.21 20.07
N ALA O 4 16.83 -26.37 20.35
CA ALA O 4 17.59 -26.25 21.59
C ALA O 4 17.55 -27.43 22.51
N PRO O 5 17.01 -27.21 23.72
CA PRO O 5 16.75 -28.17 24.78
C PRO O 5 15.34 -28.70 24.69
N TYR O 6 15.20 -29.98 24.37
CA TYR O 6 13.94 -30.66 24.38
C TYR O 6 13.90 -31.73 25.44
N GLY O 7 14.97 -31.90 26.21
CA GLY O 7 15.04 -32.94 27.19
C GLY O 7 14.15 -32.71 28.38
N GLU O 8 13.93 -33.80 29.10
CA GLU O 8 13.05 -33.81 30.25
C GLU O 8 13.61 -33.02 31.42
N PHE O 9 14.93 -32.89 31.48
CA PHE O 9 15.60 -32.20 32.55
C PHE O 9 16.37 -30.98 32.06
N ALA O 10 15.76 -30.21 31.17
CA ALA O 10 16.38 -29.08 30.50
C ALA O 10 15.57 -27.80 30.66
N GLY O 11 14.61 -27.80 31.58
CA GLY O 11 13.73 -26.67 31.76
C GLY O 11 14.45 -25.39 32.09
N ARG O 12 15.56 -25.50 32.80
CA ARG O 12 16.33 -24.31 33.14
C ARG O 12 16.80 -23.57 31.90
N LYS O 13 17.59 -24.23 31.06
CA LYS O 13 18.10 -23.62 29.86
C LYS O 13 16.99 -23.20 28.91
N LEU O 14 15.90 -23.96 28.87
CA LEU O 14 14.76 -23.57 28.06
C LEU O 14 14.14 -22.24 28.50
N LYS O 15 13.85 -22.12 29.78
CA LYS O 15 13.37 -20.88 30.36
C LYS O 15 14.32 -19.73 30.05
N LEU O 16 15.61 -19.98 30.22
CA LEU O 16 16.61 -18.97 29.97
C LEU O 16 16.56 -18.44 28.55
N LYS O 17 16.48 -19.33 27.58
CA LYS O 17 16.50 -18.87 26.19
C LYS O 17 15.24 -18.09 25.86
N ARG O 18 14.10 -18.54 26.37
CA ARG O 18 12.89 -17.79 26.10
C ARG O 18 12.97 -16.38 26.67
N LYS O 19 13.57 -16.23 27.83
CA LYS O 19 13.78 -14.90 28.39
C LYS O 19 14.70 -14.06 27.51
N LYS O 20 15.82 -14.65 27.11
CA LYS O 20 16.80 -14.00 26.27
C LYS O 20 16.17 -13.41 25.01
N PHE O 21 15.22 -14.11 24.41
CA PHE O 21 14.61 -13.64 23.18
C PHE O 21 13.31 -12.88 23.38
N ARG O 22 12.70 -12.97 24.55
CA ARG O 22 11.74 -11.96 24.91
C ARG O 22 12.35 -10.58 24.93
N TRP O 23 13.61 -10.48 25.29
CA TRP O 23 14.23 -9.16 25.26
C TRP O 23 14.42 -8.63 23.84
N SER O 24 14.36 -9.51 22.85
CA SER O 24 14.25 -9.10 21.46
C SER O 24 12.85 -8.67 21.11
N ASP O 25 11.87 -9.13 21.88
CA ASP O 25 10.53 -8.55 21.78
C ASP O 25 10.58 -7.10 22.29
N ILE O 26 10.14 -6.16 21.47
CA ILE O 26 10.29 -4.74 21.81
C ILE O 26 9.16 -4.27 22.69
N ARG O 27 7.96 -4.84 22.53
CA ARG O 27 6.85 -4.51 23.42
C ARG O 27 7.18 -4.86 24.86
N TYR O 28 7.68 -6.07 25.08
CA TYR O 28 8.06 -6.50 26.40
C TYR O 28 9.10 -5.57 27.00
N LYS O 29 10.07 -5.17 26.19
CA LYS O 29 11.14 -4.31 26.64
C LYS O 29 10.65 -2.96 27.09
N ARG O 30 9.81 -2.32 26.27
CA ARG O 30 9.22 -1.05 26.64
C ARG O 30 8.40 -1.17 27.91
N ARG O 31 7.62 -2.22 28.04
CA ARG O 31 6.79 -2.40 29.22
C ARG O 31 7.62 -2.58 30.47
N VAL O 32 8.71 -3.31 30.36
CA VAL O 32 9.45 -3.76 31.53
C VAL O 32 10.49 -2.76 31.97
N LEU O 33 11.06 -2.01 31.03
CA LEU O 33 11.97 -0.94 31.37
C LEU O 33 11.27 0.40 31.51
N ARG O 34 10.00 0.50 31.13
CA ARG O 34 9.20 1.69 31.33
C ARG O 34 9.78 2.87 30.58
N LEU O 35 9.97 2.66 29.29
CA LEU O 35 10.56 3.66 28.43
C LEU O 35 9.56 4.75 28.07
N LYS O 36 8.32 4.35 27.79
CA LYS O 36 7.28 5.32 27.55
C LYS O 36 7.12 6.25 28.73
N GLU O 37 7.09 5.70 29.94
CA GLU O 37 6.96 6.54 31.12
C GLU O 37 8.13 7.50 31.27
N LYS O 38 9.29 7.15 30.73
CA LYS O 38 10.45 8.01 30.86
C LYS O 38 10.48 9.10 29.81
N SER O 39 9.90 8.86 28.64
CA SER O 39 9.96 9.79 27.53
C SER O 39 8.63 10.48 27.27
N ASP O 40 7.61 10.21 28.07
CA ASP O 40 6.29 10.76 27.83
C ASP O 40 6.18 12.10 28.53
N PRO O 41 5.79 13.17 27.83
CA PRO O 41 5.52 14.42 28.54
C PRO O 41 4.21 14.42 29.28
N LEU O 42 3.28 13.56 28.90
CA LEU O 42 2.03 13.40 29.61
C LEU O 42 2.16 12.54 30.84
N GLU O 43 3.32 11.91 31.05
CA GLU O 43 3.62 11.19 32.28
C GLU O 43 2.61 10.09 32.54
N GLY O 44 2.36 9.31 31.50
CA GLY O 44 1.56 8.11 31.61
C GLY O 44 0.09 8.36 31.79
N ALA O 45 -0.42 9.40 31.19
CA ALA O 45 -1.79 9.81 31.36
C ALA O 45 -2.55 9.74 30.04
N PRO O 46 -3.87 9.65 30.12
CA PRO O 46 -4.67 9.70 28.90
C PRO O 46 -4.94 11.11 28.43
N GLN O 47 -5.01 12.05 29.35
CA GLN O 47 -5.26 13.45 29.04
C GLN O 47 -4.25 14.29 29.78
N ALA O 48 -4.27 15.57 29.46
CA ALA O 48 -3.43 16.56 30.09
C ALA O 48 -4.00 17.93 29.82
N LYS O 49 -3.61 18.86 30.67
CA LYS O 49 -4.00 20.26 30.60
C LYS O 49 -2.80 21.09 30.22
N GLY O 50 -3.03 22.09 29.38
CA GLY O 50 -1.96 22.93 28.91
C GLY O 50 -2.41 24.33 28.60
N ILE O 51 -1.44 25.21 28.53
CA ILE O 51 -1.62 26.60 28.16
C ILE O 51 -1.21 26.75 26.71
N VAL O 52 -2.10 27.32 25.91
CA VAL O 52 -1.81 27.59 24.52
C VAL O 52 -0.80 28.71 24.43
N LEU O 53 0.33 28.42 23.81
CA LEU O 53 1.35 29.41 23.55
C LEU O 53 1.13 30.07 22.22
N GLU O 54 0.95 29.26 21.18
CA GLU O 54 0.74 29.86 19.87
C GLU O 54 -0.11 28.96 19.01
N LYS O 55 -0.68 29.55 17.98
CA LYS O 55 -1.47 28.84 16.98
C LYS O 55 -0.70 28.80 15.69
N ILE O 56 -0.60 27.61 15.10
CA ILE O 56 0.26 27.35 13.97
C ILE O 56 -0.50 26.47 12.98
N ALA O 57 0.20 26.12 11.90
CA ALA O 57 -0.35 25.26 10.87
C ALA O 57 0.76 24.43 10.29
N VAL O 58 0.38 23.26 9.82
CA VAL O 58 1.30 22.19 9.47
C VAL O 58 0.91 21.68 8.11
N GLU O 59 1.88 21.42 7.26
CA GLU O 59 1.57 20.94 5.92
C GLU O 59 1.46 19.43 5.87
N ALA O 60 0.43 18.93 5.20
CA ALA O 60 0.23 17.50 5.05
C ALA O 60 1.38 16.92 4.23
N LYS O 61 1.82 15.72 4.59
CA LYS O 61 2.94 14.98 3.97
C LYS O 61 3.45 15.29 2.54
N GLN O 62 2.94 14.54 1.56
CA GLN O 62 3.28 14.70 0.15
C GLN O 62 2.08 14.83 -0.78
N PRO O 63 1.17 13.85 -0.79
CA PRO O 63 0.15 13.85 -1.84
C PRO O 63 -1.00 14.78 -1.52
N ASN O 64 -1.36 14.82 -0.24
CA ASN O 64 -2.38 15.71 0.22
C ASN O 64 -1.83 17.12 0.30
N SER O 65 -2.72 18.07 0.10
CA SER O 65 -2.38 19.48 0.17
C SER O 65 -3.35 20.11 1.15
N ALA O 66 -2.84 20.47 2.33
CA ALA O 66 -3.63 21.23 3.28
C ALA O 66 -2.78 21.65 4.45
N MET O 67 -3.23 22.69 5.10
CA MET O 67 -2.59 23.25 6.28
C MET O 67 -3.45 22.90 7.48
N ARG O 68 -3.05 21.84 8.15
CA ARG O 68 -3.68 21.36 9.36
C ARG O 68 -3.39 22.33 10.49
N LYS O 69 -4.42 22.82 11.16
CA LYS O 69 -4.21 23.77 12.23
C LYS O 69 -3.79 23.07 13.50
N ALA O 70 -3.06 23.80 14.34
CA ALA O 70 -2.55 23.23 15.56
C ALA O 70 -2.17 24.35 16.50
N VAL O 71 -1.76 23.97 17.69
CA VAL O 71 -1.32 24.90 18.70
C VAL O 71 -0.13 24.33 19.42
N ARG O 72 0.84 25.17 19.70
CA ARG O 72 1.86 24.86 20.67
C ARG O 72 1.34 25.18 22.05
N VAL O 73 1.46 24.17 22.93
CA VAL O 73 0.80 24.05 24.21
C VAL O 73 1.85 23.73 25.25
N GLN O 74 1.85 24.48 26.34
CA GLN O 74 2.73 24.22 27.48
C GLN O 74 1.98 23.47 28.55
N LEU O 75 2.41 22.25 28.83
CA LEU O 75 1.79 21.41 29.83
C LEU O 75 2.28 21.74 31.21
N ILE O 76 1.34 21.67 32.15
CA ILE O 76 1.46 22.22 33.48
C ILE O 76 2.18 21.27 34.42
N LYS O 77 1.83 19.99 34.37
CA LYS O 77 2.44 19.03 35.27
C LYS O 77 3.96 18.98 35.16
N ASN O 78 4.51 19.37 34.02
CA ASN O 78 5.95 19.34 33.83
C ASN O 78 6.53 20.57 33.17
N GLY O 79 5.70 21.46 32.64
CA GLY O 79 6.17 22.63 31.96
C GLY O 79 6.68 22.39 30.58
N LYS O 80 6.14 21.41 29.89
CA LYS O 80 6.73 20.97 28.64
C LYS O 80 5.85 21.32 27.46
N VAL O 81 6.49 21.71 26.37
CA VAL O 81 5.80 22.17 25.18
C VAL O 81 5.57 21.00 24.23
N VAL O 82 4.31 20.80 23.87
CA VAL O 82 3.93 19.85 22.85
C VAL O 82 2.93 20.53 21.93
N THR O 83 2.85 20.02 20.71
CA THR O 83 1.93 20.54 19.73
C THR O 83 0.74 19.63 19.55
N ALA O 84 -0.44 20.24 19.51
CA ALA O 84 -1.70 19.54 19.49
C ALA O 84 -2.57 20.05 18.36
N PHE O 85 -3.26 19.12 17.73
CA PHE O 85 -4.07 19.39 16.57
C PHE O 85 -5.51 19.67 17.00
N THR O 86 -6.11 20.66 16.37
CA THR O 86 -7.43 21.13 16.74
C THR O 86 -8.43 20.63 15.71
N PRO O 87 -9.09 19.50 15.95
CA PRO O 87 -10.08 19.02 14.98
C PRO O 87 -11.24 19.97 14.86
N GLY O 88 -11.85 19.93 13.69
CA GLY O 88 -12.96 20.80 13.35
C GLY O 88 -12.57 21.85 12.33
N ASP O 89 -13.55 22.70 12.02
CA ASP O 89 -13.45 23.63 10.90
C ASP O 89 -13.07 25.05 11.34
N GLY O 90 -13.66 25.55 12.41
CA GLY O 90 -13.29 26.86 12.93
C GLY O 90 -12.72 26.80 14.33
N ALA O 91 -12.16 25.65 14.64
CA ALA O 91 -11.65 25.38 15.96
C ALA O 91 -10.52 26.31 16.34
N ILE O 92 -9.62 26.58 15.39
CA ILE O 92 -8.50 27.45 15.66
C ILE O 92 -8.94 28.88 15.92
N ASN O 93 -10.14 29.24 15.46
CA ASN O 93 -10.69 30.55 15.74
C ASN O 93 -11.42 30.58 17.05
N HIS O 94 -12.04 29.46 17.43
CA HIS O 94 -12.63 29.33 18.75
C HIS O 94 -11.59 29.27 19.85
N ILE O 95 -10.36 28.93 19.51
CA ILE O 95 -9.26 28.85 20.46
C ILE O 95 -8.49 30.15 20.42
N ASP O 96 -8.02 30.59 21.58
CA ASP O 96 -7.22 31.80 21.72
C ASP O 96 -6.01 31.52 22.58
N GLU O 97 -5.12 32.50 22.67
CA GLU O 97 -3.88 32.31 23.40
C GLU O 97 -4.07 32.46 24.89
N HIS O 98 -3.15 31.87 25.64
CA HIS O 98 -3.18 31.78 27.09
C HIS O 98 -4.41 31.05 27.59
N ASP O 99 -5.06 30.28 26.72
CA ASP O 99 -6.25 29.55 27.08
C ASP O 99 -5.87 28.17 27.61
N GLU O 100 -6.59 27.72 28.62
CA GLU O 100 -6.39 26.37 29.12
C GLU O 100 -7.12 25.38 28.23
N VAL O 101 -6.41 24.32 27.88
CA VAL O 101 -6.84 23.39 26.86
C VAL O 101 -6.51 21.99 27.35
N ILE O 102 -7.37 21.05 27.03
CA ILE O 102 -7.17 19.66 27.42
C ILE O 102 -6.67 18.88 26.23
N ILE O 103 -5.75 17.96 26.52
CA ILE O 103 -4.87 17.34 25.55
C ILE O 103 -4.99 15.84 25.64
N GLU O 104 -5.65 15.26 24.66
CA GLU O 104 -5.76 13.82 24.47
C GLU O 104 -4.72 13.34 23.48
N GLY O 105 -4.63 12.03 23.35
CA GLY O 105 -3.96 11.46 22.20
C GLY O 105 -4.80 11.57 20.95
N ILE O 106 -4.11 11.70 19.82
CA ILE O 106 -4.76 11.87 18.53
C ILE O 106 -5.24 10.56 17.95
N GLY O 107 -5.06 9.47 18.65
CA GLY O 107 -5.15 8.16 18.08
C GLY O 107 -3.83 7.88 17.44
N GLY O 108 -3.88 7.19 16.33
CA GLY O 108 -2.68 6.90 15.60
C GLY O 108 -2.09 5.60 16.05
N PRO O 109 -1.33 4.95 15.18
CA PRO O 109 -1.01 3.55 15.41
C PRO O 109 -0.32 3.20 16.73
N LYS O 110 0.90 3.64 16.93
CA LYS O 110 1.64 3.26 18.14
C LYS O 110 1.56 4.35 19.19
N GLY O 111 0.35 4.71 19.56
CA GLY O 111 0.12 5.90 20.34
C GLY O 111 0.71 7.12 19.71
N GLY O 112 0.74 7.18 18.38
CA GLY O 112 1.49 8.17 17.66
C GLY O 112 0.70 9.04 16.72
N SER O 113 1.36 9.44 15.65
CA SER O 113 0.80 10.37 14.71
C SER O 113 -0.25 9.68 13.85
N MET O 114 -1.11 10.49 13.25
CA MET O 114 -2.30 10.02 12.59
C MET O 114 -2.43 10.68 11.24
N GLY O 115 -2.51 9.86 10.20
CA GLY O 115 -2.88 10.33 8.90
C GLY O 115 -1.81 11.17 8.24
N ASP O 116 -2.26 12.20 7.53
CA ASP O 116 -1.39 13.08 6.79
C ASP O 116 -0.74 14.15 7.65
N ILE O 117 -0.95 14.12 8.96
CA ILE O 117 -0.29 15.03 9.88
C ILE O 117 0.99 14.33 10.35
N PRO O 118 2.16 14.78 9.91
CA PRO O 118 3.36 13.95 10.10
C PRO O 118 3.72 13.73 11.56
N GLY O 119 3.84 14.82 12.31
CA GLY O 119 4.50 14.78 13.59
C GLY O 119 3.74 15.42 14.72
N ILE O 120 2.45 15.12 14.80
CA ILE O 120 1.58 15.62 15.85
C ILE O 120 0.92 14.43 16.51
N ARG O 121 1.07 14.33 17.82
CA ARG O 121 0.64 13.18 18.58
C ARG O 121 -0.58 13.43 19.43
N TYR O 122 -1.06 14.66 19.51
CA TYR O 122 -2.06 15.04 20.47
C TYR O 122 -3.19 15.83 19.84
N LYS O 123 -4.33 15.69 20.47
CA LYS O 123 -5.58 16.33 20.14
C LYS O 123 -5.96 17.32 21.21
N VAL O 124 -6.64 18.37 20.80
CA VAL O 124 -7.37 19.23 21.72
C VAL O 124 -8.78 18.71 21.86
N VAL O 125 -9.29 18.74 23.10
CA VAL O 125 -10.60 18.19 23.43
C VAL O 125 -11.48 19.23 24.08
N LYS O 126 -10.94 19.95 25.05
CA LYS O 126 -11.67 20.97 25.79
C LYS O 126 -10.90 22.26 25.73
N VAL O 127 -11.63 23.37 25.74
CA VAL O 127 -11.05 24.70 25.70
C VAL O 127 -11.72 25.52 26.79
N ASN O 128 -10.94 25.88 27.80
CA ASN O 128 -11.46 26.61 28.95
C ASN O 128 -12.68 25.92 29.52
N ARG O 129 -12.56 24.60 29.66
CA ARG O 129 -13.56 23.73 30.26
C ARG O 129 -14.79 23.58 29.39
N VAL O 130 -14.62 23.58 28.08
CA VAL O 130 -15.72 23.41 27.14
C VAL O 130 -15.24 22.60 25.96
N SER O 131 -16.03 21.64 25.55
CA SER O 131 -15.66 20.78 24.43
C SER O 131 -15.60 21.53 23.12
N LEU O 132 -14.53 21.27 22.39
CA LEU O 132 -14.30 21.92 21.12
C LEU O 132 -15.29 21.46 20.08
N LYS O 133 -15.79 20.24 20.21
CA LYS O 133 -16.83 19.77 19.30
C LYS O 133 -18.08 20.63 19.42
N GLU O 134 -18.48 20.95 20.64
CA GLU O 134 -19.65 21.79 20.84
C GLU O 134 -19.39 23.22 20.43
N LEU O 135 -18.20 23.74 20.73
CA LEU O 135 -17.85 25.06 20.25
C LEU O 135 -17.92 25.14 18.74
N VAL O 136 -17.48 24.09 18.08
CA VAL O 136 -17.42 24.07 16.62
C VAL O 136 -18.81 23.94 16.03
N LYS O 137 -19.62 23.07 16.59
CA LYS O 137 -21.01 22.94 16.17
C LYS O 137 -21.89 24.05 16.71
N GLY O 138 -21.31 25.05 17.38
CA GLY O 138 -22.00 26.25 17.74
C GLY O 138 -22.44 26.30 19.18
N ARG O 139 -22.91 25.19 19.72
CA ARG O 139 -23.43 25.15 21.07
C ARG O 139 -22.34 25.51 22.08
N LYS O 140 -22.78 25.80 23.30
CA LYS O 140 -21.92 25.90 24.47
C LYS O 140 -20.75 26.85 24.22
N GLU O 141 -21.11 28.12 24.13
CA GLU O 141 -20.14 29.15 23.84
C GLU O 141 -19.06 29.18 24.92
N LYS O 142 -17.97 29.80 24.58
CA LYS O 142 -16.80 29.75 25.43
C LYS O 142 -16.92 30.74 26.59
N PRO O 143 -16.39 30.41 27.76
CA PRO O 143 -16.42 31.36 28.86
C PRO O 143 -15.61 32.62 28.57
N ARG O 144 -14.34 32.43 28.23
CA ARG O 144 -13.40 33.53 28.11
C ARG O 144 -12.81 33.59 26.70
N ASP P 1 37.66 47.97 -98.89
CA ASP P 1 37.84 49.01 -97.88
C ASP P 1 36.54 49.28 -97.13
N GLU P 2 36.36 50.53 -96.72
CA GLU P 2 35.17 50.99 -95.98
C GLU P 2 34.91 50.19 -94.70
N PHE P 3 35.98 49.85 -93.98
CA PHE P 3 35.85 49.09 -92.75
C PHE P 3 36.13 49.96 -91.53
N ARG P 4 35.42 49.68 -90.44
CA ARG P 4 35.56 50.41 -89.20
C ARG P 4 35.30 49.43 -88.07
N HIS P 5 36.29 49.19 -87.23
CA HIS P 5 36.08 48.28 -86.12
C HIS P 5 35.08 48.85 -85.14
N ILE P 6 34.92 50.16 -85.13
CA ILE P 6 34.04 50.84 -84.20
C ILE P 6 33.26 51.90 -84.97
N VAL P 7 32.03 52.16 -84.55
CA VAL P 7 31.16 53.11 -85.21
C VAL P 7 30.33 53.83 -84.17
N ARG P 8 30.17 55.14 -84.37
CA ARG P 8 29.38 55.97 -83.49
C ARG P 8 28.03 56.22 -84.14
N ILE P 9 26.97 55.86 -83.43
CA ILE P 9 25.61 56.04 -83.90
C ILE P 9 24.80 56.58 -82.74
N ALA P 10 24.20 57.75 -82.94
CA ALA P 10 23.52 58.49 -81.90
C ALA P 10 24.52 59.04 -80.90
N GLY P 11 25.49 59.76 -81.43
CA GLY P 11 26.46 60.48 -80.62
C GLY P 11 27.82 59.85 -80.72
N VAL P 12 28.28 59.32 -79.59
CA VAL P 12 29.48 58.52 -79.54
C VAL P 12 29.27 57.28 -78.68
N ASP P 13 28.02 56.91 -78.43
CA ASP P 13 27.75 55.52 -78.16
C ASP P 13 28.33 54.72 -79.31
N LEU P 14 29.35 53.95 -78.99
CA LEU P 14 30.24 53.35 -79.97
C LEU P 14 30.03 51.85 -80.00
N ASN P 15 29.86 51.32 -81.20
CA ASN P 15 29.36 49.97 -81.40
C ASN P 15 30.38 49.09 -82.11
N GLY P 16 30.41 47.83 -81.73
CA GLY P 16 31.32 46.85 -82.29
C GLY P 16 30.98 46.54 -83.74
N ASN P 17 31.70 45.56 -84.26
CA ASN P 17 31.42 45.04 -85.60
C ASN P 17 30.91 43.61 -85.46
N LYS P 18 29.65 43.55 -85.10
CA LYS P 18 28.79 42.41 -85.18
C LYS P 18 27.66 42.85 -86.09
N GLN P 19 26.63 42.04 -86.23
CA GLN P 19 25.56 42.48 -87.10
C GLN P 19 24.75 43.59 -86.44
N LEU P 20 24.17 44.39 -87.31
CA LEU P 20 23.89 45.79 -86.99
C LEU P 20 22.78 45.93 -86.00
N ARG P 21 21.76 45.10 -86.11
CA ARG P 21 20.64 45.14 -85.21
C ARG P 21 21.04 44.97 -83.76
N TRP P 22 21.92 44.02 -83.47
CA TRP P 22 22.42 43.84 -82.13
C TRP P 22 23.41 44.92 -81.71
N ALA P 23 24.25 45.36 -82.62
CA ALA P 23 25.03 46.56 -82.36
C ALA P 23 24.16 47.71 -81.89
N LEU P 24 23.01 47.92 -82.52
CA LEU P 24 22.10 48.97 -82.13
C LEU P 24 21.46 48.71 -80.78
N THR P 25 21.14 47.47 -80.47
CA THR P 25 20.69 47.14 -79.13
C THR P 25 21.72 47.53 -78.09
N GLY P 26 22.96 47.72 -78.50
CA GLY P 26 23.95 48.32 -77.64
C GLY P 26 23.59 49.72 -77.13
N ILE P 27 22.53 50.31 -77.68
CA ILE P 27 22.03 51.59 -77.21
C ILE P 27 20.93 51.38 -76.19
N ARG P 28 20.80 52.31 -75.24
CA ARG P 28 19.67 52.30 -74.33
C ARG P 28 18.47 52.94 -74.98
N GLY P 29 17.37 52.25 -74.93
CA GLY P 29 16.18 52.63 -75.63
C GLY P 29 15.93 51.84 -76.88
N ILE P 30 16.90 51.05 -77.31
CA ILE P 30 16.78 50.20 -78.47
C ILE P 30 16.96 48.76 -78.04
N GLY P 31 15.93 47.97 -78.27
CA GLY P 31 16.04 46.53 -78.29
C GLY P 31 16.14 45.98 -79.69
N ILE P 32 16.22 44.67 -79.77
CA ILE P 32 16.40 44.02 -81.06
C ILE P 32 15.18 44.22 -81.95
N ASN P 33 14.01 44.35 -81.35
CA ASN P 33 12.79 44.52 -82.12
C ASN P 33 12.71 45.90 -82.74
N PHE P 34 12.85 46.93 -81.91
CA PHE P 34 12.89 48.28 -82.42
C PHE P 34 14.01 48.47 -83.44
N ALA P 35 15.15 47.83 -83.21
CA ALA P 35 16.25 47.85 -84.16
C ALA P 35 15.84 47.29 -85.50
N THR P 36 15.25 46.10 -85.50
CA THR P 36 14.84 45.49 -86.75
C THR P 36 13.82 46.35 -87.47
N MET P 37 12.92 46.98 -86.72
CA MET P 37 11.98 47.92 -87.29
C MET P 37 12.68 49.05 -88.00
N VAL P 38 13.57 49.74 -87.27
CA VAL P 38 14.27 50.90 -87.79
C VAL P 38 15.01 50.56 -89.05
N LEU P 39 15.64 49.41 -89.08
CA LEU P 39 16.40 49.05 -90.26
C LEU P 39 15.49 48.69 -91.41
N ARG P 40 14.40 48.00 -91.14
CA ARG P 40 13.47 47.66 -92.21
C ARG P 40 12.88 48.90 -92.83
N VAL P 41 12.59 49.91 -92.03
CA VAL P 41 12.04 51.14 -92.59
C VAL P 41 13.12 51.98 -93.28
N ALA P 42 14.35 51.94 -92.80
CA ALA P 42 15.42 52.66 -93.46
C ALA P 42 16.04 51.91 -94.63
N GLY P 43 15.53 50.73 -94.94
CA GLY P 43 16.01 49.99 -96.09
C GLY P 43 17.33 49.27 -95.89
N ILE P 44 17.84 49.27 -94.71
CA ILE P 44 19.13 48.66 -94.39
C ILE P 44 18.93 47.20 -94.06
N ASP P 45 19.90 46.38 -94.43
CA ASP P 45 19.95 44.99 -94.03
C ASP P 45 20.27 44.89 -92.55
N PRO P 46 19.49 44.18 -91.75
CA PRO P 46 19.86 44.02 -90.34
C PRO P 46 21.01 43.09 -90.11
N TYR P 47 21.10 42.03 -90.91
CA TYR P 47 22.21 41.09 -90.85
C TYR P 47 23.53 41.71 -91.27
N MET P 48 23.50 42.89 -91.86
CA MET P 48 24.71 43.57 -92.27
C MET P 48 25.58 43.88 -91.07
N LYS P 49 26.88 44.01 -91.32
CA LYS P 49 27.82 44.38 -90.29
C LYS P 49 28.00 45.88 -90.25
N THR P 50 28.44 46.36 -89.09
CA THR P 50 28.48 47.78 -88.83
C THR P 50 29.67 48.46 -89.47
N GLY P 51 30.76 47.73 -89.71
CA GLY P 51 31.89 48.32 -90.35
C GLY P 51 31.60 48.85 -91.72
N TYR P 52 30.69 48.22 -92.43
CA TYR P 52 30.33 48.59 -93.79
C TYR P 52 29.18 49.56 -93.83
N LEU P 53 28.87 50.19 -92.71
CA LEU P 53 27.86 51.22 -92.64
C LEU P 53 28.43 52.51 -93.17
N THR P 54 27.66 53.20 -94.00
CA THR P 54 28.07 54.47 -94.54
C THR P 54 27.46 55.61 -93.75
N ASN P 55 28.18 56.73 -93.75
CA ASN P 55 27.79 57.88 -92.95
C ASN P 55 26.37 58.33 -93.25
N GLU P 56 25.93 58.18 -94.48
CA GLU P 56 24.56 58.55 -94.80
C GLU P 56 23.57 57.58 -94.20
N GLN P 57 23.90 56.29 -94.18
CA GLN P 57 23.05 55.33 -93.48
C GLN P 57 22.97 55.63 -92.00
N ILE P 58 24.12 56.00 -91.43
CA ILE P 58 24.17 56.44 -90.04
C ILE P 58 23.19 57.58 -89.83
N LYS P 59 23.30 58.61 -90.67
CA LYS P 59 22.42 59.77 -90.58
C LYS P 59 20.98 59.36 -90.69
N LYS P 60 20.70 58.41 -91.55
CA LYS P 60 19.34 57.98 -91.83
C LYS P 60 18.70 57.36 -90.61
N ILE P 61 19.38 56.40 -89.99
CA ILE P 61 18.81 55.80 -88.80
C ILE P 61 18.82 56.77 -87.65
N GLU P 62 19.76 57.71 -87.62
CA GLU P 62 19.74 58.75 -86.60
C GLU P 62 18.48 59.59 -86.70
N GLU P 63 18.12 60.02 -87.90
CA GLU P 63 16.92 60.83 -88.03
C GLU P 63 15.67 60.02 -87.81
N ILE P 64 15.68 58.73 -88.16
CA ILE P 64 14.53 57.91 -87.78
C ILE P 64 14.36 57.90 -86.28
N LEU P 65 15.42 57.58 -85.55
CA LEU P 65 15.41 57.66 -84.11
C LEU P 65 14.92 58.99 -83.58
N GLU P 66 15.28 60.09 -84.24
CA GLU P 66 14.81 61.39 -83.85
C GLU P 66 13.30 61.54 -84.01
N ASP P 67 12.72 61.03 -85.09
CA ASP P 67 11.27 61.04 -85.25
C ASP P 67 10.78 59.74 -85.86
N PRO P 68 10.60 58.69 -85.07
CA PRO P 68 10.27 57.39 -85.66
C PRO P 68 8.92 57.34 -86.34
N VAL P 69 7.87 57.81 -85.67
CA VAL P 69 6.52 57.68 -86.21
C VAL P 69 6.39 58.33 -87.55
N ALA P 70 7.08 59.44 -87.76
CA ALA P 70 7.09 60.15 -89.02
C ALA P 70 7.68 59.35 -90.15
N HIS P 71 8.39 58.26 -89.87
CA HIS P 71 9.05 57.47 -90.86
C HIS P 71 8.37 56.15 -91.15
N GLY P 72 7.47 55.71 -90.29
CA GLY P 72 6.71 54.50 -90.53
C GLY P 72 6.57 53.64 -89.30
N ILE P 73 7.23 54.04 -88.22
CA ILE P 73 7.10 53.27 -87.00
C ILE P 73 5.71 53.46 -86.43
N PRO P 74 5.06 52.42 -85.93
CA PRO P 74 3.79 52.61 -85.26
C PRO P 74 3.94 53.32 -83.93
N ALA P 75 2.80 53.76 -83.42
CA ALA P 75 2.78 54.49 -82.17
C ALA P 75 2.80 53.55 -80.98
N TRP P 76 2.56 52.27 -81.22
CA TRP P 76 2.48 51.29 -80.15
C TRP P 76 3.78 50.54 -79.98
N ALA P 77 4.85 51.04 -80.60
CA ALA P 77 6.17 50.43 -80.54
C ALA P 77 7.23 51.44 -80.12
N VAL P 78 6.95 52.23 -79.09
CA VAL P 78 7.83 53.30 -78.70
C VAL P 78 7.98 53.33 -77.19
N ASN P 79 9.13 53.85 -76.77
CA ASN P 79 9.46 53.97 -75.36
C ASN P 79 8.40 54.76 -74.61
N ARG P 80 7.99 55.90 -75.16
CA ARG P 80 7.20 56.89 -74.43
C ARG P 80 6.02 57.35 -75.27
N PRO P 81 4.98 56.53 -75.35
CA PRO P 81 3.75 56.98 -75.99
C PRO P 81 2.86 57.78 -75.06
N LYS P 82 2.19 58.78 -75.64
CA LYS P 82 1.29 59.65 -74.92
C LYS P 82 1.99 60.29 -73.72
N ASP P 83 2.96 61.14 -74.04
CA ASP P 83 3.75 61.80 -73.02
C ASP P 83 2.89 62.72 -72.17
N TYR P 84 3.30 62.86 -70.92
CA TYR P 84 2.60 63.60 -69.88
C TYR P 84 2.71 65.11 -70.04
N GLU P 85 3.24 65.60 -71.14
CA GLU P 85 3.22 67.02 -71.39
C GLU P 85 2.95 67.37 -72.83
N THR P 86 3.05 66.40 -73.71
CA THR P 86 2.74 66.55 -75.11
C THR P 86 2.19 65.22 -75.55
N GLY P 87 1.01 65.23 -76.13
CA GLY P 87 0.41 63.95 -76.43
C GLY P 87 1.13 63.16 -77.50
N LYS P 88 2.17 63.73 -78.07
CA LYS P 88 3.03 63.06 -79.02
C LYS P 88 3.52 61.74 -78.45
N ASP P 89 3.59 60.74 -79.32
CA ASP P 89 4.06 59.42 -78.98
C ASP P 89 5.49 59.30 -79.49
N MET P 90 6.44 59.23 -78.57
CA MET P 90 7.84 59.34 -78.93
C MET P 90 8.71 58.28 -78.28
N HIS P 91 9.89 58.14 -78.86
CA HIS P 91 10.86 57.15 -78.48
C HIS P 91 12.11 57.86 -77.97
N LEU P 92 12.53 57.50 -76.78
CA LEU P 92 13.65 58.16 -76.13
C LEU P 92 14.86 57.27 -76.03
N ILE P 93 16.01 57.92 -76.01
CA ILE P 93 17.32 57.32 -76.11
C ILE P 93 18.06 57.74 -74.85
N THR P 94 19.34 57.42 -74.76
CA THR P 94 20.05 57.17 -73.50
C THR P 94 19.74 58.18 -72.41
N ALA P 95 20.18 59.40 -72.65
CA ALA P 95 20.16 60.43 -71.63
C ALA P 95 18.76 60.97 -71.44
N LYS P 96 18.08 61.26 -72.53
CA LYS P 96 16.70 61.68 -72.44
C LYS P 96 15.85 60.62 -71.79
N LEU P 97 16.24 59.35 -71.94
CA LEU P 97 15.48 58.27 -71.33
C LEU P 97 15.66 58.24 -69.83
N VAL P 98 16.91 58.30 -69.36
CA VAL P 98 17.08 58.29 -67.91
C VAL P 98 16.46 59.52 -67.31
N MET P 99 16.49 60.63 -68.02
CA MET P 99 15.88 61.84 -67.52
C MET P 99 14.38 61.71 -67.41
N ALA P 100 13.75 61.12 -68.41
CA ALA P 100 12.32 60.90 -68.39
C ALA P 100 11.90 59.99 -67.24
N TRP P 101 12.64 58.90 -67.05
CA TRP P 101 12.37 58.03 -65.92
C TRP P 101 12.44 58.80 -64.62
N ARG P 102 13.55 59.52 -64.44
CA ARG P 102 13.76 60.31 -63.24
C ARG P 102 12.62 61.28 -63.03
N GLU P 103 12.14 61.91 -64.10
CA GLU P 103 11.13 62.94 -63.98
C GLU P 103 9.80 62.36 -63.56
N ASP P 104 9.37 61.28 -64.19
CA ASP P 104 8.10 60.71 -63.77
C ASP P 104 8.17 60.18 -62.34
N VAL P 105 9.29 59.58 -61.97
CA VAL P 105 9.48 59.16 -60.60
C VAL P 105 9.35 60.32 -59.63
N ASN P 106 10.08 61.41 -59.87
CA ASN P 106 10.08 62.45 -58.87
C ASN P 106 8.84 63.33 -58.95
N ARG P 107 8.12 63.29 -60.04
CA ARG P 107 6.75 63.76 -60.04
C ARG P 107 5.91 63.01 -59.02
N LEU P 108 5.96 61.68 -59.09
CA LEU P 108 5.25 60.88 -58.10
C LEU P 108 5.70 61.23 -56.69
N ARG P 109 6.99 61.44 -56.51
CA ARG P 109 7.50 61.80 -55.19
C ARG P 109 6.96 63.13 -54.73
N ARG P 110 6.99 64.13 -55.60
CA ARG P 110 6.46 65.45 -55.28
C ARG P 110 5.04 65.39 -54.79
N VAL P 111 4.20 64.60 -55.46
CA VAL P 111 2.83 64.44 -54.99
C VAL P 111 2.70 63.43 -53.86
N ARG P 112 3.80 62.77 -53.48
CA ARG P 112 3.82 61.87 -52.34
C ARG P 112 2.87 60.71 -52.53
N ALA P 113 2.98 60.07 -53.67
CA ALA P 113 2.21 58.88 -53.98
C ALA P 113 2.95 57.63 -53.53
N TYR P 114 2.21 56.53 -53.49
CA TYR P 114 2.74 55.26 -53.02
C TYR P 114 3.94 54.83 -53.83
N ARG P 115 3.86 54.99 -55.14
CA ARG P 115 4.96 54.59 -55.99
C ARG P 115 6.19 55.44 -55.76
N GLY P 116 6.01 56.74 -55.59
CA GLY P 116 7.14 57.60 -55.35
C GLY P 116 7.81 57.31 -54.02
N ILE P 117 7.00 57.13 -52.99
CA ILE P 117 7.51 56.76 -51.68
C ILE P 117 8.29 55.46 -51.75
N ARG P 118 7.74 54.50 -52.47
CA ARG P 118 8.30 53.17 -52.50
C ARG P 118 9.53 53.14 -53.38
N HIS P 119 9.59 54.05 -54.36
CA HIS P 119 10.81 54.29 -55.11
C HIS P 119 11.90 54.85 -54.23
N GLU P 120 11.63 55.96 -53.56
CA GLU P 120 12.65 56.59 -52.75
C GLU P 120 13.13 55.72 -51.60
N LEU P 121 12.31 54.79 -51.15
CA LEU P 121 12.81 53.78 -50.21
C LEU P 121 13.34 52.53 -50.89
N GLY P 122 13.21 52.42 -52.20
CA GLY P 122 13.92 51.39 -52.93
C GLY P 122 13.33 50.01 -52.80
N LEU P 123 12.09 49.93 -52.57
CA LEU P 123 11.39 48.70 -52.35
C LEU P 123 10.50 48.36 -53.54
N PRO P 124 9.91 47.17 -53.57
CA PRO P 124 9.05 46.83 -54.69
C PRO P 124 7.73 47.57 -54.64
N LEU P 125 7.14 47.74 -55.82
CA LEU P 125 5.93 48.54 -55.94
C LEU P 125 4.96 47.98 -56.98
N ARG P 126 5.18 46.79 -57.49
CA ARG P 126 4.32 46.19 -58.49
C ARG P 126 3.61 44.96 -57.95
N GLY P 127 3.20 45.02 -56.68
CA GLY P 127 2.33 44.04 -56.10
C GLY P 127 3.02 42.95 -55.31
N GLN P 128 4.33 42.96 -55.26
CA GLN P 128 5.06 41.89 -54.62
C GLN P 128 4.80 41.85 -53.13
N ARG P 129 5.42 40.88 -52.49
CA ARG P 129 5.27 40.63 -51.07
C ARG P 129 6.43 41.11 -50.23
N THR P 130 7.66 40.78 -50.60
CA THR P 130 8.89 41.34 -50.04
C THR P 130 9.31 40.65 -48.75
N ARG P 131 8.46 39.81 -48.19
CA ARG P 131 8.81 39.13 -46.95
C ARG P 131 9.96 38.15 -47.13
N SER P 132 9.83 37.21 -48.06
CA SER P 132 10.75 36.09 -48.13
C SER P 132 11.81 36.20 -49.22
N ASN P 133 11.61 37.03 -50.24
CA ASN P 133 12.44 36.98 -51.44
C ASN P 133 12.84 38.34 -51.96
N PHE P 134 12.99 39.33 -51.10
CA PHE P 134 13.55 40.62 -51.51
C PHE P 134 14.45 41.08 -50.38
N ARG P 135 15.71 40.66 -50.47
CA ARG P 135 16.65 40.75 -49.37
C ARG P 135 17.96 41.30 -49.93
N HIS P 136 18.34 42.48 -49.47
CA HIS P 136 19.53 43.15 -49.95
C HIS P 136 20.22 43.89 -48.81
N MET Q 1 -39.12 55.41 -30.66
CA MET Q 1 -38.36 54.43 -31.51
C MET Q 1 -38.86 54.41 -32.95
N ALA Q 2 -38.70 55.53 -33.65
CA ALA Q 2 -38.93 55.59 -35.09
C ALA Q 2 -37.58 55.53 -35.79
N LYS Q 3 -37.34 54.46 -36.54
CA LYS Q 3 -36.00 54.17 -37.02
C LYS Q 3 -36.12 53.41 -38.33
N ALA Q 4 -35.04 52.70 -38.71
CA ALA Q 4 -34.99 51.89 -39.92
C ALA Q 4 -34.07 50.70 -39.67
N ASP Q 5 -34.59 49.49 -39.89
CA ASP Q 5 -33.81 48.28 -39.61
C ASP Q 5 -32.72 48.08 -40.65
N TYR Q 6 -31.53 47.72 -40.17
CA TYR Q 6 -30.30 47.74 -40.97
C TYR Q 6 -29.48 46.47 -40.74
N ASN Q 7 -30.10 45.31 -40.94
CA ASN Q 7 -29.34 44.07 -41.01
C ASN Q 7 -28.74 43.86 -42.39
N LYS Q 8 -29.51 44.12 -43.46
CA LYS Q 8 -28.98 44.20 -44.82
C LYS Q 8 -28.28 42.91 -45.24
N ARG Q 9 -29.07 41.84 -45.33
CA ARG Q 9 -28.58 40.58 -45.87
C ARG Q 9 -28.24 40.79 -47.33
N LYS Q 10 -26.99 41.10 -47.62
CA LYS Q 10 -26.62 41.54 -48.94
C LYS Q 10 -26.52 40.35 -49.90
N PRO Q 11 -27.11 40.43 -51.11
CA PRO Q 11 -27.13 39.27 -52.00
C PRO Q 11 -25.88 39.15 -52.86
N ARG Q 12 -24.82 38.57 -52.31
CA ARG Q 12 -23.65 38.26 -53.10
C ARG Q 12 -24.01 37.33 -54.26
N LYS Q 13 -23.36 37.54 -55.40
CA LYS Q 13 -23.58 36.73 -56.58
C LYS Q 13 -22.36 35.93 -56.98
N PHE Q 14 -21.17 36.39 -56.64
CA PHE Q 14 -19.97 35.59 -56.75
C PHE Q 14 -19.20 35.74 -55.46
N GLY Q 15 -18.54 34.66 -55.06
CA GLY Q 15 -17.69 34.67 -53.89
C GLY Q 15 -17.96 33.56 -52.91
N LYS Q 16 -16.98 33.42 -52.04
CA LYS Q 16 -17.03 32.46 -50.95
C LYS Q 16 -18.18 32.74 -50.01
N GLY Q 17 -18.72 33.96 -50.03
CA GLY Q 17 -19.94 34.29 -49.36
C GLY Q 17 -21.17 34.01 -50.17
N ALA Q 18 -21.02 33.98 -51.49
CA ALA Q 18 -22.12 33.63 -52.36
C ALA Q 18 -22.49 32.17 -52.20
N ARG Q 19 -21.50 31.31 -52.07
CA ARG Q 19 -21.74 29.89 -52.01
C ARG Q 19 -21.64 29.36 -50.59
N ARG Q 20 -22.59 28.50 -50.25
CA ARG Q 20 -22.78 28.01 -48.90
C ARG Q 20 -23.26 26.57 -48.96
N CYS Q 21 -22.71 25.73 -48.10
CA CYS Q 21 -23.13 24.35 -48.10
C CYS Q 21 -24.59 24.32 -47.69
N VAL Q 22 -25.36 23.46 -48.34
CA VAL Q 22 -26.77 23.28 -48.05
C VAL Q 22 -27.02 22.54 -46.76
N ARG Q 23 -26.01 21.84 -46.22
CA ARG Q 23 -26.10 21.12 -44.96
C ARG Q 23 -25.62 22.00 -43.82
N CYS Q 24 -24.33 21.94 -43.52
CA CYS Q 24 -23.75 22.73 -42.43
C CYS Q 24 -23.81 24.26 -42.60
N GLY Q 25 -23.56 24.75 -43.80
CA GLY Q 25 -23.61 26.19 -44.04
C GLY Q 25 -22.25 26.86 -44.15
N GLN Q 26 -21.22 26.05 -44.39
CA GLN Q 26 -19.86 26.50 -44.53
C GLN Q 26 -19.70 27.24 -45.84
N TYR Q 27 -18.73 28.15 -45.89
CA TYR Q 27 -18.60 29.09 -46.99
C TYR Q 27 -17.47 28.79 -47.95
N GLY Q 28 -16.45 28.06 -47.54
CA GLY Q 28 -15.27 27.89 -48.34
C GLY Q 28 -15.25 26.65 -49.19
N PRO Q 29 -14.69 25.58 -48.66
CA PRO Q 29 -14.41 24.40 -49.49
C PRO Q 29 -15.67 23.69 -49.93
N VAL Q 30 -16.31 24.27 -50.91
CA VAL Q 30 -17.61 23.83 -51.37
C VAL Q 30 -17.46 23.15 -52.72
N ILE Q 31 -18.15 22.04 -52.88
CA ILE Q 31 -18.10 21.25 -54.10
C ILE Q 31 -19.21 21.70 -55.03
N ARG Q 32 -18.84 22.07 -56.24
CA ARG Q 32 -19.80 22.54 -57.21
C ARG Q 32 -19.43 22.05 -58.60
N VAL Q 33 -19.21 20.76 -58.74
CA VAL Q 33 -18.64 20.22 -59.97
C VAL Q 33 -19.73 19.84 -60.96
N HIS Q 34 -20.82 19.29 -60.45
CA HIS Q 34 -21.90 18.78 -61.29
C HIS Q 34 -23.23 19.17 -60.68
N GLY Q 35 -23.31 20.41 -60.22
CA GLY Q 35 -24.51 20.92 -59.62
C GLY Q 35 -24.59 20.74 -58.13
N LEU Q 36 -23.57 20.18 -57.51
CA LEU Q 36 -23.53 20.06 -56.08
C LEU Q 36 -23.29 21.42 -55.43
N MET Q 37 -23.60 21.51 -54.15
CA MET Q 37 -23.13 22.61 -53.31
C MET Q 37 -23.01 22.04 -51.90
N LEU Q 38 -21.82 21.54 -51.60
CA LEU Q 38 -21.58 20.76 -50.40
C LEU Q 38 -20.16 20.98 -49.92
N CYS Q 39 -19.98 21.02 -48.60
CA CYS Q 39 -18.65 21.16 -48.06
C CYS Q 39 -18.01 19.79 -48.18
N ARG Q 40 -16.70 19.78 -48.44
CA ARG Q 40 -15.93 18.56 -48.64
C ARG Q 40 -16.16 17.55 -47.53
N HIS Q 41 -16.31 18.06 -46.32
CA HIS Q 41 -16.56 17.23 -45.15
C HIS Q 41 -17.87 16.48 -45.27
N CYS Q 42 -18.94 17.25 -45.52
CA CYS Q 42 -20.27 16.67 -45.66
C CYS Q 42 -20.29 15.65 -46.78
N PHE Q 43 -19.74 16.02 -47.93
CA PHE Q 43 -19.70 15.12 -49.07
C PHE Q 43 -19.03 13.82 -48.70
N ARG Q 44 -17.90 13.89 -48.04
CA ARG Q 44 -17.26 12.66 -47.62
C ARG Q 44 -18.13 11.87 -46.68
N GLU Q 45 -18.98 12.55 -45.92
CA GLU Q 45 -19.83 11.84 -44.97
C GLU Q 45 -20.98 11.12 -45.67
N ILE Q 46 -21.50 11.66 -46.77
CA ILE Q 46 -22.78 11.22 -47.32
C ILE Q 46 -22.68 10.62 -48.70
N ALA Q 47 -21.52 10.69 -49.34
CA ALA Q 47 -21.39 10.24 -50.73
C ALA Q 47 -22.01 8.87 -51.01
N PRO Q 48 -21.90 7.88 -50.13
CA PRO Q 48 -22.59 6.63 -50.40
C PRO Q 48 -24.08 6.77 -50.53
N LYS Q 49 -24.69 7.63 -49.72
CA LYS Q 49 -26.12 7.83 -49.77
C LYS Q 49 -26.55 8.45 -51.08
N LEU Q 50 -25.68 9.22 -51.70
CA LEU Q 50 -25.93 9.75 -53.02
C LEU Q 50 -25.64 8.74 -54.11
N GLY Q 51 -24.88 7.70 -53.79
CA GLY Q 51 -24.57 6.66 -54.74
C GLY Q 51 -23.13 6.62 -55.16
N PHE Q 52 -22.33 7.55 -54.68
CA PHE Q 52 -20.91 7.57 -54.95
C PHE Q 52 -20.23 6.43 -54.24
N LYS Q 53 -19.38 5.73 -54.96
CA LYS Q 53 -18.65 4.59 -54.42
C LYS Q 53 -17.17 4.83 -54.52
N LYS Q 54 -16.41 4.03 -53.78
CA LYS Q 54 -14.98 4.23 -53.61
C LYS Q 54 -14.17 3.12 -54.23
N TYR Q 55 -14.58 2.63 -55.39
CA TYR Q 55 -13.74 1.70 -56.13
C TYR Q 55 -12.75 2.50 -56.93
N GLU Q 56 -11.51 2.05 -56.94
CA GLU Q 56 -10.42 2.84 -57.49
C GLU Q 56 -9.41 2.02 -58.25
N MET R 1 35.33 -44.47 10.44
CA MET R 1 35.09 -43.98 11.78
C MET R 1 36.13 -42.90 12.03
N ALA R 2 36.32 -42.07 11.00
CA ALA R 2 37.00 -40.78 11.11
C ALA R 2 36.27 -39.81 11.97
N ARG R 3 35.04 -40.13 12.30
CA ARG R 3 34.28 -39.43 13.29
C ARG R 3 35.16 -39.11 14.48
N MET R 4 34.84 -38.05 15.19
CA MET R 4 35.77 -37.53 16.17
C MET R 4 36.96 -36.93 15.44
N HIS R 5 36.74 -35.71 14.98
CA HIS R 5 37.68 -34.77 14.38
C HIS R 5 37.81 -34.81 12.87
N ALA R 6 37.09 -35.67 12.19
CA ALA R 6 37.09 -35.63 10.73
C ALA R 6 35.73 -35.85 10.12
N ARG R 7 34.82 -36.51 10.81
CA ARG R 7 33.42 -36.58 10.43
C ARG R 7 33.20 -37.22 9.08
N LYS R 8 34.08 -38.14 8.70
CA LYS R 8 33.87 -39.01 7.57
C LYS R 8 33.20 -40.29 8.03
N ARG R 9 32.27 -40.77 7.23
CA ARG R 9 31.41 -41.90 7.60
C ARG R 9 32.01 -43.20 7.12
N GLY R 10 33.29 -43.38 7.43
CA GLY R 10 33.99 -44.60 7.11
C GLY R 10 33.40 -45.81 7.80
N LYS R 11 33.31 -46.91 7.05
CA LYS R 11 32.68 -48.14 7.49
C LYS R 11 33.61 -49.34 7.46
N SER R 12 34.88 -49.15 7.08
CA SER R 12 35.86 -50.22 7.16
C SER R 12 35.86 -50.87 8.54
N GLY R 13 35.89 -52.19 8.53
CA GLY R 13 35.94 -52.91 9.78
C GLY R 13 35.71 -54.39 9.56
N SER R 14 35.53 -55.06 10.68
CA SER R 14 35.31 -56.48 10.73
C SER R 14 33.82 -56.80 10.80
N LYS R 15 33.49 -57.95 10.24
CA LYS R 15 32.13 -58.46 10.18
C LYS R 15 32.10 -59.83 10.82
N ARG R 16 32.05 -59.87 12.14
CA ARG R 16 32.01 -61.14 12.83
C ARG R 16 30.66 -61.80 12.59
N PRO R 17 30.63 -63.07 12.18
CA PRO R 17 29.36 -63.73 11.98
C PRO R 17 28.80 -64.19 13.31
N PRO R 18 27.48 -64.27 13.45
CA PRO R 18 26.90 -64.70 14.72
C PRO R 18 27.25 -66.16 15.00
N ARG R 19 27.89 -66.38 16.14
CA ARG R 19 28.42 -67.68 16.49
C ARG R 19 28.16 -67.92 17.97
N THR R 20 27.21 -68.79 18.25
CA THR R 20 26.96 -69.27 19.60
C THR R 20 27.97 -70.30 20.05
N ALA R 21 28.65 -70.95 19.11
CA ALA R 21 29.59 -72.01 19.39
C ALA R 21 30.80 -71.86 18.49
N PRO R 22 31.93 -72.44 18.87
CA PRO R 22 33.12 -72.31 18.05
C PRO R 22 33.00 -73.13 16.77
N PRO R 23 33.87 -72.87 15.80
CA PRO R 23 33.83 -73.67 14.57
C PRO R 23 34.44 -75.04 14.79
N THR R 24 33.98 -76.00 14.00
CA THR R 24 34.47 -77.36 14.14
C THR R 24 35.79 -77.58 13.44
N TRP R 25 36.12 -76.76 12.46
CA TRP R 25 37.38 -76.88 11.75
C TRP R 25 38.58 -76.49 12.60
N VAL R 26 38.35 -75.91 13.77
CA VAL R 26 39.45 -75.40 14.58
C VAL R 26 40.14 -76.55 15.30
N GLU R 27 41.46 -76.50 15.32
CA GLU R 27 42.26 -77.58 15.88
C GLU R 27 42.48 -77.41 17.36
N TYR R 28 42.78 -76.19 17.81
CA TYR R 28 43.33 -75.93 19.13
C TYR R 28 42.23 -75.86 20.18
N THR R 29 42.59 -76.25 21.40
CA THR R 29 41.72 -76.10 22.56
C THR R 29 42.05 -74.81 23.30
N ALA R 30 41.18 -74.46 24.23
CA ALA R 30 41.33 -73.27 25.04
C ALA R 30 42.68 -73.19 25.72
N GLU R 31 43.19 -74.29 26.23
CA GLU R 31 44.44 -74.32 26.98
C GLU R 31 45.64 -73.97 26.13
N GLU R 32 45.81 -74.66 25.01
CA GLU R 32 46.92 -74.36 24.13
C GLU R 32 46.75 -73.01 23.45
N VAL R 33 45.52 -72.56 23.26
CA VAL R 33 45.31 -71.21 22.77
C VAL R 33 45.84 -70.18 23.77
N GLU R 34 45.51 -70.37 25.04
CA GLU R 34 46.07 -69.53 26.10
C GLU R 34 47.59 -69.59 26.07
N GLY R 35 48.15 -70.78 25.89
CA GLY R 35 49.59 -70.89 25.84
C GLY R 35 50.19 -70.09 24.71
N LEU R 36 49.50 -70.07 23.57
CA LEU R 36 49.99 -69.30 22.42
C LEU R 36 49.91 -67.81 22.70
N VAL R 37 48.83 -67.38 23.33
CA VAL R 37 48.69 -65.98 23.72
C VAL R 37 49.86 -65.56 24.59
N VAL R 38 50.18 -66.39 25.59
CA VAL R 38 51.24 -66.04 26.52
C VAL R 38 52.58 -66.07 25.82
N LYS R 39 52.80 -67.04 24.94
CA LYS R 39 54.01 -67.12 24.16
C LYS R 39 54.24 -65.86 23.36
N LEU R 40 53.21 -65.39 22.68
CA LEU R 40 53.33 -64.22 21.85
C LEU R 40 53.50 -62.94 22.65
N ARG R 41 52.88 -62.85 23.82
CA ARG R 41 53.14 -61.69 24.66
C ARG R 41 54.59 -61.67 25.12
N LYS R 42 55.16 -62.84 25.38
CA LYS R 42 56.58 -62.89 25.71
C LYS R 42 57.45 -62.55 24.52
N GLU R 43 57.06 -62.94 23.31
CA GLU R 43 57.67 -62.44 22.09
C GLU R 43 57.54 -60.94 21.92
N GLY R 44 56.61 -60.32 22.64
CA GLY R 44 56.55 -58.87 22.72
C GLY R 44 55.43 -58.24 21.94
N TYR R 45 54.41 -59.01 21.59
CA TYR R 45 53.31 -58.51 20.79
C TYR R 45 52.17 -58.01 21.68
N SER R 46 51.57 -56.92 21.25
CA SER R 46 50.34 -56.43 21.83
C SER R 46 49.20 -57.41 21.60
N ALA R 47 48.11 -57.20 22.31
CA ALA R 47 46.96 -58.08 22.21
C ALA R 47 46.33 -58.06 20.84
N ALA R 48 46.26 -56.88 20.22
CA ALA R 48 45.74 -56.77 18.88
C ALA R 48 46.58 -57.56 17.89
N MET R 49 47.89 -57.42 17.99
CA MET R 49 48.79 -58.19 17.14
C MET R 49 48.69 -59.67 17.42
N ILE R 50 48.45 -60.05 18.67
CA ILE R 50 48.30 -61.46 19.00
C ILE R 50 47.08 -62.03 18.31
N GLY R 51 45.94 -61.36 18.43
CA GLY R 51 44.75 -61.81 17.74
C GLY R 51 44.95 -61.86 16.25
N THR R 52 45.72 -60.93 15.71
CA THR R 52 45.97 -60.89 14.28
C THR R 52 46.78 -62.11 13.85
N ILE R 53 47.80 -62.43 14.62
CA ILE R 53 48.66 -63.56 14.30
C ILE R 53 47.91 -64.88 14.47
N LEU R 54 47.09 -64.99 15.51
CA LEU R 54 46.32 -66.21 15.69
C LEU R 54 45.25 -66.37 14.63
N ARG R 55 44.78 -65.28 14.06
CA ARG R 55 43.84 -65.33 12.96
C ARG R 55 44.51 -65.72 11.67
N ASP R 56 45.71 -65.20 11.40
CA ASP R 56 46.35 -65.38 10.12
C ASP R 56 47.14 -66.68 10.06
N GLN R 57 47.94 -66.97 11.08
CA GLN R 57 48.74 -68.19 11.09
C GLN R 57 47.97 -69.40 11.58
N TYR R 58 47.51 -69.36 12.82
CA TYR R 58 46.98 -70.54 13.47
C TYR R 58 45.51 -70.79 13.15
N GLY R 59 44.89 -69.90 12.40
CA GLY R 59 43.51 -70.09 12.04
C GLY R 59 42.55 -70.09 13.19
N ILE R 60 42.80 -69.26 14.19
CA ILE R 60 41.95 -69.16 15.37
C ILE R 60 41.06 -67.94 15.20
N PRO R 61 39.77 -68.10 14.94
CA PRO R 61 38.87 -66.97 15.00
C PRO R 61 38.34 -66.76 16.40
N SER R 62 38.50 -65.56 16.93
CA SER R 62 37.85 -65.23 18.18
C SER R 62 38.24 -66.15 19.33
N VAL R 63 39.45 -65.95 19.82
CA VAL R 63 39.90 -66.44 21.12
C VAL R 63 38.79 -66.40 22.16
N LYS R 64 37.95 -65.38 22.13
CA LYS R 64 36.77 -65.36 22.98
C LYS R 64 35.86 -66.53 22.69
N LEU R 65 35.58 -66.80 21.42
CA LEU R 65 34.75 -67.97 21.10
C LEU R 65 35.37 -69.23 21.65
N ILE R 66 36.68 -69.38 21.45
CA ILE R 66 37.33 -70.63 21.81
C ILE R 66 37.36 -70.80 23.32
N THR R 67 38.03 -69.88 24.00
CA THR R 67 38.32 -70.04 25.42
C THR R 67 37.15 -69.64 26.30
N GLY R 68 36.39 -68.64 25.87
CA GLY R 68 35.44 -67.98 26.71
C GLY R 68 35.99 -66.75 27.38
N LYS R 69 37.21 -66.34 27.05
CA LYS R 69 37.89 -65.25 27.70
C LYS R 69 38.54 -64.36 26.66
N LYS R 70 38.93 -63.17 27.11
CA LYS R 70 39.61 -62.23 26.26
C LYS R 70 41.12 -62.30 26.45
N ILE R 71 41.82 -61.74 25.49
CA ILE R 71 43.27 -61.81 25.46
C ILE R 71 43.86 -61.05 26.63
N THR R 72 43.32 -59.90 26.95
CA THR R 72 43.86 -59.16 28.08
C THR R 72 43.51 -59.83 29.40
N LYS R 73 42.39 -60.53 29.44
CA LYS R 73 42.06 -61.33 30.62
C LYS R 73 43.08 -62.44 30.82
N ILE R 74 43.41 -63.14 29.73
CA ILE R 74 44.44 -64.17 29.77
C ILE R 74 45.76 -63.58 30.23
N LEU R 75 46.13 -62.42 29.70
CA LEU R 75 47.38 -61.79 30.06
C LEU R 75 47.42 -61.42 31.54
N GLU R 76 46.36 -60.78 32.06
CA GLU R 76 46.35 -60.44 33.47
C GLU R 76 46.32 -61.68 34.36
N GLU R 77 45.73 -62.78 33.89
CA GLU R 77 45.80 -64.02 34.64
C GLU R 77 47.22 -64.55 34.72
N ASN R 78 47.95 -64.57 33.61
CA ASN R 78 49.33 -65.00 33.60
C ASN R 78 50.29 -63.89 33.97
N GLY R 79 49.78 -62.78 34.51
CA GLY R 79 50.63 -61.74 35.03
C GLY R 79 51.40 -60.97 33.99
N LEU R 80 50.85 -60.81 32.79
CA LEU R 80 51.56 -60.22 31.66
C LEU R 80 50.83 -59.04 31.06
N ALA R 81 49.67 -58.69 31.58
CA ALA R 81 48.92 -57.60 31.00
C ALA R 81 49.66 -56.28 31.21
N PRO R 82 49.51 -55.33 30.30
CA PRO R 82 50.26 -54.09 30.40
C PRO R 82 49.80 -53.25 31.58
N GLN R 83 50.74 -52.45 32.08
CA GLN R 83 50.45 -51.62 33.24
C GLN R 83 49.35 -50.62 32.90
N ILE R 84 49.60 -49.75 31.94
CA ILE R 84 48.57 -48.88 31.41
C ILE R 84 48.01 -49.55 30.16
N PRO R 85 46.78 -49.25 29.76
CA PRO R 85 46.22 -49.91 28.58
C PRO R 85 46.90 -49.52 27.27
N GLU R 86 46.74 -50.42 26.31
CA GLU R 86 47.54 -50.41 25.09
C GLU R 86 47.21 -49.22 24.21
N ASP R 87 45.93 -48.94 24.05
CA ASP R 87 45.51 -47.84 23.20
C ASP R 87 46.00 -46.50 23.71
N LEU R 88 45.89 -46.27 25.00
CA LEU R 88 46.47 -45.10 25.63
C LEU R 88 47.97 -45.06 25.43
N MET R 89 48.63 -46.19 25.65
CA MET R 89 50.07 -46.25 25.45
C MET R 89 50.45 -45.83 24.05
N ALA R 90 49.75 -46.36 23.06
CA ALA R 90 50.00 -46.05 21.67
C ALA R 90 49.86 -44.57 21.39
N LEU R 91 48.77 -43.98 21.88
CA LEU R 91 48.58 -42.55 21.71
C LEU R 91 49.71 -41.76 22.34
N ILE R 92 50.16 -42.17 23.52
CA ILE R 92 51.21 -41.43 24.20
C ILE R 92 52.51 -41.51 23.43
N ARG R 93 52.82 -42.67 22.88
CA ARG R 93 54.02 -42.79 22.08
C ARG R 93 53.97 -41.88 20.86
N LYS R 94 52.82 -41.86 20.19
CA LYS R 94 52.63 -40.93 19.08
C LYS R 94 52.86 -39.50 19.51
N ALA R 95 52.24 -39.09 20.60
CA ALA R 95 52.38 -37.72 21.09
C ALA R 95 53.81 -37.38 21.42
N VAL R 96 54.58 -38.29 21.97
CA VAL R 96 55.96 -37.98 22.34
C VAL R 96 56.80 -37.79 21.09
N ASN R 97 56.68 -38.71 20.13
CA ASN R 97 57.40 -38.58 18.88
C ASN R 97 57.06 -37.26 18.19
N LEU R 98 55.80 -36.86 18.28
CA LEU R 98 55.36 -35.63 17.65
C LEU R 98 55.87 -34.41 18.37
N ARG R 99 55.95 -34.48 19.70
CA ARG R 99 56.57 -33.41 20.47
C ARG R 99 57.98 -33.16 19.99
N LYS R 100 58.74 -34.23 19.82
CA LYS R 100 60.10 -34.13 19.32
C LYS R 100 60.13 -33.45 17.94
N HIS R 101 59.35 -33.98 17.00
CA HIS R 101 59.24 -33.35 15.69
C HIS R 101 58.95 -31.86 15.80
N LEU R 102 57.97 -31.50 16.62
CA LEU R 102 57.54 -30.12 16.70
C LEU R 102 58.53 -29.22 17.41
N GLU R 103 59.36 -29.75 18.30
CA GLU R 103 60.45 -28.93 18.80
C GLU R 103 61.46 -28.61 17.71
N MET R 104 61.77 -29.58 16.84
CA MET R 104 62.69 -29.25 15.75
C MET R 104 62.02 -28.58 14.56
N HIS R 105 60.69 -28.49 14.56
CA HIS R 105 59.92 -27.95 13.44
C HIS R 105 58.76 -27.13 13.99
N PRO R 106 59.00 -25.89 14.39
CA PRO R 106 57.96 -25.14 15.08
C PRO R 106 56.82 -24.68 14.18
N LYS R 107 57.06 -24.54 12.90
CA LYS R 107 56.08 -23.96 11.99
C LYS R 107 55.16 -25.00 11.37
N ASP R 108 55.32 -26.28 11.71
CA ASP R 108 54.40 -27.32 11.25
C ASP R 108 53.17 -27.32 12.15
N ARG R 109 52.32 -26.34 11.90
CA ARG R 109 51.09 -26.15 12.66
C ARG R 109 50.05 -27.21 12.37
N HIS R 110 50.08 -27.83 11.21
CA HIS R 110 49.13 -28.88 10.90
C HIS R 110 49.39 -30.14 11.71
N SER R 111 50.65 -30.54 11.79
CA SER R 111 51.06 -31.57 12.71
C SER R 111 50.85 -31.18 14.16
N MET R 112 51.01 -29.89 14.49
CA MET R 112 50.63 -29.42 15.81
C MET R 112 49.16 -29.66 16.12
N ARG R 113 48.29 -29.43 15.15
CA ARG R 113 46.89 -29.76 15.35
C ARG R 113 46.68 -31.24 15.55
N GLY R 114 47.37 -32.06 14.75
CA GLY R 114 47.29 -33.50 14.97
C GLY R 114 47.69 -33.89 16.38
N LEU R 115 48.69 -33.21 16.92
CA LEU R 115 49.08 -33.43 18.30
C LEU R 115 47.96 -33.04 19.25
N GLN R 116 47.37 -31.88 19.04
CA GLN R 116 46.26 -31.45 19.88
C GLN R 116 45.15 -32.47 19.90
N LEU R 117 44.77 -32.99 18.74
CA LEU R 117 43.70 -33.98 18.68
C LEU R 117 44.12 -35.28 19.34
N THR R 118 45.39 -35.64 19.20
CA THR R 118 45.90 -36.83 19.84
C THR R 118 45.80 -36.73 21.35
N GLU R 119 46.22 -35.61 21.90
CA GLU R 119 46.12 -35.35 23.32
C GLU R 119 44.69 -35.22 23.80
N SER R 120 43.79 -34.74 22.95
CA SER R 120 42.37 -34.76 23.28
C SER R 120 41.87 -36.18 23.48
N LYS R 121 42.17 -37.06 22.54
CA LYS R 121 41.87 -38.47 22.70
C LYS R 121 42.45 -39.05 23.97
N ILE R 122 43.72 -38.72 24.26
CA ILE R 122 44.34 -39.15 25.50
C ILE R 122 43.50 -38.73 26.68
N ARG R 123 43.11 -37.47 26.74
CA ARG R 123 42.38 -36.96 27.88
C ARG R 123 41.05 -37.68 28.04
N ARG R 124 40.37 -37.95 26.94
CA ARG R 124 39.12 -38.70 26.96
C ARG R 124 39.31 -40.07 27.56
N LEU R 125 40.27 -40.82 27.05
CA LEU R 125 40.49 -42.16 27.55
C LEU R 125 40.94 -42.17 28.99
N VAL R 126 41.74 -41.19 29.38
CA VAL R 126 42.15 -41.07 30.77
C VAL R 126 40.96 -40.89 31.67
N LYS R 127 40.07 -39.98 31.30
CA LYS R 127 38.83 -39.80 32.04
C LYS R 127 38.09 -41.11 32.21
N TYR R 128 37.93 -41.86 31.13
CA TYR R 128 37.19 -43.11 31.19
C TYR R 128 37.89 -44.15 32.04
N TYR R 129 39.22 -44.25 31.93
CA TYR R 129 39.95 -45.27 32.65
C TYR R 129 40.11 -44.94 34.11
N ARG R 130 40.19 -43.66 34.46
CA ARG R 130 40.07 -43.28 35.85
C ARG R 130 38.71 -43.69 36.39
N ARG R 131 37.66 -43.46 35.62
CA ARG R 131 36.32 -43.78 36.08
C ARG R 131 36.12 -45.27 36.28
N THR R 132 36.84 -46.08 35.52
CA THR R 132 36.69 -47.53 35.58
C THR R 132 37.78 -48.21 36.38
N GLY R 133 38.78 -47.49 36.85
CA GLY R 133 39.79 -48.03 37.72
C GLY R 133 41.04 -48.53 37.05
N LYS R 134 41.06 -48.60 35.72
CA LYS R 134 42.23 -49.13 35.04
C LYS R 134 43.44 -48.22 35.20
N LEU R 135 43.24 -47.01 35.63
CA LEU R 135 44.28 -46.13 36.10
C LEU R 135 43.95 -45.66 37.50
N PRO R 136 44.94 -45.25 38.29
CA PRO R 136 44.64 -44.50 39.49
C PRO R 136 43.88 -43.22 39.19
N ALA R 137 43.18 -42.72 40.19
CA ALA R 137 42.44 -41.47 40.04
C ALA R 137 43.38 -40.30 39.83
N LYS R 138 44.52 -40.30 40.52
CA LYS R 138 45.51 -39.24 40.45
C LYS R 138 46.32 -39.25 39.16
N TRP R 139 46.08 -40.20 38.27
CA TRP R 139 46.80 -40.22 37.01
C TRP R 139 46.41 -39.04 36.16
N ARG R 140 47.39 -38.52 35.43
CA ARG R 140 47.17 -37.37 34.59
C ARG R 140 48.24 -37.35 33.51
N TYR R 141 47.83 -37.07 32.29
CA TYR R 141 48.78 -36.94 31.19
C TYR R 141 49.64 -35.71 31.39
N ASP R 142 50.93 -35.88 31.13
CA ASP R 142 51.84 -34.81 31.07
C ASP R 142 52.87 -35.22 30.04
N PRO R 143 53.31 -34.32 29.16
CA PRO R 143 54.30 -34.71 28.15
C PRO R 143 55.61 -35.24 28.71
N GLU R 144 56.21 -34.57 29.69
CA GLU R 144 57.51 -35.02 30.20
C GLU R 144 57.41 -36.32 30.98
N GLN R 145 56.42 -36.44 31.87
CA GLN R 145 56.19 -37.69 32.55
C GLN R 145 55.90 -38.81 31.59
N ALA R 146 55.21 -38.51 30.50
CA ALA R 146 54.91 -39.50 29.49
C ALA R 146 56.16 -39.91 28.71
N LYS R 147 57.07 -38.96 28.51
CA LYS R 147 58.35 -39.28 27.91
C LYS R 147 59.10 -40.28 28.77
N LEU R 148 59.20 -40.00 30.07
CA LEU R 148 59.82 -40.95 30.98
C LEU R 148 59.11 -42.30 30.93
N LEU R 149 57.78 -42.26 30.83
CA LEU R 149 56.97 -43.46 30.78
C LEU R 149 57.34 -44.34 29.59
N VAL R 150 57.23 -43.79 28.38
CA VAL R 150 57.65 -44.50 27.17
C VAL R 150 59.08 -44.99 27.31
N ARG R 151 59.93 -44.21 27.98
CA ARG R 151 61.35 -44.51 28.05
C ARG R 151 61.75 -44.90 29.46
N MET S 1 22.07 -47.35 76.42
CA MET S 1 22.32 -46.32 75.43
C MET S 1 21.02 -45.77 74.87
N ARG S 2 20.96 -44.46 74.68
CA ARG S 2 19.69 -43.84 74.38
C ARG S 2 19.28 -44.11 72.93
N GLU S 3 18.03 -43.78 72.63
CA GLU S 3 17.30 -44.34 71.52
C GLU S 3 16.58 -43.25 70.73
N ILE S 4 17.32 -42.21 70.36
CA ILE S 4 16.74 -41.03 69.73
C ILE S 4 15.81 -41.46 68.61
N GLY S 5 14.78 -40.66 68.38
CA GLY S 5 13.50 -41.13 67.86
C GLY S 5 13.53 -41.84 66.54
N LEU S 6 14.62 -41.78 65.79
CA LEU S 6 14.70 -42.37 64.48
C LEU S 6 15.72 -43.51 64.49
N LYS S 7 15.25 -44.70 64.14
CA LYS S 7 15.98 -45.93 64.41
C LYS S 7 17.16 -46.04 63.46
N VAL S 8 18.35 -45.86 64.01
CA VAL S 8 19.59 -45.95 63.25
C VAL S 8 20.71 -46.15 64.25
N GLN S 9 21.81 -46.69 63.78
CA GLN S 9 22.81 -47.21 64.69
C GLN S 9 23.56 -46.05 65.34
N PRO S 10 23.78 -46.07 66.64
CA PRO S 10 24.55 -45.02 67.25
C PRO S 10 26.02 -45.19 66.96
N PRO S 11 26.82 -44.21 67.33
CA PRO S 11 28.26 -44.33 67.16
C PRO S 11 28.83 -45.36 68.12
N ALA S 12 30.11 -45.63 67.95
CA ALA S 12 30.79 -46.60 68.78
C ALA S 12 31.31 -45.95 70.06
N GLU S 13 32.09 -44.88 69.92
CA GLU S 13 32.62 -44.21 71.08
C GLU S 13 31.60 -43.24 71.66
N LYS S 14 31.70 -43.02 72.97
CA LYS S 14 30.76 -42.19 73.71
C LYS S 14 31.54 -41.13 74.47
N CYS S 15 31.92 -40.07 73.75
CA CYS S 15 32.49 -38.87 74.34
C CYS S 15 32.33 -37.77 73.31
N ASP S 16 31.65 -36.70 73.67
CA ASP S 16 31.25 -35.70 72.69
C ASP S 16 31.00 -34.39 73.43
N ASP S 17 30.52 -33.42 72.68
CA ASP S 17 30.06 -32.15 73.24
C ASP S 17 28.61 -32.29 73.66
N PRO S 18 28.09 -31.31 74.40
CA PRO S 18 26.65 -31.30 74.69
C PRO S 18 25.78 -31.07 73.48
N HIS S 19 26.37 -30.70 72.35
CA HIS S 19 25.63 -30.55 71.11
C HIS S 19 25.61 -31.81 70.29
N CYS S 20 25.80 -32.96 70.92
CA CYS S 20 25.57 -34.23 70.27
C CYS S 20 24.24 -34.83 70.74
N PRO S 21 23.42 -35.36 69.84
CA PRO S 21 22.16 -35.94 70.27
C PRO S 21 22.28 -37.12 71.19
N TRP S 22 23.25 -38.00 70.99
CA TRP S 22 23.31 -39.25 71.74
C TRP S 22 24.01 -39.11 73.07
N HIS S 23 25.14 -38.43 73.09
CA HIS S 23 25.97 -38.33 74.27
C HIS S 23 25.81 -37.00 74.99
N GLY S 24 25.25 -36.01 74.32
CA GLY S 24 24.98 -34.72 74.91
C GLY S 24 23.52 -34.53 75.22
N HIS S 25 23.13 -33.28 75.35
CA HIS S 25 21.78 -32.90 75.72
C HIS S 25 21.00 -32.33 74.55
N LEU S 26 21.60 -32.28 73.37
CA LEU S 26 20.92 -31.82 72.19
C LEU S 26 19.77 -32.73 71.82
N ARG S 27 18.69 -32.13 71.39
CA ARG S 27 17.48 -32.81 70.99
C ARG S 27 17.24 -32.59 69.51
N ILE S 28 16.50 -33.50 68.91
CA ILE S 28 16.17 -33.42 67.51
C ILE S 28 14.67 -33.55 67.38
N HIS S 29 14.12 -32.80 66.45
CA HIS S 29 12.70 -32.64 66.28
C HIS S 29 12.47 -32.13 64.87
N GLY S 30 11.38 -32.55 64.27
CA GLY S 30 11.07 -32.12 62.94
C GLY S 30 11.48 -33.08 61.86
N ARG S 31 12.18 -32.56 60.87
CA ARG S 31 12.42 -33.27 59.64
C ARG S 31 13.84 -33.81 59.60
N TYR S 32 14.01 -34.85 58.79
CA TYR S 32 15.26 -35.55 58.67
C TYR S 32 15.40 -36.03 57.25
N PHE S 33 16.62 -35.99 56.74
CA PHE S 33 16.90 -36.47 55.40
C PHE S 33 18.31 -36.96 55.31
N GLU S 34 18.56 -37.74 54.27
CA GLU S 34 19.89 -38.14 53.88
C GLU S 34 20.46 -37.15 52.88
N GLY S 35 21.75 -36.94 52.97
CA GLY S 35 22.41 -36.04 52.06
C GLY S 35 23.88 -36.35 51.95
N ILE S 36 24.53 -35.63 51.05
CA ILE S 36 25.94 -35.83 50.74
C ILE S 36 26.73 -34.65 51.27
N VAL S 37 27.85 -34.95 51.91
CA VAL S 37 28.72 -33.92 52.46
C VAL S 37 29.55 -33.33 51.34
N VAL S 38 29.67 -32.01 51.33
CA VAL S 38 30.43 -31.27 50.34
C VAL S 38 31.46 -30.36 50.96
N SER S 39 31.52 -30.28 52.28
CA SER S 39 32.56 -29.55 52.97
C SER S 39 32.64 -30.07 54.39
N ASP S 40 33.86 -30.17 54.90
CA ASP S 40 34.11 -30.64 56.25
C ASP S 40 35.21 -29.81 56.90
N LYS S 41 35.34 -28.56 56.50
CA LYS S 41 36.44 -27.73 56.95
C LYS S 41 36.23 -27.24 58.37
N GLY S 42 35.08 -26.61 58.62
CA GLY S 42 34.84 -26.03 59.91
C GLY S 42 34.80 -27.06 61.02
N LYS S 43 35.27 -26.65 62.19
CA LYS S 43 35.26 -27.52 63.34
C LYS S 43 33.82 -27.86 63.69
N LYS S 44 33.52 -29.15 63.69
CA LYS S 44 32.20 -29.65 64.03
C LYS S 44 31.13 -29.09 63.13
N THR S 45 31.47 -28.82 61.88
CA THR S 45 30.55 -28.20 60.94
C THR S 45 30.81 -28.76 59.54
N VAL S 46 29.79 -29.37 58.97
CA VAL S 46 29.81 -29.82 57.60
C VAL S 46 28.70 -29.12 56.82
N VAL S 47 28.75 -29.29 55.51
CA VAL S 47 27.75 -28.80 54.59
C VAL S 47 27.20 -30.01 53.87
N VAL S 48 25.88 -30.17 53.93
CA VAL S 48 25.19 -31.30 53.34
C VAL S 48 24.32 -30.78 52.21
N GLU S 49 24.32 -31.51 51.10
CA GLU S 49 23.63 -31.12 49.88
C GLU S 49 22.55 -32.12 49.54
N ARG S 50 21.35 -31.61 49.28
CA ARG S 50 20.29 -32.36 48.63
C ARG S 50 20.22 -32.02 47.15
N ARG S 51 19.43 -32.81 46.45
CA ARG S 51 19.27 -32.68 45.01
C ARG S 51 17.86 -33.15 44.69
N HIS S 52 16.94 -32.20 44.61
CA HIS S 52 15.57 -32.46 44.20
C HIS S 52 15.32 -31.86 42.84
N TYR S 53 14.30 -32.40 42.18
CA TYR S 53 13.89 -31.97 40.86
C TYR S 53 12.63 -31.13 40.95
N HIS S 54 12.65 -29.98 40.29
CA HIS S 54 11.54 -29.07 40.27
C HIS S 54 10.82 -29.05 38.93
N TYR S 55 9.52 -29.25 38.96
CA TYR S 55 8.70 -29.29 37.77
C TYR S 55 8.28 -27.91 37.34
N LEU S 56 8.35 -27.66 36.04
CA LEU S 56 7.89 -26.42 35.42
C LEU S 56 6.61 -26.68 34.65
N LYS S 57 5.53 -26.06 35.12
CA LYS S 57 4.23 -26.28 34.52
C LYS S 57 4.21 -25.88 33.05
N LYS S 58 4.82 -24.76 32.71
CA LYS S 58 4.79 -24.26 31.36
C LYS S 58 5.56 -25.15 30.41
N TYR S 59 6.85 -25.32 30.64
CA TYR S 59 7.69 -26.06 29.73
C TYR S 59 7.61 -27.56 29.93
N GLU S 60 6.77 -28.03 30.84
CA GLU S 60 6.47 -29.44 31.00
C GLU S 60 7.72 -30.27 31.24
N ARG S 61 8.61 -29.72 32.05
CA ARG S 61 9.93 -30.29 32.21
C ARG S 61 10.39 -30.08 33.64
N TYR S 62 11.59 -30.58 33.91
CA TYR S 62 12.18 -30.55 35.23
C TYR S 62 13.52 -29.84 35.22
N GLU S 63 13.88 -29.28 36.36
CA GLU S 63 15.20 -28.73 36.60
C GLU S 63 15.69 -29.16 37.97
N LEU S 64 17.00 -29.36 38.05
CA LEU S 64 17.64 -29.69 39.31
C LEU S 64 17.71 -28.47 40.21
N ARG S 65 17.60 -28.71 41.50
CA ARG S 65 17.77 -27.68 42.50
C ARG S 65 18.55 -28.26 43.66
N ARG S 66 19.74 -27.70 43.87
CA ARG S 66 20.58 -28.08 44.98
C ARG S 66 20.24 -27.25 46.19
N SER S 67 20.32 -27.89 47.36
CA SER S 67 20.09 -27.18 48.61
C SER S 67 21.09 -27.65 49.65
N LYS S 68 21.87 -26.71 50.16
CA LYS S 68 22.77 -26.93 51.27
C LYS S 68 22.08 -26.62 52.59
N VAL S 69 22.61 -27.15 53.69
CA VAL S 69 21.90 -27.09 54.96
C VAL S 69 22.77 -26.70 56.15
N HIS S 70 24.08 -26.92 56.13
CA HIS S 70 24.97 -26.47 57.21
C HIS S 70 24.63 -27.11 58.55
N ALA S 71 25.04 -28.36 58.67
CA ALA S 71 24.80 -29.16 59.84
C ALA S 71 25.97 -29.17 60.82
N HIS S 72 25.66 -29.61 62.04
CA HIS S 72 26.64 -29.85 63.08
C HIS S 72 27.16 -31.27 63.02
N ASN S 73 28.46 -31.42 63.26
CA ASN S 73 29.16 -32.69 63.11
C ASN S 73 29.91 -33.03 64.39
N PRO S 74 29.34 -33.86 65.26
CA PRO S 74 30.06 -34.24 66.47
C PRO S 74 31.21 -35.17 66.17
N GLU S 75 32.26 -35.08 66.99
CA GLU S 75 33.49 -35.80 66.74
C GLU S 75 33.31 -37.30 66.75
N CYS S 76 32.32 -37.82 67.48
CA CYS S 76 31.99 -39.24 67.38
C CYS S 76 31.59 -39.62 65.97
N ILE S 77 30.93 -38.71 65.26
CA ILE S 77 30.57 -38.91 63.86
C ILE S 77 31.33 -37.88 63.06
N ASP S 78 32.54 -38.19 62.65
CA ASP S 78 33.38 -37.23 61.97
C ASP S 78 33.20 -37.50 60.49
N ALA S 79 32.03 -37.14 60.00
CA ALA S 79 31.70 -37.29 58.59
C ALA S 79 32.61 -36.43 57.74
N LYS S 80 33.02 -37.00 56.62
CA LYS S 80 33.95 -36.36 55.71
C LYS S 80 33.27 -36.10 54.38
N VAL S 81 33.99 -35.39 53.53
CA VAL S 81 33.46 -35.01 52.23
C VAL S 81 33.24 -36.27 51.41
N GLY S 82 32.00 -36.48 50.99
CA GLY S 82 31.59 -37.64 50.21
C GLY S 82 30.58 -38.53 50.88
N ASP S 83 30.51 -38.51 52.20
CA ASP S 83 29.74 -39.51 52.93
C ASP S 83 28.26 -39.21 52.86
N ARG S 84 27.46 -40.27 52.78
CA ARG S 84 26.02 -40.10 52.77
C ARG S 84 25.56 -40.08 54.22
N VAL S 85 25.40 -38.89 54.73
CA VAL S 85 25.03 -38.69 56.11
C VAL S 85 23.52 -38.59 56.22
N LEU S 86 23.04 -38.91 57.42
CA LEU S 86 21.68 -38.61 57.83
C LEU S 86 21.71 -37.42 58.77
N VAL S 87 20.83 -36.47 58.49
CA VAL S 87 20.82 -35.17 59.15
C VAL S 87 19.42 -34.93 59.68
N ALA S 88 19.34 -34.26 60.83
CA ALA S 88 18.07 -33.99 61.48
C ALA S 88 18.02 -32.58 62.06
N GLU S 89 16.81 -32.06 62.16
CA GLU S 89 16.60 -30.68 62.54
C GLU S 89 16.55 -30.55 64.05
N THR S 90 17.09 -29.46 64.54
CA THR S 90 17.14 -29.19 65.96
C THR S 90 17.12 -27.68 66.16
N ARG S 91 17.40 -27.26 67.38
CA ARG S 91 17.45 -25.84 67.68
C ARG S 91 18.60 -25.18 66.97
N PRO S 92 18.63 -23.86 66.94
CA PRO S 92 19.81 -23.19 66.41
C PRO S 92 21.04 -23.41 67.26
N ILE S 93 22.10 -23.79 66.57
CA ILE S 93 23.41 -23.96 67.16
C ILE S 93 24.32 -22.81 66.79
N SER S 94 23.99 -22.11 65.72
CA SER S 94 24.75 -20.97 65.26
C SER S 94 23.87 -20.18 64.31
N LYS S 95 24.49 -19.21 63.65
CA LYS S 95 23.79 -18.37 62.68
C LYS S 95 23.20 -19.20 61.55
N THR S 96 23.97 -20.16 61.05
CA THR S 96 23.58 -20.96 59.92
C THR S 96 23.20 -22.38 60.28
N LYS S 97 23.65 -22.87 61.43
CA LYS S 97 23.44 -24.26 61.80
C LYS S 97 22.19 -24.42 62.63
N SER S 98 21.27 -25.22 62.12
CA SER S 98 20.09 -25.64 62.83
C SER S 98 19.86 -27.14 62.65
N TRP S 99 20.83 -27.84 62.07
CA TRP S 99 20.74 -29.26 61.77
C TRP S 99 21.95 -29.95 62.35
N VAL S 100 21.81 -31.25 62.53
CA VAL S 100 22.85 -32.07 63.13
C VAL S 100 22.95 -33.38 62.39
N VAL S 101 24.18 -33.82 62.16
CA VAL S 101 24.45 -35.16 61.64
C VAL S 101 24.23 -36.15 62.76
N VAL S 102 23.59 -37.26 62.43
CA VAL S 102 23.39 -38.33 63.38
C VAL S 102 24.03 -39.64 62.94
N ALA S 103 24.04 -39.95 61.65
CA ALA S 103 24.53 -41.23 61.18
C ALA S 103 25.19 -41.05 59.83
N VAL S 104 25.97 -42.05 59.43
CA VAL S 104 26.70 -42.02 58.19
C VAL S 104 26.56 -43.34 57.46
N THR S 105 26.71 -43.30 56.13
CA THR S 105 27.22 -44.40 55.33
C THR S 105 28.41 -43.87 54.53
N LYS S 106 29.60 -44.34 54.86
CA LYS S 106 30.83 -43.74 54.38
C LYS S 106 30.96 -43.93 52.88
N ARG S 107 31.83 -43.11 52.28
CA ARG S 107 32.10 -43.16 50.85
C ARG S 107 33.55 -42.78 50.63
N ALA S 108 34.41 -43.79 50.47
CA ALA S 108 35.78 -43.54 50.06
C ALA S 108 35.86 -43.19 48.58
N GLY S 109 34.93 -43.70 47.78
CA GLY S 109 34.93 -43.48 46.34
C GLY S 109 33.65 -42.80 45.89
N GLU S 110 33.77 -41.97 44.86
CA GLU S 110 32.66 -41.19 44.33
C GLU S 110 32.75 -41.16 42.82
N ARG S 111 31.72 -40.59 42.19
CA ARG S 111 31.60 -40.56 40.74
C ARG S 111 31.23 -39.16 40.29
N MET T 1 7.25 -12.77 -56.69
CA MET T 1 7.24 -12.82 -55.21
C MET T 1 6.71 -14.17 -54.68
N GLY T 2 5.61 -14.19 -53.92
CA GLY T 2 5.13 -15.40 -53.27
C GLY T 2 3.72 -15.84 -53.62
N ASN T 3 3.62 -17.01 -54.21
CA ASN T 3 2.36 -17.61 -54.61
C ASN T 3 2.21 -18.95 -53.92
N ILE T 4 1.33 -18.97 -52.93
CA ILE T 4 1.24 -20.01 -51.93
C ILE T 4 -0.22 -20.34 -51.78
N LYS T 5 -0.54 -21.61 -51.88
CA LYS T 5 -1.90 -22.06 -51.72
C LYS T 5 -2.33 -21.89 -50.28
N GLN T 6 -3.38 -21.12 -50.07
CA GLN T 6 -3.86 -20.88 -48.74
C GLN T 6 -4.58 -22.11 -48.21
N MET T 7 -4.91 -22.03 -46.92
CA MET T 7 -5.40 -23.19 -46.21
C MET T 7 -6.70 -23.70 -46.79
N PHE T 8 -7.63 -22.82 -47.12
CA PHE T 8 -8.91 -23.30 -47.57
C PHE T 8 -8.85 -23.91 -48.95
N ILE T 9 -8.02 -23.35 -49.81
CA ILE T 9 -7.67 -23.97 -51.08
C ILE T 9 -7.16 -25.38 -50.86
N LYS T 10 -6.16 -25.53 -49.99
CA LYS T 10 -5.56 -26.83 -49.78
C LYS T 10 -6.54 -27.82 -49.16
N ARG T 11 -7.29 -27.40 -48.16
CA ARG T 11 -8.26 -28.26 -47.52
C ARG T 11 -9.29 -28.75 -48.52
N THR T 12 -9.83 -27.83 -49.31
CA THR T 12 -10.83 -28.19 -50.29
C THR T 12 -10.27 -29.17 -51.29
N ALA T 13 -9.05 -28.92 -51.75
CA ALA T 13 -8.42 -29.83 -52.69
C ALA T 13 -8.28 -31.22 -52.10
N ARG T 14 -7.82 -31.31 -50.87
CA ARG T 14 -7.62 -32.61 -50.25
C ARG T 14 -8.93 -33.34 -50.06
N GLU T 15 -9.97 -32.64 -49.61
CA GLU T 15 -11.24 -33.29 -49.42
C GLU T 15 -11.80 -33.79 -50.73
N LEU T 16 -11.74 -32.98 -51.78
CA LEU T 16 -12.22 -33.44 -53.07
C LEU T 16 -11.44 -34.65 -53.53
N PHE T 17 -10.12 -34.61 -53.36
CA PHE T 17 -9.29 -35.70 -53.83
C PHE T 17 -9.59 -36.98 -53.09
N ASP T 18 -9.89 -36.90 -51.80
CA ASP T 18 -10.22 -38.09 -51.04
C ASP T 18 -11.61 -38.60 -51.37
N ARG T 19 -12.56 -37.70 -51.57
CA ARG T 19 -13.95 -38.08 -51.77
C ARG T 19 -14.21 -38.61 -53.17
N TYR T 20 -13.55 -38.04 -54.18
CA TYR T 20 -13.76 -38.42 -55.57
C TYR T 20 -12.40 -38.52 -56.23
N PRO T 21 -11.55 -39.43 -55.75
CA PRO T 21 -10.17 -39.47 -56.24
C PRO T 21 -10.06 -39.82 -57.70
N ASN T 22 -10.71 -40.89 -58.13
CA ASN T 22 -10.55 -41.40 -59.48
C ASN T 22 -11.33 -40.59 -60.51
N GLU T 23 -11.92 -39.48 -60.11
CA GLU T 23 -12.47 -38.52 -61.04
C GLU T 23 -11.47 -37.49 -61.50
N PHE T 24 -10.41 -37.27 -60.75
CA PHE T 24 -9.45 -36.22 -61.02
C PHE T 24 -8.28 -36.79 -61.79
N SER T 25 -8.04 -36.21 -62.96
CA SER T 25 -6.95 -36.61 -63.82
C SER T 25 -5.66 -35.91 -63.42
N ARG T 26 -4.66 -36.11 -64.26
CA ARG T 26 -3.44 -35.34 -64.25
C ARG T 26 -3.51 -34.12 -65.16
N ASP T 27 -4.68 -33.85 -65.72
CA ASP T 27 -4.88 -32.72 -66.61
C ASP T 27 -5.50 -31.56 -65.86
N PHE T 28 -4.83 -30.42 -65.89
CA PHE T 28 -5.30 -29.26 -65.19
C PHE T 28 -6.66 -28.82 -65.70
N GLU T 29 -6.86 -28.86 -67.01
CA GLU T 29 -8.12 -28.43 -67.61
C GLU T 29 -9.27 -29.32 -67.18
N HIS T 30 -9.08 -30.63 -67.24
CA HIS T 30 -10.10 -31.56 -66.82
C HIS T 30 -10.43 -31.34 -65.36
N ASN T 31 -9.41 -31.27 -64.52
CA ASN T 31 -9.61 -31.07 -63.11
C ASN T 31 -10.38 -29.79 -62.83
N LYS T 32 -10.12 -28.76 -63.61
CA LYS T 32 -10.87 -27.53 -63.55
C LYS T 32 -12.35 -27.75 -63.76
N LYS T 33 -12.70 -28.36 -64.88
CA LYS T 33 -14.09 -28.68 -65.15
C LYS T 33 -14.71 -29.48 -64.02
N LYS T 34 -13.95 -30.39 -63.43
CA LYS T 34 -14.53 -31.27 -62.43
C LYS T 34 -14.81 -30.52 -61.13
N VAL T 35 -13.86 -29.70 -60.68
CA VAL T 35 -14.12 -28.90 -59.48
C VAL T 35 -15.29 -27.98 -59.69
N GLU T 36 -15.47 -27.49 -60.90
CA GLU T 36 -16.53 -26.55 -61.20
C GLU T 36 -17.90 -27.21 -61.21
N GLU T 37 -18.03 -28.40 -61.81
CA GLU T 37 -19.30 -29.10 -61.72
C GLU T 37 -19.55 -29.60 -60.32
N LEU T 38 -18.49 -30.02 -59.63
CA LEU T 38 -18.48 -30.11 -58.19
C LEU T 38 -18.35 -28.70 -57.66
N THR T 39 -17.82 -28.55 -56.44
CA THR T 39 -18.11 -27.45 -55.53
C THR T 39 -18.40 -26.10 -56.17
N ASN T 40 -19.43 -25.46 -55.64
CA ASN T 40 -19.71 -24.05 -55.87
C ASN T 40 -18.46 -23.24 -55.57
N VAL T 41 -18.08 -22.37 -56.50
CA VAL T 41 -16.86 -21.58 -56.37
C VAL T 41 -17.13 -20.11 -56.70
N THR T 42 -17.61 -19.84 -57.90
CA THR T 42 -17.86 -18.47 -58.35
C THR T 42 -16.57 -17.65 -58.41
N SER T 43 -15.42 -18.31 -58.54
CA SER T 43 -14.15 -17.61 -58.54
C SER T 43 -13.14 -18.39 -59.36
N LYS T 44 -12.76 -17.82 -60.49
CA LYS T 44 -11.91 -18.54 -61.43
C LYS T 44 -10.54 -18.84 -60.85
N THR T 45 -9.91 -17.85 -60.23
CA THR T 45 -8.57 -18.07 -59.73
C THR T 45 -8.55 -19.10 -58.61
N ILE T 46 -9.59 -19.10 -57.78
CA ILE T 46 -9.70 -20.12 -56.74
C ILE T 46 -9.88 -21.49 -57.35
N ARG T 47 -10.81 -21.59 -58.28
CA ARG T 47 -11.03 -22.84 -59.01
C ARG T 47 -9.73 -23.36 -59.59
N ASN T 48 -8.94 -22.47 -60.18
CA ASN T 48 -7.73 -22.86 -60.87
C ASN T 48 -6.64 -23.27 -59.90
N ARG T 49 -6.55 -22.58 -58.78
CA ARG T 49 -5.58 -22.95 -57.76
C ARG T 49 -5.89 -24.31 -57.19
N ILE T 50 -7.16 -24.56 -56.89
CA ILE T 50 -7.58 -25.87 -56.41
C ILE T 50 -7.25 -26.94 -57.43
N ALA T 51 -7.56 -26.68 -58.69
CA ALA T 51 -7.27 -27.61 -59.76
C ALA T 51 -5.78 -27.92 -59.84
N GLY T 52 -4.94 -26.89 -59.75
CA GLY T 52 -3.52 -27.13 -59.77
C GLY T 52 -3.03 -27.94 -58.61
N TYR T 53 -3.60 -27.71 -57.43
CA TYR T 53 -3.14 -28.46 -56.30
C TYR T 53 -3.52 -29.93 -56.39
N ILE T 54 -4.77 -30.23 -56.78
CA ILE T 54 -5.13 -31.63 -56.95
C ILE T 54 -4.37 -32.26 -58.10
N THR T 55 -4.04 -31.49 -59.12
CA THR T 55 -3.22 -31.99 -60.21
C THR T 55 -1.91 -32.53 -59.68
N LYS T 56 -1.18 -31.72 -58.92
CA LYS T 56 0.11 -32.19 -58.45
C LYS T 56 -0.02 -33.22 -57.35
N LEU T 57 -1.11 -33.23 -56.61
CA LEU T 57 -1.37 -34.33 -55.69
C LEU T 57 -1.51 -35.65 -56.42
N VAL T 58 -2.27 -35.65 -57.51
CA VAL T 58 -2.40 -36.82 -58.35
C VAL T 58 -1.01 -37.28 -58.78
N ARG T 59 -0.21 -36.34 -59.22
CA ARG T 59 1.15 -36.66 -59.64
C ARG T 59 1.95 -37.30 -58.50
N MET T 60 1.90 -36.71 -57.32
CA MET T 60 2.61 -37.25 -56.17
C MET T 60 2.11 -38.62 -55.79
N LYS T 61 0.84 -38.92 -56.05
CA LYS T 61 0.35 -40.25 -55.79
C LYS T 61 0.90 -41.25 -56.80
N GLU T 62 0.84 -40.92 -58.08
CA GLU T 62 1.48 -41.75 -59.10
C GLU T 62 2.94 -42.00 -58.79
N GLU T 63 3.62 -41.04 -58.17
CA GLU T 63 4.99 -41.24 -57.74
C GLU T 63 5.13 -42.03 -56.45
N GLY T 64 4.13 -42.00 -55.59
CA GLY T 64 4.22 -42.61 -54.28
C GLY T 64 4.71 -41.65 -53.21
N GLU U 1 3.02 75.27 -68.85
CA GLU U 1 3.60 75.36 -67.51
C GLU U 1 3.20 74.17 -66.69
N PHE U 2 2.00 73.64 -66.94
CA PHE U 2 1.62 72.32 -66.46
C PHE U 2 1.32 71.37 -67.61
N LYS U 3 0.33 71.66 -68.45
CA LYS U 3 0.17 70.95 -69.71
C LYS U 3 0.06 69.44 -69.58
N TYR U 4 -1.08 68.90 -69.18
CA TYR U 4 -1.20 67.46 -69.02
C TYR U 4 -0.84 66.65 -70.26
N ARG U 5 -1.56 66.82 -71.35
CA ARG U 5 -1.19 66.18 -72.60
C ARG U 5 -1.19 67.19 -73.72
N GLY U 6 -0.57 68.33 -73.49
CA GLY U 6 -0.70 69.45 -74.36
C GLY U 6 -1.89 70.32 -74.08
N TYR U 7 -2.61 70.03 -73.00
CA TYR U 7 -3.75 70.81 -72.58
C TYR U 7 -3.46 71.42 -71.23
N THR U 8 -3.78 72.70 -71.10
CA THR U 8 -3.65 73.40 -69.85
C THR U 8 -4.90 73.18 -69.00
N PHE U 9 -4.81 73.57 -67.74
CA PHE U 9 -5.83 73.22 -66.77
C PHE U 9 -7.18 73.86 -67.08
N GLU U 10 -7.16 75.07 -67.63
CA GLU U 10 -8.40 75.70 -68.03
C GLU U 10 -9.14 74.86 -69.05
N GLU U 11 -8.42 74.42 -70.08
CA GLU U 11 -8.98 73.54 -71.07
C GLU U 11 -9.45 72.23 -70.46
N LEU U 12 -8.71 71.70 -69.50
CA LEU U 12 -9.13 70.47 -68.86
C LEU U 12 -10.47 70.65 -68.17
N LEU U 13 -10.66 71.80 -67.55
CA LEU U 13 -11.95 72.05 -66.90
C LEU U 13 -13.05 72.18 -67.93
N ASN U 14 -12.87 73.03 -68.91
CA ASN U 14 -13.90 73.22 -69.92
C ASN U 14 -14.19 71.95 -70.69
N MET U 15 -13.29 70.98 -70.66
CA MET U 15 -13.55 69.70 -71.30
C MET U 15 -14.71 68.99 -70.64
N SER U 16 -15.28 68.05 -71.37
CA SER U 16 -16.28 67.16 -70.82
C SER U 16 -15.59 66.03 -70.08
N LEU U 17 -16.35 64.99 -69.75
CA LEU U 17 -15.78 63.83 -69.13
C LEU U 17 -15.26 62.84 -70.16
N GLU U 18 -15.93 62.77 -71.31
CA GLU U 18 -15.55 61.82 -72.34
C GLU U 18 -14.15 62.09 -72.86
N ASP U 19 -13.86 63.33 -73.20
CA ASP U 19 -12.59 63.71 -73.77
C ASP U 19 -11.46 63.66 -72.75
N PHE U 20 -11.72 64.10 -71.53
CA PHE U 20 -10.77 63.91 -70.47
C PHE U 20 -10.44 62.44 -70.29
N ALA U 21 -11.45 61.59 -70.39
CA ALA U 21 -11.21 60.17 -70.30
C ALA U 21 -10.31 59.69 -71.41
N LYS U 22 -10.58 60.13 -72.64
CA LYS U 22 -9.71 59.82 -73.76
C LYS U 22 -8.28 60.19 -73.48
N LEU U 23 -8.07 61.23 -72.70
CA LEU U 23 -6.74 61.64 -72.32
C LEU U 23 -6.15 60.80 -71.21
N LEU U 24 -6.98 60.20 -70.41
CA LEU U 24 -6.51 59.41 -69.29
C LEU U 24 -5.93 58.07 -69.72
N PRO U 25 -5.27 57.38 -68.79
CA PRO U 25 -4.85 56.01 -69.06
C PRO U 25 -6.03 55.04 -69.09
N SER U 26 -5.71 53.82 -69.52
CA SER U 26 -6.74 52.85 -69.85
C SER U 26 -7.56 52.46 -68.64
N ARG U 27 -6.92 52.35 -67.49
CA ARG U 27 -7.60 51.93 -66.26
C ARG U 27 -8.65 52.95 -65.84
N GLN U 28 -8.23 54.19 -65.71
CA GLN U 28 -9.12 55.23 -65.26
C GLN U 28 -10.21 55.51 -66.28
N ARG U 29 -9.86 55.46 -67.55
CA ARG U 29 -10.86 55.53 -68.60
C ARG U 29 -11.90 54.44 -68.42
N ARG U 30 -11.48 53.23 -68.12
CA ARG U 30 -12.43 52.15 -67.92
C ARG U 30 -13.32 52.43 -66.73
N SER U 31 -12.74 52.93 -65.65
CA SER U 31 -13.49 53.25 -64.46
C SER U 31 -14.61 54.23 -64.78
N LEU U 32 -14.26 55.33 -65.43
CA LEU U 32 -15.26 56.31 -65.82
C LEU U 32 -16.31 55.71 -66.75
N LYS U 33 -15.88 55.19 -67.90
CA LYS U 33 -16.81 54.60 -68.86
C LYS U 33 -17.74 53.58 -68.25
N ARG U 34 -17.29 52.85 -67.23
CA ARG U 34 -18.19 52.00 -66.48
C ARG U 34 -19.09 52.78 -65.56
N GLY U 35 -18.64 53.93 -65.13
CA GLY U 35 -19.50 54.81 -64.38
C GLY U 35 -19.16 54.83 -62.91
N LEU U 36 -19.62 55.88 -62.25
CA LEU U 36 -19.33 56.10 -60.87
C LEU U 36 -20.36 55.43 -59.99
N SER U 37 -19.95 55.14 -58.78
CA SER U 37 -20.84 54.61 -57.78
C SER U 37 -21.62 55.73 -57.10
N PRO U 38 -22.69 55.39 -56.39
CA PRO U 38 -23.43 56.43 -55.67
C PRO U 38 -22.58 57.21 -54.68
N GLU U 39 -21.73 56.54 -53.92
CA GLU U 39 -20.87 57.25 -52.98
C GLU U 39 -19.95 58.21 -53.72
N GLN U 40 -19.46 57.78 -54.86
CA GLN U 40 -18.62 58.63 -55.68
C GLN U 40 -19.36 59.86 -56.16
N LYS U 41 -20.62 59.66 -56.55
CA LYS U 41 -21.39 60.79 -57.07
C LYS U 41 -21.70 61.78 -55.97
N LYS U 42 -21.98 61.28 -54.79
CA LYS U 42 -22.24 62.15 -53.65
C LYS U 42 -21.01 62.96 -53.27
N LEU U 43 -19.85 62.30 -53.24
CA LEU U 43 -18.60 63.00 -53.04
C LEU U 43 -18.39 64.08 -54.09
N LEU U 44 -18.66 63.73 -55.33
CA LEU U 44 -18.42 64.64 -56.42
C LEU U 44 -19.30 65.87 -56.31
N ARG U 45 -20.56 65.68 -55.94
CA ARG U 45 -21.43 66.84 -55.85
C ARG U 45 -21.11 67.68 -54.62
N LYS U 46 -20.74 67.07 -53.51
CA LYS U 46 -20.12 67.83 -52.43
C LYS U 46 -19.01 68.72 -52.95
N ILE U 47 -18.19 68.20 -53.85
CA ILE U 47 -17.06 68.95 -54.35
C ILE U 47 -17.51 70.08 -55.26
N ARG U 48 -18.53 69.83 -56.06
CA ARG U 48 -19.08 70.87 -56.89
C ARG U 48 -19.54 72.04 -56.03
N LEU U 49 -20.33 71.73 -55.02
CA LEU U 49 -20.83 72.74 -54.11
C LEU U 49 -19.74 73.49 -53.44
N ALA U 50 -18.68 72.80 -53.05
CA ALA U 50 -17.56 73.43 -52.37
C ALA U 50 -16.76 74.36 -53.27
N ARG U 51 -16.62 74.04 -54.54
CA ARG U 51 -16.07 75.03 -55.45
C ARG U 51 -17.00 76.22 -55.56
N LYS U 52 -18.28 75.93 -55.64
CA LYS U 52 -19.31 76.91 -55.39
C LYS U 52 -19.56 76.96 -53.88
N GLY U 53 -20.73 77.44 -53.49
CA GLY U 53 -21.25 77.42 -52.14
C GLY U 53 -20.16 77.68 -51.12
N LYS U 54 -20.23 76.93 -50.04
CA LYS U 54 -19.05 76.57 -49.27
C LYS U 54 -19.03 75.11 -48.85
N TYR U 55 -20.17 74.42 -48.84
CA TYR U 55 -20.39 73.09 -48.28
C TYR U 55 -20.36 73.10 -46.75
N LYS U 56 -19.98 74.22 -46.14
CA LYS U 56 -19.97 74.42 -44.69
C LYS U 56 -19.13 73.38 -43.94
N LYS U 57 -18.22 72.68 -44.60
CA LYS U 57 -17.52 71.59 -43.93
C LYS U 57 -16.33 71.17 -44.77
N PRO U 58 -15.34 70.52 -44.15
CA PRO U 58 -14.36 69.78 -44.94
C PRO U 58 -14.96 68.54 -45.58
N ILE U 59 -14.32 68.09 -46.64
CA ILE U 59 -14.78 66.93 -47.39
C ILE U 59 -14.04 65.71 -46.86
N ARG U 60 -14.79 64.77 -46.33
CA ARG U 60 -14.28 63.51 -45.87
C ARG U 60 -14.84 62.39 -46.74
N THR U 61 -14.18 61.25 -46.72
CA THR U 61 -14.64 60.14 -47.52
C THR U 61 -13.92 58.86 -47.16
N HIS U 62 -14.57 57.76 -47.49
CA HIS U 62 -14.00 56.44 -47.45
C HIS U 62 -13.53 55.96 -48.82
N SER U 63 -13.85 56.69 -49.88
CA SER U 63 -13.64 56.22 -51.23
C SER U 63 -12.21 56.49 -51.66
N ARG U 64 -11.42 55.43 -51.75
CA ARG U 64 -10.07 55.52 -52.24
C ARG U 64 -9.96 55.19 -53.72
N ASP U 65 -11.06 54.79 -54.34
CA ASP U 65 -11.09 54.36 -55.73
C ASP U 65 -11.65 55.41 -56.67
N MET U 66 -11.81 56.63 -56.19
CA MET U 66 -12.29 57.72 -57.04
C MET U 66 -11.10 58.36 -57.72
N VAL U 67 -11.15 58.43 -59.03
CA VAL U 67 -10.05 59.00 -59.78
C VAL U 67 -10.17 60.50 -59.73
N ILE U 68 -9.03 61.16 -59.62
CA ILE U 68 -9.04 62.60 -59.49
C ILE U 68 -9.38 63.22 -60.83
N LEU U 69 -10.01 64.37 -60.79
CA LEU U 69 -10.44 65.10 -61.95
C LEU U 69 -10.04 66.56 -61.81
N PRO U 70 -10.01 67.31 -62.90
CA PRO U 70 -9.71 68.74 -62.79
C PRO U 70 -10.64 69.49 -61.89
N GLU U 71 -11.87 69.04 -61.75
CA GLU U 71 -12.79 69.64 -60.81
C GLU U 71 -12.39 69.38 -59.37
N MET U 72 -11.63 68.33 -59.13
CA MET U 72 -11.21 67.96 -57.79
C MET U 72 -9.84 68.56 -57.58
N VAL U 73 -9.71 69.86 -57.79
CA VAL U 73 -8.41 70.51 -57.70
C VAL U 73 -8.57 71.83 -56.97
N GLY U 74 -7.52 72.23 -56.28
CA GLY U 74 -7.57 73.35 -55.37
C GLY U 74 -8.29 73.05 -54.10
N ILE U 75 -8.57 71.79 -53.85
CA ILE U 75 -9.44 71.36 -52.78
C ILE U 75 -8.68 70.37 -51.93
N THR U 76 -9.04 70.30 -50.66
CA THR U 76 -8.47 69.37 -49.73
C THR U 76 -9.51 68.33 -49.36
N ILE U 77 -9.17 67.07 -49.60
CA ILE U 77 -10.03 65.94 -49.28
C ILE U 77 -9.34 65.10 -48.23
N HIS U 78 -10.13 64.58 -47.32
CA HIS U 78 -9.64 63.76 -46.24
C HIS U 78 -10.07 62.33 -46.51
N VAL U 79 -9.12 61.47 -46.71
CA VAL U 79 -9.36 60.12 -47.19
C VAL U 79 -9.09 59.15 -46.07
N TYR U 80 -9.92 58.13 -45.98
CA TYR U 80 -9.79 57.16 -44.92
C TYR U 80 -8.74 56.13 -45.30
N ASN U 81 -7.81 55.93 -44.40
CA ASN U 81 -6.71 55.00 -44.57
C ASN U 81 -6.94 53.70 -43.82
N GLY U 82 -8.09 53.57 -43.16
CA GLY U 82 -8.37 52.52 -42.23
C GLY U 82 -8.48 52.94 -40.79
N LYS U 83 -7.84 54.01 -40.42
CA LYS U 83 -7.78 54.49 -39.06
C LYS U 83 -8.05 55.97 -38.96
N GLU U 84 -7.75 56.73 -40.00
CA GLU U 84 -7.77 58.17 -39.95
C GLU U 84 -8.20 58.73 -41.29
N PHE U 85 -8.74 59.93 -41.23
CA PHE U 85 -9.01 60.74 -42.40
C PHE U 85 -7.80 61.63 -42.61
N VAL U 86 -6.98 61.28 -43.57
CA VAL U 86 -5.71 61.95 -43.79
C VAL U 86 -5.89 62.97 -44.91
N PRO U 87 -5.35 64.16 -44.79
CA PRO U 87 -5.63 65.19 -45.78
C PRO U 87 -4.76 65.17 -47.00
N VAL U 88 -5.38 65.47 -48.11
CA VAL U 88 -4.78 65.43 -49.43
C VAL U 88 -5.19 66.71 -50.12
N GLU U 89 -4.24 67.61 -50.26
CA GLU U 89 -4.43 68.87 -50.96
C GLU U 89 -4.08 68.64 -52.40
N ILE U 90 -5.06 68.81 -53.28
CA ILE U 90 -4.97 68.26 -54.61
C ILE U 90 -4.37 69.26 -55.57
N LYS U 91 -3.21 68.92 -56.11
CA LYS U 91 -2.52 69.70 -57.11
C LYS U 91 -2.90 69.21 -58.50
N GLU U 92 -2.39 69.91 -59.50
CA GLU U 92 -2.78 69.63 -60.87
C GLU U 92 -2.20 68.33 -61.37
N GLU U 93 -1.10 67.88 -60.78
CA GLU U 93 -0.38 66.73 -61.29
C GLU U 93 -0.76 65.45 -60.57
N MET U 94 -1.89 65.45 -59.87
CA MET U 94 -2.55 64.24 -59.41
C MET U 94 -3.68 63.85 -60.33
N ILE U 95 -3.70 64.40 -61.54
CA ILE U 95 -4.94 64.62 -62.26
C ILE U 95 -5.70 63.35 -62.60
N GLY U 96 -5.03 62.22 -62.68
CA GLY U 96 -5.63 61.01 -63.20
C GLY U 96 -5.36 59.82 -62.33
N HIS U 97 -5.33 60.10 -61.04
CA HIS U 97 -4.92 59.15 -60.03
C HIS U 97 -6.03 58.97 -59.01
N TYR U 98 -5.90 57.90 -58.23
CA TYR U 98 -6.82 57.60 -57.17
C TYR U 98 -6.37 58.24 -55.86
N LEU U 99 -7.34 58.56 -55.03
CA LEU U 99 -7.06 59.17 -53.73
C LEU U 99 -6.25 58.26 -52.82
N GLY U 100 -6.45 56.97 -52.94
CA GLY U 100 -5.75 56.05 -52.10
C GLY U 100 -4.26 56.03 -52.30
N GLU U 101 -3.80 56.46 -53.47
CA GLU U 101 -2.37 56.55 -53.72
C GLU U 101 -1.70 57.54 -52.79
N PHE U 102 -2.45 58.49 -52.27
CA PHE U 102 -1.93 59.50 -51.39
C PHE U 102 -2.33 59.28 -49.95
N ALA U 103 -3.40 58.55 -49.71
CA ALA U 103 -3.72 58.09 -48.37
C ALA U 103 -3.18 56.68 -48.17
N LEU U 104 -2.17 56.57 -47.31
CA LEU U 104 -1.48 55.31 -47.10
C LEU U 104 -1.95 54.61 -45.83
N THR U 105 -1.93 53.29 -45.88
CA THR U 105 -2.48 52.45 -44.83
C THR U 105 -1.44 51.88 -43.90
N ARG U 106 -0.34 51.39 -44.44
CA ARG U 106 0.72 50.78 -43.65
C ARG U 106 1.86 51.76 -43.55
N LYS U 107 2.26 52.05 -42.32
CA LYS U 107 3.41 52.90 -42.09
C LYS U 107 4.69 52.13 -42.30
N VAL U 108 5.74 52.88 -42.61
CA VAL U 108 7.03 52.30 -42.93
C VAL U 108 7.56 51.52 -41.74
N VAL U 109 8.37 50.51 -42.02
CA VAL U 109 8.88 49.61 -41.01
C VAL U 109 10.27 50.07 -40.63
N GLN U 110 10.52 50.13 -39.33
CA GLN U 110 11.85 50.38 -38.79
C GLN U 110 12.14 49.21 -37.87
N HIS U 111 12.89 48.26 -38.40
CA HIS U 111 12.99 46.94 -37.80
C HIS U 111 13.72 46.95 -36.48
N GLY U 112 13.33 46.02 -35.61
CA GLY U 112 14.09 45.68 -34.44
C GLY U 112 14.96 44.47 -34.72
N SER U 113 15.82 44.18 -33.81
CA SER U 113 16.73 43.09 -34.06
C SER U 113 15.97 41.76 -33.98
N PRO U 114 16.40 40.73 -34.71
CA PRO U 114 15.69 39.46 -34.68
C PRO U 114 15.63 38.88 -33.27
N GLY U 115 14.68 37.98 -33.06
CA GLY U 115 14.58 37.27 -31.81
C GLY U 115 13.30 36.49 -31.61
N ALA V 1 1.58 13.14 -108.74
CA ALA V 1 2.30 13.68 -107.59
C ALA V 1 1.41 14.57 -106.79
N THR V 2 1.74 14.74 -105.50
CA THR V 2 0.92 15.56 -104.66
C THR V 2 1.62 15.95 -103.37
N VAL V 3 0.91 16.78 -102.64
CA VAL V 3 1.39 17.37 -101.41
C VAL V 3 1.77 16.30 -100.42
N TYR V 4 0.93 15.29 -100.29
CA TYR V 4 1.23 14.20 -99.40
C TYR V 4 2.45 13.41 -99.86
N ASP V 5 2.74 13.43 -101.15
CA ASP V 5 3.87 12.68 -101.65
C ASP V 5 5.19 13.34 -101.33
N VAL V 6 5.26 14.66 -101.37
CA VAL V 6 6.50 15.33 -101.00
C VAL V 6 6.51 15.82 -99.56
N PRO V 7 7.65 16.25 -99.03
CA PRO V 7 7.67 16.82 -97.68
C PRO V 7 7.08 18.21 -97.62
N GLY V 8 7.03 18.73 -96.39
CA GLY V 8 6.30 19.96 -96.15
C GLY V 8 7.16 21.21 -96.26
N ASP V 9 8.26 21.26 -95.51
CA ASP V 9 9.07 22.47 -95.43
C ASP V 9 9.62 22.88 -96.78
N LEU V 10 10.15 21.93 -97.54
CA LEU V 10 10.65 22.22 -98.87
C LEU V 10 9.54 22.77 -99.76
N LEU V 11 8.37 22.18 -99.66
CA LEU V 11 7.26 22.62 -100.47
C LEU V 11 6.85 24.03 -100.12
N VAL V 12 6.81 24.34 -98.83
CA VAL V 12 6.43 25.66 -98.39
C VAL V 12 7.40 26.70 -98.91
N GLU V 13 8.69 26.44 -98.82
CA GLU V 13 9.62 27.44 -99.32
C GLU V 13 9.52 27.61 -100.83
N ARG V 14 9.37 26.51 -101.56
CA ARG V 14 9.27 26.60 -103.01
C ARG V 14 8.01 27.35 -103.42
N THR V 15 6.89 27.04 -102.80
CA THR V 15 5.65 27.70 -103.18
C THR V 15 5.60 29.13 -102.69
N ALA V 16 6.35 29.48 -101.66
CA ALA V 16 6.50 30.86 -101.30
C ALA V 16 7.22 31.64 -102.38
N LYS V 17 8.36 31.11 -102.80
CA LYS V 17 9.10 31.71 -103.87
C LYS V 17 8.23 31.91 -105.10
N ALA V 18 7.34 30.97 -105.35
CA ALA V 18 6.43 31.10 -106.46
C ALA V 18 5.29 32.07 -106.21
N LEU V 19 4.88 32.22 -104.97
CA LEU V 19 3.82 33.14 -104.61
C LEU V 19 4.26 34.57 -104.69
N LYS V 20 5.56 34.83 -104.66
CA LYS V 20 6.05 36.17 -104.88
C LYS V 20 5.69 36.70 -106.25
N GLU V 21 5.40 35.81 -107.18
CA GLU V 21 4.98 36.18 -108.52
C GLU V 21 3.49 36.42 -108.64
N VAL V 22 2.77 36.34 -107.54
CA VAL V 22 1.35 36.64 -107.49
C VAL V 22 1.18 38.04 -106.90
N GLU V 23 0.31 38.83 -107.51
CA GLU V 23 0.15 40.22 -107.14
C GLU V 23 -0.78 40.42 -105.96
N ALA V 24 -1.67 39.50 -105.70
CA ALA V 24 -2.55 39.61 -104.55
C ALA V 24 -1.91 39.13 -103.28
N ILE V 25 -0.60 38.95 -103.26
CA ILE V 25 0.11 38.51 -102.08
C ILE V 25 1.07 39.59 -101.63
N LYS V 26 0.61 40.82 -101.62
CA LYS V 26 1.37 41.89 -101.04
C LYS V 26 1.33 41.77 -99.52
N PRO V 27 2.44 41.99 -98.83
CA PRO V 27 2.38 42.10 -97.39
C PRO V 27 1.68 43.35 -96.94
N PRO V 28 1.05 43.32 -95.80
CA PRO V 28 0.51 44.55 -95.24
C PRO V 28 1.56 45.44 -94.63
N GLU V 29 1.20 46.70 -94.48
CA GLU V 29 2.11 47.72 -94.02
C GLU V 29 2.64 47.48 -92.62
N TRP V 30 2.01 46.59 -91.85
CA TRP V 30 2.44 46.31 -90.50
C TRP V 30 3.23 45.03 -90.38
N ALA V 31 3.61 44.43 -91.48
CA ALA V 31 4.41 43.22 -91.47
C ALA V 31 5.83 43.40 -90.93
N PRO V 32 6.61 44.36 -91.41
CA PRO V 32 8.00 44.49 -90.95
C PRO V 32 8.15 44.66 -89.47
N PHE V 33 7.10 45.12 -88.83
CA PHE V 33 6.88 45.23 -87.41
C PHE V 33 6.40 43.87 -86.95
N VAL V 34 5.34 43.86 -86.15
CA VAL V 34 4.81 42.79 -85.34
C VAL V 34 5.36 41.37 -85.45
N LYS V 35 5.45 40.74 -84.29
CA LYS V 35 5.61 39.32 -84.13
C LYS V 35 4.43 38.56 -84.70
N THR V 36 4.61 37.25 -84.75
CA THR V 36 3.58 36.33 -85.18
C THR V 36 2.67 35.90 -84.05
N GLY V 37 3.00 36.20 -82.81
CA GLY V 37 2.15 35.85 -81.71
C GLY V 37 2.70 36.36 -80.40
N ARG V 38 1.83 36.36 -79.38
CA ARG V 38 2.27 36.69 -78.03
C ARG V 38 3.24 35.67 -77.50
N HIS V 39 3.20 34.47 -78.05
CA HIS V 39 4.10 33.43 -77.58
C HIS V 39 5.52 33.67 -78.06
N LYS V 40 5.70 34.56 -79.02
CA LYS V 40 7.02 34.88 -79.50
C LYS V 40 7.64 36.02 -78.72
N GLU V 41 8.95 36.14 -78.89
CA GLU V 41 9.78 37.12 -78.22
C GLU V 41 10.34 38.18 -79.15
N ARG V 42 10.53 37.85 -80.42
CA ARG V 42 11.25 38.70 -81.34
C ARG V 42 10.54 38.76 -82.68
N ILE V 43 10.78 39.86 -83.38
CA ILE V 43 10.25 40.04 -84.73
C ILE V 43 10.79 38.94 -85.62
N PRO V 44 10.08 38.54 -86.67
CA PRO V 44 10.70 37.68 -87.66
C PRO V 44 11.94 38.33 -88.23
N GLU V 45 12.97 37.51 -88.41
CA GLU V 45 14.26 38.00 -88.86
C GLU V 45 14.35 38.04 -90.36
N GLN V 46 13.35 37.51 -91.06
CA GLN V 46 13.35 37.50 -92.50
C GLN V 46 12.42 38.56 -93.07
N GLU V 47 12.63 38.87 -94.33
CA GLU V 47 11.84 39.86 -95.04
C GLU V 47 10.67 39.24 -95.78
N ASP V 48 10.79 37.98 -96.16
CA ASP V 48 9.78 37.27 -96.95
C ASP V 48 8.96 36.33 -96.10
N TRP V 49 8.96 36.58 -94.79
CA TRP V 49 8.22 35.74 -93.88
C TRP V 49 6.74 35.75 -94.18
N TRP V 50 6.24 36.82 -94.78
CA TRP V 50 4.84 36.87 -95.12
C TRP V 50 4.51 35.79 -96.12
N TYR V 51 5.31 35.69 -97.17
CA TYR V 51 5.10 34.69 -98.18
C TYR V 51 5.27 33.29 -97.63
N TYR V 52 6.23 33.10 -96.74
CA TYR V 52 6.38 31.79 -96.13
C TYR V 52 5.13 31.42 -95.33
N ARG V 53 4.55 32.38 -94.65
CA ARG V 53 3.39 32.15 -93.82
C ARG V 53 2.15 31.86 -94.65
N VAL V 54 1.95 32.57 -95.74
CA VAL V 54 0.77 32.30 -96.54
C VAL V 54 0.93 31.01 -97.31
N ALA V 55 2.15 30.66 -97.69
CA ALA V 55 2.39 29.37 -98.28
C ALA V 55 2.02 28.24 -97.34
N SER V 56 2.48 28.36 -96.10
CA SER V 56 2.13 27.39 -95.08
C SER V 56 0.62 27.28 -94.90
N ILE V 57 -0.06 28.42 -94.85
CA ILE V 57 -1.50 28.41 -94.64
C ILE V 57 -2.21 27.75 -95.81
N PHE V 58 -1.74 28.03 -97.01
CA PHE V 58 -2.30 27.45 -98.20
C PHE V 58 -2.20 25.93 -98.16
N ARG V 59 -1.03 25.42 -97.83
CA ARG V 59 -0.88 23.99 -97.70
C ARG V 59 -1.75 23.41 -96.60
N LYS V 60 -1.86 24.10 -95.48
CA LYS V 60 -2.68 23.60 -94.39
C LYS V 60 -4.13 23.52 -94.80
N ILE V 61 -4.58 24.44 -95.64
CA ILE V 61 -5.95 24.43 -96.11
C ILE V 61 -6.18 23.36 -97.16
N TYR V 62 -5.18 23.09 -97.99
CA TYR V 62 -5.21 21.90 -98.82
C TYR V 62 -5.49 20.68 -97.98
N ILE V 63 -4.68 20.49 -96.94
CA ILE V 63 -4.73 19.24 -96.20
C ILE V 63 -5.97 19.18 -95.34
N ASP V 64 -6.01 20.01 -94.31
CA ASP V 64 -7.20 20.19 -93.52
C ASP V 64 -8.11 21.13 -94.27
N GLY V 65 -9.35 20.73 -94.42
CA GLY V 65 -10.18 21.30 -95.44
C GLY V 65 -10.95 22.45 -94.87
N PRO V 66 -12.18 22.24 -94.53
CA PRO V 66 -12.96 23.35 -94.02
C PRO V 66 -12.46 23.77 -92.65
N VAL V 67 -11.40 24.57 -92.66
CA VAL V 67 -10.75 25.05 -91.46
C VAL V 67 -10.77 26.57 -91.46
N GLY V 68 -10.71 27.15 -90.25
CA GLY V 68 -10.72 28.59 -90.08
C GLY V 68 -9.61 29.11 -89.18
N ILE V 69 -9.80 30.37 -88.80
CA ILE V 69 -8.74 31.17 -88.22
C ILE V 69 -8.35 30.67 -86.83
N GLU V 70 -9.29 30.26 -86.02
CA GLU V 70 -8.93 29.80 -84.69
C GLU V 70 -8.14 28.50 -84.69
N ARG V 71 -8.54 27.53 -85.50
CA ARG V 71 -7.75 26.35 -85.73
C ARG V 71 -6.34 26.67 -86.21
N LEU V 72 -6.23 27.54 -87.22
CA LEU V 72 -4.90 27.91 -87.67
C LEU V 72 -4.12 28.67 -86.61
N ARG V 73 -4.81 29.40 -85.75
CA ARG V 73 -4.16 30.13 -84.68
C ARG V 73 -3.50 29.17 -83.73
N THR V 74 -4.21 28.14 -83.32
CA THR V 74 -3.61 27.15 -82.47
C THR V 74 -2.53 26.35 -83.17
N TRP V 75 -2.55 26.25 -84.49
CA TRP V 75 -1.42 25.59 -85.12
C TRP V 75 -0.18 26.48 -85.23
N TYR V 76 -0.36 27.76 -85.42
CA TYR V 76 0.74 28.69 -85.55
C TYR V 76 1.22 29.22 -84.22
N GLY V 77 0.55 28.86 -83.14
CA GLY V 77 0.99 29.21 -81.81
C GLY V 77 2.17 28.39 -81.33
N GLY V 78 2.31 28.38 -80.01
CA GLY V 78 3.38 27.62 -79.41
C GLY V 78 3.70 28.10 -78.01
N ARG V 79 4.91 27.74 -77.60
CA ARG V 79 5.34 27.93 -76.23
C ARG V 79 5.90 29.32 -76.00
N LYS V 80 5.65 29.84 -74.81
CA LYS V 80 6.12 31.15 -74.40
C LYS V 80 7.04 31.01 -73.21
N ASN V 81 8.13 31.76 -73.21
CA ASN V 81 8.91 31.97 -72.00
C ASN V 81 8.21 33.03 -71.17
N ARG V 82 7.64 32.61 -70.05
CA ARG V 82 6.86 33.50 -69.20
C ARG V 82 7.69 33.98 -68.03
N GLY V 83 8.96 34.13 -68.30
CA GLY V 83 9.86 34.65 -67.31
C GLY V 83 10.35 33.59 -66.37
N HIS V 84 10.38 33.95 -65.10
CA HIS V 84 10.62 33.01 -64.02
C HIS V 84 9.53 31.97 -63.90
N ALA V 85 8.41 32.20 -64.49
CA ALA V 85 7.29 31.30 -64.42
C ALA V 85 7.40 30.20 -65.46
N PRO V 86 6.75 29.07 -65.24
CA PRO V 86 6.83 27.97 -66.20
C PRO V 86 6.19 28.29 -67.53
N GLU V 87 6.40 27.38 -68.45
CA GLU V 87 6.07 27.59 -69.84
C GLU V 87 4.69 27.04 -70.16
N HIS V 88 3.98 27.73 -71.03
CA HIS V 88 2.65 27.34 -71.44
C HIS V 88 2.50 27.59 -72.93
N PHE V 89 1.41 27.11 -73.47
CA PHE V 89 1.09 27.23 -74.88
C PHE V 89 0.17 28.40 -75.08
N TYR V 90 0.46 29.19 -76.10
CA TYR V 90 -0.37 30.31 -76.43
C TYR V 90 -0.58 30.34 -77.94
N LYS V 91 -1.79 30.69 -78.31
CA LYS V 91 -2.14 30.87 -79.69
C LYS V 91 -1.52 32.12 -80.28
N ALA V 92 -1.57 32.18 -81.59
CA ALA V 92 -1.02 33.29 -82.33
C ALA V 92 -2.09 34.32 -82.64
N GLY V 93 -1.63 35.45 -83.15
CA GLY V 93 -2.53 36.45 -83.65
C GLY V 93 -3.28 36.01 -84.87
N GLY V 94 -4.47 36.56 -85.01
CA GLY V 94 -5.36 36.22 -86.08
C GLY V 94 -5.25 37.09 -87.31
N SER V 95 -4.70 38.28 -87.16
CA SER V 95 -4.70 39.22 -88.27
C SER V 95 -3.81 38.77 -89.40
N ILE V 96 -2.68 38.15 -89.09
CA ILE V 96 -1.79 37.65 -90.12
C ILE V 96 -2.51 36.63 -90.97
N ILE V 97 -3.12 35.65 -90.33
CA ILE V 97 -3.70 34.54 -91.06
C ILE V 97 -4.97 34.97 -91.75
N ARG V 98 -5.73 35.88 -91.16
CA ARG V 98 -6.90 36.43 -91.81
C ARG V 98 -6.53 37.18 -93.08
N LYS V 99 -5.59 38.10 -93.00
CA LYS V 99 -5.15 38.82 -94.19
C LYS V 99 -4.60 37.89 -95.23
N ALA V 100 -3.92 36.84 -94.81
CA ALA V 100 -3.43 35.85 -95.73
C ALA V 100 -4.55 35.14 -96.46
N LEU V 101 -5.52 34.65 -95.71
CA LEU V 101 -6.67 33.96 -96.29
C LEU V 101 -7.40 34.85 -97.25
N GLN V 102 -7.51 36.11 -96.92
CA GLN V 102 -8.19 37.04 -97.78
C GLN V 102 -7.43 37.33 -99.05
N GLN V 103 -6.11 37.42 -98.94
CA GLN V 103 -5.26 37.55 -100.12
C GLN V 103 -5.40 36.34 -101.03
N LEU V 104 -5.49 35.17 -100.43
CA LEU V 104 -5.60 33.94 -101.20
C LEU V 104 -6.96 33.84 -101.87
N GLU V 105 -8.00 34.26 -101.20
CA GLU V 105 -9.31 34.28 -101.82
C GLU V 105 -9.34 35.28 -102.96
N ALA V 106 -8.60 36.37 -102.84
CA ALA V 106 -8.47 37.30 -103.94
C ALA V 106 -7.74 36.67 -105.13
N ALA V 107 -6.63 36.00 -104.87
CA ALA V 107 -5.85 35.37 -105.93
C ALA V 107 -6.53 34.16 -106.54
N GLY V 108 -7.48 33.56 -105.84
CA GLY V 108 -8.27 32.51 -106.40
C GLY V 108 -7.99 31.13 -105.90
N PHE V 109 -7.28 31.02 -104.80
CA PHE V 109 -6.77 29.74 -104.37
C PHE V 109 -7.60 29.11 -103.28
N VAL V 110 -8.29 29.93 -102.50
CA VAL V 110 -9.20 29.44 -101.48
C VAL V 110 -10.52 30.18 -101.62
N GLN V 111 -11.56 29.50 -101.23
CA GLN V 111 -12.87 30.06 -101.08
C GLN V 111 -13.35 29.83 -99.65
N LYS V 112 -14.49 30.40 -99.36
CA LYS V 112 -14.94 30.60 -97.99
C LYS V 112 -16.32 29.99 -97.88
N VAL V 113 -16.37 28.74 -97.44
CA VAL V 113 -17.67 28.12 -97.18
C VAL V 113 -18.39 28.95 -96.12
N PRO V 114 -19.70 29.22 -96.26
CA PRO V 114 -20.38 30.12 -95.32
C PRO V 114 -20.17 29.74 -93.88
N GLY V 115 -20.34 28.47 -93.59
CA GLY V 115 -19.87 27.87 -92.36
C GLY V 115 -18.62 27.08 -92.63
N GLU V 116 -18.09 26.47 -91.56
CA GLU V 116 -16.97 25.55 -91.61
C GLU V 116 -15.86 26.02 -92.56
N GLY V 117 -15.42 27.23 -92.32
CA GLY V 117 -14.14 27.71 -92.78
C GLY V 117 -13.93 27.79 -94.28
N ARG V 118 -12.67 27.58 -94.64
CA ARG V 118 -12.18 27.88 -95.98
C ARG V 118 -11.59 26.65 -96.62
N ILE V 119 -11.71 26.61 -97.94
CA ILE V 119 -11.57 25.42 -98.74
C ILE V 119 -10.75 25.78 -99.96
N VAL V 120 -9.85 24.90 -100.32
CA VAL V 120 -8.99 25.18 -101.46
C VAL V 120 -9.78 25.02 -102.75
N THR V 121 -9.45 25.84 -103.73
CA THR V 121 -10.10 25.78 -105.03
C THR V 121 -9.33 24.88 -105.97
N PRO V 122 -9.94 24.53 -107.11
CA PRO V 122 -9.20 23.71 -108.08
C PRO V 122 -7.94 24.36 -108.59
N GLN V 123 -7.99 25.64 -108.90
CA GLN V 123 -6.78 26.34 -109.32
C GLN V 123 -5.74 26.35 -108.21
N GLY V 124 -6.20 26.36 -106.96
CA GLY V 124 -5.27 26.32 -105.85
C GLY V 124 -4.58 24.97 -105.70
N GLN V 125 -5.36 23.90 -105.73
CA GLN V 125 -4.75 22.59 -105.63
C GLN V 125 -3.91 22.28 -106.85
N SER V 126 -4.26 22.85 -107.99
CA SER V 126 -3.42 22.74 -109.16
C SER V 126 -2.06 23.39 -108.92
N PHE V 127 -2.08 24.63 -108.44
CA PHE V 127 -0.86 25.34 -108.07
C PHE V 127 0.03 24.50 -107.18
N LEU V 128 -0.55 23.96 -106.13
CA LEU V 128 0.25 23.23 -105.15
C LEU V 128 0.76 21.93 -105.71
N ASP V 129 -0.07 21.21 -106.46
CA ASP V 129 0.35 19.93 -106.99
C ASP V 129 1.38 20.10 -108.08
N ARG V 130 1.32 21.20 -108.82
CA ARG V 130 2.36 21.53 -109.78
C ARG V 130 3.69 21.70 -109.09
N ILE V 131 3.71 22.51 -108.04
CA ILE V 131 4.96 22.73 -107.34
C ILE V 131 5.45 21.42 -106.74
N ALA V 132 4.53 20.58 -106.30
CA ALA V 132 4.91 19.33 -105.70
C ALA V 132 5.51 18.36 -106.71
N THR V 133 4.92 18.25 -107.89
CA THR V 133 5.48 17.36 -108.89
C THR V 133 6.85 17.84 -109.34
N GLU V 134 7.00 19.14 -109.49
CA GLU V 134 8.30 19.72 -109.77
C GLU V 134 9.33 19.31 -108.73
N LEU V 135 9.04 19.60 -107.48
CA LEU V 135 9.93 19.25 -106.38
C LEU V 135 10.26 17.77 -106.37
N LYS V 136 9.23 16.93 -106.52
CA LYS V 136 9.43 15.51 -106.53
C LYS V 136 10.41 15.10 -107.60
N LYS V 137 10.33 15.71 -108.78
CA LYS V 137 11.35 15.42 -109.78
C LYS V 137 12.74 15.80 -109.28
N GLU V 138 12.88 17.04 -108.82
CA GLU V 138 14.19 17.52 -108.42
C GLU V 138 14.82 16.69 -107.30
N LEU V 139 14.03 16.03 -106.48
CA LEU V 139 14.59 15.10 -105.48
C LEU V 139 14.37 13.65 -105.86
N GLU V 140 13.89 13.40 -107.07
CA GLU V 140 13.97 12.07 -107.64
C GLU V 140 15.28 11.88 -108.37
N GLU V 141 16.00 12.98 -108.63
CA GLU V 141 17.41 12.82 -108.99
C GLU V 141 18.14 12.06 -107.90
N GLN V 142 17.83 12.37 -106.66
CA GLN V 142 18.03 11.56 -105.49
C GLN V 142 16.98 10.46 -105.53
N LEU V 143 16.46 10.04 -104.38
CA LEU V 143 15.74 8.81 -104.11
C LEU V 143 14.85 8.27 -105.23
N PRO V 144 15.28 7.21 -105.91
CA PRO V 144 14.39 6.53 -106.86
C PRO V 144 13.36 5.67 -106.18
N GLU V 145 13.65 5.24 -104.96
CA GLU V 145 12.63 4.66 -104.10
C GLU V 145 11.50 5.65 -103.83
N LEU V 146 11.70 6.92 -104.16
CA LEU V 146 10.62 7.88 -104.25
C LEU V 146 10.17 8.15 -105.67
N LYS V 147 11.02 7.90 -106.67
CA LYS V 147 10.51 7.87 -108.04
C LYS V 147 9.31 6.95 -108.16
N LYS V 148 9.36 5.87 -107.43
CA LYS V 148 8.27 4.91 -107.30
C LYS V 148 6.90 5.56 -107.14
N TYR V 149 6.79 6.63 -106.39
CA TYR V 149 5.49 7.13 -105.99
C TYR V 149 4.97 8.14 -107.01
N LYS W 1 -25.39 -49.29 2.02
CA LYS W 1 -24.29 -48.46 1.54
C LYS W 1 -23.49 -49.18 0.48
N PHE W 2 -22.43 -48.51 0.03
CA PHE W 2 -21.49 -49.06 -0.93
C PHE W 2 -20.13 -49.22 -0.28
N GLU W 3 -19.32 -50.10 -0.87
CA GLU W 3 -18.00 -50.38 -0.36
C GLU W 3 -16.97 -49.51 -1.06
N VAL W 4 -15.88 -49.24 -0.35
CA VAL W 4 -14.76 -48.49 -0.90
C VAL W 4 -13.68 -49.48 -1.30
N PRO W 5 -13.12 -49.37 -2.50
CA PRO W 5 -12.07 -50.30 -2.89
C PRO W 5 -10.77 -50.03 -2.13
N VAL W 6 -9.89 -51.02 -2.21
CA VAL W 6 -8.69 -51.06 -1.42
C VAL W 6 -7.58 -51.65 -2.28
N CYS W 7 -6.44 -50.98 -2.31
CA CYS W 7 -5.29 -51.44 -3.06
C CYS W 7 -4.88 -52.84 -2.62
N THR W 8 -4.44 -53.64 -3.58
CA THR W 8 -3.91 -54.95 -3.30
C THR W 8 -2.49 -54.91 -2.78
N SER W 9 -1.82 -53.77 -2.91
CA SER W 9 -0.46 -53.62 -2.41
C SER W 9 -0.43 -52.92 -1.06
N CYS W 10 -0.93 -51.69 -1.01
CA CYS W 10 -0.85 -50.87 0.19
C CYS W 10 -2.01 -51.08 1.14
N GLY W 11 -3.13 -51.61 0.67
CA GLY W 11 -4.31 -51.76 1.48
C GLY W 11 -4.86 -50.49 2.07
N LYS W 12 -4.93 -49.42 1.28
CA LYS W 12 -5.05 -48.08 1.79
C LYS W 12 -6.19 -47.30 1.14
N GLU W 13 -7.25 -47.99 0.76
CA GLU W 13 -8.56 -47.35 0.59
C GLU W 13 -8.57 -46.21 -0.42
N ILE W 14 -8.58 -46.59 -1.69
CA ILE W 14 -8.52 -45.67 -2.81
C ILE W 14 -9.51 -44.52 -2.66
N THR W 15 -9.06 -43.34 -3.08
CA THR W 15 -9.78 -42.11 -2.90
C THR W 15 -10.50 -41.70 -4.17
N PRO W 16 -11.38 -40.69 -4.10
CA PRO W 16 -12.27 -40.39 -5.21
C PRO W 16 -11.62 -40.06 -6.54
N ARG W 17 -10.72 -39.09 -6.55
CA ARG W 17 -10.09 -38.60 -7.76
C ARG W 17 -8.62 -38.99 -7.83
N GLU W 18 -8.32 -40.17 -7.34
CA GLU W 18 -6.98 -40.73 -7.40
C GLU W 18 -6.72 -41.27 -8.80
N HIS W 19 -5.51 -41.07 -9.28
CA HIS W 19 -5.06 -41.69 -10.52
C HIS W 19 -4.72 -43.16 -10.26
N ALA W 20 -5.77 -43.88 -9.94
CA ALA W 20 -5.71 -45.29 -9.64
C ALA W 20 -6.18 -46.08 -10.85
N THR W 21 -6.08 -47.39 -10.73
CA THR W 21 -6.54 -48.24 -11.81
C THR W 21 -7.01 -49.56 -11.24
N HIS W 22 -7.88 -50.22 -11.99
CA HIS W 22 -8.40 -51.51 -11.62
C HIS W 22 -8.57 -52.38 -12.85
N PHE W 23 -8.29 -53.65 -12.66
CA PHE W 23 -8.28 -54.59 -13.76
C PHE W 23 -8.23 -55.99 -13.20
N VAL W 24 -8.75 -56.94 -13.96
CA VAL W 24 -8.77 -58.31 -13.47
C VAL W 24 -7.39 -58.90 -13.51
N CYS W 25 -7.16 -59.87 -12.63
CA CYS W 25 -5.91 -60.58 -12.60
C CYS W 25 -5.66 -61.24 -13.95
N PRO W 26 -4.53 -61.00 -14.59
CA PRO W 26 -4.10 -61.91 -15.63
C PRO W 26 -3.54 -63.17 -15.03
N ASN W 27 -3.76 -64.28 -15.72
CA ASN W 27 -3.34 -65.61 -15.29
C ASN W 27 -4.24 -66.18 -14.21
N CYS W 28 -5.23 -65.42 -13.78
CA CYS W 28 -6.24 -65.90 -12.84
C CYS W 28 -7.63 -65.50 -13.27
N GLY W 29 -7.80 -64.30 -13.81
CA GLY W 29 -9.11 -63.73 -13.81
C GLY W 29 -9.65 -63.72 -12.38
N GLU W 30 -10.97 -63.69 -12.29
CA GLU W 30 -11.73 -63.90 -11.06
C GLU W 30 -11.21 -63.09 -9.88
N ALA W 31 -10.57 -61.95 -10.13
CA ALA W 31 -10.02 -61.13 -9.07
C ALA W 31 -9.72 -59.74 -9.60
N ILE W 32 -10.27 -58.74 -8.95
CA ILE W 32 -10.05 -57.36 -9.36
C ILE W 32 -8.84 -56.83 -8.59
N ILE W 33 -7.76 -56.63 -9.32
CA ILE W 33 -6.61 -55.90 -8.81
C ILE W 33 -6.94 -54.42 -8.81
N TRP W 34 -6.86 -53.83 -7.63
CA TRP W 34 -6.90 -52.39 -7.45
C TRP W 34 -5.51 -51.89 -7.16
N ARG W 35 -5.18 -50.73 -7.70
CA ARG W 35 -3.81 -50.24 -7.66
C ARG W 35 -3.83 -48.73 -7.51
N CYS W 36 -3.30 -48.24 -6.40
CA CYS W 36 -3.29 -46.82 -6.11
C CYS W 36 -2.22 -46.07 -6.87
N GLU W 37 -2.38 -44.76 -6.91
CA GLU W 37 -1.49 -43.87 -7.64
C GLU W 37 -0.07 -43.94 -7.13
N SER W 38 0.10 -43.90 -5.82
CA SER W 38 1.41 -44.04 -5.22
C SER W 38 2.09 -45.32 -5.66
N CYS W 39 1.35 -46.41 -5.62
CA CYS W 39 1.85 -47.73 -6.00
C CYS W 39 2.24 -47.83 -7.47
N ARG W 40 1.43 -47.23 -8.34
CA ARG W 40 1.71 -47.17 -9.76
C ARG W 40 2.96 -46.35 -10.06
N VAL W 41 3.03 -45.15 -9.49
CA VAL W 41 4.12 -44.25 -9.80
C VAL W 41 5.41 -44.65 -9.11
N LEU W 42 5.35 -45.47 -8.07
CA LEU W 42 6.52 -45.94 -7.38
C LEU W 42 6.84 -47.39 -7.68
N SER W 43 6.12 -48.01 -8.61
CA SER W 43 6.45 -49.34 -9.09
C SER W 43 6.42 -50.34 -7.93
N VAL W 44 5.37 -50.21 -7.13
CA VAL W 44 5.15 -51.07 -5.98
C VAL W 44 4.52 -52.34 -6.49
N PRO W 45 5.16 -53.50 -6.36
CA PRO W 45 4.57 -54.70 -6.91
C PRO W 45 3.34 -55.13 -6.15
N TYR W 46 2.41 -55.69 -6.90
CA TYR W 46 1.20 -56.27 -6.34
C TYR W 46 1.32 -57.78 -6.38
N LYS W 47 0.22 -58.44 -6.05
CA LYS W 47 0.14 -59.88 -5.98
C LYS W 47 -1.31 -60.26 -5.85
N CYS W 48 -1.82 -61.07 -6.77
CA CYS W 48 -3.21 -61.48 -6.73
C CYS W 48 -3.54 -62.27 -5.48
N PRO W 49 -4.66 -61.93 -4.81
CA PRO W 49 -5.00 -62.67 -3.59
C PRO W 49 -5.42 -64.11 -3.85
N LYS W 50 -6.11 -64.37 -4.94
CA LYS W 50 -6.49 -65.74 -5.26
C LYS W 50 -5.29 -66.55 -5.72
N CYS W 51 -4.70 -66.17 -6.84
CA CYS W 51 -3.47 -66.75 -7.31
C CYS W 51 -2.34 -66.08 -6.54
N GLY W 52 -1.11 -66.29 -6.99
CA GLY W 52 0.02 -65.53 -6.49
C GLY W 52 0.80 -64.84 -7.56
N TRP W 53 0.20 -64.54 -8.70
CA TRP W 53 0.89 -63.82 -9.75
C TRP W 53 1.20 -62.42 -9.26
N GLU W 54 2.47 -62.04 -9.37
CA GLU W 54 2.98 -60.87 -8.66
C GLU W 54 2.66 -59.59 -9.44
N GLY W 55 3.34 -59.39 -10.56
CA GLY W 55 3.13 -58.21 -11.36
C GLY W 55 3.70 -56.95 -10.75
N PRO W 56 3.91 -55.92 -11.58
CA PRO W 56 4.41 -54.62 -11.13
C PRO W 56 3.44 -53.83 -10.29
N MET X 1 -59.51 -7.92 56.23
CA MET X 1 -58.43 -8.65 56.93
C MET X 1 -58.85 -10.06 57.27
N GLU X 2 -57.90 -10.98 57.12
CA GLU X 2 -58.06 -12.33 57.64
C GLU X 2 -56.74 -12.76 58.25
N ILE X 3 -56.77 -13.14 59.51
CA ILE X 3 -55.60 -13.70 60.16
C ILE X 3 -55.58 -15.20 59.97
N LYS X 4 -54.40 -15.74 59.71
CA LYS X 4 -54.21 -17.18 59.60
C LYS X 4 -52.85 -17.50 60.20
N VAL X 5 -52.86 -18.14 61.36
CA VAL X 5 -51.63 -18.40 62.10
C VAL X 5 -50.86 -19.56 61.47
N ARG X 6 -49.54 -19.43 61.43
CA ARG X 6 -48.64 -20.47 60.94
C ARG X 6 -47.99 -21.23 62.10
N GLU X 7 -47.42 -20.49 63.03
CA GLU X 7 -46.60 -21.03 64.11
C GLU X 7 -46.86 -20.28 65.38
N MET X 8 -46.89 -21.02 66.48
CA MET X 8 -47.09 -20.44 67.80
C MET X 8 -46.23 -21.23 68.77
N LYS X 9 -45.04 -20.71 69.08
CA LYS X 9 -44.09 -21.42 69.92
C LYS X 9 -43.81 -20.66 71.21
N GLU X 10 -43.71 -21.40 72.31
CA GLU X 10 -43.47 -20.82 73.61
C GLU X 10 -41.99 -20.57 73.82
N ASN X 11 -41.70 -19.63 74.70
CA ASN X 11 -40.35 -19.37 75.15
C ASN X 11 -40.42 -19.09 76.65
N ARG X 12 -40.13 -20.12 77.42
CA ARG X 12 -40.16 -20.01 78.87
C ARG X 12 -38.96 -19.27 79.41
N LEU X 13 -37.87 -19.23 78.65
CA LEU X 13 -36.70 -18.48 79.08
C LEU X 13 -37.01 -17.01 79.22
N LEU X 14 -37.57 -16.43 78.16
CA LEU X 14 -37.98 -15.04 78.19
C LEU X 14 -39.43 -14.87 78.58
N GLY X 15 -40.25 -15.89 78.42
CA GLY X 15 -41.61 -15.82 78.85
C GLY X 15 -42.51 -15.16 77.85
N ARG X 16 -42.68 -15.80 76.70
CA ARG X 16 -43.51 -15.21 75.66
C ARG X 16 -43.88 -16.27 74.65
N LYS X 17 -45.11 -16.17 74.17
CA LYS X 17 -45.52 -16.87 72.97
C LYS X 17 -45.10 -16.05 71.77
N GLU X 18 -44.46 -16.72 70.83
CA GLU X 18 -44.06 -16.12 69.57
C GLU X 18 -44.99 -16.63 68.50
N ILE X 19 -45.69 -15.71 67.85
CA ILE X 19 -46.70 -16.03 66.84
C ILE X 19 -46.20 -15.50 65.52
N TYR X 20 -46.17 -16.39 64.53
CA TYR X 20 -45.97 -16.02 63.14
C TYR X 20 -47.28 -16.24 62.40
N PHE X 21 -47.71 -15.25 61.62
CA PHE X 21 -49.03 -15.29 61.05
C PHE X 21 -49.08 -14.64 59.68
N ASP X 22 -50.11 -15.00 58.93
CA ASP X 22 -50.44 -14.37 57.67
C ASP X 22 -51.62 -13.45 57.85
N VAL X 23 -51.55 -12.29 57.23
CA VAL X 23 -52.65 -11.36 57.11
C VAL X 23 -53.03 -11.31 55.64
N ILE X 24 -54.17 -11.88 55.30
CA ILE X 24 -54.68 -11.80 53.94
C ILE X 24 -55.50 -10.53 53.85
N HIS X 25 -55.11 -9.64 52.92
CA HIS X 25 -55.77 -8.36 52.76
C HIS X 25 -56.06 -8.11 51.28
N GLU X 26 -56.64 -9.13 50.66
CA GLU X 26 -57.12 -9.03 49.29
C GLU X 26 -57.97 -7.78 49.10
N GLY X 27 -57.54 -6.91 48.20
CA GLY X 27 -58.31 -5.76 47.86
C GLY X 27 -58.11 -4.55 48.73
N GLU X 28 -57.43 -4.68 49.85
CA GLU X 28 -57.22 -3.60 50.78
C GLU X 28 -55.74 -3.36 50.96
N ALA X 29 -55.43 -2.24 51.61
CA ALA X 29 -54.07 -1.95 51.99
C ALA X 29 -53.63 -2.89 53.08
N THR X 30 -52.33 -2.93 53.33
CA THR X 30 -51.86 -3.75 54.41
C THR X 30 -52.30 -3.12 55.73
N PRO X 31 -52.89 -3.89 56.62
CA PRO X 31 -53.62 -3.27 57.73
C PRO X 31 -52.69 -2.65 58.75
N SER X 32 -53.30 -1.93 59.67
CA SER X 32 -52.57 -1.25 60.70
C SER X 32 -52.36 -2.17 61.89
N ARG X 33 -51.32 -1.86 62.65
CA ARG X 33 -50.97 -2.65 63.81
C ARG X 33 -52.11 -2.73 64.80
N ALA X 34 -52.86 -1.64 64.95
CA ALA X 34 -54.03 -1.64 65.83
C ALA X 34 -55.03 -2.71 65.44
N ASP X 35 -55.44 -2.71 64.19
CA ASP X 35 -56.46 -3.63 63.73
C ASP X 35 -55.97 -5.07 63.78
N VAL X 36 -54.71 -5.27 63.42
CA VAL X 36 -54.13 -6.60 63.49
C VAL X 36 -54.14 -7.09 64.92
N LYS X 37 -53.76 -6.23 65.86
CA LYS X 37 -53.72 -6.60 67.26
C LYS X 37 -55.10 -6.98 67.78
N GLY X 38 -56.11 -6.18 67.43
CA GLY X 38 -57.46 -6.53 67.81
C GLY X 38 -57.89 -7.89 67.29
N LYS X 39 -57.72 -8.11 66.00
CA LYS X 39 -58.10 -9.40 65.43
C LYS X 39 -57.29 -10.53 66.05
N LEU X 40 -56.07 -10.26 66.44
CA LEU X 40 -55.19 -11.29 66.99
C LEU X 40 -55.63 -11.69 68.39
N VAL X 41 -55.90 -10.71 69.25
CA VAL X 41 -56.43 -11.04 70.57
C VAL X 41 -57.76 -11.78 70.47
N ALA X 42 -58.60 -11.41 69.51
CA ALA X 42 -59.85 -12.14 69.31
C ALA X 42 -59.58 -13.58 68.90
N MET X 43 -58.83 -13.78 67.81
CA MET X 43 -58.49 -15.11 67.35
C MET X 43 -57.89 -15.94 68.47
N LEU X 44 -57.15 -15.30 69.35
CA LEU X 44 -56.55 -15.91 70.51
C LEU X 44 -56.73 -14.94 71.67
N ASP X 45 -57.48 -15.36 72.68
CA ASP X 45 -57.91 -14.50 73.77
C ASP X 45 -56.70 -14.14 74.63
N LEU X 46 -55.92 -13.21 74.10
CA LEU X 46 -54.68 -12.77 74.70
C LEU X 46 -54.87 -11.43 75.40
N ASN X 47 -53.90 -11.10 76.23
CA ASN X 47 -53.95 -9.86 76.98
C ASN X 47 -53.33 -8.73 76.15
N PRO X 48 -54.14 -7.83 75.58
CA PRO X 48 -53.56 -6.78 74.74
C PRO X 48 -52.61 -5.87 75.47
N GLU X 49 -52.65 -5.85 76.80
CA GLU X 49 -51.64 -5.15 77.55
C GLU X 49 -50.26 -5.76 77.35
N THR X 50 -50.20 -7.05 77.01
CA THR X 50 -48.94 -7.75 76.83
C THR X 50 -48.62 -8.08 75.38
N VAL X 51 -49.61 -8.06 74.50
CA VAL X 51 -49.34 -8.40 73.11
C VAL X 51 -48.57 -7.26 72.45
N VAL X 52 -47.51 -7.62 71.76
CA VAL X 52 -46.67 -6.68 71.04
C VAL X 52 -46.39 -7.26 69.67
N ILE X 53 -46.54 -6.42 68.66
CA ILE X 53 -46.33 -6.80 67.27
C ILE X 53 -44.94 -6.37 66.86
N GLN X 54 -44.14 -7.32 66.42
CA GLN X 54 -42.82 -6.99 65.95
C GLN X 54 -42.86 -6.44 64.54
N TYR X 55 -43.41 -7.21 63.59
CA TYR X 55 -43.47 -6.70 62.23
C TYR X 55 -44.70 -7.20 61.52
N ILE X 56 -45.13 -6.38 60.56
CA ILE X 56 -46.05 -6.73 59.49
C ILE X 56 -45.41 -6.29 58.20
N ARG X 57 -44.93 -7.24 57.41
CA ARG X 57 -44.27 -6.97 56.16
C ARG X 57 -45.09 -7.50 55.00
N SER X 58 -45.38 -6.63 54.06
CA SER X 58 -46.05 -6.98 52.82
C SER X 58 -45.05 -7.14 51.71
N TYR X 59 -45.28 -8.13 50.88
CA TYR X 59 -44.35 -8.55 49.85
C TYR X 59 -44.82 -8.09 48.49
N PHE X 60 -43.99 -8.35 47.49
CA PHE X 60 -44.28 -8.00 46.12
C PHE X 60 -45.34 -8.91 45.55
N GLY X 61 -46.47 -8.33 45.15
CA GLY X 61 -47.45 -9.06 44.40
C GLY X 61 -48.14 -10.17 45.15
N SER X 62 -48.54 -9.93 46.39
CA SER X 62 -48.99 -10.99 47.25
C SER X 62 -50.31 -10.70 47.93
N ARG X 63 -50.52 -9.48 48.40
CA ARG X 63 -51.61 -9.06 49.28
C ARG X 63 -51.89 -10.09 50.38
N VAL X 64 -50.80 -10.73 50.81
CA VAL X 64 -50.78 -11.61 51.95
C VAL X 64 -49.54 -11.24 52.75
N SER X 65 -49.71 -10.38 53.73
CA SER X 65 -48.60 -9.93 54.52
C SER X 65 -48.22 -10.98 55.55
N ARG X 66 -46.97 -10.91 55.98
CA ARG X 66 -46.41 -11.81 56.97
C ARG X 66 -46.09 -11.02 58.22
N GLY X 67 -46.47 -11.56 59.36
CA GLY X 67 -46.32 -10.87 60.62
C GLY X 67 -45.69 -11.73 61.70
N TYR X 68 -45.01 -11.06 62.60
CA TYR X 68 -44.44 -11.66 63.80
C TYR X 68 -44.87 -10.82 64.97
N ALA X 69 -45.49 -11.49 65.95
CA ALA X 69 -45.98 -10.87 67.16
C ALA X 69 -45.55 -11.69 68.35
N LYS X 70 -45.59 -11.05 69.50
CA LYS X 70 -45.14 -11.61 70.76
C LYS X 70 -46.17 -11.34 71.83
N ALA X 71 -46.42 -12.35 72.63
CA ALA X 71 -47.42 -12.32 73.69
C ALA X 71 -46.74 -12.68 75.00
N TYR X 72 -46.50 -11.68 75.82
CA TYR X 72 -45.80 -11.88 77.06
C TYR X 72 -46.77 -12.25 78.17
N GLU X 73 -46.28 -13.07 79.09
CA GLU X 73 -47.05 -13.45 80.26
C GLU X 73 -47.20 -12.32 81.25
N SER X 74 -46.29 -11.34 81.22
CA SER X 74 -46.30 -10.24 82.15
C SER X 74 -45.83 -8.97 81.45
N LYS X 75 -46.50 -7.89 81.78
CA LYS X 75 -46.14 -6.59 81.25
C LYS X 75 -44.74 -6.18 81.68
N GLU X 76 -44.30 -6.65 82.83
CA GLU X 76 -42.96 -6.32 83.30
C GLU X 76 -41.90 -7.03 82.48
N ARG X 77 -42.14 -8.29 82.13
CA ARG X 77 -41.26 -8.95 81.18
C ARG X 77 -41.28 -8.24 79.85
N MET X 78 -42.45 -7.79 79.41
CA MET X 78 -42.52 -7.06 78.15
C MET X 78 -41.65 -5.83 78.19
N LEU X 79 -41.76 -5.04 79.25
CA LEU X 79 -41.01 -3.79 79.36
C LEU X 79 -39.53 -4.02 79.60
N TYR X 80 -39.16 -5.14 80.20
CA TYR X 80 -37.77 -5.47 80.40
C TYR X 80 -37.11 -5.97 79.14
N ILE X 81 -37.74 -6.92 78.47
CA ILE X 81 -37.17 -7.60 77.32
C ILE X 81 -37.30 -6.76 76.07
N GLU X 82 -38.45 -6.29 75.82
CA GLU X 82 -38.76 -5.71 74.54
C GLU X 82 -38.22 -4.27 74.48
N PRO X 83 -37.68 -3.85 73.35
CA PRO X 83 -37.11 -2.51 73.28
C PRO X 83 -38.13 -1.41 73.10
N GLU X 84 -37.68 -0.24 73.51
CA GLU X 84 -38.52 0.94 73.61
C GLU X 84 -39.12 1.35 72.27
N TYR X 85 -38.42 1.10 71.17
CA TYR X 85 -38.94 1.52 69.89
C TYR X 85 -40.12 0.67 69.46
N VAL X 86 -40.06 -0.63 69.77
CA VAL X 86 -41.19 -1.51 69.52
C VAL X 86 -42.36 -1.10 70.38
N LEU X 87 -42.10 -0.83 71.65
CA LEU X 87 -43.16 -0.44 72.55
C LEU X 87 -43.84 0.83 72.09
N VAL X 88 -43.06 1.82 71.67
CA VAL X 88 -43.60 3.06 71.15
C VAL X 88 -44.44 2.79 69.92
N ARG X 89 -43.96 1.94 69.02
CA ARG X 89 -44.71 1.65 67.80
C ARG X 89 -46.08 1.06 68.11
N ASP X 90 -46.13 0.02 68.93
CA ASP X 90 -47.41 -0.49 69.38
C ASP X 90 -48.14 0.46 70.33
N GLY X 91 -47.53 1.57 70.70
CA GLY X 91 -48.21 2.57 71.49
C GLY X 91 -48.31 2.29 72.96
N ILE X 92 -47.63 1.24 73.44
CA ILE X 92 -47.61 0.96 74.87
C ILE X 92 -46.97 2.10 75.64
N ILE X 93 -46.11 2.87 74.99
CA ILE X 93 -45.26 3.85 75.67
C ILE X 93 -45.22 5.12 74.84
N LYS X 94 -45.40 6.26 75.51
CA LYS X 94 -45.40 7.57 74.85
C LYS X 94 -44.04 8.22 74.87
N LYS X 95 -42.98 7.47 74.57
CA LYS X 95 -41.68 8.02 74.20
C LYS X 95 -40.89 8.70 75.32
N GLU X 96 -41.52 8.99 76.46
CA GLU X 96 -40.88 9.67 77.59
C GLU X 96 -40.07 10.89 77.13
N GLU X 97 -40.80 11.93 76.74
CA GLU X 97 -40.19 13.23 76.46
C GLU X 97 -39.29 13.15 75.23
N LEU Y 1 16.69 -58.03 3.56
CA LEU Y 1 17.16 -59.44 3.73
C LEU Y 1 18.54 -59.70 3.13
N PRO Y 2 18.85 -59.14 1.96
CA PRO Y 2 20.17 -59.41 1.36
C PRO Y 2 21.19 -58.33 1.68
N LYS Y 3 22.43 -58.77 1.90
CA LYS Y 3 23.68 -58.01 1.80
C LYS Y 3 23.86 -56.95 2.88
N ASN Y 4 22.88 -56.73 3.75
CA ASN Y 4 23.11 -55.88 4.91
C ASN Y 4 22.52 -56.50 6.17
N LEU Y 5 21.44 -57.27 6.00
CA LEU Y 5 20.97 -58.10 7.09
C LEU Y 5 22.08 -59.04 7.47
N ILE Y 6 22.39 -59.11 8.76
CA ILE Y 6 23.44 -59.94 9.32
C ILE Y 6 24.71 -59.80 8.47
N PRO Y 7 25.41 -58.67 8.56
CA PRO Y 7 26.60 -58.48 7.72
C PRO Y 7 27.64 -59.56 7.95
N MET Y 8 27.90 -60.33 6.93
CA MET Y 8 28.70 -61.50 7.00
C MET Y 8 30.03 -61.29 6.29
N PRO Y 9 31.07 -62.01 6.72
CA PRO Y 9 32.38 -61.80 6.13
C PRO Y 9 32.44 -62.31 4.70
N LYS Y 10 33.25 -61.63 3.93
CA LYS Y 10 33.59 -62.06 2.60
C LYS Y 10 34.84 -62.92 2.62
N SER Y 11 35.71 -62.66 3.58
CA SER Y 11 36.91 -63.43 3.79
C SER Y 11 36.56 -64.85 4.18
N ARG Y 12 37.53 -65.73 4.00
CA ARG Y 12 37.41 -67.12 4.37
C ARG Y 12 38.69 -67.58 5.02
N PHE Y 13 38.54 -68.53 5.93
CA PHE Y 13 39.65 -69.33 6.41
C PHE Y 13 39.81 -70.50 5.47
N LEU Y 14 41.06 -70.83 5.18
CA LEU Y 14 41.34 -71.83 4.19
C LEU Y 14 42.58 -72.62 4.54
N ARG Y 15 42.49 -73.93 4.30
CA ARG Y 15 43.52 -74.89 4.64
C ARG Y 15 44.45 -75.07 3.47
N VAL Y 16 45.75 -74.97 3.73
CA VAL Y 16 46.79 -75.03 2.72
C VAL Y 16 47.89 -75.93 3.26
N LYS Y 17 48.74 -76.40 2.36
CA LYS Y 17 49.96 -77.08 2.74
C LYS Y 17 51.15 -76.48 2.02
N CYS Y 18 52.24 -76.34 2.75
CA CYS Y 18 53.49 -75.88 2.21
C CYS Y 18 54.02 -76.84 1.17
N ILE Y 19 54.87 -76.32 0.29
CA ILE Y 19 55.48 -77.13 -0.74
C ILE Y 19 56.72 -77.83 -0.20
N ASP Y 20 57.26 -77.34 0.92
CA ASP Y 20 58.54 -77.80 1.43
C ASP Y 20 58.37 -78.91 2.45
N CYS Y 21 57.50 -78.71 3.44
CA CYS Y 21 57.23 -79.72 4.45
C CYS Y 21 55.94 -80.47 4.18
N GLY Y 22 54.95 -79.82 3.60
CA GLY Y 22 53.69 -80.46 3.33
C GLY Y 22 52.76 -80.55 4.50
N ASN Y 23 52.91 -79.69 5.51
CA ASN Y 23 52.01 -79.70 6.64
C ASN Y 23 50.78 -78.86 6.34
N GLU Y 24 49.62 -79.47 6.44
CA GLU Y 24 48.38 -78.73 6.32
C GLU Y 24 48.26 -77.72 7.45
N GLN Y 25 47.85 -76.52 7.10
CA GLN Y 25 47.78 -75.41 8.04
C GLN Y 25 46.60 -74.52 7.66
N ILE Y 26 45.81 -74.16 8.65
CA ILE Y 26 44.75 -73.20 8.47
C ILE Y 26 45.34 -71.81 8.43
N VAL Y 27 44.75 -70.94 7.62
CA VAL Y 27 45.17 -69.56 7.53
C VAL Y 27 43.95 -68.69 7.23
N PHE Y 28 44.20 -67.39 7.12
CA PHE Y 28 43.21 -66.41 6.77
C PHE Y 28 43.51 -65.86 5.39
N SER Y 29 42.46 -65.61 4.62
CA SER Y 29 42.61 -65.16 3.24
C SER Y 29 43.00 -63.70 3.14
N ASN Y 30 42.60 -62.89 4.11
CA ASN Y 30 42.92 -61.47 4.16
C ASN Y 30 43.84 -61.19 5.34
N PRO Y 31 45.10 -61.59 5.26
CA PRO Y 31 46.02 -61.36 6.37
C PRO Y 31 46.63 -59.98 6.41
N SER Y 32 46.91 -59.54 7.62
CA SER Y 32 47.66 -58.33 7.89
C SER Y 32 49.13 -58.59 8.08
N THR Y 33 49.54 -59.86 8.18
CA THR Y 33 50.93 -60.23 8.37
C THR Y 33 51.27 -61.32 7.38
N THR Y 34 52.54 -61.35 7.01
CA THR Y 34 53.06 -62.48 6.25
C THR Y 34 52.96 -63.73 7.11
N VAL Y 35 52.20 -64.70 6.60
CA VAL Y 35 51.95 -65.94 7.29
C VAL Y 35 53.07 -66.90 6.96
N ARG Y 36 53.62 -67.52 7.98
CA ARG Y 36 54.73 -68.45 7.84
C ARG Y 36 54.30 -69.82 8.31
N CYS Y 37 54.84 -70.82 7.64
CA CYS Y 37 54.63 -72.20 8.07
C CYS Y 37 55.18 -72.41 9.46
N LEU Y 38 54.42 -73.13 10.27
CA LEU Y 38 54.81 -73.34 11.65
C LEU Y 38 56.03 -74.24 11.77
N VAL Y 39 56.33 -75.00 10.73
CA VAL Y 39 57.44 -75.94 10.75
C VAL Y 39 58.65 -75.41 9.99
N CYS Y 40 58.47 -74.93 8.76
CA CYS Y 40 59.60 -74.54 7.93
C CYS Y 40 59.92 -73.06 7.93
N GLY Y 41 59.02 -72.17 8.33
CA GLY Y 41 59.25 -70.76 8.18
C GLY Y 41 58.96 -70.25 6.79
N ALA Y 42 58.23 -71.00 6.00
CA ALA Y 42 57.96 -70.62 4.63
C ALA Y 42 56.72 -69.75 4.55
N THR Y 43 56.78 -68.74 3.70
CA THR Y 43 55.63 -67.88 3.51
C THR Y 43 54.54 -68.63 2.77
N LEU Y 44 53.35 -68.66 3.37
CA LEU Y 44 52.20 -69.30 2.75
C LEU Y 44 51.30 -68.28 2.09
N VAL Y 45 51.22 -67.08 2.66
CA VAL Y 45 50.46 -65.99 2.07
C VAL Y 45 51.20 -64.70 2.33
N GLU Y 46 51.37 -63.94 1.30
CA GLU Y 46 51.99 -62.64 1.36
C GLU Y 46 50.91 -61.57 1.43
N PRO Y 47 51.04 -60.58 2.31
CA PRO Y 47 49.95 -59.65 2.54
C PRO Y 47 49.85 -58.55 1.50
N THR Y 48 48.62 -58.09 1.33
CA THR Y 48 48.29 -57.07 0.35
C THR Y 48 47.28 -56.13 0.99
N GLY Y 49 46.67 -55.29 0.17
CA GLY Y 49 45.62 -54.43 0.66
C GLY Y 49 44.36 -55.18 0.95
N GLY Y 50 44.19 -56.33 0.35
CA GLY Y 50 43.06 -57.17 0.61
C GLY Y 50 43.44 -58.61 0.69
N LYS Y 51 42.78 -59.40 -0.14
CA LYS Y 51 43.04 -60.82 -0.25
C LYS Y 51 44.52 -61.06 -0.46
N GLY Y 52 45.12 -61.81 0.45
CA GLY Y 52 46.54 -62.06 0.37
C GLY Y 52 46.86 -62.95 -0.81
N ILE Y 53 48.07 -62.76 -1.34
CA ILE Y 53 48.49 -63.60 -2.46
C ILE Y 53 49.08 -64.88 -1.90
N LEU Y 54 48.59 -66.00 -2.40
CA LEU Y 54 48.84 -67.29 -1.79
C LEU Y 54 49.98 -67.98 -2.51
N LYS Y 55 51.03 -68.29 -1.75
CA LYS Y 55 52.02 -69.27 -2.15
C LYS Y 55 51.72 -70.57 -1.43
N ALA Y 56 52.09 -71.67 -2.08
CA ALA Y 56 52.15 -72.96 -1.39
C ALA Y 56 50.77 -73.36 -0.85
N LYS Y 57 49.89 -73.67 -1.80
CA LYS Y 57 48.59 -74.24 -1.47
C LYS Y 57 48.14 -75.33 -2.43
N VAL Y 58 49.07 -76.01 -3.10
CA VAL Y 58 48.68 -76.76 -4.29
C VAL Y 58 47.58 -77.77 -3.98
N LEU Y 59 47.52 -78.23 -2.73
CA LEU Y 59 46.39 -78.99 -2.22
C LEU Y 59 45.69 -78.14 -1.16
N GLU Y 60 44.49 -77.66 -1.50
CA GLU Y 60 43.84 -76.58 -0.78
C GLU Y 60 42.43 -76.99 -0.39
N VAL Y 61 41.91 -76.32 0.64
CA VAL Y 61 40.52 -76.42 1.07
C VAL Y 61 40.12 -75.04 1.57
N LEU Y 62 38.82 -74.81 1.65
CA LEU Y 62 38.31 -73.58 2.27
C LEU Y 62 37.06 -73.89 3.08
N GLU Y 63 37.01 -73.31 4.28
CA GLU Y 63 35.87 -73.53 5.16
C GLU Y 63 34.87 -72.39 5.09
N MET Z 1 -42.83 57.46 -29.63
CA MET Z 1 -44.25 57.93 -29.69
C MET Z 1 -44.37 59.43 -29.45
N GLY Z 2 -44.63 60.20 -30.51
CA GLY Z 2 -45.11 61.56 -30.31
C GLY Z 2 -46.40 61.65 -29.53
N GLN Z 3 -47.40 60.89 -29.96
CA GLN Z 3 -48.46 60.38 -29.10
C GLN Z 3 -49.58 61.36 -28.78
N LYS Z 4 -49.64 62.49 -29.48
CA LYS Z 4 -50.88 63.26 -29.53
C LYS Z 4 -50.86 64.20 -30.72
N TRP Z 5 -51.81 64.00 -31.63
CA TRP Z 5 -51.74 64.56 -32.98
C TRP Z 5 -53.14 64.98 -33.45
N LYS Z 6 -53.93 65.59 -32.58
CA LYS Z 6 -55.23 66.11 -33.00
C LYS Z 6 -54.96 67.40 -33.77
N LEU Z 7 -55.14 67.34 -35.09
CA LEU Z 7 -54.80 68.43 -35.99
C LEU Z 7 -56.00 69.20 -36.52
N TYR Z 8 -57.12 68.53 -36.75
CA TYR Z 8 -58.31 69.20 -37.29
C TYR Z 8 -58.79 70.27 -36.31
N GLU Z 9 -59.35 71.35 -36.86
CA GLU Z 9 -59.99 72.40 -36.07
C GLU Z 9 -61.47 72.42 -36.38
N VAL Z 10 -62.30 72.18 -35.36
CA VAL Z 10 -63.74 72.09 -35.54
C VAL Z 10 -64.29 73.50 -35.74
N LYS Z 11 -64.74 73.79 -36.96
CA LYS Z 11 -65.33 75.08 -37.25
C LYS Z 11 -66.72 75.23 -36.64
N GLY Z 12 -67.36 74.11 -36.29
CA GLY Z 12 -68.72 74.11 -35.79
C GLY Z 12 -69.65 73.45 -36.78
N GLY Z 13 -70.01 72.18 -36.51
CA GLY Z 13 -70.72 71.38 -37.47
C GLY Z 13 -69.87 70.79 -38.57
N LYS Z 14 -68.59 71.15 -38.63
CA LYS Z 14 -67.68 70.61 -39.64
C LYS Z 14 -66.25 70.88 -39.20
N VAL Z 15 -65.34 69.99 -39.58
CA VAL Z 15 -63.92 70.16 -39.29
C VAL Z 15 -63.23 70.83 -40.46
N ARG Z 16 -62.16 71.57 -40.17
CA ARG Z 16 -61.27 72.11 -41.19
C ARG Z 16 -59.87 71.55 -40.93
N ARG Z 17 -59.22 71.10 -41.98
CA ARG Z 17 -57.97 70.37 -41.82
C ARG Z 17 -56.80 71.33 -41.66
N LYS Z 18 -55.98 71.06 -40.64
CA LYS Z 18 -54.69 71.73 -40.51
C LYS Z 18 -53.73 71.35 -41.64
N ASN Z 19 -54.04 70.28 -42.38
CA ASN Z 19 -53.15 69.70 -43.36
C ASN Z 19 -53.11 70.53 -44.64
N LYS Z 20 -52.03 70.38 -45.38
CA LYS Z 20 -52.04 70.69 -46.80
C LYS Z 20 -52.20 69.38 -47.58
N PHE Z 21 -52.24 69.50 -48.90
CA PHE Z 21 -52.47 68.36 -49.77
C PHE Z 21 -51.42 68.36 -50.87
N CYS Z 22 -51.17 67.16 -51.41
CA CYS Z 22 -50.27 66.97 -52.54
C CYS Z 22 -51.07 66.82 -53.82
N PRO Z 23 -50.74 67.55 -54.90
CA PRO Z 23 -51.58 67.49 -56.10
C PRO Z 23 -51.34 66.24 -56.93
N ARG Z 24 -50.09 65.79 -57.04
CA ARG Z 24 -49.77 64.59 -57.81
C ARG Z 24 -50.14 63.30 -57.07
N CYS Z 25 -50.65 63.38 -55.85
CA CYS Z 25 -51.12 62.21 -55.11
C CYS Z 25 -52.64 62.21 -55.06
N GLY Z 26 -53.18 61.24 -54.31
CA GLY Z 26 -54.61 61.04 -54.20
C GLY Z 26 -55.23 61.83 -53.06
N PRO Z 27 -56.44 61.45 -52.64
CA PRO Z 27 -57.08 62.14 -51.52
C PRO Z 27 -56.65 61.55 -50.19
N GLY Z 28 -56.96 62.29 -49.12
CA GLY Z 28 -56.60 61.89 -47.77
C GLY Z 28 -55.16 62.14 -47.40
N VAL Z 29 -54.24 62.15 -48.38
CA VAL Z 29 -52.84 62.45 -48.12
C VAL Z 29 -52.71 63.79 -47.43
N PHE Z 30 -52.07 63.80 -46.26
CA PHE Z 30 -51.84 65.01 -45.50
C PHE Z 30 -50.36 65.33 -45.54
N MET Z 31 -50.04 66.61 -45.37
CA MET Z 31 -48.68 67.10 -45.57
C MET Z 31 -48.15 67.81 -44.34
N ALA Z 32 -46.84 67.95 -44.33
CA ALA Z 32 -46.09 68.77 -43.39
C ALA Z 32 -45.71 70.09 -44.05
N GLU Z 33 -44.87 70.85 -43.36
CA GLU Z 33 -44.38 72.13 -43.84
C GLU Z 33 -42.94 72.26 -43.36
N HIS Z 34 -41.99 72.36 -44.31
CA HIS Z 34 -40.61 72.67 -43.98
C HIS Z 34 -40.17 73.83 -44.86
N LYS Z 35 -40.66 75.02 -44.53
CA LYS Z 35 -40.08 76.31 -44.89
C LYS Z 35 -40.06 76.64 -46.38
N ASP Z 36 -40.16 75.65 -47.27
CA ASP Z 36 -40.32 75.90 -48.68
C ASP Z 36 -41.04 74.77 -49.41
N ARG Z 37 -41.52 73.76 -48.68
CA ARG Z 37 -41.97 72.53 -49.35
C ARG Z 37 -42.98 71.80 -48.46
N TRP Z 38 -43.51 70.69 -49.00
CA TRP Z 38 -44.44 69.79 -48.34
C TRP Z 38 -43.79 68.41 -48.16
N SER Z 39 -44.47 67.55 -47.40
CA SER Z 39 -43.99 66.18 -47.17
C SER Z 39 -45.14 65.21 -47.26
N CYS Z 40 -44.94 64.11 -48.00
CA CYS Z 40 -45.97 63.09 -48.10
C CYS Z 40 -45.78 62.05 -47.00
N GLY Z 41 -46.88 61.72 -46.32
CA GLY Z 41 -46.85 60.74 -45.25
C GLY Z 41 -47.07 59.33 -45.77
N ARG Z 42 -47.83 59.21 -46.86
CA ARG Z 42 -48.14 57.90 -47.41
C ARG Z 42 -46.88 57.20 -47.88
N CYS Z 43 -46.16 57.83 -48.80
CA CYS Z 43 -44.96 57.26 -49.39
C CYS Z 43 -43.74 58.16 -49.20
N GLY Z 44 -43.88 59.45 -49.43
CA GLY Z 44 -42.75 60.37 -49.34
C GLY Z 44 -42.06 60.48 -50.68
N TYR Z 45 -42.09 61.67 -51.27
CA TYR Z 45 -41.38 61.92 -52.52
C TYR Z 45 -41.15 63.42 -52.64
N THR Z 46 -40.38 63.79 -53.66
CA THR Z 46 -39.99 65.19 -53.88
C THR Z 46 -41.21 66.08 -54.06
N GLU Z 47 -41.11 67.31 -53.54
CA GLU Z 47 -42.15 68.32 -53.73
C GLU Z 47 -41.65 69.62 -53.14
N TRP Z 48 -42.19 70.73 -53.64
CA TRP Z 48 -41.97 72.05 -53.09
C TRP Z 48 -43.25 72.86 -53.18
N LYS Z 49 -43.25 74.02 -52.52
CA LYS Z 49 -44.38 74.93 -52.60
C LYS Z 49 -44.66 75.35 -54.03
N ARG Z 50 -43.77 76.19 -54.59
CA ARG Z 50 -43.94 76.85 -55.88
C ARG Z 50 -45.38 77.22 -56.20
N MET AA 1 44.19 -3.31 -75.46
CA MET AA 1 45.08 -3.57 -74.34
C MET AA 1 44.52 -4.65 -73.43
N SER AA 2 45.32 -5.70 -73.23
CA SER AA 2 44.94 -6.81 -72.35
C SER AA 2 46.25 -7.41 -71.84
N ASP AA 3 46.59 -7.09 -70.60
CA ASP AA 3 47.85 -7.50 -70.02
C ASP AA 3 47.76 -8.98 -69.64
N GLU AA 4 48.68 -9.45 -68.82
CA GLU AA 4 48.89 -10.87 -68.58
C GLU AA 4 47.70 -11.63 -67.97
N GLY AA 5 46.52 -11.02 -67.88
CA GLY AA 5 45.34 -11.63 -67.32
C GLY AA 5 45.06 -13.07 -67.73
N TYR AA 6 44.54 -13.82 -66.79
CA TYR AA 6 44.25 -15.23 -66.97
C TYR AA 6 42.76 -15.47 -66.91
N PRO AA 7 42.14 -15.96 -67.98
CA PRO AA 7 40.74 -16.33 -67.92
C PRO AA 7 40.44 -17.32 -66.81
N ALA AA 8 39.16 -17.41 -66.47
CA ALA AA 8 38.70 -18.32 -65.44
C ALA AA 8 37.19 -18.45 -65.53
N GLU AA 9 36.71 -19.67 -65.70
CA GLU AA 9 35.31 -19.94 -65.90
C GLU AA 9 34.63 -20.25 -64.58
N VAL AA 10 33.41 -19.77 -64.43
CA VAL AA 10 32.67 -19.90 -63.18
C VAL AA 10 31.84 -21.17 -63.23
N ILE AA 11 31.97 -21.98 -62.20
CA ILE AA 11 31.45 -23.33 -62.19
C ILE AA 11 30.36 -23.46 -61.14
N GLU AA 12 30.45 -22.63 -60.10
CA GLU AA 12 29.54 -22.76 -58.97
C GLU AA 12 29.48 -21.44 -58.23
N ILE AA 13 28.29 -21.00 -57.97
CA ILE AA 13 28.05 -19.84 -57.13
C ILE AA 13 27.93 -20.31 -55.69
N VAL AA 14 28.54 -19.56 -54.80
CA VAL AA 14 28.39 -19.81 -53.37
C VAL AA 14 27.77 -18.54 -52.79
N ALA AA 15 27.73 -18.46 -51.47
CA ALA AA 15 27.07 -17.35 -50.79
C ALA AA 15 27.56 -16.01 -51.29
N ARG AA 16 26.73 -15.01 -51.07
CA ARG AA 16 27.11 -13.64 -51.34
C ARG AA 16 27.82 -13.04 -50.13
N THR AA 17 28.52 -11.95 -50.39
CA THR AA 17 29.47 -11.40 -49.45
C THR AA 17 29.35 -9.89 -49.47
N GLY AA 18 30.30 -9.21 -48.86
CA GLY AA 18 30.31 -7.77 -48.87
C GLY AA 18 29.54 -7.19 -47.72
N VAL AA 19 30.04 -6.06 -47.23
CA VAL AA 19 29.36 -5.37 -46.17
C VAL AA 19 27.97 -4.95 -46.63
N THR AA 20 27.83 -4.54 -47.89
CA THR AA 20 26.57 -4.11 -48.46
C THR AA 20 25.98 -5.10 -49.45
N GLY AA 21 26.50 -6.33 -49.50
CA GLY AA 21 25.91 -7.36 -50.32
C GLY AA 21 26.18 -7.26 -51.79
N GLY AA 22 27.19 -6.51 -52.20
CA GLY AA 22 27.47 -6.34 -53.61
C GLY AA 22 28.38 -7.39 -54.17
N VAL AA 23 29.11 -8.05 -53.29
CA VAL AA 23 30.10 -9.02 -53.68
C VAL AA 23 29.52 -10.41 -53.59
N THR AA 24 30.04 -11.28 -54.44
CA THR AA 24 29.62 -12.66 -54.52
C THR AA 24 30.86 -13.54 -54.52
N GLN AA 25 30.99 -14.38 -53.50
CA GLN AA 25 32.02 -15.40 -53.49
C GLN AA 25 31.63 -16.48 -54.48
N VAL AA 26 32.64 -17.00 -55.18
CA VAL AA 26 32.38 -17.90 -56.29
C VAL AA 26 33.55 -18.84 -56.46
N LYS AA 27 33.26 -19.98 -57.07
CA LYS AA 27 34.26 -20.97 -57.44
C LYS AA 27 34.48 -20.91 -58.93
N VAL AA 28 35.73 -20.80 -59.33
CA VAL AA 28 36.10 -20.59 -60.72
C VAL AA 28 37.22 -21.55 -61.07
N ARG AA 29 37.37 -21.81 -62.37
CA ARG AA 29 38.38 -22.70 -62.89
C ARG AA 29 39.15 -22.00 -63.99
N ILE AA 30 40.47 -21.92 -63.81
CA ILE AA 30 41.33 -21.30 -64.81
C ILE AA 30 41.30 -22.14 -66.07
N LEU AA 31 41.56 -21.48 -67.20
CA LEU AA 31 41.42 -22.04 -68.53
C LEU AA 31 42.73 -21.99 -69.30
N GLU AA 32 43.57 -20.99 -69.01
CA GLU AA 32 44.82 -20.82 -69.69
C GLU AA 32 45.90 -20.48 -68.67
N GLY AA 33 47.15 -20.42 -69.14
CA GLY AA 33 48.30 -20.23 -68.29
C GLY AA 33 49.03 -21.54 -68.06
N ARG AA 34 49.26 -21.85 -66.79
CA ARG AA 34 49.92 -23.08 -66.37
C ARG AA 34 48.99 -23.98 -65.56
N ASP AA 35 47.98 -23.41 -64.92
CA ASP AA 35 47.05 -24.19 -64.12
C ASP AA 35 46.21 -25.11 -64.99
N LYS AA 36 45.41 -24.54 -65.88
CA LYS AA 36 44.69 -25.27 -66.90
C LYS AA 36 43.77 -26.32 -66.28
N GLY AA 37 43.16 -25.93 -65.18
CA GLY AA 37 42.16 -26.76 -64.55
C GLY AA 37 42.11 -26.61 -63.05
N ARG AA 38 42.97 -25.78 -62.50
CA ARG AA 38 43.00 -25.59 -61.06
C ARG AA 38 41.86 -24.71 -60.64
N VAL AA 39 40.86 -25.30 -60.02
CA VAL AA 39 39.81 -24.47 -59.46
C VAL AA 39 40.39 -23.61 -58.35
N ILE AA 40 39.62 -22.60 -57.97
CA ILE AA 40 40.04 -21.61 -57.01
C ILE AA 40 38.80 -20.82 -56.64
N ARG AA 41 38.85 -20.17 -55.50
CA ARG AA 41 37.71 -19.45 -54.97
C ARG AA 41 38.04 -17.97 -54.90
N ARG AA 42 37.20 -17.17 -55.54
CA ARG AA 42 37.45 -15.74 -55.63
C ARG AA 42 36.20 -14.98 -55.25
N ASN AA 43 36.42 -13.73 -54.90
CA ASN AA 43 35.35 -12.82 -54.52
C ASN AA 43 35.13 -11.85 -55.67
N VAL AA 44 34.01 -12.00 -56.34
CA VAL AA 44 33.74 -11.28 -57.58
C VAL AA 44 32.68 -10.23 -57.34
N LYS AA 45 32.87 -9.07 -57.98
CA LYS AA 45 31.96 -7.94 -57.88
C LYS AA 45 31.08 -7.87 -59.10
N GLY AA 46 29.78 -7.79 -58.87
CA GLY AA 46 28.82 -7.66 -59.92
C GLY AA 46 28.01 -8.90 -60.15
N PRO AA 47 27.17 -8.87 -61.17
CA PRO AA 47 26.33 -10.04 -61.49
C PRO AA 47 27.12 -11.13 -62.18
N VAL AA 48 26.84 -12.36 -61.80
CA VAL AA 48 27.47 -13.54 -62.36
C VAL AA 48 26.43 -14.62 -62.51
N ARG AA 49 26.55 -15.37 -63.59
CA ARG AA 49 25.87 -16.62 -63.80
C ARG AA 49 26.93 -17.66 -64.08
N VAL AA 50 26.61 -18.93 -63.86
CA VAL AA 50 27.55 -19.98 -64.18
C VAL AA 50 27.80 -19.98 -65.68
N GLY AA 51 29.03 -20.31 -66.04
CA GLY AA 51 29.49 -20.20 -67.39
C GLY AA 51 30.17 -18.89 -67.69
N ASP AA 52 29.96 -17.90 -66.84
CA ASP AA 52 30.63 -16.62 -67.03
C ASP AA 52 32.13 -16.82 -66.93
N ILE AA 53 32.85 -15.83 -67.45
CA ILE AA 53 34.30 -15.87 -67.49
C ILE AA 53 34.81 -14.58 -66.88
N VAL AA 54 35.59 -14.73 -65.83
CA VAL AA 54 36.27 -13.63 -65.19
C VAL AA 54 37.76 -13.82 -65.40
N ILE AA 55 38.45 -12.74 -65.65
CA ILE AA 55 39.88 -12.79 -65.90
C ILE AA 55 40.59 -12.15 -64.72
N LEU AA 56 41.66 -12.81 -64.30
CA LEU AA 56 42.34 -12.49 -63.06
C LEU AA 56 43.74 -11.99 -63.36
N ARG AA 57 44.16 -10.99 -62.62
CA ARG AA 57 45.51 -10.50 -62.72
C ARG AA 57 46.51 -11.41 -62.02
N GLU AA 58 46.03 -12.32 -61.17
CA GLU AA 58 46.84 -13.33 -60.55
C GLU AA 58 45.97 -14.55 -60.30
N THR AA 59 46.56 -15.57 -59.68
CA THR AA 59 45.80 -16.74 -59.23
C THR AA 59 46.14 -17.18 -57.83
N GLU AA 60 47.16 -16.62 -57.20
CA GLU AA 60 47.60 -17.04 -55.87
C GLU AA 60 47.15 -16.03 -54.82
N ARG AA 61 45.84 -15.87 -54.69
CA ARG AA 61 45.27 -15.12 -53.58
C ARG AA 61 44.32 -15.97 -52.76
N GLU AA 62 43.28 -16.53 -53.39
CA GLU AA 62 42.49 -17.59 -52.80
C GLU AA 62 41.87 -17.17 -51.47
N ALA AA 63 40.96 -16.21 -51.56
CA ALA AA 63 40.14 -15.84 -50.43
C ALA AA 63 39.21 -16.99 -50.12
N ARG AA 64 38.99 -17.25 -48.85
CA ARG AA 64 38.10 -18.32 -48.42
C ARG AA 64 37.22 -17.84 -47.28
N GLU AA 65 36.07 -18.48 -47.15
CA GLU AA 65 34.98 -18.01 -46.32
C GLU AA 65 33.86 -19.04 -46.44
N ILE AA 66 32.86 -18.91 -45.57
CA ILE AA 66 31.73 -19.82 -45.54
C ILE AA 66 30.52 -19.16 -46.18
N MET BA 1 -62.60 60.34 -25.99
CA MET BA 1 -62.57 61.81 -25.79
C MET BA 1 -63.17 62.20 -24.45
N ALA BA 2 -63.17 61.25 -23.52
CA ALA BA 2 -63.79 61.45 -22.23
C ALA BA 2 -62.74 61.55 -21.14
N LYS BA 3 -63.16 62.11 -20.01
CA LYS BA 3 -62.36 62.29 -18.82
C LYS BA 3 -63.05 61.61 -17.65
N PRO BA 4 -62.34 61.36 -16.54
CA PRO BA 4 -63.01 60.87 -15.33
C PRO BA 4 -64.05 61.85 -14.79
N SER BA 5 -63.82 63.15 -14.92
CA SER BA 5 -64.80 64.14 -14.50
C SER BA 5 -65.92 64.30 -15.52
N TYR BA 6 -65.70 63.89 -16.77
CA TYR BA 6 -66.67 64.06 -17.84
C TYR BA 6 -67.46 62.77 -18.05
N VAL BA 7 -68.27 62.45 -17.05
CA VAL BA 7 -69.23 61.35 -17.14
C VAL BA 7 -70.57 61.91 -16.66
N LYS BA 8 -71.48 62.15 -17.61
CA LYS BA 8 -72.70 62.88 -17.36
C LYS BA 8 -73.86 61.98 -16.92
N PHE BA 9 -73.90 60.73 -17.37
CA PHE BA 9 -75.09 59.90 -17.24
C PHE BA 9 -74.71 58.47 -16.89
N GLU BA 10 -75.72 57.60 -16.93
CA GLU BA 10 -75.62 56.21 -16.52
C GLU BA 10 -75.54 55.32 -17.75
N VAL BA 11 -74.57 54.40 -17.76
CA VAL BA 11 -74.43 53.41 -18.81
C VAL BA 11 -74.44 52.03 -18.16
N PRO BA 12 -75.39 51.14 -18.46
CA PRO BA 12 -75.28 49.76 -18.01
C PRO BA 12 -74.10 49.04 -18.66
N ALA BA 13 -73.36 48.33 -17.82
CA ALA BA 13 -72.25 47.52 -18.28
C ALA BA 13 -72.70 46.48 -19.29
N GLU BA 14 -73.93 45.99 -19.19
CA GLU BA 14 -74.50 45.15 -20.24
C GLU BA 14 -74.74 45.93 -21.52
N LEU BA 15 -75.41 47.09 -21.45
CA LEU BA 15 -75.72 47.89 -22.63
C LEU BA 15 -74.48 48.22 -23.45
N ALA BA 16 -73.54 48.96 -22.85
CA ALA BA 16 -72.42 49.46 -23.64
C ALA BA 16 -71.57 48.33 -24.21
N GLU BA 17 -71.13 47.42 -23.35
CA GLU BA 17 -70.22 46.37 -23.80
C GLU BA 17 -70.89 45.39 -24.75
N LYS BA 18 -72.19 45.14 -24.58
CA LYS BA 18 -72.86 44.21 -25.49
C LYS BA 18 -73.19 44.89 -26.82
N ALA BA 19 -73.46 46.21 -26.81
CA ALA BA 19 -73.57 46.93 -28.08
C ALA BA 19 -72.25 46.90 -28.82
N LEU BA 20 -71.14 47.02 -28.09
CA LEU BA 20 -69.85 46.92 -28.74
C LEU BA 20 -69.56 45.50 -29.21
N GLU BA 21 -69.98 44.48 -28.47
CA GLU BA 21 -69.84 43.11 -28.97
C GLU BA 21 -70.72 42.87 -30.19
N ALA BA 22 -71.81 43.62 -30.31
CA ALA BA 22 -72.65 43.56 -31.50
C ALA BA 22 -71.94 44.17 -32.71
N VAL BA 23 -71.41 45.38 -32.57
CA VAL BA 23 -70.70 46.02 -33.68
C VAL BA 23 -69.33 45.38 -33.89
N GLU BA 24 -68.95 44.45 -33.01
CA GLU BA 24 -67.78 43.62 -33.26
C GLU BA 24 -67.93 42.84 -34.56
N LEU BA 25 -69.08 42.19 -34.76
CA LEU BA 25 -69.38 41.52 -36.01
C LEU BA 25 -69.95 42.47 -37.07
N ALA BA 26 -69.84 43.79 -36.84
CA ALA BA 26 -70.17 44.80 -37.83
C ALA BA 26 -68.93 45.40 -38.46
N ARG BA 27 -67.85 45.53 -37.69
CA ARG BA 27 -66.60 46.04 -38.28
C ARG BA 27 -66.12 45.18 -39.44
N ASP BA 28 -66.40 43.88 -39.44
CA ASP BA 28 -66.13 43.07 -40.61
C ASP BA 28 -67.04 43.43 -41.79
N THR BA 29 -68.22 44.00 -41.51
CA THR BA 29 -69.11 44.47 -42.56
C THR BA 29 -68.75 45.86 -43.06
N GLY BA 30 -68.10 46.68 -42.25
CA GLY BA 30 -67.72 48.01 -42.70
C GLY BA 30 -66.71 48.75 -41.82
N ARG BA 31 -66.53 50.03 -42.12
CA ARG BA 31 -65.57 50.88 -41.43
C ARG BA 31 -66.11 51.33 -40.08
N ILE BA 32 -65.27 51.26 -39.06
CA ILE BA 32 -65.58 51.80 -37.74
C ILE BA 32 -64.36 52.56 -37.25
N ARG BA 33 -64.50 53.88 -37.08
CA ARG BA 33 -63.36 54.73 -36.75
C ARG BA 33 -63.04 54.64 -35.26
N LYS BA 34 -61.83 55.09 -34.92
CA LYS BA 34 -61.36 55.09 -33.54
C LYS BA 34 -60.54 56.35 -33.29
N GLY BA 35 -60.27 56.64 -32.02
CA GLY BA 35 -59.48 57.80 -31.66
C GLY BA 35 -60.24 59.09 -31.82
N THR BA 36 -59.89 60.12 -31.05
CA THR BA 36 -60.71 61.33 -31.05
C THR BA 36 -60.55 62.16 -32.32
N ASN BA 37 -59.39 62.11 -32.98
CA ASN BA 37 -59.30 62.78 -34.27
C ASN BA 37 -60.32 62.23 -35.26
N GLU BA 38 -60.38 60.91 -35.46
CA GLU BA 38 -61.38 60.33 -36.34
C GLU BA 38 -62.79 60.44 -35.78
N THR BA 39 -62.96 60.52 -34.46
CA THR BA 39 -64.30 60.70 -33.89
C THR BA 39 -64.83 62.11 -34.15
N THR BA 40 -63.99 63.12 -33.93
CA THR BA 40 -64.33 64.47 -34.36
C THR BA 40 -64.61 64.50 -35.86
N LYS BA 41 -63.78 63.82 -36.66
CA LYS BA 41 -64.01 63.74 -38.09
C LYS BA 41 -65.41 63.23 -38.39
N ALA BA 42 -65.80 62.08 -37.81
CA ALA BA 42 -67.09 61.48 -38.09
C ALA BA 42 -68.24 62.35 -37.60
N VAL BA 43 -68.20 62.76 -36.33
CA VAL BA 43 -69.30 63.53 -35.75
C VAL BA 43 -69.48 64.88 -36.41
N GLU BA 44 -68.42 65.50 -36.92
CA GLU BA 44 -68.52 66.79 -37.57
C GLU BA 44 -68.80 66.69 -39.06
N ARG BA 45 -68.48 65.56 -39.70
CA ARG BA 45 -68.92 65.34 -41.07
C ARG BA 45 -70.40 65.02 -41.10
N GLY BA 46 -70.87 64.19 -40.16
CA GLY BA 46 -72.27 63.84 -40.04
C GLY BA 46 -72.61 62.42 -40.46
N GLN BA 47 -71.64 61.62 -40.90
CA GLN BA 47 -71.94 60.25 -41.32
C GLN BA 47 -72.33 59.35 -40.16
N ALA BA 48 -71.83 59.61 -38.95
CA ALA BA 48 -72.15 58.81 -37.79
C ALA BA 48 -73.47 59.26 -37.18
N LYS BA 49 -74.10 58.33 -36.45
CA LYS BA 49 -75.31 58.63 -35.68
C LYS BA 49 -75.06 58.63 -34.18
N LEU BA 50 -74.04 57.94 -33.70
CA LEU BA 50 -73.68 57.96 -32.29
C LEU BA 50 -72.26 57.43 -32.17
N VAL BA 51 -71.67 57.62 -30.98
CA VAL BA 51 -70.30 57.20 -30.71
C VAL BA 51 -70.24 56.53 -29.33
N VAL BA 52 -69.07 55.98 -29.02
CA VAL BA 52 -68.82 55.35 -27.72
C VAL BA 52 -67.39 55.70 -27.34
N ILE BA 53 -67.22 56.33 -26.17
CA ILE BA 53 -65.94 56.93 -25.78
C ILE BA 53 -65.53 56.44 -24.40
N ALA BA 54 -64.22 56.51 -24.14
CA ALA BA 54 -63.61 56.02 -22.92
C ALA BA 54 -62.84 57.15 -22.24
N GLU BA 55 -62.58 56.97 -20.96
CA GLU BA 55 -61.93 57.95 -20.11
C GLU BA 55 -60.44 57.60 -19.99
N ASP BA 56 -59.70 57.86 -21.06
CA ASP BA 56 -58.27 57.53 -21.12
C ASP BA 56 -57.38 58.63 -21.68
N VAL BA 57 -57.91 59.56 -22.47
CA VAL BA 57 -57.09 60.43 -23.31
C VAL BA 57 -56.48 61.53 -22.46
N ASP BA 58 -55.27 62.01 -22.85
CA ASP BA 58 -54.53 63.03 -22.11
C ASP BA 58 -53.94 64.08 -23.06
N PRO BA 59 -54.10 65.39 -22.79
CA PRO BA 59 -54.95 66.12 -21.83
C PRO BA 59 -56.24 66.58 -22.50
N GLU BA 60 -57.00 67.46 -21.84
CA GLU BA 60 -58.25 67.97 -22.41
C GLU BA 60 -58.00 68.52 -23.82
N GLU BA 61 -58.75 68.03 -24.80
CA GLU BA 61 -58.60 68.45 -26.19
C GLU BA 61 -59.88 68.91 -26.87
N ILE BA 62 -61.06 68.40 -26.49
CA ILE BA 62 -62.32 68.83 -27.08
C ILE BA 62 -63.38 69.15 -26.06
N VAL BA 63 -63.23 68.79 -24.79
CA VAL BA 63 -64.31 68.95 -23.82
C VAL BA 63 -64.63 70.41 -23.55
N ALA BA 64 -63.80 71.34 -24.02
CA ALA BA 64 -64.10 72.76 -23.91
C ALA BA 64 -65.20 73.21 -24.86
N HIS BA 65 -65.32 72.56 -26.03
CA HIS BA 65 -66.35 72.88 -27.00
C HIS BA 65 -67.40 71.79 -27.18
N LEU BA 66 -67.18 70.60 -26.64
CA LEU BA 66 -68.11 69.49 -26.83
C LEU BA 66 -69.44 69.68 -26.12
N PRO BA 67 -69.50 70.22 -24.90
CA PRO BA 67 -70.80 70.35 -24.23
C PRO BA 67 -71.77 71.21 -25.02
N PRO BA 68 -71.36 72.38 -25.54
CA PRO BA 68 -72.29 73.14 -26.41
C PRO BA 68 -72.37 72.64 -27.85
N LEU BA 69 -71.58 71.63 -28.23
CA LEU BA 69 -71.53 71.17 -29.61
C LEU BA 69 -72.27 69.86 -29.84
N CYS BA 70 -72.35 69.00 -28.84
CA CYS BA 70 -72.94 67.67 -29.00
C CYS BA 70 -74.40 67.71 -29.45
N GLU BA 71 -75.10 68.81 -29.21
CA GLU BA 71 -76.51 68.94 -29.60
C GLU BA 71 -76.67 69.49 -31.01
N GLU BA 72 -75.55 69.67 -31.74
CA GLU BA 72 -75.63 70.19 -33.10
C GLU BA 72 -76.36 69.23 -34.04
N LYS BA 73 -76.27 67.92 -33.77
CA LYS BA 73 -76.78 66.92 -34.71
C LYS BA 73 -77.68 65.88 -34.03
N GLU BA 74 -77.95 66.02 -32.73
CA GLU BA 74 -78.69 65.01 -31.97
C GLU BA 74 -77.95 63.67 -32.00
N ILE BA 75 -76.72 63.70 -31.53
CA ILE BA 75 -75.79 62.57 -31.62
C ILE BA 75 -75.39 62.17 -30.21
N PRO BA 76 -75.69 60.93 -29.77
CA PRO BA 76 -75.26 60.52 -28.42
C PRO BA 76 -73.88 59.92 -28.40
N TYR BA 77 -73.27 59.92 -27.22
CA TYR BA 77 -71.99 59.28 -26.99
C TYR BA 77 -72.09 58.47 -25.71
N ILE BA 78 -71.95 57.16 -25.83
CA ILE BA 78 -72.10 56.23 -24.72
C ILE BA 78 -70.73 56.06 -24.05
N TYR BA 79 -70.73 56.00 -22.72
CA TYR BA 79 -69.49 55.83 -21.99
C TYR BA 79 -69.13 54.35 -21.86
N VAL BA 80 -67.86 54.04 -22.10
CA VAL BA 80 -67.27 52.76 -21.76
C VAL BA 80 -66.20 53.09 -20.73
N PRO BA 81 -65.95 52.24 -19.72
CA PRO BA 81 -65.11 52.69 -18.60
C PRO BA 81 -63.67 53.02 -18.97
N SER BA 82 -62.99 52.21 -19.78
CA SER BA 82 -61.55 52.35 -19.85
C SER BA 82 -60.97 51.60 -21.05
N LYS BA 83 -59.68 51.83 -21.29
CA LYS BA 83 -58.91 51.15 -22.31
C LYS BA 83 -59.10 49.65 -22.32
N LYS BA 84 -59.17 49.01 -21.14
CA LYS BA 84 -59.16 47.56 -21.07
C LYS BA 84 -60.34 46.96 -21.82
N GLU BA 85 -61.57 47.25 -21.38
CA GLU BA 85 -62.71 46.68 -22.06
C GLU BA 85 -62.94 47.35 -23.41
N LEU BA 86 -62.52 48.61 -23.59
CA LEU BA 86 -62.63 49.18 -24.93
C LEU BA 86 -61.87 48.34 -25.95
N GLY BA 87 -60.57 48.16 -25.76
CA GLY BA 87 -59.76 47.37 -26.66
C GLY BA 87 -60.07 45.90 -26.65
N ALA BA 88 -60.60 45.36 -25.55
CA ALA BA 88 -61.01 43.97 -25.50
C ALA BA 88 -62.29 43.71 -26.28
N ALA BA 89 -63.21 44.67 -26.31
CA ALA BA 89 -64.42 44.57 -27.08
C ALA BA 89 -64.23 44.96 -28.53
N ALA BA 90 -63.21 45.79 -28.82
CA ALA BA 90 -62.95 46.24 -30.18
C ALA BA 90 -62.40 45.14 -31.07
N GLY BA 91 -61.96 44.03 -30.50
CA GLY BA 91 -61.45 42.92 -31.27
C GLY BA 91 -59.95 42.99 -31.49
N ILE BA 92 -59.41 44.22 -31.48
CA ILE BA 92 -57.98 44.41 -31.64
C ILE BA 92 -57.29 44.29 -30.29
N GLU BA 93 -55.95 44.23 -30.34
CA GLU BA 93 -55.12 44.07 -29.15
C GLU BA 93 -54.83 45.38 -28.44
N VAL BA 94 -54.66 46.47 -29.17
CA VAL BA 94 -54.29 47.77 -28.60
C VAL BA 94 -55.50 48.69 -28.69
N PRO BA 95 -55.94 49.31 -27.58
CA PRO BA 95 -57.25 49.99 -27.58
C PRO BA 95 -57.20 51.37 -28.24
N ALA BA 96 -58.31 52.10 -28.09
CA ALA BA 96 -58.40 53.52 -28.41
C ALA BA 96 -59.13 54.23 -27.27
N ALA BA 97 -59.38 55.53 -27.46
CA ALA BA 97 -60.18 56.30 -26.52
C ALA BA 97 -61.62 56.44 -26.96
N SER BA 98 -61.87 56.42 -28.27
CA SER BA 98 -63.21 56.59 -28.82
C SER BA 98 -63.44 55.53 -29.89
N VAL BA 99 -64.66 55.03 -29.95
CA VAL BA 99 -65.10 54.10 -31.00
C VAL BA 99 -66.17 54.80 -31.81
N ALA BA 100 -65.76 55.49 -32.87
CA ALA BA 100 -66.68 56.17 -33.76
C ALA BA 100 -67.34 55.16 -34.70
N ILE BA 101 -68.64 54.96 -34.54
CA ILE BA 101 -69.37 53.95 -35.29
C ILE BA 101 -69.78 54.56 -36.63
N LEU BA 102 -69.32 53.96 -37.72
CA LEU BA 102 -69.83 54.22 -39.06
C LEU BA 102 -70.36 52.93 -39.64
N GLU BA 103 -71.49 53.02 -40.35
CA GLU BA 103 -72.09 51.85 -41.00
C GLU BA 103 -72.32 50.72 -40.00
N PRO BA 104 -73.24 50.87 -39.05
CA PRO BA 104 -73.46 49.81 -38.06
C PRO BA 104 -73.98 48.53 -38.69
N GLY BA 105 -73.68 47.40 -38.03
CA GLY BA 105 -74.09 46.10 -38.50
C GLY BA 105 -74.91 45.34 -37.47
N LYS BA 106 -75.26 44.10 -37.82
CA LYS BA 106 -76.11 43.23 -37.00
C LYS BA 106 -77.50 43.83 -36.78
N GLY BA 107 -77.90 44.76 -37.64
CA GLY BA 107 -79.25 45.28 -37.59
C GLY BA 107 -79.44 46.50 -36.69
N ARG BA 108 -80.00 47.55 -37.27
CA ARG BA 108 -80.50 48.67 -36.50
C ARG BA 108 -81.46 48.22 -35.41
N GLU BA 109 -82.22 47.15 -35.65
CA GLU BA 109 -83.17 46.59 -34.68
C GLU BA 109 -82.56 46.38 -33.30
N LEU BA 110 -81.27 46.10 -33.21
CA LEU BA 110 -80.58 46.05 -31.92
C LEU BA 110 -79.69 47.27 -31.71
N VAL BA 111 -78.89 47.66 -32.73
CA VAL BA 111 -77.95 48.78 -32.55
C VAL BA 111 -78.69 50.04 -32.16
N GLU BA 112 -79.59 50.52 -33.01
CA GLU BA 112 -80.24 51.78 -32.70
C GLU BA 112 -81.49 51.60 -31.83
N ASP BA 113 -81.84 50.36 -31.49
CA ASP BA 113 -82.69 50.17 -30.30
C ASP BA 113 -81.91 50.53 -29.03
N ILE BA 114 -80.62 50.18 -28.98
CA ILE BA 114 -79.80 50.69 -27.89
C ILE BA 114 -79.58 52.19 -28.04
N ALA BA 115 -79.57 52.69 -29.27
CA ALA BA 115 -79.62 54.15 -29.43
C ALA BA 115 -80.90 54.73 -28.84
N ALA BA 116 -82.01 54.00 -28.90
CA ALA BA 116 -83.21 54.40 -28.18
C ALA BA 116 -83.04 54.30 -26.66
N LYS BA 117 -82.23 53.36 -26.19
CA LYS BA 117 -81.92 53.36 -24.76
C LYS BA 117 -81.13 54.59 -24.35
N VAL BA 118 -80.25 55.11 -25.21
CA VAL BA 118 -79.62 56.39 -24.89
C VAL BA 118 -80.53 57.57 -25.23
N ARG BA 119 -81.57 57.38 -26.04
CA ARG BA 119 -82.64 58.37 -26.05
C ARG BA 119 -83.27 58.48 -24.67
N GLU BA 120 -83.48 57.34 -24.00
CA GLU BA 120 -83.81 57.39 -22.58
C GLU BA 120 -82.78 58.20 -21.81
N LEU BA 121 -81.49 57.86 -21.96
CA LEU BA 121 -80.48 58.36 -21.03
C LEU BA 121 -80.05 59.80 -21.32
N MET BA 122 -79.40 60.07 -22.46
CA MET BA 122 -79.01 61.41 -22.85
C MET BA 122 -78.34 61.37 -24.21
N LYS BA 123 -77.97 62.55 -24.70
CA LYS BA 123 -77.23 62.69 -25.96
C LYS BA 123 -75.94 63.49 -25.73
N MET CA 1 33.45 -4.54 12.79
CA MET CA 1 32.01 -4.23 12.84
C MET CA 1 31.14 -5.44 12.66
N LYS CA 2 29.97 -5.36 13.27
CA LYS CA 2 28.85 -6.15 12.81
C LYS CA 2 28.29 -5.48 11.57
N ARG CA 3 28.04 -6.27 10.53
CA ARG CA 3 27.54 -5.72 9.29
C ARG CA 3 26.25 -6.43 8.90
N ARG CA 4 25.65 -5.92 7.83
CA ARG CA 4 24.36 -6.40 7.38
C ARG CA 4 24.35 -6.48 5.85
N PRO CA 5 24.28 -7.68 5.28
CA PRO CA 5 24.14 -7.78 3.82
C PRO CA 5 23.06 -6.93 3.23
N ARG CA 6 21.97 -6.79 3.96
CA ARG CA 6 20.95 -5.82 3.63
C ARG CA 6 21.57 -4.46 3.33
N LYS CA 7 22.45 -3.98 4.20
CA LYS CA 7 23.16 -2.75 3.96
C LYS CA 7 24.08 -2.84 2.76
N TRP CA 8 24.59 -4.01 2.45
CA TRP CA 8 25.48 -4.13 1.29
C TRP CA 8 24.75 -3.92 -0.01
N LYS CA 9 23.46 -4.19 -0.04
CA LYS CA 9 22.67 -3.89 -1.23
C LYS CA 9 22.59 -2.39 -1.49
N LYS CA 10 22.12 -2.03 -2.68
CA LYS CA 10 22.31 -0.69 -3.23
C LYS CA 10 21.04 -0.07 -3.77
N LYS CA 11 19.89 -0.69 -3.55
CA LYS CA 11 18.64 -0.26 -4.16
C LYS CA 11 18.31 1.19 -3.83
N GLY CA 12 18.47 1.59 -2.58
CA GLY CA 12 18.24 2.97 -2.21
C GLY CA 12 19.32 3.53 -1.33
N ARG CA 13 20.55 3.08 -1.56
CA ARG CA 13 21.61 3.25 -0.62
C ARG CA 13 22.87 3.73 -1.30
N MET CA 14 23.73 4.27 -0.46
CA MET CA 14 25.12 4.46 -0.76
C MET CA 14 25.89 3.17 -0.45
N ARG CA 15 27.07 3.05 -1.05
CA ARG CA 15 27.88 1.85 -0.86
C ARG CA 15 28.38 1.71 0.57
N TRP CA 16 28.30 0.48 1.07
CA TRP CA 16 28.56 0.20 2.46
C TRP CA 16 30.02 0.39 2.86
N LYS CA 17 30.96 0.03 2.00
CA LYS CA 17 32.37 0.32 2.25
C LYS CA 17 32.58 1.77 2.62
N TRP CA 18 31.91 2.67 1.91
CA TRP CA 18 32.13 4.08 2.06
C TRP CA 18 31.34 4.67 3.21
N ILE CA 19 30.14 4.16 3.44
CA ILE CA 19 29.43 4.45 4.68
C ILE CA 19 30.30 4.09 5.87
N LYS CA 20 30.84 2.90 5.87
CA LYS CA 20 31.76 2.42 6.89
C LYS CA 20 32.93 3.36 7.08
N LYS CA 21 33.59 3.76 5.99
CA LYS CA 21 34.73 4.64 6.10
C LYS CA 21 34.36 5.98 6.71
N ARG CA 22 33.23 6.55 6.32
CA ARG CA 22 32.72 7.75 6.96
C ARG CA 22 32.53 7.58 8.45
N ILE CA 23 31.85 6.50 8.84
CA ILE CA 23 31.63 6.21 10.25
C ILE CA 23 32.94 6.19 11.00
N ARG CA 24 33.95 5.57 10.42
CA ARG CA 24 35.22 5.43 11.10
C ARG CA 24 35.96 6.75 11.22
N ARG CA 25 35.87 7.60 10.21
CA ARG CA 25 36.42 8.94 10.33
C ARG CA 25 35.77 9.72 11.46
N LEU CA 26 34.44 9.72 11.51
CA LEU CA 26 33.74 10.34 12.61
C LEU CA 26 34.21 9.82 13.95
N LYS CA 27 34.26 8.50 14.09
CA LYS CA 27 34.69 7.89 15.34
C LYS CA 27 36.08 8.34 15.73
N LYS CA 28 36.97 8.44 14.74
CA LYS CA 28 38.32 8.90 14.99
C LYS CA 28 38.34 10.34 15.50
N GLN CA 29 37.57 11.22 14.87
CA GLN CA 29 37.48 12.59 15.36
C GLN CA 29 36.99 12.63 16.80
N ARG CA 30 35.96 11.84 17.10
CA ARG CA 30 35.38 11.85 18.42
C ARG CA 30 36.36 11.34 19.47
N ARG CA 31 36.99 10.20 19.19
CA ARG CA 31 38.02 9.63 20.04
C ARG CA 31 39.13 10.64 20.30
N LYS CA 32 39.49 11.36 19.24
CA LYS CA 32 40.54 12.39 19.25
C LYS CA 32 40.21 13.59 20.13
N GLU CA 33 38.99 14.11 20.02
CA GLU CA 33 38.54 15.23 20.85
C GLU CA 33 38.08 14.79 22.23
N ARG CA 34 38.00 13.49 22.49
CA ARG CA 34 37.60 12.99 23.79
C ARG CA 34 38.79 12.89 24.73
N GLY CA 35 39.67 11.93 24.47
CA GLY CA 35 40.82 11.71 25.33
C GLY CA 35 41.90 12.75 25.53
N LEU CA 36 42.38 13.38 24.46
CA LEU CA 36 43.45 14.36 24.63
C LEU CA 36 43.17 15.81 24.20
N ILE CA 37 42.10 16.04 23.46
CA ILE CA 37 41.80 17.39 22.99
C ILE CA 37 40.34 17.54 22.57
N MET DA 1 -9.89 33.13 40.92
CA MET DA 1 -8.76 33.70 40.21
C MET DA 1 -7.47 33.45 40.96
N ARG DA 2 -6.67 32.50 40.50
CA ARG DA 2 -5.42 32.18 41.14
C ARG DA 2 -4.25 32.82 40.45
N VAL DA 3 -3.37 33.40 41.25
CA VAL DA 3 -2.16 34.05 40.79
C VAL DA 3 -1.01 33.56 41.63
N ALA DA 4 0.16 34.06 41.31
CA ALA DA 4 1.40 33.70 41.96
C ALA DA 4 1.92 34.80 42.86
N VAL DA 5 2.66 34.38 43.86
CA VAL DA 5 3.29 35.28 44.82
C VAL DA 5 4.67 34.75 45.13
N ILE DA 6 5.60 35.66 45.26
CA ILE DA 6 6.98 35.37 45.58
C ILE DA 6 7.24 35.72 47.03
N ASN DA 7 8.10 34.93 47.66
CA ASN DA 7 8.44 35.12 49.06
C ASN DA 7 9.51 36.17 49.24
N TYR DA 8 10.46 36.21 48.33
CA TYR DA 8 11.53 37.21 48.25
C TYR DA 8 12.61 36.99 49.30
N ASP DA 9 12.37 36.08 50.23
CA ASP DA 9 13.41 35.63 51.14
C ASP DA 9 14.15 34.43 50.59
N PHE DA 10 13.43 33.55 49.90
CA PHE DA 10 14.02 32.40 49.26
C PHE DA 10 14.49 32.69 47.85
N CYS DA 11 14.17 33.85 47.31
CA CYS DA 11 14.51 34.15 45.94
C CYS DA 11 15.95 34.57 45.83
N LYS DA 12 16.65 33.98 44.88
CA LYS DA 12 18.08 34.16 44.68
C LYS DA 12 18.30 34.28 43.19
N PRO DA 13 18.09 35.46 42.61
CA PRO DA 13 18.14 35.61 41.17
C PRO DA 13 19.47 35.27 40.51
N ASP DA 14 20.49 35.09 41.34
CA ASP DA 14 21.84 34.83 40.88
C ASP DA 14 22.05 33.35 40.62
N LYS DA 15 21.66 32.54 41.59
CA LYS DA 15 21.88 31.10 41.55
C LYS DA 15 20.66 30.35 41.06
N CYS DA 16 20.01 30.84 40.00
CA CYS DA 16 18.70 30.34 39.60
C CYS DA 16 18.55 30.05 38.12
N ASN DA 17 19.26 30.75 37.25
CA ASN DA 17 19.02 30.76 35.80
C ASN DA 17 17.63 31.29 35.43
N LEU DA 18 16.88 31.85 36.38
CA LEU DA 18 15.63 32.56 36.11
C LEU DA 18 14.61 31.66 35.41
N GLU DA 19 14.45 30.48 35.99
CA GLU DA 19 13.61 29.47 35.40
C GLU DA 19 12.17 29.92 35.33
N CYS DA 20 11.77 30.81 36.23
CA CYS DA 20 10.39 31.28 36.27
C CYS DA 20 10.03 32.02 34.99
N ILE DA 21 10.70 33.15 34.75
CA ILE DA 21 10.45 33.91 33.54
C ILE DA 21 10.67 33.04 32.32
N ASN DA 22 11.66 32.16 32.37
CA ASN DA 22 11.97 31.42 31.15
C ASN DA 22 10.88 30.41 30.84
N PHE DA 23 10.40 29.68 31.84
CA PHE DA 23 9.31 28.75 31.68
C PHE DA 23 7.99 29.39 32.11
N CYS DA 24 7.75 30.61 31.68
CA CYS DA 24 6.38 31.12 31.76
C CYS DA 24 5.68 31.18 30.41
N PRO DA 25 4.46 30.66 30.29
CA PRO DA 25 3.79 30.71 28.99
C PRO DA 25 3.52 32.11 28.51
N VAL DA 26 3.29 33.04 29.41
CA VAL DA 26 2.92 34.39 29.01
C VAL DA 26 4.13 35.13 28.50
N ASP DA 27 5.22 35.08 29.25
CA ASP DA 27 6.47 35.64 28.77
C ASP DA 27 6.89 35.00 27.45
N ARG DA 28 6.59 33.71 27.28
CA ARG DA 28 6.97 33.02 26.06
C ARG DA 28 6.09 33.43 24.90
N SER DA 29 4.82 33.66 25.16
CA SER DA 29 3.87 34.14 24.18
C SER DA 29 3.97 35.64 23.97
N GLY DA 30 4.86 36.31 24.68
CA GLY DA 30 5.23 37.69 24.44
C GLY DA 30 4.79 38.64 25.53
N GLY DA 31 3.70 38.31 26.21
CA GLY DA 31 3.21 39.14 27.28
C GLY DA 31 4.19 39.25 28.42
N LYS DA 32 3.72 39.87 29.49
CA LYS DA 32 4.50 40.05 30.71
C LYS DA 32 3.62 39.69 31.89
N ALA DA 33 4.03 38.68 32.64
CA ALA DA 33 3.38 38.33 33.88
C ALA DA 33 4.41 38.27 34.99
N ILE DA 34 5.62 37.85 34.65
CA ILE DA 34 6.76 37.88 35.54
C ILE DA 34 7.84 38.69 34.89
N GLU DA 35 8.49 39.54 35.68
CA GLU DA 35 9.56 40.32 35.09
C GLU DA 35 10.46 40.84 36.19
N LEU DA 36 11.73 40.97 35.86
CA LEU DA 36 12.69 41.53 36.78
C LEU DA 36 12.36 42.99 37.07
N SER DA 37 12.93 43.52 38.14
CA SER DA 37 12.67 44.87 38.57
C SER DA 37 13.72 45.32 39.54
N GLU DA 38 14.01 46.62 39.48
CA GLU DA 38 14.81 47.30 40.49
C GLU DA 38 13.95 47.89 41.60
N ILE DA 39 12.62 47.78 41.49
CA ILE DA 39 11.75 48.08 42.62
C ILE DA 39 12.07 47.17 43.77
N VAL DA 40 12.53 45.96 43.46
CA VAL DA 40 13.12 45.07 44.44
C VAL DA 40 14.56 44.83 44.02
N LYS DA 41 15.26 44.01 44.80
CA LYS DA 41 16.71 43.85 44.65
C LYS DA 41 17.01 43.04 43.39
N GLY DA 42 16.69 43.64 42.26
CA GLY DA 42 16.82 42.96 41.00
C GLY DA 42 16.05 41.67 40.91
N LYS DA 43 15.06 41.55 41.67
CA LYS DA 43 14.26 40.36 41.85
C LYS DA 43 12.98 40.46 41.06
N PRO DA 44 12.35 39.34 40.77
CA PRO DA 44 11.17 39.34 39.91
C PRO DA 44 9.92 39.78 40.64
N VAL DA 45 9.01 40.31 39.85
CA VAL DA 45 7.72 40.78 40.30
C VAL DA 45 6.68 40.18 39.38
N ILE DA 46 5.51 39.95 39.95
CA ILE DA 46 4.43 39.28 39.26
C ILE DA 46 3.25 40.22 39.17
N TYR DA 47 2.75 40.38 37.96
CA TYR DA 47 1.64 41.26 37.69
C TYR DA 47 0.36 40.45 37.63
N GLU DA 48 -0.48 40.63 38.65
CA GLU DA 48 -1.67 39.81 38.81
C GLU DA 48 -2.64 39.97 37.66
N GLU DA 49 -2.62 41.10 37.00
CA GLU DA 49 -3.50 41.36 35.88
C GLU DA 49 -3.21 40.46 34.69
N THR DA 50 -2.07 39.79 34.68
CA THR DA 50 -1.69 38.92 33.58
C THR DA 50 -1.42 37.48 33.97
N CYS DA 51 -0.91 37.21 35.16
CA CYS DA 51 -0.70 35.84 35.59
C CYS DA 51 -2.00 35.08 35.57
N ILE DA 52 -1.93 33.88 35.02
CA ILE DA 52 -3.07 33.00 34.89
C ILE DA 52 -2.99 31.84 35.86
N GLY DA 53 -2.07 31.89 36.80
CA GLY DA 53 -1.86 30.78 37.69
C GLY DA 53 -0.92 29.79 37.10
N CYS DA 54 -1.37 28.55 37.06
CA CYS DA 54 -0.80 27.44 36.30
C CYS DA 54 0.49 26.87 36.85
N GLY DA 55 1.14 27.55 37.76
CA GLY DA 55 2.22 27.00 38.56
C GLY DA 55 3.50 26.53 37.93
N ILE DA 56 3.72 26.83 36.65
CA ILE DA 56 4.98 26.46 36.04
C ILE DA 56 6.14 27.03 36.82
N CYS DA 57 6.03 28.30 37.15
CA CYS DA 57 7.08 28.98 37.88
C CYS DA 57 7.29 28.34 39.22
N VAL DA 58 6.20 27.89 39.83
CA VAL DA 58 6.25 27.29 41.14
C VAL DA 58 7.12 26.06 41.10
N LYS DA 59 6.88 25.19 40.14
CA LYS DA 59 7.61 23.93 40.09
C LYS DA 59 8.88 24.01 39.27
N LYS DA 60 9.24 25.18 38.78
CA LYS DA 60 10.53 25.38 38.14
C LYS DA 60 11.53 26.07 39.03
N CYS DA 61 11.08 27.01 39.85
CA CYS DA 61 11.92 27.59 40.87
C CYS DA 61 12.57 26.49 41.70
N PRO DA 62 13.89 26.43 41.77
CA PRO DA 62 14.52 25.40 42.60
C PRO DA 62 14.34 25.64 44.08
N TYR DA 63 14.49 26.89 44.47
CA TYR DA 63 14.24 27.31 45.84
C TYR DA 63 12.78 27.69 45.93
N GLU DA 64 11.97 26.82 46.50
CA GLU DA 64 10.53 26.85 46.27
C GLU DA 64 9.97 28.13 46.87
N ALA DA 65 10.16 29.20 46.10
CA ALA DA 65 9.91 30.56 46.48
C ALA DA 65 8.57 31.07 46.01
N ILE DA 66 8.05 30.51 44.94
CA ILE DA 66 6.80 30.95 44.36
C ILE DA 66 5.70 30.03 44.86
N SER DA 67 4.54 30.62 45.11
CA SER DA 67 3.37 29.90 45.53
C SER DA 67 2.18 30.48 44.80
N ILE DA 68 1.12 29.71 44.72
CA ILE DA 68 -0.14 30.15 44.15
C ILE DA 68 -1.09 30.51 45.27
N VAL DA 69 -1.73 31.66 45.14
CA VAL DA 69 -2.71 32.14 46.11
C VAL DA 69 -4.05 32.29 45.41
N ASN DA 70 -5.09 32.57 46.16
CA ASN DA 70 -6.40 32.72 45.57
C ASN DA 70 -6.96 34.11 45.79
N LEU DA 71 -7.50 34.69 44.73
CA LEU DA 71 -8.11 36.00 44.81
C LEU DA 71 -9.60 35.72 44.71
N PRO DA 72 -10.41 36.45 45.50
CA PRO DA 72 -11.86 36.26 45.51
C PRO DA 72 -12.50 36.79 44.24
N ASP DA 73 -13.71 36.30 44.00
CA ASP DA 73 -14.39 36.54 42.75
C ASP DA 73 -15.90 36.54 42.96
N GLU DA 74 -16.57 37.37 42.18
CA GLU DA 74 -18.01 37.41 42.06
C GLU DA 74 -18.49 36.56 40.89
N LEU DA 75 -18.03 35.31 40.84
CA LEU DA 75 -18.39 34.43 39.74
C LEU DA 75 -19.00 33.13 40.24
N GLU DA 76 -18.31 32.41 41.11
CA GLU DA 76 -18.57 30.99 41.31
C GLU DA 76 -19.14 30.73 42.69
N GLY DA 77 -20.31 30.13 42.69
CA GLY DA 77 -20.97 29.74 43.92
C GLY DA 77 -22.42 29.41 43.66
N GLU DA 78 -23.16 29.30 44.75
CA GLU DA 78 -24.50 28.74 44.79
C GLU DA 78 -25.41 29.76 45.46
N VAL DA 79 -25.38 30.97 44.90
CA VAL DA 79 -25.78 32.21 45.57
C VAL DA 79 -27.02 32.01 46.41
N ILE DA 80 -26.94 32.50 47.65
CA ILE DA 80 -27.94 32.22 48.64
C ILE DA 80 -29.02 33.28 48.64
N HIS DA 81 -28.67 34.51 48.34
CA HIS DA 81 -29.61 35.60 48.42
C HIS DA 81 -29.10 36.77 47.62
N ARG DA 82 -29.98 37.33 46.82
CA ARG DA 82 -29.71 38.56 46.11
C ARG DA 82 -30.82 39.53 46.47
N TYR DA 83 -30.42 40.69 46.98
CA TYR DA 83 -31.40 41.67 47.41
C TYR DA 83 -32.07 42.32 46.21
N LYS DA 84 -31.31 42.54 45.16
CA LYS DA 84 -31.70 43.30 44.01
C LYS DA 84 -30.91 42.78 42.83
N VAL DA 85 -31.49 42.92 41.63
CA VAL DA 85 -30.92 42.28 40.45
C VAL DA 85 -29.50 42.69 40.16
N ASN DA 86 -29.04 43.81 40.72
CA ASN DA 86 -27.66 44.23 40.55
C ASN DA 86 -27.07 44.81 41.82
N GLY DA 87 -27.67 44.52 42.98
CA GLY DA 87 -27.27 45.17 44.20
C GLY DA 87 -26.24 44.41 45.00
N PHE DA 88 -26.53 43.18 45.38
CA PHE DA 88 -25.67 42.49 46.32
C PHE DA 88 -26.03 41.02 46.43
N LYS DA 89 -25.02 40.18 46.62
CA LYS DA 89 -25.21 38.74 46.68
C LYS DA 89 -24.33 38.09 47.74
N LEU DA 90 -24.73 36.89 48.12
CA LEU DA 90 -24.12 36.20 49.24
C LEU DA 90 -23.88 34.75 48.89
N PHE DA 91 -22.65 34.30 49.12
CA PHE DA 91 -22.25 32.92 48.92
C PHE DA 91 -21.93 32.29 50.28
N GLY DA 92 -22.82 31.40 50.69
CA GLY DA 92 -22.59 30.54 51.83
C GLY DA 92 -23.13 31.11 53.12
N LEU DA 93 -23.37 30.20 54.05
CA LEU DA 93 -23.77 30.52 55.40
C LEU DA 93 -23.01 29.64 56.36
N PRO DA 94 -22.70 30.14 57.54
CA PRO DA 94 -22.05 29.29 58.53
C PRO DA 94 -23.07 28.54 59.37
N THR DA 95 -22.70 27.36 59.72
CA THR DA 95 -23.61 26.53 60.47
C THR DA 95 -23.51 26.87 61.96
N PRO DA 96 -24.62 26.88 62.70
CA PRO DA 96 -24.60 27.54 64.01
C PRO DA 96 -24.13 26.72 65.21
N LYS DA 97 -23.66 25.49 65.05
CA LYS DA 97 -22.79 24.92 66.07
C LYS DA 97 -23.39 24.78 67.46
N ASN DA 98 -24.08 23.66 67.66
CA ASN DA 98 -24.98 23.35 68.78
C ASN DA 98 -24.69 23.98 70.13
N ASN DA 99 -23.44 23.98 70.57
CA ASN DA 99 -23.10 24.46 71.91
C ASN DA 99 -22.07 25.56 71.92
N THR DA 100 -21.25 25.68 70.88
CA THR DA 100 -20.25 26.75 70.87
C THR DA 100 -20.82 28.13 70.55
N ILE DA 101 -20.02 29.16 70.74
CA ILE DA 101 -20.42 30.53 70.43
C ILE DA 101 -19.69 30.90 69.15
N LEU DA 102 -20.45 31.28 68.13
CA LEU DA 102 -19.88 31.60 66.83
C LEU DA 102 -19.73 33.09 66.56
N GLY DA 103 -18.56 33.49 66.10
CA GLY DA 103 -18.34 34.88 65.79
C GLY DA 103 -18.39 35.05 64.29
N VAL DA 104 -18.66 36.26 63.88
CA VAL DA 104 -18.81 36.60 62.48
C VAL DA 104 -18.20 37.97 62.32
N LEU DA 105 -17.00 38.03 61.77
CA LEU DA 105 -16.16 39.20 61.92
C LEU DA 105 -16.31 40.17 60.76
N GLY DA 106 -16.00 39.71 59.57
CA GLY DA 106 -16.17 40.48 58.36
C GLY DA 106 -15.75 41.93 58.35
N LYS DA 107 -16.30 42.64 57.37
CA LYS DA 107 -16.03 44.05 57.15
C LYS DA 107 -17.40 44.71 56.99
N ASN DA 108 -17.42 45.98 56.62
CA ASN DA 108 -18.67 46.71 56.44
C ASN DA 108 -19.18 46.55 55.03
N GLY DA 109 -20.36 45.94 54.91
CA GLY DA 109 -21.04 45.84 53.64
C GLY DA 109 -20.94 44.49 52.96
N VAL DA 110 -20.79 43.42 53.72
CA VAL DA 110 -20.37 42.14 53.17
C VAL DA 110 -21.31 41.01 53.46
N GLY DA 111 -22.21 41.17 54.41
CA GLY DA 111 -23.29 40.21 54.57
C GLY DA 111 -23.51 39.66 55.95
N LYS DA 112 -23.03 40.35 56.95
CA LYS DA 112 -23.19 39.89 58.32
C LYS DA 112 -24.64 39.91 58.76
N THR DA 113 -25.23 41.09 58.74
CA THR DA 113 -26.62 41.23 59.13
C THR DA 113 -27.52 40.37 58.27
N THR DA 114 -27.14 40.18 57.02
CA THR DA 114 -27.91 39.36 56.10
C THR DA 114 -27.88 37.90 56.50
N VAL DA 115 -26.69 37.38 56.77
CA VAL DA 115 -26.54 36.05 57.33
C VAL DA 115 -27.43 35.88 58.53
N LEU DA 116 -27.39 36.86 59.42
CA LEU DA 116 -28.10 36.72 60.67
C LEU DA 116 -29.60 36.68 60.47
N LYS DA 117 -30.12 37.51 59.58
CA LYS DA 117 -31.54 37.45 59.30
C LYS DA 117 -31.93 36.13 58.65
N ILE DA 118 -31.10 35.62 57.74
CA ILE DA 118 -31.40 34.31 57.15
C ILE DA 118 -31.47 33.25 58.23
N LEU DA 119 -30.56 33.29 59.18
CA LEU DA 119 -30.51 32.27 60.20
C LEU DA 119 -31.57 32.48 61.26
N ALA DA 120 -32.09 33.68 61.35
CA ALA DA 120 -33.15 34.01 62.29
C ALA DA 120 -34.52 33.90 61.68
N GLY DA 121 -34.62 33.60 60.39
CA GLY DA 121 -35.90 33.43 59.75
C GLY DA 121 -36.56 34.71 59.36
N GLU DA 122 -35.95 35.84 59.69
CA GLU DA 122 -36.52 37.14 59.33
C GLU DA 122 -36.81 37.21 57.84
N ILE DA 123 -35.87 36.76 57.02
CA ILE DA 123 -36.00 36.82 55.58
C ILE DA 123 -35.67 35.45 54.99
N ILE DA 124 -36.12 35.22 53.77
CA ILE DA 124 -35.86 33.97 53.08
C ILE DA 124 -34.73 34.18 52.08
N PRO DA 125 -33.95 33.16 51.74
CA PRO DA 125 -32.77 33.41 50.91
C PRO DA 125 -33.07 33.93 49.51
N ASN DA 126 -33.93 33.28 48.73
CA ASN DA 126 -34.15 33.58 47.32
C ASN DA 126 -32.83 33.59 46.55
N PHE DA 127 -32.38 32.36 46.36
CA PHE DA 127 -31.04 32.01 45.91
C PHE DA 127 -30.60 32.82 44.72
N GLY DA 128 -31.43 32.85 43.70
CA GLY DA 128 -31.16 33.61 42.51
C GLY DA 128 -31.99 34.86 42.47
N ASP DA 129 -33.14 34.74 41.84
CA ASP DA 129 -34.00 35.88 41.57
C ASP DA 129 -34.42 36.54 42.88
N PRO DA 130 -34.18 37.84 43.06
CA PRO DA 130 -34.87 38.55 44.15
C PRO DA 130 -36.36 38.36 44.13
N ASN DA 131 -36.92 38.12 42.96
CA ASN DA 131 -38.32 37.74 42.80
C ASN DA 131 -38.46 36.26 43.10
N SER DA 132 -39.56 35.65 42.65
CA SER DA 132 -39.91 34.24 42.78
C SER DA 132 -40.55 33.91 44.12
N LYS DA 133 -40.61 34.85 45.06
CA LYS DA 133 -41.59 34.87 46.15
C LYS DA 133 -41.83 33.49 46.77
N VAL DA 134 -40.79 32.68 46.79
CA VAL DA 134 -40.89 31.34 47.35
C VAL DA 134 -39.98 31.19 48.54
N GLY DA 135 -40.57 30.90 49.69
CA GLY DA 135 -39.84 30.74 50.93
C GLY DA 135 -40.21 29.49 51.66
N LYS DA 136 -39.32 29.06 52.56
CA LYS DA 136 -39.47 27.88 53.43
C LYS DA 136 -39.37 26.50 52.75
N ASP DA 137 -40.22 26.25 51.76
CA ASP DA 137 -40.21 24.96 51.08
C ASP DA 137 -39.00 24.70 50.19
N GLU DA 138 -39.00 25.29 49.02
CA GLU DA 138 -37.95 25.10 48.03
C GLU DA 138 -36.59 25.42 48.60
N VAL DA 139 -36.53 26.25 49.63
CA VAL DA 139 -35.27 26.52 50.30
C VAL DA 139 -34.76 25.25 50.97
N LEU DA 140 -35.61 24.63 51.77
CA LEU DA 140 -35.25 23.37 52.38
C LEU DA 140 -34.87 22.32 51.34
N LYS DA 141 -35.71 22.14 50.35
CA LYS DA 141 -35.44 21.20 49.27
C LYS DA 141 -34.11 21.46 48.59
N ARG DA 142 -33.69 22.71 48.51
CA ARG DA 142 -32.42 23.05 47.90
C ARG DA 142 -31.24 22.84 48.81
N PHE DA 143 -31.40 23.08 50.11
CA PHE DA 143 -30.37 22.80 51.08
C PHE DA 143 -30.29 21.34 51.45
N ARG DA 144 -31.13 20.50 50.86
CA ARG DA 144 -31.04 19.08 51.14
C ARG DA 144 -29.64 18.57 50.85
N GLY DA 145 -29.18 17.67 51.73
CA GLY DA 145 -27.85 17.10 51.65
C GLY DA 145 -26.91 17.58 52.73
N LYS DA 146 -27.25 18.67 53.40
CA LYS DA 146 -26.36 19.34 54.32
C LYS DA 146 -26.83 19.19 55.76
N GLU DA 147 -26.14 19.89 56.65
CA GLU DA 147 -26.47 19.93 58.08
C GLU DA 147 -27.22 21.21 58.43
N ILE DA 148 -26.92 22.28 57.70
CA ILE DA 148 -27.75 23.46 57.76
C ILE DA 148 -29.17 23.16 57.34
N TYR DA 149 -29.37 22.08 56.60
CA TYR DA 149 -30.71 21.59 56.35
C TYR DA 149 -31.44 21.28 57.65
N ASN DA 150 -30.78 20.55 58.55
CA ASN DA 150 -31.39 20.24 59.83
C ASN DA 150 -31.71 21.49 60.59
N TYR DA 151 -30.75 22.41 60.61
CA TYR DA 151 -30.99 23.69 61.28
C TYR DA 151 -32.26 24.36 60.75
N PHE DA 152 -32.31 24.58 59.45
CA PHE DA 152 -33.44 25.28 58.86
C PHE DA 152 -34.73 24.50 58.98
N LYS DA 153 -34.64 23.18 58.95
CA LYS DA 153 -35.81 22.35 59.16
C LYS DA 153 -36.45 22.64 60.50
N GLU DA 154 -35.65 22.59 61.55
CA GLU DA 154 -36.17 22.95 62.86
C GLU DA 154 -36.65 24.39 62.92
N LEU DA 155 -35.91 25.30 62.31
CA LEU DA 155 -36.25 26.71 62.41
C LEU DA 155 -37.60 26.99 61.80
N TYR DA 156 -37.85 26.43 60.64
CA TYR DA 156 -39.07 26.66 59.91
C TYR DA 156 -40.22 25.81 60.41
N SER DA 157 -39.92 24.69 61.04
CA SER DA 157 -40.89 23.99 61.86
C SER DA 157 -41.02 24.59 63.25
N ASN DA 158 -40.41 25.75 63.48
CA ASN DA 158 -40.54 26.53 64.71
C ASN DA 158 -40.31 25.66 65.95
N GLU DA 159 -39.38 24.73 65.82
CA GLU DA 159 -38.94 23.89 66.93
C GLU DA 159 -37.80 24.53 67.69
N LEU DA 160 -37.52 25.80 67.46
CA LEU DA 160 -36.57 26.53 68.27
C LEU DA 160 -37.01 27.98 68.38
N LYS DA 161 -36.79 28.55 69.55
CA LYS DA 161 -37.46 29.75 70.04
C LYS DA 161 -36.56 30.97 69.96
N ILE DA 162 -35.82 31.03 68.86
CA ILE DA 162 -34.78 32.02 68.60
C ILE DA 162 -35.10 33.44 69.05
N VAL DA 163 -34.09 34.11 69.55
CA VAL DA 163 -34.13 35.52 69.80
C VAL DA 163 -33.17 36.22 68.84
N HIS DA 164 -33.15 37.55 68.91
CA HIS DA 164 -32.39 38.33 67.96
C HIS DA 164 -32.24 39.73 68.50
N LYS DA 165 -31.06 40.04 69.00
CA LYS DA 165 -30.69 41.42 69.25
C LYS DA 165 -30.26 42.03 67.93
N ILE DA 166 -30.79 43.20 67.62
CA ILE DA 166 -30.66 43.77 66.30
C ILE DA 166 -29.59 44.84 66.30
N GLN DA 167 -29.19 45.26 65.11
CA GLN DA 167 -28.06 46.16 64.96
C GLN DA 167 -28.47 47.59 65.26
N TYR DA 168 -29.75 47.92 65.13
CA TYR DA 168 -30.23 49.29 65.28
C TYR DA 168 -30.94 49.43 66.62
N VAL DA 169 -30.20 49.96 67.58
CA VAL DA 169 -30.66 50.01 68.95
C VAL DA 169 -31.80 50.99 69.10
N GLU DA 170 -31.83 52.02 68.27
CA GLU DA 170 -32.90 53.00 68.36
C GLU DA 170 -34.19 52.50 67.77
N TYR DA 171 -34.13 51.84 66.61
CA TYR DA 171 -35.28 51.14 66.09
C TYR DA 171 -35.83 50.16 67.10
N ALA DA 172 -34.97 49.61 67.96
CA ALA DA 172 -35.47 48.81 69.06
C ALA DA 172 -36.05 49.66 70.19
N SER DA 173 -35.38 50.75 70.54
CA SER DA 173 -35.81 51.65 71.59
C SER DA 173 -37.24 52.10 71.39
N LYS DA 174 -37.63 52.35 70.15
CA LYS DA 174 -38.95 52.86 69.84
C LYS DA 174 -40.08 51.94 70.29
N PHE DA 175 -39.83 50.65 70.50
CA PHE DA 175 -40.87 49.66 70.70
C PHE DA 175 -40.88 49.11 72.11
N LEU DA 176 -40.72 49.96 73.11
CA LEU DA 176 -40.89 49.52 74.48
C LEU DA 176 -41.07 50.72 75.39
N LYS DA 177 -41.83 50.51 76.46
CA LYS DA 177 -42.19 51.54 77.41
C LYS DA 177 -41.87 51.03 78.81
N GLY DA 178 -42.39 51.73 79.79
CA GLY DA 178 -42.12 51.39 81.17
C GLY DA 178 -40.72 51.82 81.56
N THR DA 179 -40.24 51.19 82.62
CA THR DA 179 -38.84 51.27 82.97
C THR DA 179 -38.27 49.87 83.12
N VAL DA 180 -36.96 49.82 83.31
CA VAL DA 180 -36.21 48.60 83.10
C VAL DA 180 -36.68 47.47 83.98
N ASN DA 181 -37.05 47.76 85.22
CA ASN DA 181 -37.34 46.69 86.15
C ASN DA 181 -38.58 45.94 85.71
N GLU DA 182 -39.65 46.65 85.38
CA GLU DA 182 -40.86 45.95 84.97
C GLU DA 182 -40.71 45.40 83.58
N ILE DA 183 -39.95 46.08 82.72
CA ILE DA 183 -39.62 45.51 81.41
C ILE DA 183 -39.04 44.12 81.60
N LEU DA 184 -38.06 44.01 82.47
CA LEU DA 184 -37.32 42.78 82.61
C LEU DA 184 -38.13 41.71 83.29
N THR DA 185 -38.89 42.08 84.32
CA THR DA 185 -39.72 41.08 84.97
C THR DA 185 -40.83 40.59 84.06
N LYS DA 186 -41.23 41.42 83.09
CA LYS DA 186 -42.24 41.00 82.13
C LYS DA 186 -41.65 40.12 81.05
N ILE DA 187 -40.42 40.40 80.62
CA ILE DA 187 -39.80 39.65 79.52
C ILE DA 187 -39.08 38.40 80.00
N ASP DA 188 -38.81 38.29 81.29
CA ASP DA 188 -38.03 37.18 81.81
C ASP DA 188 -38.80 35.87 81.75
N GLU DA 189 -38.05 34.79 81.54
CA GLU DA 189 -38.58 33.43 81.64
C GLU DA 189 -37.58 32.47 82.27
N ARG DA 190 -36.42 32.96 82.73
CA ARG DA 190 -35.37 32.11 83.26
C ARG DA 190 -34.95 32.47 84.68
N GLY DA 191 -35.39 33.60 85.21
CA GLY DA 191 -35.10 33.92 86.59
C GLY DA 191 -33.64 34.18 86.87
N LYS DA 192 -33.05 35.14 86.17
CA LYS DA 192 -31.65 35.49 86.32
C LYS DA 192 -31.47 37.00 86.29
N LYS DA 193 -32.54 37.72 86.60
CA LYS DA 193 -32.51 39.17 86.59
C LYS DA 193 -31.45 39.73 87.52
N ASP DA 194 -31.34 39.15 88.72
CA ASP DA 194 -30.31 39.58 89.65
C ASP DA 194 -28.92 39.36 89.08
N GLU DA 195 -28.69 38.19 88.50
CA GLU DA 195 -27.40 37.88 87.91
C GLU DA 195 -27.07 38.89 86.81
N VAL DA 196 -28.05 39.18 85.98
CA VAL DA 196 -27.87 40.11 84.88
C VAL DA 196 -27.49 41.49 85.40
N LYS DA 197 -28.20 41.93 86.44
CA LYS DA 197 -27.90 43.21 87.04
C LYS DA 197 -26.48 43.25 87.56
N GLU DA 198 -26.09 42.22 88.30
CA GLU DA 198 -24.76 42.17 88.87
C GLU DA 198 -23.68 42.09 87.82
N LEU DA 199 -24.00 41.55 86.65
CA LEU DA 199 -23.00 41.44 85.61
C LEU DA 199 -22.87 42.75 84.84
N LEU DA 200 -23.95 43.19 84.23
CA LEU DA 200 -23.92 44.36 83.37
C LEU DA 200 -23.94 45.65 84.15
N ASN DA 201 -23.92 45.60 85.47
CA ASN DA 201 -23.77 46.81 86.29
C ASN DA 201 -24.95 47.75 86.08
N MET DA 202 -26.15 47.18 86.13
CA MET DA 202 -27.38 47.90 85.87
C MET DA 202 -28.13 48.23 87.15
N THR DA 203 -27.41 48.57 88.21
CA THR DA 203 -28.05 48.91 89.46
C THR DA 203 -28.57 50.34 89.44
N ASN DA 204 -27.73 51.28 88.98
CA ASN DA 204 -28.14 52.67 88.96
C ASN DA 204 -29.31 52.90 88.02
N LEU DA 205 -29.28 52.31 86.84
CA LEU DA 205 -30.33 52.49 85.87
C LEU DA 205 -31.50 51.54 86.09
N TRP DA 206 -31.50 50.82 87.21
CA TRP DA 206 -32.52 49.83 87.49
C TRP DA 206 -33.92 50.42 87.61
N ASN DA 207 -34.03 51.74 87.75
CA ASN DA 207 -35.31 52.40 87.91
C ASN DA 207 -35.51 53.53 86.91
N LYS DA 208 -34.47 53.96 86.22
CA LYS DA 208 -34.63 54.94 85.17
C LYS DA 208 -35.53 54.39 84.08
N ASP DA 209 -36.15 55.30 83.35
CA ASP DA 209 -37.06 54.93 82.28
C ASP DA 209 -36.32 54.81 80.96
N ALA DA 210 -36.86 53.97 80.09
CA ALA DA 210 -36.16 53.60 78.88
C ALA DA 210 -35.91 54.79 77.97
N ASN DA 211 -36.87 55.68 77.82
CA ASN DA 211 -36.75 56.73 76.82
C ASN DA 211 -35.58 57.66 77.14
N ILE DA 212 -35.41 58.02 78.42
CA ILE DA 212 -34.23 58.79 78.85
C ILE DA 212 -33.18 57.78 79.26
N LEU DA 213 -32.50 57.24 78.26
CA LEU DA 213 -31.38 56.37 78.53
C LEU DA 213 -30.26 56.75 77.61
N SER DA 214 -29.05 56.49 78.06
CA SER DA 214 -27.90 56.68 77.23
C SER DA 214 -27.78 55.51 76.26
N GLY DA 215 -26.91 55.68 75.26
CA GLY DA 215 -26.78 54.65 74.25
C GLY DA 215 -26.39 53.32 74.84
N GLY DA 216 -25.35 53.32 75.68
CA GLY DA 216 -24.87 52.08 76.21
C GLY DA 216 -25.77 51.50 77.28
N GLY DA 217 -26.40 52.36 78.08
CA GLY DA 217 -27.42 51.87 78.99
C GLY DA 217 -28.52 51.13 78.26
N LEU DA 218 -28.97 51.70 77.16
CA LEU DA 218 -29.98 51.05 76.35
C LEU DA 218 -29.48 49.75 75.76
N GLN DA 219 -28.24 49.75 75.29
CA GLN DA 219 -27.65 48.53 74.75
C GLN DA 219 -27.63 47.44 75.80
N ARG DA 220 -27.15 47.77 77.00
CA ARG DA 220 -27.19 46.83 78.11
C ARG DA 220 -28.60 46.31 78.33
N LEU DA 221 -29.59 47.18 78.22
CA LEU DA 221 -30.96 46.74 78.44
C LEU DA 221 -31.37 45.70 77.41
N LEU DA 222 -31.14 45.99 76.15
CA LEU DA 222 -31.54 45.06 75.10
C LEU DA 222 -30.82 43.74 75.25
N VAL DA 223 -29.52 43.82 75.51
CA VAL DA 223 -28.72 42.62 75.68
C VAL DA 223 -29.26 41.79 76.83
N ALA DA 224 -29.67 42.46 77.89
CA ALA DA 224 -30.23 41.76 79.04
C ALA DA 224 -31.55 41.11 78.70
N ALA DA 225 -32.38 41.81 77.95
CA ALA DA 225 -33.63 41.27 77.50
C ALA DA 225 -33.41 39.98 76.73
N SER DA 226 -32.47 40.01 75.81
CA SER DA 226 -32.16 38.84 75.02
C SER DA 226 -31.67 37.70 75.88
N LEU DA 227 -30.69 37.98 76.74
CA LEU DA 227 -30.20 36.97 77.67
C LEU DA 227 -31.31 36.36 78.49
N LEU DA 228 -32.21 37.15 79.03
CA LEU DA 228 -33.23 36.62 79.90
C LEU DA 228 -34.26 35.81 79.15
N ARG DA 229 -34.52 36.16 77.90
CA ARG DA 229 -35.44 35.35 77.12
C ARG DA 229 -34.87 33.97 76.90
N GLU DA 230 -35.72 32.98 77.08
CA GLU DA 230 -35.36 31.58 76.90
C GLU DA 230 -35.49 31.23 75.43
N ALA DA 231 -34.46 30.60 74.88
CA ALA DA 231 -34.45 30.20 73.49
C ALA DA 231 -33.36 29.18 73.30
N ASP DA 232 -33.30 28.63 72.11
CA ASP DA 232 -32.26 27.71 71.74
C ASP DA 232 -31.15 28.38 70.96
N VAL DA 233 -31.47 29.46 70.26
CA VAL DA 233 -30.51 30.20 69.46
C VAL DA 233 -30.55 31.65 69.87
N TYR DA 234 -29.38 32.27 69.92
CA TYR DA 234 -29.19 33.57 70.52
C TYR DA 234 -28.25 34.35 69.63
N ILE DA 235 -28.81 35.32 68.93
CA ILE DA 235 -28.09 36.09 67.94
C ILE DA 235 -27.90 37.51 68.45
N PHE DA 236 -26.68 37.99 68.33
CA PHE DA 236 -26.29 39.31 68.79
C PHE DA 236 -25.58 40.03 67.67
N ASP DA 237 -26.19 41.09 67.19
CA ASP DA 237 -25.66 41.87 66.07
C ASP DA 237 -25.04 43.12 66.64
N ALA DA 238 -23.73 43.11 66.78
CA ALA DA 238 -22.96 44.25 67.27
C ALA DA 238 -23.37 44.67 68.68
N PRO DA 239 -23.22 43.76 69.66
CA PRO DA 239 -23.57 44.10 71.04
C PRO DA 239 -22.54 44.94 71.78
N SER DA 240 -21.52 45.44 71.10
CA SER DA 240 -20.48 46.22 71.73
C SER DA 240 -20.56 47.69 71.37
N SER DA 241 -21.60 48.09 70.66
CA SER DA 241 -21.71 49.46 70.23
C SER DA 241 -22.26 50.32 71.35
N TYR DA 242 -21.74 51.53 71.45
CA TYR DA 242 -22.12 52.53 72.43
C TYR DA 242 -21.64 52.20 73.82
N LEU DA 243 -20.92 51.10 74.00
CA LEU DA 243 -20.40 50.72 75.30
C LEU DA 243 -18.98 51.19 75.49
N ASP DA 244 -18.57 51.22 76.75
CA ASP DA 244 -17.20 51.49 77.13
C ASP DA 244 -16.51 50.16 77.39
N VAL DA 245 -15.19 50.22 77.52
CA VAL DA 245 -14.36 49.03 77.56
C VAL DA 245 -14.78 48.07 78.66
N ARG DA 246 -14.96 48.55 79.86
CA ARG DA 246 -15.31 47.70 80.98
C ARG DA 246 -16.70 47.11 80.84
N GLU DA 247 -17.62 47.90 80.30
CA GLU DA 247 -18.98 47.41 80.15
C GLU DA 247 -19.05 46.35 79.07
N ARG DA 248 -18.27 46.49 78.00
CA ARG DA 248 -18.30 45.46 76.97
C ARG DA 248 -17.60 44.20 77.43
N MET DA 249 -16.55 44.34 78.22
CA MET DA 249 -15.99 43.19 78.90
C MET DA 249 -17.03 42.47 79.75
N ASN DA 250 -17.74 43.22 80.60
CA ASN DA 250 -18.79 42.62 81.42
C ASN DA 250 -19.84 41.95 80.56
N MET DA 251 -20.14 42.54 79.41
CA MET DA 251 -21.14 41.98 78.53
C MET DA 251 -20.71 40.63 77.99
N ALA DA 252 -19.47 40.56 77.52
CA ALA DA 252 -18.93 39.29 77.06
C ALA DA 252 -18.99 38.23 78.14
N LYS DA 253 -18.52 38.59 79.34
CA LYS DA 253 -18.63 37.70 80.47
C LYS DA 253 -20.06 37.21 80.65
N ALA DA 254 -21.03 38.10 80.56
CA ALA DA 254 -22.40 37.70 80.77
C ALA DA 254 -22.84 36.71 79.73
N ILE DA 255 -22.54 37.01 78.48
CA ILE DA 255 -22.96 36.14 77.40
C ILE DA 255 -22.42 34.74 77.60
N ARG DA 256 -21.12 34.63 77.80
CA ARG DA 256 -20.53 33.31 77.81
C ARG DA 256 -20.62 32.62 79.17
N GLU DA 257 -21.11 33.28 80.21
CA GLU DA 257 -21.47 32.62 81.45
C GLU DA 257 -22.93 32.18 81.49
N LEU DA 258 -23.81 32.91 80.85
CA LEU DA 258 -25.24 32.62 80.92
C LEU DA 258 -25.75 31.83 79.73
N LEU DA 259 -24.96 31.72 78.66
CA LEU DA 259 -25.32 30.91 77.50
C LEU DA 259 -24.20 29.90 77.31
N LYS DA 260 -24.45 28.66 77.69
CA LYS DA 260 -23.42 27.64 77.74
C LYS DA 260 -23.87 26.30 77.18
N ASN DA 261 -25.12 26.18 76.76
CA ASN DA 261 -25.58 25.01 76.04
C ASN DA 261 -26.50 25.41 74.90
N LYS DA 262 -26.28 26.59 74.35
CA LYS DA 262 -27.14 27.16 73.32
C LYS DA 262 -26.30 27.50 72.10
N TYR DA 263 -26.95 27.51 70.95
CA TYR DA 263 -26.36 28.08 69.75
C TYR DA 263 -26.27 29.58 69.94
N VAL DA 264 -25.10 30.15 69.74
CA VAL DA 264 -24.89 31.57 69.93
C VAL DA 264 -24.07 32.09 68.78
N ILE DA 265 -24.55 33.15 68.15
CA ILE DA 265 -23.88 33.78 67.04
C ILE DA 265 -23.72 35.25 67.34
N VAL DA 266 -22.55 35.79 67.04
CA VAL DA 266 -22.14 37.11 67.47
C VAL DA 266 -21.44 37.81 66.34
N VAL DA 267 -22.00 38.92 65.91
CA VAL DA 267 -21.32 39.85 65.03
C VAL DA 267 -20.84 40.99 65.88
N ASP DA 268 -19.56 41.33 65.75
CA ASP DA 268 -19.04 42.47 66.47
C ASP DA 268 -17.73 42.88 65.85
N HIS DA 269 -17.47 44.18 65.92
CA HIS DA 269 -16.32 44.79 65.29
C HIS DA 269 -15.14 44.96 66.23
N ASP DA 270 -15.29 44.59 67.51
CA ASP DA 270 -14.27 44.83 68.51
C ASP DA 270 -13.43 43.58 68.72
N LEU DA 271 -12.22 43.62 68.19
CA LEU DA 271 -11.34 42.47 68.25
C LEU DA 271 -11.07 42.02 69.67
N ILE DA 272 -11.06 42.94 70.62
CA ILE DA 272 -10.83 42.58 72.01
C ILE DA 272 -11.90 41.62 72.49
N VAL DA 273 -13.16 42.03 72.40
CA VAL DA 273 -14.24 41.23 72.96
C VAL DA 273 -14.51 39.99 72.14
N LEU DA 274 -14.14 39.99 70.84
CA LEU DA 274 -14.13 38.80 70.00
C LEU DA 274 -13.06 37.78 70.36
N ASP DA 275 -11.84 38.22 70.63
CA ASP DA 275 -10.84 37.37 71.25
C ASP DA 275 -11.43 36.71 72.48
N TYR DA 276 -11.81 37.53 73.45
CA TYR DA 276 -12.78 37.04 74.41
C TYR DA 276 -14.12 36.86 73.71
N LEU DA 277 -15.06 36.29 74.38
CA LEU DA 277 -16.38 35.96 73.87
C LEU DA 277 -16.49 34.99 72.71
N THR DA 278 -15.45 34.74 71.92
CA THR DA 278 -15.60 33.82 70.80
C THR DA 278 -14.82 32.55 71.02
N ASP DA 279 -15.50 31.43 70.83
CA ASP DA 279 -14.81 30.18 70.59
C ASP DA 279 -14.27 30.17 69.17
N LEU DA 280 -15.15 30.31 68.19
CA LEU DA 280 -14.75 30.32 66.79
C LEU DA 280 -15.22 31.61 66.16
N ILE DA 281 -14.59 32.02 65.05
CA ILE DA 281 -15.08 33.15 64.29
C ILE DA 281 -14.95 32.86 62.80
N HIS DA 282 -16.08 32.80 62.13
CA HIS DA 282 -16.11 32.86 60.69
C HIS DA 282 -15.81 34.27 60.23
N ILE DA 283 -15.16 34.35 59.09
CA ILE DA 283 -14.81 35.60 58.44
C ILE DA 283 -15.66 35.73 57.20
N ILE DA 284 -16.10 36.94 56.92
CA ILE DA 284 -16.90 37.21 55.75
C ILE DA 284 -16.14 38.20 54.89
N TYR DA 285 -15.85 37.80 53.67
CA TYR DA 285 -14.96 38.53 52.80
C TYR DA 285 -15.62 38.75 51.47
N GLY DA 286 -15.19 39.79 50.81
CA GLY DA 286 -15.67 40.06 49.48
C GLY DA 286 -15.43 41.48 49.09
N GLU DA 287 -16.46 42.09 48.54
CA GLU DA 287 -16.40 43.46 48.10
C GLU DA 287 -17.67 44.12 48.56
N SER DA 288 -17.50 45.15 49.36
CA SER DA 288 -18.62 45.78 50.03
C SER DA 288 -19.62 46.29 49.01
N SER DA 289 -20.89 46.01 49.27
CA SER DA 289 -21.99 46.40 48.41
C SER DA 289 -22.08 45.54 47.16
N VAL DA 290 -21.26 44.52 47.04
CA VAL DA 290 -21.26 43.66 45.87
C VAL DA 290 -21.51 42.22 46.28
N TYR DA 291 -20.56 41.64 46.98
CA TYR DA 291 -20.63 40.21 47.23
C TYR DA 291 -19.92 39.87 48.52
N GLY DA 292 -20.43 38.83 49.14
CA GLY DA 292 -19.84 38.30 50.34
C GLY DA 292 -19.82 36.80 50.40
N ARG DA 293 -18.67 36.24 50.71
CA ARG DA 293 -18.47 34.82 50.88
C ARG DA 293 -18.07 34.53 52.32
N VAL DA 294 -18.55 33.43 52.86
CA VAL DA 294 -18.13 33.06 54.21
C VAL DA 294 -16.94 32.11 54.17
N SER DA 295 -16.13 32.20 55.21
CA SER DA 295 -14.92 31.40 55.39
C SER DA 295 -15.21 30.16 56.23
N LYS DA 296 -14.15 29.52 56.69
CA LYS DA 296 -14.20 28.40 57.62
C LYS DA 296 -14.17 28.91 59.05
N SER DA 297 -14.20 27.98 59.99
CA SER DA 297 -14.39 28.28 61.40
C SER DA 297 -13.33 29.21 61.95
N TYR DA 298 -12.06 28.81 61.91
CA TYR DA 298 -10.96 29.71 62.24
C TYR DA 298 -11.04 30.28 63.64
N ALA DA 299 -10.64 29.49 64.62
CA ALA DA 299 -10.60 29.88 66.02
C ALA DA 299 -10.10 31.30 66.23
N ALA DA 300 -10.58 31.91 67.31
CA ALA DA 300 -10.67 33.36 67.41
C ALA DA 300 -9.38 34.08 67.09
N ARG DA 301 -8.30 33.72 67.77
CA ARG DA 301 -7.05 34.45 67.60
C ARG DA 301 -6.48 34.26 66.21
N VAL DA 302 -6.65 33.06 65.66
CA VAL DA 302 -6.20 32.79 64.31
C VAL DA 302 -7.02 33.58 63.32
N GLY DA 303 -8.33 33.57 63.51
CA GLY DA 303 -9.21 34.29 62.64
C GLY DA 303 -8.93 35.77 62.64
N ILE DA 304 -8.65 36.32 63.81
CA ILE DA 304 -8.32 37.72 63.90
C ILE DA 304 -7.02 38.01 63.18
N ASN DA 305 -5.97 37.27 63.48
CA ASN DA 305 -4.70 37.58 62.85
C ASN DA 305 -4.77 37.40 61.35
N ASN DA 306 -5.63 36.50 60.90
CA ASN DA 306 -5.79 36.29 59.47
C ASN DA 306 -6.54 37.44 58.83
N PHE DA 307 -7.63 37.85 59.45
CA PHE DA 307 -8.37 39.03 59.02
C PHE DA 307 -7.47 40.24 58.95
N LEU DA 308 -6.49 40.31 59.84
CA LEU DA 308 -5.59 41.46 59.86
C LEU DA 308 -4.53 41.37 58.78
N LYS DA 309 -3.98 40.18 58.57
CA LYS DA 309 -2.93 39.97 57.59
C LYS DA 309 -3.46 39.89 56.18
N GLY DA 310 -4.77 39.75 56.02
CA GLY DA 310 -5.34 39.39 54.75
C GLY DA 310 -5.59 37.92 54.69
N TYR DA 311 -4.57 37.21 54.21
CA TYR DA 311 -4.62 35.79 53.93
C TYR DA 311 -5.44 34.99 54.92
N LEU DA 312 -6.22 34.07 54.38
CA LEU DA 312 -6.85 33.00 55.12
C LEU DA 312 -6.23 31.68 54.68
N PRO DA 313 -5.57 30.94 55.56
CA PRO DA 313 -4.84 29.74 55.16
C PRO DA 313 -5.64 28.45 55.24
N ALA DA 314 -6.86 28.48 54.75
CA ALA DA 314 -7.63 27.28 54.48
C ALA DA 314 -8.34 27.33 53.16
N GLU DA 315 -8.69 28.52 52.68
CA GLU DA 315 -9.15 28.75 51.35
C GLU DA 315 -8.03 29.21 50.44
N ASN DA 316 -6.85 29.46 51.01
CA ASN DA 316 -5.72 30.03 50.30
C ASN DA 316 -6.13 31.28 49.55
N MET DA 317 -6.80 32.18 50.25
CA MET DA 317 -7.28 33.43 49.70
C MET DA 317 -6.47 34.59 50.23
N LYS DA 318 -6.03 35.45 49.32
CA LYS DA 318 -5.52 36.78 49.65
C LYS DA 318 -6.70 37.74 49.54
N ILE DA 319 -7.31 38.05 50.68
CA ILE DA 319 -8.52 38.85 50.69
C ILE DA 319 -8.26 40.34 50.74
N ARG DA 320 -7.01 40.75 50.90
CA ARG DA 320 -6.66 42.13 50.85
C ARG DA 320 -5.23 42.23 50.37
N PRO DA 321 -4.89 43.22 49.55
CA PRO DA 321 -3.49 43.39 49.15
C PRO DA 321 -2.57 43.61 50.30
N ASP DA 322 -3.04 44.24 51.36
CA ASP DA 322 -2.18 44.71 52.42
C ASP DA 322 -2.84 44.43 53.75
N GLU DA 323 -2.09 44.70 54.80
CA GLU DA 323 -2.49 44.41 56.16
C GLU DA 323 -3.14 45.61 56.81
N ILE DA 324 -3.93 45.34 57.84
CA ILE DA 324 -4.37 46.40 58.74
C ILE DA 324 -3.15 46.99 59.42
N LYS DA 325 -3.22 48.27 59.75
CA LYS DA 325 -2.05 49.06 60.06
C LYS DA 325 -1.97 49.43 61.53
N PHE DA 326 -3.07 49.87 62.11
CA PHE DA 326 -3.08 50.38 63.48
C PHE DA 326 -2.10 51.54 63.62
N MET DA 327 -2.40 52.60 62.89
CA MET DA 327 -1.53 53.75 62.84
C MET DA 327 -1.40 54.38 64.21
N LEU DA 328 -0.48 55.34 64.32
CA LEU DA 328 -0.18 56.03 65.55
C LEU DA 328 -0.55 57.50 65.50
N LYS DA 329 0.02 58.25 64.56
CA LYS DA 329 -0.23 59.68 64.44
C LYS DA 329 0.50 60.24 63.22
N THR DA 342 -8.14 82.06 70.82
CA THR DA 342 -9.13 81.00 70.86
C THR DA 342 -10.28 81.27 69.93
N LYS DA 343 -11.10 80.25 69.72
CA LYS DA 343 -12.28 80.32 68.87
C LYS DA 343 -13.57 80.05 69.61
N MET DA 344 -13.49 79.39 70.77
CA MET DA 344 -14.69 79.18 71.57
C MET DA 344 -14.30 78.72 72.96
N LYS DA 345 -14.83 79.42 73.96
CA LYS DA 345 -14.65 79.02 75.34
C LYS DA 345 -15.96 79.22 76.08
N TRP DA 346 -16.10 78.53 77.18
CA TRP DA 346 -17.30 78.58 77.98
C TRP DA 346 -16.94 78.70 79.46
N THR DA 347 -17.97 78.68 80.28
CA THR DA 347 -17.86 78.70 81.72
C THR DA 347 -18.26 77.34 82.26
N LYS DA 348 -18.01 77.12 83.54
CA LYS DA 348 -18.31 75.83 84.12
C LYS DA 348 -19.82 75.65 84.20
N ILE DA 349 -20.37 75.02 83.17
CA ILE DA 349 -21.78 74.65 83.16
C ILE DA 349 -22.05 73.71 84.32
N ILE DA 350 -23.15 74.01 85.01
CA ILE DA 350 -23.91 73.05 85.80
C ILE DA 350 -25.17 72.70 85.05
N LYS DA 351 -25.60 71.45 85.17
CA LYS DA 351 -26.84 71.00 84.55
C LYS DA 351 -27.42 69.87 85.38
N LYS DA 352 -28.73 69.68 85.29
CA LYS DA 352 -29.43 68.71 86.12
C LYS DA 352 -30.71 68.30 85.40
N LEU DA 353 -30.76 67.05 84.98
CA LEU DA 353 -31.91 66.48 84.27
C LEU DA 353 -32.67 65.62 85.25
N GLY DA 354 -33.45 66.27 86.10
CA GLY DA 354 -34.16 65.55 87.14
C GLY DA 354 -33.20 65.10 88.21
N ASP DA 355 -32.29 64.21 87.81
CA ASP DA 355 -31.16 63.83 88.62
C ASP DA 355 -29.96 63.86 87.65
N PHE DA 356 -28.86 63.23 88.04
CA PHE DA 356 -27.63 63.30 87.28
C PHE DA 356 -27.16 64.75 87.18
N GLN DA 357 -26.64 65.22 88.30
CA GLN DA 357 -25.94 66.48 88.25
C GLN DA 357 -24.78 66.39 87.27
N LEU DA 358 -24.43 67.51 86.67
CA LEU DA 358 -23.35 67.60 85.71
C LEU DA 358 -22.62 68.90 85.92
N VAL DA 359 -21.29 68.84 85.97
CA VAL DA 359 -20.42 70.00 86.02
C VAL DA 359 -19.28 69.78 85.05
N VAL DA 360 -18.86 70.84 84.35
CA VAL DA 360 -17.94 70.66 83.23
C VAL DA 360 -16.58 71.31 83.39
N ASP DA 361 -16.42 72.43 84.10
CA ASP DA 361 -15.08 73.00 84.31
C ASP DA 361 -14.36 73.42 83.03
N ASN DA 362 -14.76 74.59 82.52
CA ASN DA 362 -14.48 75.19 81.21
C ASN DA 362 -13.10 75.07 80.56
N GLY DA 363 -13.08 75.24 79.23
CA GLY DA 363 -11.88 75.19 78.44
C GLY DA 363 -11.84 76.29 77.39
N GLU DA 364 -10.92 76.10 76.42
CA GLU DA 364 -10.52 77.18 75.51
C GLU DA 364 -10.58 76.85 74.03
N ALA DA 365 -10.34 75.59 73.67
CA ALA DA 365 -10.40 75.12 72.28
C ALA DA 365 -9.74 76.06 71.28
N LYS DA 366 -8.42 76.17 71.34
CA LYS DA 366 -7.71 77.05 70.42
C LYS DA 366 -7.77 76.60 68.97
N GLU DA 367 -8.07 77.54 68.08
CA GLU DA 367 -8.10 77.29 66.65
C GLU DA 367 -8.99 76.13 66.22
N GLY DA 368 -8.43 75.25 65.39
CA GLY DA 368 -9.12 74.10 64.86
C GLY DA 368 -8.81 72.76 65.50
N GLU DA 369 -8.14 72.79 66.65
CA GLU DA 369 -7.75 71.56 67.32
C GLU DA 369 -8.95 70.70 67.73
N ILE DA 370 -8.76 69.39 67.63
CA ILE DA 370 -9.77 68.41 67.98
C ILE DA 370 -9.84 68.19 69.49
N ILE DA 371 -11.05 68.04 70.01
CA ILE DA 371 -11.22 67.77 71.42
C ILE DA 371 -12.01 66.48 71.51
N GLY DA 372 -11.37 65.45 72.02
CA GLY DA 372 -12.07 64.25 72.35
C GLY DA 372 -12.74 64.35 73.69
N ILE DA 373 -13.68 63.45 73.90
CA ILE DA 373 -14.44 63.38 75.14
C ILE DA 373 -14.51 61.94 75.56
N LEU DA 374 -13.97 61.65 76.73
CA LEU DA 374 -13.91 60.31 77.27
C LEU DA 374 -14.69 60.23 78.56
N GLY DA 375 -15.20 59.05 78.84
CA GLY DA 375 -15.75 58.77 80.12
C GLY DA 375 -16.66 57.56 80.10
N PRO DA 376 -17.08 57.15 81.26
CA PRO DA 376 -17.92 55.96 81.36
C PRO DA 376 -19.21 56.06 80.60
N ASN DA 377 -19.99 54.99 80.68
CA ASN DA 377 -21.28 54.90 80.01
C ASN DA 377 -22.36 55.28 81.00
N GLY DA 378 -22.73 56.56 80.99
CA GLY DA 378 -23.78 57.05 81.84
C GLY DA 378 -23.57 58.43 82.44
N ILE DA 379 -22.45 59.08 82.14
CA ILE DA 379 -22.24 60.45 82.59
C ILE DA 379 -22.04 61.33 81.36
N GLY DA 380 -22.98 62.23 81.14
CA GLY DA 380 -22.77 63.33 80.24
C GLY DA 380 -22.33 62.90 78.86
N LYS DA 381 -21.58 63.78 78.23
CA LYS DA 381 -21.05 63.69 76.86
C LYS DA 381 -22.13 63.91 75.82
N THR DA 382 -23.33 63.42 76.09
CA THR DA 382 -24.43 63.54 75.16
C THR DA 382 -25.33 64.68 75.55
N THR DA 383 -25.60 64.77 76.86
CA THR DA 383 -26.07 66.00 77.45
C THR DA 383 -25.19 67.17 77.07
N PHE DA 384 -23.88 66.98 77.14
CA PHE DA 384 -22.94 68.07 76.85
C PHE DA 384 -23.03 68.48 75.38
N ALA DA 385 -23.02 67.50 74.48
CA ALA DA 385 -23.13 67.84 73.08
C ALA DA 385 -24.48 68.48 72.78
N ARG DA 386 -25.54 67.97 73.41
CA ARG DA 386 -26.87 68.53 73.23
C ARG DA 386 -26.91 69.97 73.69
N ILE DA 387 -26.19 70.28 74.75
CA ILE DA 387 -26.09 71.65 75.22
C ILE DA 387 -25.40 72.51 74.18
N LEU DA 388 -24.33 72.00 73.58
CA LEU DA 388 -23.58 72.82 72.64
C LEU DA 388 -24.40 73.12 71.40
N VAL DA 389 -25.04 72.10 70.83
CA VAL DA 389 -25.96 72.32 69.73
C VAL DA 389 -27.14 73.16 70.16
N GLY DA 390 -27.42 73.23 71.46
CA GLY DA 390 -28.47 74.07 71.97
C GLY DA 390 -29.80 73.39 72.15
N GLU DA 391 -29.87 72.08 71.91
CA GLU DA 391 -31.09 71.33 72.13
C GLU DA 391 -31.55 71.47 73.57
N ILE DA 392 -30.59 71.53 74.50
CA ILE DA 392 -30.85 71.75 75.91
C ILE DA 392 -30.08 72.98 76.31
N THR DA 393 -30.66 73.79 77.18
CA THR DA 393 -29.94 74.94 77.73
C THR DA 393 -29.57 74.65 79.19
N ALA DA 394 -28.38 75.09 79.55
CA ALA DA 394 -27.81 74.78 80.84
C ALA DA 394 -28.61 75.41 81.98
N ASP DA 395 -28.56 74.76 83.13
CA ASP DA 395 -28.97 75.39 84.37
C ASP DA 395 -28.13 76.63 84.65
N GLU DA 396 -26.90 76.66 84.12
CA GLU DA 396 -25.97 77.75 84.32
C GLU DA 396 -24.81 77.60 83.35
N GLY DA 397 -24.20 78.71 83.02
CA GLY DA 397 -23.06 78.68 82.14
C GLY DA 397 -23.45 78.59 80.68
N SER DA 398 -22.59 79.14 79.83
CA SER DA 398 -22.90 79.24 78.42
C SER DA 398 -21.60 79.38 77.64
N VAL DA 399 -21.70 79.14 76.34
CA VAL DA 399 -20.56 79.16 75.43
C VAL DA 399 -20.36 80.57 74.91
N THR DA 400 -19.11 80.89 74.58
CA THR DA 400 -18.78 82.13 73.91
C THR DA 400 -17.70 81.85 72.88
N PRO DA 401 -17.87 82.25 71.61
CA PRO DA 401 -19.00 82.97 71.03
C PRO DA 401 -20.18 82.08 70.75
N GLU DA 402 -21.30 82.37 71.39
CA GLU DA 402 -22.54 81.74 71.01
C GLU DA 402 -22.94 82.18 69.60
N LYS DA 403 -23.99 81.56 69.09
CA LYS DA 403 -24.56 81.94 67.80
C LYS DA 403 -23.50 81.84 66.71
N GLN DA 404 -23.07 80.61 66.49
CA GLN DA 404 -22.08 80.28 65.48
C GLN DA 404 -22.61 79.13 64.63
N ILE DA 405 -22.24 79.14 63.35
CA ILE DA 405 -22.70 78.11 62.44
C ILE DA 405 -22.27 76.75 62.96
N LEU DA 406 -23.18 75.80 62.88
CA LEU DA 406 -23.09 74.59 63.66
C LEU DA 406 -23.55 73.39 62.86
N SER DA 407 -23.04 72.23 63.23
CA SER DA 407 -23.50 70.96 62.72
C SER DA 407 -23.63 69.98 63.87
N TYR DA 408 -24.01 68.74 63.55
CA TYR DA 408 -24.30 67.81 64.62
C TYR DA 408 -24.48 66.42 64.05
N LYS DA 409 -24.30 65.44 64.91
CA LYS DA 409 -24.50 64.05 64.56
C LYS DA 409 -24.61 63.23 65.84
N PRO DA 410 -25.82 62.86 66.26
CA PRO DA 410 -26.01 62.23 67.57
C PRO DA 410 -25.74 60.73 67.51
N GLN DA 411 -26.11 60.03 68.57
CA GLN DA 411 -25.95 58.58 68.59
C GLN DA 411 -27.30 57.88 68.41
N ARG DA 412 -28.26 58.61 67.86
CA ARG DA 412 -29.61 58.12 67.61
C ARG DA 412 -29.74 57.60 66.17
N ILE DA 413 -28.72 56.91 65.70
CA ILE DA 413 -28.66 56.57 64.28
C ILE DA 413 -29.60 55.43 63.99
N PHE DA 414 -30.45 55.61 62.99
CA PHE DA 414 -31.31 54.55 62.49
C PHE DA 414 -31.84 54.99 61.14
N PRO DA 415 -32.33 54.08 60.32
CA PRO DA 415 -32.72 54.43 58.96
C PRO DA 415 -34.11 55.05 58.91
N ASN DA 416 -34.16 56.31 58.51
CA ASN DA 416 -35.41 57.08 58.48
C ASN DA 416 -35.73 57.66 57.12
N TYR DA 417 -34.74 58.20 56.41
CA TYR DA 417 -35.00 58.85 55.13
C TYR DA 417 -35.37 57.83 54.07
N ASP DA 418 -36.28 58.24 53.20
CA ASP DA 418 -36.83 57.39 52.16
C ASP DA 418 -36.22 57.65 50.79
N GLY DA 419 -35.40 58.69 50.66
CA GLY DA 419 -34.71 58.95 49.41
C GLY DA 419 -33.42 58.18 49.31
N THR DA 420 -32.62 58.57 48.31
CA THR DA 420 -31.34 57.93 48.09
C THR DA 420 -30.19 58.77 48.61
N VAL DA 421 -29.00 58.22 48.43
CA VAL DA 421 -27.80 58.77 49.01
C VAL DA 421 -27.39 60.01 48.26
N GLN DA 422 -27.61 60.02 46.96
CA GLN DA 422 -27.31 61.20 46.16
C GLN DA 422 -28.16 62.36 46.62
N GLN DA 423 -29.44 62.12 46.87
CA GLN DA 423 -30.31 63.16 47.40
C GLN DA 423 -29.88 63.61 48.78
N TYR DA 424 -29.55 62.65 49.64
CA TYR DA 424 -29.09 63.00 50.98
C TYR DA 424 -27.93 63.96 50.93
N LEU DA 425 -26.90 63.59 50.20
CA LEU DA 425 -25.72 64.42 50.08
C LEU DA 425 -26.00 65.70 49.32
N GLU DA 426 -26.97 65.70 48.42
CA GLU DA 426 -27.32 66.91 47.70
C GLU DA 426 -27.92 67.93 48.65
N ASN DA 427 -29.01 67.56 49.31
CA ASN DA 427 -29.64 68.44 50.28
C ASN DA 427 -28.72 68.77 51.44
N ALA DA 428 -27.66 67.99 51.63
CA ALA DA 428 -26.65 68.36 52.60
C ALA DA 428 -25.74 69.45 52.06
N SER DA 429 -25.30 69.30 50.83
CA SER DA 429 -24.34 70.23 50.28
C SER DA 429 -24.07 69.93 48.82
N LYS DA 430 -23.22 70.76 48.22
CA LYS DA 430 -22.73 70.55 46.87
C LYS DA 430 -21.33 69.96 46.89
N ASP DA 431 -20.52 70.37 47.87
CA ASP DA 431 -19.20 69.79 48.03
C ASP DA 431 -19.26 68.32 48.37
N ALA DA 432 -20.41 67.84 48.85
CA ALA DA 432 -20.55 66.42 49.18
C ALA DA 432 -20.35 65.54 47.97
N LEU DA 433 -20.67 66.04 46.78
CA LEU DA 433 -20.62 65.23 45.58
C LEU DA 433 -19.93 65.90 44.41
N SER DA 434 -19.71 67.20 44.45
CA SER DA 434 -18.97 67.86 43.40
C SER DA 434 -17.54 67.36 43.43
N THR DA 435 -17.17 66.58 42.41
CA THR DA 435 -15.79 66.14 42.27
C THR DA 435 -14.82 67.30 42.17
N SER DA 436 -15.32 68.49 41.89
CA SER DA 436 -14.55 69.71 42.07
C SER DA 436 -13.82 69.73 43.41
N SER DA 437 -14.40 69.13 44.44
CA SER DA 437 -13.98 69.41 45.79
C SER DA 437 -12.95 68.40 46.29
N TRP DA 438 -11.88 68.96 46.87
CA TRP DA 438 -11.02 68.18 47.75
C TRP DA 438 -11.85 67.39 48.75
N PHE DA 439 -12.96 67.99 49.19
CA PHE DA 439 -13.87 67.31 50.09
C PHE DA 439 -14.34 66.00 49.48
N PHE DA 440 -14.77 66.05 48.24
CA PHE DA 440 -15.21 64.82 47.58
C PHE DA 440 -14.07 63.82 47.54
N GLU DA 441 -12.99 64.18 46.88
CA GLU DA 441 -11.94 63.22 46.60
C GLU DA 441 -11.26 62.71 47.87
N GLU DA 442 -11.44 63.39 49.00
CA GLU DA 442 -10.92 62.93 50.28
C GLU DA 442 -11.91 62.07 51.03
N VAL DA 443 -13.12 62.59 51.21
CA VAL DA 443 -14.11 61.95 52.06
C VAL DA 443 -14.87 60.89 51.28
N THR DA 444 -15.71 61.34 50.35
CA THR DA 444 -16.71 60.45 49.79
C THR DA 444 -16.07 59.34 48.98
N LYS DA 445 -14.88 59.58 48.46
CA LYS DA 445 -14.18 58.53 47.73
C LYS DA 445 -13.52 57.55 48.67
N ARG DA 446 -12.72 58.05 49.61
CA ARG DA 446 -12.06 57.16 50.56
C ARG DA 446 -13.05 56.42 51.43
N LEU DA 447 -14.24 56.96 51.60
CA LEU DA 447 -15.30 56.27 52.30
C LEU DA 447 -16.08 55.34 51.39
N ASN DA 448 -15.89 55.45 50.08
CA ASN DA 448 -16.57 54.61 49.11
C ASN DA 448 -18.08 54.75 49.20
N LEU DA 449 -18.55 55.98 48.96
CA LEU DA 449 -19.97 56.26 48.77
C LEU DA 449 -20.34 56.43 47.31
N HIS DA 450 -19.36 56.68 46.45
CA HIS DA 450 -19.58 56.64 45.02
C HIS DA 450 -20.11 55.30 44.55
N ARG DA 451 -19.92 54.25 45.33
CA ARG DA 451 -20.47 52.94 45.03
C ARG DA 451 -21.85 52.74 45.63
N LEU DA 452 -22.40 53.75 46.30
CA LEU DA 452 -23.70 53.64 46.94
C LEU DA 452 -24.60 54.82 46.62
N LEU DA 453 -24.18 55.67 45.70
CA LEU DA 453 -24.96 56.84 45.33
C LEU DA 453 -26.40 56.50 44.99
N GLU DA 454 -26.62 55.47 44.19
CA GLU DA 454 -27.95 55.09 43.75
C GLU DA 454 -28.55 54.00 44.61
N SER DA 455 -28.27 54.02 45.90
CA SER DA 455 -28.83 53.07 46.84
C SER DA 455 -29.70 53.81 47.84
N ASN DA 456 -30.93 53.35 48.00
CA ASN DA 456 -31.80 53.97 48.97
C ASN DA 456 -31.21 53.80 50.34
N VAL DA 457 -31.60 54.66 51.27
CA VAL DA 457 -30.91 54.73 52.54
C VAL DA 457 -31.50 53.74 53.53
N ASN DA 458 -32.81 53.52 53.46
CA ASN DA 458 -33.44 52.63 54.40
C ASN DA 458 -33.04 51.18 54.20
N ASP DA 459 -32.24 50.89 53.18
CA ASP DA 459 -31.65 49.58 52.97
C ASP DA 459 -30.15 49.81 52.87
N LEU DA 460 -29.51 49.96 54.03
CA LEU DA 460 -28.08 50.14 54.10
C LEU DA 460 -27.54 49.42 55.31
N SER DA 461 -26.23 49.26 55.33
CA SER DA 461 -25.51 48.74 56.47
C SER DA 461 -25.32 49.83 57.50
N GLY DA 462 -25.15 49.41 58.74
CA GLY DA 462 -24.90 50.35 59.82
C GLY DA 462 -23.72 51.24 59.54
N GLY DA 463 -22.65 50.67 58.99
CA GLY DA 463 -21.45 51.44 58.77
C GLY DA 463 -21.55 52.34 57.57
N GLU DA 464 -22.24 51.89 56.53
CA GLU DA 464 -22.49 52.77 55.40
C GLU DA 464 -23.33 53.96 55.82
N LEU DA 465 -24.34 53.70 56.64
CA LEU DA 465 -25.17 54.78 57.17
C LEU DA 465 -24.38 55.74 58.03
N GLN DA 466 -23.55 55.20 58.92
CA GLN DA 466 -22.72 56.04 59.75
C GLN DA 466 -21.82 56.92 58.92
N LYS DA 467 -21.16 56.32 57.93
CA LYS DA 467 -20.33 57.07 57.02
C LYS DA 467 -21.12 58.16 56.33
N LEU DA 468 -22.36 57.87 55.98
CA LEU DA 468 -23.19 58.86 55.32
C LEU DA 468 -23.50 60.04 56.21
N TYR DA 469 -23.94 59.76 57.43
CA TYR DA 469 -24.26 60.85 58.35
C TYR DA 469 -23.03 61.68 58.66
N ILE DA 470 -21.88 61.02 58.78
CA ILE DA 470 -20.65 61.76 59.00
C ILE DA 470 -20.33 62.61 57.79
N ALA DA 471 -20.54 62.07 56.61
CA ALA DA 471 -20.25 62.82 55.40
C ALA DA 471 -21.10 64.06 55.32
N ALA DA 472 -22.38 63.92 55.59
CA ALA DA 472 -23.27 65.06 55.58
C ALA DA 472 -22.83 66.08 56.60
N THR DA 473 -22.48 65.61 57.79
CA THR DA 473 -22.18 66.49 58.89
C THR DA 473 -20.92 67.28 58.62
N LEU DA 474 -19.97 66.68 57.91
CA LEU DA 474 -18.74 67.36 57.56
C LEU DA 474 -18.83 68.12 56.26
N ALA DA 475 -19.85 67.85 55.46
CA ALA DA 475 -20.07 68.62 54.25
C ALA DA 475 -20.73 69.93 54.57
N LYS DA 476 -21.60 69.94 55.58
CA LYS DA 476 -22.16 71.20 56.02
C LYS DA 476 -21.04 72.03 56.61
N GLU DA 477 -20.46 72.89 55.78
CA GLU DA 477 -19.45 73.83 56.24
C GLU DA 477 -19.97 74.60 57.44
N ALA DA 478 -19.13 74.65 58.48
CA ALA DA 478 -19.54 75.21 59.76
C ALA DA 478 -18.30 75.64 60.52
N ASP DA 479 -18.50 75.98 61.79
CA ASP DA 479 -17.42 76.36 62.68
C ASP DA 479 -17.41 75.52 63.95
N LEU DA 480 -18.45 74.72 64.17
CA LEU DA 480 -18.49 73.83 65.33
C LEU DA 480 -19.12 72.52 64.88
N TYR DA 481 -18.27 71.52 64.65
CA TYR DA 481 -18.72 70.17 64.38
C TYR DA 481 -18.80 69.38 65.68
N VAL DA 482 -19.79 68.53 65.77
CA VAL DA 482 -20.04 67.73 66.96
C VAL DA 482 -20.51 66.36 66.50
N LEU DA 483 -19.72 65.34 66.80
CA LEU DA 483 -19.96 63.98 66.35
C LEU DA 483 -19.90 63.04 67.52
N ASP DA 484 -21.02 62.42 67.84
CA ASP DA 484 -21.12 61.45 68.91
C ASP DA 484 -21.29 60.06 68.34
N ALA DA 485 -20.54 59.12 68.88
CA ALA DA 485 -20.49 57.73 68.43
C ALA DA 485 -20.33 57.62 66.91
N PRO DA 486 -19.33 58.28 66.33
CA PRO DA 486 -19.09 58.16 64.90
C PRO DA 486 -18.47 56.86 64.48
N SER DA 487 -17.74 56.21 65.39
CA SER DA 487 -17.02 54.98 65.09
C SER DA 487 -17.87 53.75 65.29
N SER DA 488 -19.09 53.93 65.75
CA SER DA 488 -19.93 52.77 66.00
C SER DA 488 -20.34 52.14 64.68
N TYR DA 489 -20.56 50.83 64.72
CA TYR DA 489 -21.00 50.06 63.57
C TYR DA 489 -19.95 50.02 62.47
N LEU DA 490 -18.72 50.39 62.80
CA LEU DA 490 -17.65 50.48 61.83
C LEU DA 490 -16.53 49.51 62.15
N ASP DA 491 -15.85 49.08 61.10
CA ASP DA 491 -14.66 48.27 61.22
C ASP DA 491 -13.44 49.16 61.33
N VAL DA 492 -12.29 48.52 61.45
CA VAL DA 492 -11.10 49.20 61.93
C VAL DA 492 -10.43 50.07 60.88
N GLU DA 493 -10.26 49.57 59.66
CA GLU DA 493 -9.73 50.41 58.61
C GLU DA 493 -10.63 51.60 58.36
N GLU DA 494 -11.94 51.42 58.50
CA GLU DA 494 -12.85 52.52 58.30
C GLU DA 494 -12.82 53.49 59.46
N ARG DA 495 -12.63 52.99 60.67
CA ARG DA 495 -12.41 53.87 61.81
C ARG DA 495 -11.29 54.83 61.51
N TYR DA 496 -10.16 54.30 61.09
CA TYR DA 496 -9.00 55.15 60.88
C TYR DA 496 -9.18 56.06 59.68
N ILE DA 497 -9.83 55.58 58.64
CA ILE DA 497 -10.10 56.41 57.47
C ILE DA 497 -10.99 57.59 57.84
N VAL DA 498 -12.07 57.30 58.54
CA VAL DA 498 -13.00 58.32 59.00
C VAL DA 498 -12.28 59.33 59.86
N ALA DA 499 -11.40 58.86 60.73
CA ALA DA 499 -10.67 59.76 61.58
C ALA DA 499 -9.82 60.71 60.77
N LYS DA 500 -9.11 60.17 59.78
CA LYS DA 500 -8.29 61.02 58.93
C LYS DA 500 -9.15 62.04 58.19
N ALA DA 501 -10.34 61.62 57.78
CA ALA DA 501 -11.23 62.53 57.08
C ALA DA 501 -11.61 63.69 57.98
N ILE DA 502 -12.02 63.39 59.20
CA ILE DA 502 -12.40 64.43 60.14
C ILE DA 502 -11.25 65.39 60.35
N LYS DA 503 -10.07 64.85 60.59
CA LYS DA 503 -8.92 65.70 60.86
C LYS DA 503 -8.64 66.60 59.67
N ARG DA 504 -8.72 66.04 58.47
CA ARG DA 504 -8.44 66.80 57.27
C ARG DA 504 -9.42 67.95 57.12
N VAL DA 505 -10.71 67.65 57.16
CA VAL DA 505 -11.71 68.70 56.97
C VAL DA 505 -11.59 69.74 58.06
N THR DA 506 -11.32 69.33 59.28
CA THR DA 506 -11.33 70.25 60.38
C THR DA 506 -10.12 71.19 60.32
N ARG DA 507 -8.98 70.66 59.90
CA ARG DA 507 -7.81 71.51 59.74
C ARG DA 507 -7.87 72.35 58.48
N GLU DA 508 -8.70 71.97 57.51
CA GLU DA 508 -8.90 72.79 56.33
C GLU DA 508 -9.80 73.97 56.62
N ARG DA 509 -10.84 73.74 57.41
CA ARG DA 509 -11.77 74.79 57.78
C ARG DA 509 -11.35 75.55 59.03
N LYS DA 510 -10.33 75.08 59.73
CA LYS DA 510 -9.80 75.76 60.91
C LYS DA 510 -10.89 75.96 61.94
N ALA DA 511 -11.67 74.91 62.17
CA ALA DA 511 -12.81 74.93 63.05
C ALA DA 511 -12.58 74.07 64.28
N VAL DA 512 -13.63 73.88 65.05
CA VAL DA 512 -13.61 73.11 66.28
C VAL DA 512 -14.33 71.80 66.05
N THR DA 513 -13.89 70.75 66.74
CA THR DA 513 -14.57 69.48 66.71
C THR DA 513 -14.56 68.84 68.10
N PHE DA 514 -15.66 68.18 68.42
CA PHE DA 514 -15.94 67.60 69.73
C PHE DA 514 -16.35 66.15 69.54
N ILE DA 515 -15.37 65.27 69.42
CA ILE DA 515 -15.68 63.86 69.16
C ILE DA 515 -15.91 63.13 70.46
N ILE DA 516 -17.11 62.59 70.61
CA ILE DA 516 -17.44 61.65 71.66
C ILE DA 516 -17.29 60.25 71.09
N ASP DA 517 -16.68 59.38 71.86
CA ASP DA 517 -16.51 58.00 71.43
C ASP DA 517 -15.94 57.21 72.59
N HIS DA 518 -15.89 55.91 72.40
CA HIS DA 518 -15.25 55.00 73.32
C HIS DA 518 -14.08 54.26 72.69
N ASP DA 519 -13.37 54.87 71.75
CA ASP DA 519 -12.33 54.19 70.99
C ASP DA 519 -11.03 54.97 71.16
N LEU DA 520 -10.25 54.52 72.12
CA LEU DA 520 -9.01 55.20 72.47
C LEU DA 520 -8.04 55.19 71.32
N SER DA 521 -8.18 54.25 70.39
CA SER DA 521 -7.36 54.26 69.20
C SER DA 521 -7.62 55.52 68.41
N ILE DA 522 -8.89 55.88 68.28
CA ILE DA 522 -9.27 57.09 67.56
C ILE DA 522 -8.73 58.31 68.26
N HIS DA 523 -9.01 58.38 69.56
CA HIS DA 523 -8.58 59.53 70.32
C HIS DA 523 -7.08 59.72 70.23
N ASP DA 524 -6.32 58.64 70.36
CA ASP DA 524 -4.88 58.73 70.22
C ASP DA 524 -4.49 59.15 68.82
N TYR DA 525 -5.24 58.73 67.81
CA TYR DA 525 -4.80 59.00 66.45
C TYR DA 525 -4.93 60.46 66.10
N ILE DA 526 -6.04 61.07 66.49
CA ILE DA 526 -6.34 62.41 66.00
C ILE DA 526 -6.35 63.45 67.11
N ALA DA 527 -6.89 63.08 68.26
CA ALA DA 527 -7.19 64.06 69.29
C ALA DA 527 -5.92 64.72 69.81
N ASP DA 528 -5.80 66.00 69.53
CA ASP DA 528 -4.73 66.80 70.11
C ASP DA 528 -5.12 67.41 71.44
N ARG DA 529 -6.38 67.27 71.87
CA ARG DA 529 -6.66 67.38 73.29
C ARG DA 529 -7.91 66.60 73.64
N ILE DA 530 -8.14 66.34 74.94
CA ILE DA 530 -9.33 65.62 75.34
C ILE DA 530 -9.84 66.12 76.68
N ILE DA 531 -11.03 65.65 77.01
CA ILE DA 531 -11.78 66.02 78.21
C ILE DA 531 -12.31 64.75 78.84
N VAL DA 532 -12.08 64.57 80.12
CA VAL DA 532 -12.45 63.37 80.83
C VAL DA 532 -13.64 63.68 81.72
N PHE DA 533 -14.61 62.77 81.72
CA PHE DA 533 -15.74 62.86 82.64
C PHE DA 533 -15.53 61.86 83.75
N LYS DA 534 -15.65 62.32 84.98
CA LYS DA 534 -15.56 61.47 86.15
C LYS DA 534 -16.88 61.49 86.89
N GLY DA 535 -17.00 60.62 87.88
CA GLY DA 535 -18.11 60.64 88.80
C GLY DA 535 -18.93 59.38 88.75
N GLU DA 536 -19.84 59.31 89.70
CA GLU DA 536 -20.76 58.19 89.80
C GLU DA 536 -21.65 58.16 88.55
N PRO DA 537 -21.67 57.07 87.80
CA PRO DA 537 -22.56 57.00 86.64
C PRO DA 537 -24.01 57.23 87.00
N GLU DA 538 -24.66 58.05 86.19
CA GLU DA 538 -26.10 58.32 86.25
C GLU DA 538 -26.49 59.20 87.42
N LYS DA 539 -25.53 59.65 88.23
CA LYS DA 539 -25.81 60.48 89.38
C LYS DA 539 -25.01 61.77 89.31
N ALA DA 540 -23.76 61.66 88.85
CA ALA DA 540 -22.85 62.80 88.89
C ALA DA 540 -21.86 62.67 87.76
N GLY DA 541 -21.82 63.69 86.91
CA GLY DA 541 -20.84 63.77 85.86
C GLY DA 541 -19.97 64.98 86.02
N LEU DA 542 -18.74 64.76 86.43
CA LEU DA 542 -17.81 65.82 86.73
C LEU DA 542 -16.69 65.76 85.70
N ALA DA 543 -16.79 66.61 84.70
CA ALA DA 543 -15.76 66.75 83.70
C ALA DA 543 -14.61 67.60 84.23
N THR DA 544 -13.78 68.07 83.31
CA THR DA 544 -12.64 68.89 83.64
C THR DA 544 -12.25 69.74 82.45
N SER DA 545 -11.34 70.68 82.70
CA SER DA 545 -10.60 71.35 81.66
C SER DA 545 -10.08 70.36 80.62
N PRO DA 546 -9.89 70.81 79.37
CA PRO DA 546 -9.22 69.97 78.37
C PRO DA 546 -7.81 69.62 78.84
N VAL DA 547 -7.48 68.35 78.70
CA VAL DA 547 -6.20 67.83 79.11
C VAL DA 547 -5.51 67.26 77.90
N THR DA 548 -4.19 67.23 77.97
CA THR DA 548 -3.45 66.58 76.92
C THR DA 548 -3.79 65.09 76.85
N LEU DA 549 -3.32 64.47 75.78
CA LEU DA 549 -3.84 63.19 75.34
C LEU DA 549 -3.52 62.09 76.34
N LYS DA 550 -2.23 61.87 76.59
CA LYS DA 550 -1.83 60.76 77.43
C LYS DA 550 -2.33 60.94 78.85
N THR DA 551 -2.39 62.18 79.32
CA THR DA 551 -2.85 62.40 80.68
C THR DA 551 -4.32 62.08 80.81
N GLY DA 552 -5.13 62.57 79.89
CA GLY DA 552 -6.55 62.28 79.97
C GLY DA 552 -6.82 60.81 79.79
N MET DA 553 -6.07 60.16 78.91
CA MET DA 553 -6.21 58.72 78.74
C MET DA 553 -5.87 57.99 80.02
N ASN DA 554 -4.75 58.36 80.63
CA ASN DA 554 -4.31 57.69 81.84
C ASN DA 554 -5.29 57.89 82.96
N GLU DA 555 -5.94 59.05 83.02
CA GLU DA 555 -6.93 59.25 84.07
C GLU DA 555 -8.20 58.47 83.79
N PHE DA 556 -8.65 58.48 82.53
CA PHE DA 556 -9.83 57.73 82.16
C PHE DA 556 -9.65 56.25 82.43
N LEU DA 557 -8.42 55.77 82.36
CA LEU DA 557 -8.16 54.36 82.55
C LEU DA 557 -7.86 54.01 84.01
N ARG DA 558 -7.18 54.91 84.72
CA ARG DA 558 -7.06 54.79 86.17
C ARG DA 558 -8.43 54.67 86.80
N GLU DA 559 -9.38 55.43 86.29
CA GLU DA 559 -10.77 55.11 86.53
C GLU DA 559 -11.13 53.90 85.70
N LEU DA 560 -11.90 52.99 86.30
CA LEU DA 560 -12.23 51.68 85.75
C LEU DA 560 -11.09 50.68 85.84
N GLU DA 561 -9.87 51.13 86.16
CA GLU DA 561 -8.77 50.24 86.48
C GLU DA 561 -8.52 49.24 85.37
N VAL DA 562 -8.48 49.78 84.16
CA VAL DA 562 -8.25 49.03 82.94
C VAL DA 562 -6.89 49.41 82.39
N THR DA 563 -6.26 48.50 81.68
CA THR DA 563 -4.94 48.74 81.11
C THR DA 563 -4.84 48.07 79.75
N PHE DA 564 -3.98 48.63 78.91
CA PHE DA 564 -3.85 48.26 77.52
C PHE DA 564 -2.40 48.07 77.19
N ARG DA 565 -2.12 47.07 76.37
CA ARG DA 565 -0.82 46.85 75.79
C ARG DA 565 -0.93 46.90 74.28
N ARG DA 566 -0.05 47.68 73.68
CA ARG DA 566 0.03 47.78 72.25
C ARG DA 566 1.24 47.02 71.78
N ASP DA 567 1.04 46.14 70.81
CA ASP DA 567 2.18 45.60 70.09
C ASP DA 567 2.99 46.74 69.50
N ALA DA 568 4.30 46.50 69.38
CA ALA DA 568 5.18 47.53 68.85
C ALA DA 568 5.21 47.52 67.33
N GLU DA 569 5.43 46.34 66.74
CA GLU DA 569 5.64 46.28 65.31
C GLU DA 569 4.37 46.54 64.52
N THR DA 570 3.20 46.46 65.15
CA THR DA 570 1.93 46.78 64.52
C THR DA 570 1.22 47.93 65.22
N GLY DA 571 1.03 47.81 66.53
CA GLY DA 571 0.23 48.72 67.28
C GLY DA 571 -1.10 48.19 67.72
N ARG DA 572 -1.36 46.92 67.52
CA ARG DA 572 -2.63 46.36 67.92
C ARG DA 572 -2.78 46.51 69.43
N PRO DA 573 -3.84 47.16 69.91
CA PRO DA 573 -4.08 47.21 71.35
C PRO DA 573 -4.86 46.00 71.82
N ARG DA 574 -4.51 45.55 73.01
CA ARG DA 574 -5.21 44.46 73.65
C ARG DA 574 -5.25 44.73 75.14
N VAL DA 575 -6.36 44.43 75.74
CA VAL DA 575 -6.54 44.67 77.16
C VAL DA 575 -5.82 43.59 77.94
N ASN DA 576 -5.23 44.01 79.04
CA ASN DA 576 -4.51 43.11 79.91
C ASN DA 576 -5.43 42.59 80.99
N LYS DA 577 -5.36 41.29 81.20
CA LYS DA 577 -6.14 40.64 82.23
C LYS DA 577 -5.87 41.30 83.58
N ILE DA 578 -6.93 41.40 84.37
CA ILE DA 578 -6.86 42.11 85.63
C ILE DA 578 -5.95 41.36 86.58
N GLY DA 579 -4.99 42.07 87.15
CA GLY DA 579 -4.04 41.47 88.05
C GLY DA 579 -2.80 40.93 87.39
N SER DA 580 -2.74 40.99 86.07
CA SER DA 580 -1.60 40.44 85.38
C SER DA 580 -0.35 41.25 85.68
N TYR DA 581 0.78 40.61 85.45
CA TYR DA 581 2.06 41.27 85.66
C TYR DA 581 2.12 42.60 84.94
N LEU DA 582 1.66 42.64 83.69
CA LEU DA 582 1.71 43.89 82.94
C LEU DA 582 0.69 44.89 83.43
N ASP DA 583 -0.49 44.44 83.85
CA ASP DA 583 -1.42 45.36 84.48
C ASP DA 583 -0.79 46.03 85.68
N ARG DA 584 -0.22 45.22 86.57
CA ARG DA 584 0.40 45.75 87.77
C ARG DA 584 1.55 46.69 87.45
N VAL DA 585 2.40 46.31 86.50
CA VAL DA 585 3.51 47.16 86.10
C VAL DA 585 3.01 48.47 85.52
N GLN DA 586 2.12 48.40 84.54
CA GLN DA 586 1.62 49.60 83.90
C GLN DA 586 0.90 50.49 84.88
N LYS DA 587 0.33 49.91 85.93
CA LYS DA 587 -0.36 50.71 86.93
C LYS DA 587 0.61 51.39 87.87
N GLU DA 588 1.50 50.63 88.48
CA GLU DA 588 2.50 51.19 89.37
C GLU DA 588 3.46 52.13 88.64
N ARG DA 589 3.45 52.11 87.30
CA ARG DA 589 4.21 53.07 86.51
C ARG DA 589 3.35 54.20 85.95
N GLY DA 590 2.04 54.05 85.91
CA GLY DA 590 1.17 55.06 85.35
C GLY DA 590 1.25 55.20 83.85
N ASP DA 591 1.50 54.10 83.14
CA ASP DA 591 1.63 54.11 81.69
C ASP DA 591 0.50 53.29 81.10
N TYR DA 592 -0.70 53.51 81.62
CA TYR DA 592 -1.91 53.00 81.00
C TYR DA 592 -1.90 53.32 79.52
N TYR DA 593 -2.15 52.30 78.71
CA TYR DA 593 -2.24 52.44 77.25
C TYR DA 593 -0.91 52.90 76.65
N SER DA 594 0.02 51.95 76.57
CA SER DA 594 1.33 52.19 75.96
C SER DA 594 1.39 51.62 74.56
MG MG EA . 8.28 -16.39 11.77
MG MG FA . -14.76 8.91 38.46
MG MG GA . -8.46 2.88 49.09
MG MG HA . -2.85 10.85 48.58
MG MG IA . 16.48 -31.03 -10.13
MG MG JA . 7.87 -8.84 16.21
MG MG KA . 43.38 8.10 -6.62
MG MG LA . 31.58 2.41 -10.06
MG MG MA . 29.62 1.02 -13.50
MG MG NA . 26.45 5.67 -13.67
MG MG OA . 6.79 1.10 47.09
MG MG PA . 7.29 -10.37 102.39
MG MG QA . 0.02 14.07 57.20
MG MG RA . 19.71 -12.95 4.74
MG MG SA . -11.25 -21.75 50.18
MG MG TA . 16.28 9.07 -45.47
MG MG UA . 23.35 4.20 -53.16
MG MG VA . -3.16 25.40 -52.76
MG MG WA . 1.54 -12.72 -30.91
MG MG XA . -7.32 -7.62 -48.65
MG MG YA . -3.31 -15.30 -61.29
MG MG ZA . -2.78 17.69 -27.38
MG MG AB . -6.23 14.17 -28.79
MG MG BB . 29.68 30.22 -69.58
MG MG CB . 16.89 36.21 -73.74
MG MG DB . -16.04 6.15 6.45
MG MG EB . -5.70 -7.79 2.04
ZN ZN FB . -21.50 20.64 -45.12
ZN ZN GB . -5.68 -64.00 -9.95
ZN ZN HB . -1.30 -49.38 -2.96
ZN ZN IB . 55.75 -75.48 5.15
FE1 SF4 JB . 3.44 33.23 34.74
FE2 SF4 JB . 1.25 33.20 36.34
FE3 SF4 JB . 3.60 32.13 37.21
FE4 SF4 JB . 2.18 30.89 35.26
S1 SF4 JB . 1.53 31.22 37.41
S2 SF4 JB . 4.41 31.24 35.28
S3 SF4 JB . 1.32 32.67 34.13
S4 SF4 JB . 3.20 34.31 36.72
FE1 SF4 KB . 12.44 33.20 40.32
FE2 SF4 KB . 15.06 32.47 40.56
FE3 SF4 KB . 13.13 30.99 41.75
FE4 SF4 KB . 13.73 33.46 42.71
S1 SF4 KB . 15.09 31.64 42.67
S2 SF4 KB . 11.65 32.61 42.36
S3 SF4 KB . 14.20 34.56 40.77
S4 SF4 KB . 13.40 31.31 39.51
PG ANP LB . -22.35 46.55 58.75
O1G ANP LB . -21.36 46.10 59.78
O2G ANP LB . -21.99 47.95 58.33
O3G ANP LB . -23.72 46.55 59.33
PB ANP LB . -23.29 44.31 57.01
O1B ANP LB . -22.52 43.04 56.89
O2B ANP LB . -24.29 44.14 58.10
N3B ANP LB . -22.23 45.58 57.37
PA ANP LB . -25.50 43.98 55.21
O1A ANP LB . -25.63 42.60 55.77
O2A ANP LB . -26.55 44.85 55.80
O3A ANP LB . -24.04 44.59 55.59
O5' ANP LB . -25.64 43.88 53.58
C5' ANP LB . -24.53 44.18 52.80
C4' ANP LB . -24.96 45.07 51.62
O4' ANP LB . -26.16 44.72 51.24
C3' ANP LB . -25.06 46.53 52.08
O3' ANP LB . -24.18 47.28 51.40
C2' ANP LB . -26.48 47.00 51.77
O2' ANP LB . -26.45 48.23 50.94
C1' ANP LB . -27.04 46.06 51.07
N9 ANP LB . -28.30 45.82 51.68
C8 ANP LB . -28.52 45.53 52.96
N7 ANP LB . -29.84 45.39 53.12
C5 ANP LB . -30.41 45.59 51.93
C6 ANP LB . -31.72 45.53 51.53
N6 ANP LB . -32.93 45.29 52.29
N1 ANP LB . -32.05 45.79 50.29
C2 ANP LB . -31.09 46.08 49.38
N3 ANP LB . -29.79 46.11 49.76
C4 ANP LB . -29.47 45.86 51.04
MG MG MB . -24.58 44.88 59.98
PG ANP NB . -23.39 56.79 76.55
O1G ANP NB . -23.87 55.36 76.56
O2G ANP NB . -24.24 57.61 75.63
O3G ANP NB . -21.94 56.88 76.15
PB ANP NB . -23.84 59.08 78.24
O1B ANP NB . -23.49 59.76 76.96
O2B ANP NB . -22.98 59.54 79.37
N3B ANP NB . -23.53 57.42 78.11
PA ANP NB . -26.20 60.78 78.54
O1A ANP NB . -27.17 60.77 77.40
O2A ANP NB . -25.21 61.90 78.33
O3A ANP NB . -25.41 59.35 78.63
O5' ANP NB . -27.00 61.04 79.94
C5' ANP NB . -26.29 60.81 81.13
C4' ANP NB . -27.32 60.68 82.25
O4' ANP NB . -28.28 61.54 82.05
C3' ANP NB . -27.97 59.30 82.17
O3' ANP NB . -28.07 58.74 83.40
C2' ANP NB . -29.39 59.56 81.62
O2' ANP NB . -30.30 58.54 82.22
C1' ANP NB . -29.67 60.73 82.08
N9 ANP NB . -30.59 61.39 81.21
C8 ANP NB . -30.50 61.53 79.89
N7 ANP NB . -31.56 62.22 79.47
C5 ANP NB . -32.30 62.51 80.54
C6 ANP NB . -33.49 63.19 80.69
N6 ANP NB . -34.34 63.84 79.72
N1 ANP NB . -34.01 63.35 81.89
C2 ANP NB . -33.39 62.83 82.97
N3 ANP NB . -32.24 62.16 82.83
C4 ANP NB . -31.70 62.01 81.62
MG MG OB . -25.07 59.06 75.11
#